data_1TKK
#
_entry.id   1TKK
#
_cell.length_a   117.4
_cell.length_b   134.6
_cell.length_c   194.9
_cell.angle_alpha   90.00
_cell.angle_beta   90.00
_cell.angle_gamma   90.00
#
_symmetry.space_group_name_H-M   'P 21 21 21'
#
loop_
_entity.id
_entity.type
_entity.pdbx_description
1 polymer 'similar to chloromuconate cycloisomerase'
2 non-polymer 'MAGNESIUM ION'
3 non-polymer ALANINE
4 non-polymer 'GLUTAMIC ACID'
5 water water
#
_entity_poly.entity_id   1
_entity_poly.type   'polypeptide(L)'
_entity_poly.pdbx_seq_one_letter_code
;MKIIRIETSRIAVPLTKPFKTALRTVYTAESVIVRITYDSGAVGWGEAPPTLVITGDSMDSIESAIHHVLKPALLGKSLA
GYEAILHDIQHLLTGNMSAKAAVEMALYDGWAQMCGLPLYQMLGGYRDTLETDYTVSVNSPEEMAADAENYLKQGFQTLK
IKVGKDDIATDIARIQEIRKRVGSAVKLRLDANQGWRPKEAVTAIRKMEDAGLGIELVEQPVHKDDLAGLKKVTDATDTP
IMADESVFTPRQAFEVLQTRSADLINIKLMKAGGISGAEKINAMAEACGVECMVGSMIETKLGITAAAHFAASKRNITRF
DFDAPLMLKTDVFNGGITYSGSTISMPGKPGLGIIGAALLKGEKEQ
;
_entity_poly.pdbx_strand_id   A,B,C,D,E,F,G,H
#
# COMPACT_ATOMS: atom_id res chain seq x y z
N MET A 1 -0.39 51.41 -13.33
CA MET A 1 -1.86 51.29 -13.11
C MET A 1 -2.14 50.97 -11.66
N LYS A 2 -2.71 51.94 -10.96
CA LYS A 2 -2.93 51.89 -9.52
C LYS A 2 -4.42 51.85 -9.17
N ILE A 3 -4.78 51.05 -8.18
CA ILE A 3 -6.16 50.94 -7.70
C ILE A 3 -6.40 52.13 -6.76
N ILE A 4 -7.38 52.99 -7.09
CA ILE A 4 -7.63 54.19 -6.29
C ILE A 4 -9.02 54.24 -5.64
N ARG A 5 -9.95 53.42 -6.14
CA ARG A 5 -11.28 53.29 -5.54
C ARG A 5 -11.81 51.87 -5.71
N ILE A 6 -12.50 51.38 -4.68
CA ILE A 6 -13.25 50.11 -4.79
C ILE A 6 -14.66 50.33 -4.24
N GLU A 7 -15.66 49.95 -5.04
CA GLU A 7 -17.07 50.17 -4.73
C GLU A 7 -17.92 48.91 -5.00
N THR A 8 -19.02 48.78 -4.27
CA THR A 8 -19.98 47.71 -4.54
C THR A 8 -21.40 48.25 -4.59
N SER A 9 -22.24 47.54 -5.32
CA SER A 9 -23.68 47.69 -5.24
C SER A 9 -24.28 46.29 -5.36
N ARG A 10 -25.61 46.22 -5.32
CA ARG A 10 -26.34 44.96 -5.44
C ARG A 10 -27.30 44.99 -6.62
N ILE A 11 -27.64 43.82 -7.13
CA ILE A 11 -28.68 43.70 -8.15
C ILE A 11 -29.56 42.46 -7.90
N ALA A 12 -30.78 42.52 -8.39
CA ALA A 12 -31.75 41.43 -8.28
C ALA A 12 -32.51 41.34 -9.60
N VAL A 13 -32.32 40.24 -10.31
CA VAL A 13 -32.92 40.05 -11.62
C VAL A 13 -33.69 38.75 -11.57
N PRO A 14 -35.02 38.81 -11.68
CA PRO A 14 -35.83 37.60 -11.63
C PRO A 14 -35.56 36.69 -12.82
N LEU A 15 -35.75 35.39 -12.62
CA LEU A 15 -35.51 34.40 -13.67
C LEU A 15 -36.81 34.18 -14.41
N THR A 16 -36.70 33.85 -15.71
CA THR A 16 -37.86 33.53 -16.55
C THR A 16 -38.61 32.31 -16.02
N LYS A 17 -37.83 31.33 -15.56
CA LYS A 17 -38.33 30.05 -15.06
C LYS A 17 -37.42 29.61 -13.91
N PRO A 18 -38.00 29.12 -12.80
CA PRO A 18 -37.21 28.65 -11.66
C PRO A 18 -36.06 27.71 -12.05
N PHE A 19 -34.85 28.03 -11.60
CA PHE A 19 -33.71 27.12 -11.70
C PHE A 19 -33.77 26.16 -10.52
N LYS A 20 -33.58 24.87 -10.77
CA LYS A 20 -33.79 23.83 -9.76
C LYS A 20 -32.76 22.71 -9.83
N THR A 21 -32.04 22.51 -8.74
CA THR A 21 -31.12 21.39 -8.57
C THR A 21 -31.45 20.61 -7.30
N ALA A 22 -30.73 19.52 -7.09
CA ALA A 22 -30.79 18.75 -5.85
C ALA A 22 -30.57 19.58 -4.57
N LEU A 23 -29.78 20.64 -4.64
CA LEU A 23 -29.43 21.44 -3.46
C LEU A 23 -30.34 22.64 -3.20
N ARG A 24 -30.89 23.22 -4.27
CA ARG A 24 -31.58 24.52 -4.15
C ARG A 24 -32.52 24.83 -5.32
N THR A 25 -33.39 25.81 -5.08
CA THR A 25 -34.24 26.37 -6.11
C THR A 25 -34.03 27.89 -6.11
N VAL A 26 -33.78 28.46 -7.29
CA VAL A 26 -33.60 29.90 -7.44
C VAL A 26 -34.74 30.50 -8.24
N TYR A 27 -35.33 31.56 -7.69
CA TYR A 27 -36.44 32.30 -8.28
C TYR A 27 -35.97 33.64 -8.80
N THR A 28 -35.06 34.28 -8.07
CA THR A 28 -34.45 35.54 -8.50
C THR A 28 -32.95 35.55 -8.18
N ALA A 29 -32.15 35.98 -9.15
CA ALA A 29 -30.71 35.99 -9.06
C ALA A 29 -30.16 37.28 -8.44
N GLU A 30 -29.61 37.17 -7.22
CA GLU A 30 -28.93 38.29 -6.60
C GLU A 30 -27.44 38.22 -6.87
N SER A 31 -26.77 39.34 -6.75
CA SER A 31 -25.33 39.40 -6.94
C SER A 31 -24.76 40.74 -6.44
N VAL A 32 -23.55 40.69 -5.90
CA VAL A 32 -22.78 41.87 -5.55
C VAL A 32 -21.94 42.24 -6.75
N ILE A 33 -22.02 43.48 -7.19
CA ILE A 33 -21.23 43.95 -8.31
C ILE A 33 -20.12 44.80 -7.74
N VAL A 34 -18.89 44.52 -8.15
CA VAL A 34 -17.73 45.27 -7.72
C VAL A 34 -17.24 46.15 -8.88
N ARG A 35 -16.84 47.38 -8.54
CA ARG A 35 -16.22 48.30 -9.47
C ARG A 35 -14.90 48.78 -8.89
N ILE A 36 -13.80 48.46 -9.57
CA ILE A 36 -12.50 49.02 -9.25
C ILE A 36 -12.17 50.12 -10.26
N THR A 37 -11.85 51.32 -9.77
CA THR A 37 -11.39 52.40 -10.63
C THR A 37 -9.89 52.54 -10.45
N TYR A 38 -9.16 52.66 -11.55
CA TYR A 38 -7.71 52.76 -11.52
C TYR A 38 -7.29 54.20 -11.78
N ASP A 39 -5.98 54.49 -11.72
CA ASP A 39 -5.50 55.87 -11.84
C ASP A 39 -5.48 56.39 -13.30
N SER A 40 -5.71 55.49 -14.25
CA SER A 40 -5.84 55.83 -15.67
C SER A 40 -7.28 56.27 -16.04
N GLY A 41 -8.23 56.01 -15.15
CA GLY A 41 -9.63 56.26 -15.41
C GLY A 41 -10.36 54.98 -15.80
N ALA A 42 -9.59 53.96 -16.19
CA ALA A 42 -10.11 52.63 -16.51
C ALA A 42 -10.94 52.05 -15.36
N VAL A 43 -11.89 51.17 -15.70
CA VAL A 43 -12.73 50.55 -14.68
C VAL A 43 -12.82 49.02 -14.87
N GLY A 44 -12.53 48.29 -13.81
CA GLY A 44 -12.65 46.84 -13.78
C GLY A 44 -13.93 46.38 -13.11
N TRP A 45 -14.49 45.27 -13.57
CA TRP A 45 -15.81 44.80 -13.16
C TRP A 45 -15.80 43.38 -12.61
N GLY A 46 -16.71 43.10 -11.69
CA GLY A 46 -16.83 41.78 -11.10
C GLY A 46 -18.14 41.55 -10.41
N GLU A 47 -18.44 40.29 -10.13
CA GLU A 47 -19.62 39.93 -9.37
C GLU A 47 -19.46 38.66 -8.58
N ALA A 48 -20.36 38.51 -7.60
CA ALA A 48 -20.43 37.32 -6.79
C ALA A 48 -21.85 37.19 -6.24
N PRO A 49 -22.57 36.15 -6.63
CA PRO A 49 -23.89 35.93 -6.07
C PRO A 49 -23.72 35.28 -4.70
N PRO A 50 -24.82 35.21 -3.94
CA PRO A 50 -24.84 34.39 -2.73
C PRO A 50 -25.11 32.94 -3.09
N THR A 51 -24.30 32.00 -2.58
CA THR A 51 -24.56 30.57 -2.71
C THR A 51 -24.43 29.91 -1.34
N LEU A 52 -25.40 30.18 -0.48
CA LEU A 52 -25.39 29.72 0.91
C LEU A 52 -25.20 28.21 1.12
N VAL A 53 -25.70 27.38 0.21
CA VAL A 53 -25.60 25.91 0.35
C VAL A 53 -24.49 25.27 -0.53
N ILE A 54 -23.68 26.11 -1.19
CA ILE A 54 -22.56 25.64 -2.01
C ILE A 54 -21.25 26.19 -1.43
N THR A 55 -21.14 27.52 -1.34
CA THR A 55 -19.93 28.19 -0.82
C THR A 55 -20.04 28.76 0.61
N GLY A 56 -21.28 28.95 1.08
CA GLY A 56 -21.53 29.57 2.36
C GLY A 56 -21.60 31.08 2.31
N ASP A 57 -21.24 31.67 1.17
CA ASP A 57 -21.17 33.12 0.99
C ASP A 57 -22.55 33.70 0.78
N SER A 58 -22.87 34.77 1.50
CA SER A 58 -24.10 35.50 1.32
C SER A 58 -23.78 36.92 0.86
N MET A 59 -24.81 37.66 0.50
CA MET A 59 -24.63 39.02 0.00
C MET A 59 -23.99 39.84 1.08
N ASP A 60 -24.52 39.70 2.30
CA ASP A 60 -23.95 40.40 3.47
C ASP A 60 -22.49 40.02 3.68
N SER A 61 -22.19 38.73 3.60
CA SER A 61 -20.83 38.25 3.92
C SER A 61 -19.82 38.72 2.89
N ILE A 62 -20.22 38.76 1.62
CA ILE A 62 -19.35 39.19 0.51
C ILE A 62 -18.98 40.67 0.62
N GLU A 63 -19.99 41.51 0.83
CA GLU A 63 -19.75 42.95 0.93
C GLU A 63 -18.88 43.29 2.13
N SER A 64 -19.16 42.67 3.26
CA SER A 64 -18.34 42.87 4.46
C SER A 64 -16.90 42.47 4.18
N ALA A 65 -16.71 41.29 3.59
CA ALA A 65 -15.37 40.81 3.25
C ALA A 65 -14.63 41.80 2.34
N ILE A 66 -15.33 42.33 1.34
CA ILE A 66 -14.72 43.24 0.37
C ILE A 66 -14.32 44.57 1.01
N HIS A 67 -15.23 45.19 1.76
CA HIS A 67 -14.99 46.53 2.30
C HIS A 67 -14.10 46.53 3.54
N HIS A 68 -14.36 45.61 4.48
CA HIS A 68 -13.56 45.51 5.70
C HIS A 68 -12.18 44.90 5.49
N VAL A 69 -12.01 44.04 4.49
CA VAL A 69 -10.77 43.24 4.37
C VAL A 69 -9.98 43.46 3.08
N LEU A 70 -10.63 43.26 1.94
CA LEU A 70 -9.92 43.31 0.65
C LEU A 70 -9.63 44.72 0.18
N LYS A 71 -10.56 45.65 0.38
CA LYS A 71 -10.40 47.03 -0.08
C LYS A 71 -9.18 47.73 0.55
N PRO A 72 -9.07 47.76 1.89
CA PRO A 72 -7.89 48.38 2.53
C PRO A 72 -6.55 47.78 2.10
N ALA A 73 -6.55 46.55 1.60
CA ALA A 73 -5.32 45.86 1.19
C ALA A 73 -4.89 46.17 -0.25
N LEU A 74 -5.86 46.55 -1.07
CA LEU A 74 -5.62 46.80 -2.50
C LEU A 74 -5.38 48.26 -2.86
N LEU A 75 -5.87 49.20 -2.06
CA LEU A 75 -5.78 50.61 -2.43
C LEU A 75 -4.32 51.08 -2.44
N GLY A 76 -3.98 51.85 -3.46
CA GLY A 76 -2.62 52.31 -3.70
C GLY A 76 -1.68 51.27 -4.28
N LYS A 77 -2.20 50.12 -4.71
CA LYS A 77 -1.35 49.04 -5.23
C LYS A 77 -1.35 49.02 -6.76
N SER A 78 -0.17 48.83 -7.35
CA SER A 78 -0.01 48.79 -8.81
C SER A 78 -0.04 47.37 -9.32
N LEU A 79 -0.46 47.21 -10.58
CA LEU A 79 -0.57 45.88 -11.18
C LEU A 79 0.79 45.41 -11.68
N ALA A 80 1.80 46.26 -11.54
CA ALA A 80 3.19 45.87 -11.73
C ALA A 80 3.49 44.67 -10.86
N GLY A 81 2.95 44.65 -9.64
CA GLY A 81 3.10 43.53 -8.71
C GLY A 81 1.80 42.80 -8.44
N TYR A 82 1.28 42.11 -9.45
CA TYR A 82 -0.02 41.46 -9.27
C TYR A 82 0.02 40.12 -8.51
N GLU A 83 1.18 39.46 -8.44
CA GLU A 83 1.34 38.23 -7.64
C GLU A 83 1.09 38.52 -6.16
N ALA A 84 1.76 39.56 -5.68
CA ALA A 84 1.58 40.08 -4.32
C ALA A 84 0.14 40.49 -4.01
N ILE A 85 -0.59 41.00 -5.01
CA ILE A 85 -1.96 41.37 -4.79
C ILE A 85 -2.87 40.13 -4.71
N LEU A 86 -2.73 39.20 -5.64
CA LEU A 86 -3.54 37.97 -5.64
C LEU A 86 -3.33 37.16 -4.38
N HIS A 87 -2.07 37.03 -3.96
CA HIS A 87 -1.72 36.35 -2.72
C HIS A 87 -2.37 36.98 -1.49
N ASP A 88 -2.40 38.31 -1.47
CA ASP A 88 -3.09 39.04 -0.41
C ASP A 88 -4.58 38.69 -0.38
N ILE A 89 -5.20 38.73 -1.55
CA ILE A 89 -6.62 38.46 -1.71
C ILE A 89 -6.96 37.08 -1.17
N GLN A 90 -6.15 36.09 -1.54
CA GLN A 90 -6.40 34.71 -1.19
C GLN A 90 -6.15 34.41 0.31
N HIS A 91 -5.26 35.16 0.94
CA HIS A 91 -4.80 34.84 2.30
C HIS A 91 -5.14 35.85 3.42
N LEU A 92 -5.82 36.96 3.10
CA LEU A 92 -6.16 37.96 4.11
C LEU A 92 -7.39 37.55 4.90
N LEU A 93 -8.11 36.59 4.33
CA LEU A 93 -9.15 35.86 5.02
C LEU A 93 -9.25 34.45 4.45
N THR A 94 -9.68 33.51 5.29
CA THR A 94 -9.95 32.16 4.86
C THR A 94 -11.38 32.10 4.35
N GLY A 95 -11.64 31.16 3.44
CA GLY A 95 -12.92 31.06 2.80
C GLY A 95 -13.27 32.33 2.05
N ASN A 96 -14.54 32.71 2.12
CA ASN A 96 -15.03 33.89 1.41
C ASN A 96 -14.58 33.85 -0.05
N MET A 97 -14.70 32.68 -0.65
CA MET A 97 -14.23 32.44 -2.00
C MET A 97 -15.04 33.26 -3.00
N SER A 98 -16.36 33.37 -2.80
CA SER A 98 -17.19 34.20 -3.68
C SER A 98 -16.75 35.66 -3.65
N ALA A 99 -16.40 36.17 -2.47
CA ALA A 99 -15.95 37.56 -2.36
C ALA A 99 -14.62 37.79 -3.04
N LYS A 100 -13.66 36.90 -2.77
CA LYS A 100 -12.32 36.96 -3.38
C LYS A 100 -12.39 36.92 -4.91
N ALA A 101 -13.34 36.17 -5.45
CA ALA A 101 -13.44 35.95 -6.88
C ALA A 101 -13.90 37.21 -7.58
N ALA A 102 -14.81 37.95 -6.95
CA ALA A 102 -15.37 39.17 -7.55
C ALA A 102 -14.29 40.21 -7.72
N VAL A 103 -13.40 40.28 -6.73
CA VAL A 103 -12.28 41.22 -6.77
C VAL A 103 -11.27 40.77 -7.81
N GLU A 104 -11.03 39.47 -7.93
CA GLU A 104 -10.12 38.97 -8.96
C GLU A 104 -10.64 39.31 -10.37
N MET A 105 -11.94 39.15 -10.61
CA MET A 105 -12.53 39.54 -11.90
C MET A 105 -12.15 40.98 -12.27
N ALA A 106 -12.36 41.91 -11.33
CA ALA A 106 -12.22 43.34 -11.56
C ALA A 106 -10.77 43.76 -11.69
N LEU A 107 -9.89 42.92 -11.16
CA LEU A 107 -8.45 43.14 -11.19
C LEU A 107 -7.83 42.61 -12.49
N TYR A 108 -8.30 41.48 -12.98
CA TYR A 108 -7.78 40.92 -14.25
C TYR A 108 -8.31 41.73 -15.44
N ASP A 109 -9.51 42.27 -15.30
CA ASP A 109 -10.04 43.28 -16.22
C ASP A 109 -9.01 44.40 -16.33
N GLY A 110 -8.64 44.98 -15.19
CA GLY A 110 -7.67 46.06 -15.18
C GLY A 110 -6.32 45.64 -15.72
N TRP A 111 -5.92 44.40 -15.42
CA TRP A 111 -4.64 43.85 -15.87
C TRP A 111 -4.62 43.77 -17.40
N ALA A 112 -5.71 43.26 -17.96
CA ALA A 112 -5.82 43.10 -19.42
C ALA A 112 -5.84 44.44 -20.14
N GLN A 113 -6.54 45.43 -19.57
CA GLN A 113 -6.67 46.75 -20.15
C GLN A 113 -5.33 47.48 -20.18
N MET A 114 -4.51 47.26 -19.15
CA MET A 114 -3.22 47.89 -19.03
C MET A 114 -2.29 47.44 -20.16
N CYS A 115 -2.51 46.20 -20.65
CA CYS A 115 -1.74 45.65 -21.76
C CYS A 115 -2.46 45.72 -23.10
N GLY A 116 -3.57 46.46 -23.15
CA GLY A 116 -4.30 46.71 -24.37
C GLY A 116 -4.74 45.45 -25.11
N LEU A 117 -5.17 44.43 -24.36
CA LEU A 117 -5.65 43.17 -24.95
C LEU A 117 -6.89 42.67 -24.23
N PRO A 118 -7.80 41.99 -24.94
CA PRO A 118 -8.92 41.31 -24.29
C PRO A 118 -8.39 40.26 -23.31
N LEU A 119 -9.07 40.07 -22.19
CA LEU A 119 -8.53 39.21 -21.13
C LEU A 119 -8.25 37.78 -21.61
N TYR A 120 -9.10 37.25 -22.49
CA TYR A 120 -8.93 35.87 -22.94
C TYR A 120 -7.60 35.68 -23.66
N GLN A 121 -7.26 36.65 -24.50
CA GLN A 121 -5.95 36.68 -25.17
C GLN A 121 -4.81 36.89 -24.20
N MET A 122 -5.02 37.71 -23.17
CA MET A 122 -4.01 37.92 -22.12
C MET A 122 -3.59 36.63 -21.44
N LEU A 123 -4.58 35.76 -21.21
CA LEU A 123 -4.39 34.49 -20.54
C LEU A 123 -3.91 33.37 -21.49
N GLY A 124 -4.08 33.55 -22.80
CA GLY A 124 -3.62 32.58 -23.78
C GLY A 124 -4.25 32.68 -25.16
N GLY A 125 -5.55 32.97 -25.21
CA GLY A 125 -6.27 33.21 -26.46
C GLY A 125 -6.47 32.00 -27.37
N TYR A 126 -6.66 30.82 -26.78
CA TYR A 126 -6.76 29.58 -27.54
C TYR A 126 -7.97 29.54 -28.49
N ARG A 127 -9.10 30.13 -28.07
CA ARG A 127 -10.32 30.10 -28.90
C ARG A 127 -11.13 31.42 -28.85
N ASP A 128 -11.55 31.87 -30.02
CA ASP A 128 -12.38 33.07 -30.16
C ASP A 128 -13.85 32.80 -29.84
N THR A 129 -14.28 31.55 -29.98
CA THR A 129 -15.67 31.17 -29.73
C THR A 129 -15.76 29.84 -29.00
N LEU A 130 -16.94 29.54 -28.47
CA LEU A 130 -17.13 28.29 -27.71
C LEU A 130 -18.60 27.97 -27.60
N GLU A 131 -18.92 26.70 -27.44
CA GLU A 131 -20.31 26.25 -27.35
C GLU A 131 -20.66 26.02 -25.88
N THR A 132 -21.73 26.67 -25.42
CA THR A 132 -22.24 26.44 -24.09
C THR A 132 -23.42 25.47 -24.13
N ASP A 133 -23.56 24.67 -23.09
CA ASP A 133 -24.76 23.84 -22.91
C ASP A 133 -25.88 24.71 -22.35
N TYR A 134 -27.03 24.09 -22.17
CA TYR A 134 -28.14 24.71 -21.46
C TYR A 134 -28.71 23.70 -20.48
N THR A 135 -29.01 24.17 -19.27
CA THR A 135 -29.40 23.31 -18.17
C THR A 135 -30.92 23.08 -18.12
N VAL A 136 -31.31 21.81 -18.07
CA VAL A 136 -32.68 21.42 -17.81
C VAL A 136 -32.85 21.16 -16.32
N SER A 137 -33.61 22.02 -15.65
CA SER A 137 -33.76 21.94 -14.22
C SER A 137 -34.55 20.68 -13.84
N VAL A 138 -34.30 20.16 -12.62
CA VAL A 138 -35.09 19.04 -12.08
C VAL A 138 -36.57 19.38 -11.97
N ASN A 139 -37.38 18.65 -12.72
CA ASN A 139 -38.84 18.74 -12.65
C ASN A 139 -39.38 17.37 -13.00
N SER A 140 -40.67 17.24 -13.29
CA SER A 140 -41.21 15.96 -13.79
C SER A 140 -40.57 15.64 -15.16
N PRO A 141 -40.43 14.35 -15.48
CA PRO A 141 -39.90 13.95 -16.80
C PRO A 141 -40.51 14.71 -17.99
N GLU A 142 -41.81 15.01 -17.93
CA GLU A 142 -42.50 15.73 -19.01
C GLU A 142 -42.12 17.21 -19.11
N GLU A 143 -41.99 17.89 -17.96
CA GLU A 143 -41.52 19.28 -17.93
C GLU A 143 -40.09 19.40 -18.44
N MET A 144 -39.27 18.41 -18.08
CA MET A 144 -37.86 18.39 -18.44
C MET A 144 -37.69 18.12 -19.94
N ALA A 145 -38.45 17.16 -20.48
CA ALA A 145 -38.39 16.88 -21.93
C ALA A 145 -38.81 18.10 -22.75
N ALA A 146 -39.82 18.82 -22.27
CA ALA A 146 -40.37 20.00 -22.94
C ALA A 146 -39.40 21.18 -22.88
N ASP A 147 -38.74 21.33 -21.74
CA ASP A 147 -37.69 22.32 -21.60
C ASP A 147 -36.55 22.00 -22.56
N ALA A 148 -36.23 20.72 -22.72
CA ALA A 148 -35.13 20.28 -23.58
C ALA A 148 -35.45 20.53 -25.06
N GLU A 149 -36.71 20.30 -25.42
CA GLU A 149 -37.23 20.59 -26.75
C GLU A 149 -37.18 22.08 -27.03
N ASN A 150 -37.58 22.89 -26.07
CA ASN A 150 -37.56 24.35 -26.20
C ASN A 150 -36.12 24.86 -26.40
N TYR A 151 -35.18 24.28 -25.66
CA TYR A 151 -33.76 24.68 -25.67
C TYR A 151 -33.05 24.27 -26.95
N LEU A 152 -33.36 23.07 -27.43
CA LEU A 152 -32.86 22.59 -28.73
C LEU A 152 -33.32 23.51 -29.87
N LYS A 153 -34.60 23.94 -29.83
CA LYS A 153 -35.17 24.88 -30.81
C LYS A 153 -34.48 26.24 -30.76
N GLN A 154 -34.07 26.66 -29.56
CA GLN A 154 -33.32 27.91 -29.39
C GLN A 154 -31.89 27.78 -29.93
N GLY A 155 -31.42 26.54 -30.14
CA GLY A 155 -30.16 26.27 -30.83
C GLY A 155 -29.08 25.51 -30.07
N PHE A 156 -29.43 24.93 -28.93
CA PHE A 156 -28.47 24.28 -28.03
C PHE A 156 -28.52 22.77 -28.24
N GLN A 157 -27.47 22.19 -28.83
CA GLN A 157 -27.41 20.74 -29.07
C GLN A 157 -26.64 19.99 -27.98
N THR A 158 -26.34 20.67 -26.88
CA THR A 158 -25.73 20.06 -25.71
C THR A 158 -26.55 20.49 -24.50
N LEU A 159 -27.03 19.53 -23.72
CA LEU A 159 -27.85 19.86 -22.56
C LEU A 159 -27.28 19.28 -21.29
N LYS A 160 -27.35 20.06 -20.22
CA LYS A 160 -26.97 19.63 -18.90
C LYS A 160 -28.25 19.28 -18.14
N ILE A 161 -28.31 18.10 -17.55
CA ILE A 161 -29.56 17.63 -16.96
C ILE A 161 -29.36 17.48 -15.47
N LYS A 162 -30.14 18.23 -14.69
CA LYS A 162 -30.09 18.12 -13.24
C LYS A 162 -30.87 16.92 -12.77
N VAL A 163 -30.19 16.07 -12.00
CA VAL A 163 -30.79 14.91 -11.35
C VAL A 163 -30.28 14.87 -9.91
N GLY A 164 -30.58 13.78 -9.19
CA GLY A 164 -30.07 13.57 -7.85
C GLY A 164 -30.93 14.10 -6.72
N LYS A 165 -32.05 14.75 -7.05
CA LYS A 165 -32.90 15.39 -6.02
C LYS A 165 -33.72 14.40 -5.18
N ASP A 166 -34.65 13.68 -5.79
CA ASP A 166 -35.49 12.77 -5.02
C ASP A 166 -35.04 11.30 -5.20
N ASP A 167 -35.77 10.46 -5.92
CA ASP A 167 -35.41 9.05 -5.99
C ASP A 167 -34.89 8.58 -7.35
N ILE A 168 -34.08 7.54 -7.27
CA ILE A 168 -33.21 7.12 -8.36
C ILE A 168 -33.97 6.70 -9.61
N ALA A 169 -35.09 6.00 -9.42
CA ALA A 169 -35.92 5.52 -10.51
C ALA A 169 -36.42 6.67 -11.37
N THR A 170 -36.88 7.73 -10.72
CA THR A 170 -37.45 8.89 -11.40
C THR A 170 -36.41 9.62 -12.27
N ASP A 171 -35.16 9.67 -11.80
CA ASP A 171 -34.07 10.25 -12.58
C ASP A 171 -33.84 9.46 -13.87
N ILE A 172 -33.81 8.14 -13.78
CA ILE A 172 -33.70 7.30 -14.97
C ILE A 172 -34.83 7.64 -15.95
N ALA A 173 -36.07 7.68 -15.44
CA ALA A 173 -37.24 8.02 -16.25
C ALA A 173 -37.14 9.40 -16.86
N ARG A 174 -36.53 10.35 -16.14
CA ARG A 174 -36.33 11.69 -16.68
C ARG A 174 -35.41 11.64 -17.90
N ILE A 175 -34.30 10.90 -17.77
CA ILE A 175 -33.31 10.80 -18.84
C ILE A 175 -33.82 9.99 -20.04
N GLN A 176 -34.65 8.97 -19.77
CA GLN A 176 -35.29 8.14 -20.81
C GLN A 176 -36.18 9.00 -21.68
N GLU A 177 -36.96 9.85 -21.01
CA GLU A 177 -37.95 10.68 -21.66
C GLU A 177 -37.32 11.84 -22.41
N ILE A 178 -36.28 12.43 -21.83
CA ILE A 178 -35.56 13.51 -22.50
C ILE A 178 -34.87 12.93 -23.75
N ARG A 179 -34.22 11.78 -23.60
CA ARG A 179 -33.53 11.13 -24.71
C ARG A 179 -34.41 10.92 -25.94
N LYS A 180 -35.50 10.20 -25.76
CA LYS A 180 -36.36 9.84 -26.87
C LYS A 180 -36.99 11.08 -27.51
N ARG A 181 -37.26 12.10 -26.71
CA ARG A 181 -37.94 13.31 -27.17
C ARG A 181 -37.02 14.26 -27.94
N VAL A 182 -35.73 14.21 -27.63
CA VAL A 182 -34.78 15.19 -28.12
C VAL A 182 -34.04 14.64 -29.36
N GLY A 183 -33.84 13.33 -29.41
CA GLY A 183 -33.08 12.70 -30.48
C GLY A 183 -31.93 11.89 -29.93
N SER A 184 -31.19 11.24 -30.82
CA SER A 184 -30.05 10.44 -30.43
C SER A 184 -28.72 11.17 -30.64
N ALA A 185 -28.77 12.36 -31.23
CA ALA A 185 -27.55 13.06 -31.65
C ALA A 185 -27.07 14.13 -30.67
N VAL A 186 -27.99 14.70 -29.89
CA VAL A 186 -27.62 15.75 -28.94
C VAL A 186 -26.85 15.15 -27.76
N LYS A 187 -26.01 15.96 -27.14
CA LYS A 187 -25.18 15.50 -26.04
C LYS A 187 -25.95 15.66 -24.76
N LEU A 188 -26.02 14.59 -23.96
CA LEU A 188 -26.60 14.65 -22.62
C LEU A 188 -25.51 14.58 -21.56
N ARG A 189 -25.42 15.67 -20.80
CA ARG A 189 -24.56 15.82 -19.65
C ARG A 189 -25.47 15.73 -18.44
N LEU A 190 -25.08 14.96 -17.43
CA LEU A 190 -25.82 14.91 -16.17
C LEU A 190 -25.09 15.65 -15.05
N ASP A 191 -25.84 16.13 -14.06
CA ASP A 191 -25.31 16.75 -12.85
C ASP A 191 -26.20 16.29 -11.69
N ALA A 192 -25.67 15.37 -10.90
CA ALA A 192 -26.37 14.77 -9.78
C ALA A 192 -26.33 15.63 -8.51
N ASN A 193 -25.45 16.63 -8.48
CA ASN A 193 -25.35 17.55 -7.34
C ASN A 193 -25.35 16.83 -5.98
N GLN A 194 -24.43 15.87 -5.87
CA GLN A 194 -24.11 15.20 -4.62
C GLN A 194 -25.21 14.27 -4.12
N GLY A 195 -26.22 14.03 -4.95
CA GLY A 195 -27.48 13.47 -4.48
C GLY A 195 -27.53 11.98 -4.25
N TRP A 196 -26.53 11.25 -4.78
CA TRP A 196 -26.48 9.80 -4.76
C TRP A 196 -25.37 9.26 -3.86
N ARG A 197 -25.59 8.08 -3.29
CA ARG A 197 -24.55 7.28 -2.67
C ARG A 197 -23.76 6.55 -3.76
N PRO A 198 -22.54 6.09 -3.45
CA PRO A 198 -21.70 5.40 -4.44
C PRO A 198 -22.34 4.23 -5.19
N LYS A 199 -22.90 3.23 -4.50
CA LYS A 199 -23.49 2.06 -5.15
C LYS A 199 -24.79 2.39 -5.89
N GLU A 200 -25.57 3.31 -5.34
CA GLU A 200 -26.72 3.89 -6.02
C GLU A 200 -26.35 4.43 -7.40
N ALA A 201 -25.41 5.38 -7.42
CA ALA A 201 -24.91 6.00 -8.64
C ALA A 201 -24.47 4.97 -9.67
N VAL A 202 -23.65 4.01 -9.24
CA VAL A 202 -23.02 3.06 -10.15
C VAL A 202 -24.12 2.29 -10.88
N THR A 203 -24.98 1.66 -10.09
CA THR A 203 -26.13 0.92 -10.58
C THR A 203 -26.94 1.74 -11.59
N ALA A 204 -27.29 2.97 -11.19
CA ALA A 204 -28.11 3.87 -11.99
C ALA A 204 -27.43 4.27 -13.29
N ILE A 205 -26.14 4.53 -13.20
CA ILE A 205 -25.36 4.99 -14.34
C ILE A 205 -25.19 3.84 -15.30
N ARG A 206 -25.02 2.62 -14.78
CA ARG A 206 -24.88 1.42 -15.62
C ARG A 206 -26.15 1.08 -16.39
N LYS A 207 -27.30 1.33 -15.76
CA LYS A 207 -28.57 1.07 -16.43
C LYS A 207 -28.70 2.02 -17.62
N MET A 208 -28.34 3.28 -17.42
CA MET A 208 -28.42 4.29 -18.49
C MET A 208 -27.40 4.00 -19.60
N GLU A 209 -26.28 3.38 -19.23
CA GLU A 209 -25.26 2.93 -20.18
C GLU A 209 -25.82 1.80 -21.03
N ASP A 210 -26.38 0.80 -20.37
CA ASP A 210 -26.85 -0.43 -21.04
C ASP A 210 -28.11 -0.19 -21.88
N ALA A 211 -28.89 0.82 -21.51
CA ALA A 211 -30.07 1.21 -22.27
C ALA A 211 -29.70 2.12 -23.45
N GLY A 212 -28.41 2.41 -23.62
CA GLY A 212 -27.92 3.13 -24.79
C GLY A 212 -28.35 4.58 -24.83
N LEU A 213 -28.45 5.20 -23.65
CA LEU A 213 -28.86 6.60 -23.54
C LEU A 213 -27.72 7.55 -23.91
N GLY A 214 -26.48 7.06 -23.85
CA GLY A 214 -25.33 7.81 -24.35
C GLY A 214 -25.08 9.06 -23.53
N ILE A 215 -24.85 8.87 -22.24
CA ILE A 215 -24.57 9.97 -21.34
C ILE A 215 -23.13 10.34 -21.58
N GLU A 216 -22.89 11.61 -21.87
CA GLU A 216 -21.53 12.14 -22.11
C GLU A 216 -20.66 12.11 -20.84
N LEU A 217 -21.26 12.50 -19.72
CA LEU A 217 -20.55 12.60 -18.45
C LEU A 217 -21.54 12.85 -17.31
N VAL A 218 -21.10 12.65 -16.07
CA VAL A 218 -21.95 12.87 -14.91
C VAL A 218 -21.19 13.65 -13.83
N GLU A 219 -21.68 14.84 -13.50
CA GLU A 219 -21.07 15.69 -12.48
C GLU A 219 -21.40 15.24 -11.04
N GLN A 220 -20.36 15.14 -10.21
CA GLN A 220 -20.47 14.95 -8.75
C GLN A 220 -21.64 14.06 -8.34
N PRO A 221 -21.54 12.77 -8.64
CA PRO A 221 -22.59 11.84 -8.22
C PRO A 221 -22.80 11.88 -6.72
N VAL A 222 -21.71 11.98 -5.94
CA VAL A 222 -21.76 11.75 -4.51
C VAL A 222 -21.44 12.99 -3.66
N HIS A 223 -21.68 12.87 -2.36
CA HIS A 223 -21.38 13.91 -1.38
C HIS A 223 -19.96 14.39 -1.63
N LYS A 224 -19.78 15.70 -1.52
CA LYS A 224 -18.53 16.36 -1.87
C LYS A 224 -17.30 15.87 -1.09
N ASP A 225 -17.50 15.44 0.16
CA ASP A 225 -16.34 15.07 1.00
C ASP A 225 -15.98 13.62 0.89
N ASP A 226 -16.79 12.87 0.15
CA ASP A 226 -16.61 11.44 -0.03
C ASP A 226 -15.79 11.16 -1.29
N LEU A 227 -14.49 11.48 -1.21
CA LEU A 227 -13.54 11.22 -2.30
C LEU A 227 -13.43 9.75 -2.64
N ALA A 228 -13.34 8.90 -1.62
CA ALA A 228 -13.22 7.47 -1.83
C ALA A 228 -14.39 6.94 -2.66
N GLY A 229 -15.56 7.52 -2.43
CA GLY A 229 -16.78 7.17 -3.13
C GLY A 229 -16.90 7.75 -4.53
N LEU A 230 -16.35 8.93 -4.74
CA LEU A 230 -16.30 9.53 -6.08
C LEU A 230 -15.41 8.67 -6.97
N LYS A 231 -14.27 8.25 -6.43
CA LYS A 231 -13.38 7.28 -7.05
C LYS A 231 -14.13 5.98 -7.42
N LYS A 232 -14.95 5.45 -6.50
CA LYS A 232 -15.67 4.19 -6.73
C LYS A 232 -16.62 4.25 -7.92
N VAL A 233 -17.43 5.31 -8.01
CA VAL A 233 -18.27 5.53 -9.16
C VAL A 233 -17.38 5.63 -10.41
N THR A 234 -16.39 6.51 -10.35
CA THR A 234 -15.43 6.69 -11.45
C THR A 234 -14.81 5.38 -11.97
N ASP A 235 -14.38 4.51 -11.06
CA ASP A 235 -13.69 3.27 -11.42
C ASP A 235 -14.63 2.20 -11.96
N ALA A 236 -15.86 2.21 -11.48
CA ALA A 236 -16.84 1.16 -11.73
C ALA A 236 -17.78 1.46 -12.90
N THR A 237 -17.62 2.61 -13.57
CA THR A 237 -18.48 2.96 -14.70
C THR A 237 -17.68 3.15 -15.98
N ASP A 238 -18.38 3.26 -17.10
CA ASP A 238 -17.75 3.57 -18.38
C ASP A 238 -18.03 5.02 -18.77
N THR A 239 -18.83 5.70 -17.94
CA THR A 239 -19.24 7.08 -18.16
C THR A 239 -18.30 8.04 -17.41
N PRO A 240 -17.79 9.06 -18.09
CA PRO A 240 -16.93 10.05 -17.44
C PRO A 240 -17.64 10.71 -16.25
N ILE A 241 -16.91 10.90 -15.16
CA ILE A 241 -17.38 11.51 -13.91
C ILE A 241 -16.62 12.80 -13.70
N MET A 242 -17.33 13.90 -13.49
CA MET A 242 -16.70 15.18 -13.32
C MET A 242 -16.85 15.61 -11.88
N ALA A 243 -15.73 15.89 -11.23
CA ALA A 243 -15.73 16.42 -9.87
C ALA A 243 -16.14 17.88 -9.97
N ASP A 244 -17.00 18.33 -9.05
CA ASP A 244 -17.42 19.71 -8.96
C ASP A 244 -17.30 20.23 -7.54
N GLU A 245 -18.28 19.97 -6.67
CA GLU A 245 -18.27 20.55 -5.32
C GLU A 245 -17.14 19.95 -4.46
N SER A 246 -16.65 18.77 -4.85
CA SER A 246 -15.44 18.16 -4.29
C SER A 246 -14.15 18.95 -4.56
N VAL A 247 -14.16 19.82 -5.57
CA VAL A 247 -12.97 20.61 -5.92
C VAL A 247 -13.29 22.09 -6.07
N PHE A 248 -12.93 22.87 -5.04
CA PHE A 248 -12.95 24.33 -5.10
C PHE A 248 -11.55 24.88 -5.43
N THR A 249 -10.54 24.43 -4.69
CA THR A 249 -9.20 25.03 -4.70
C THR A 249 -8.16 24.15 -5.41
N PRO A 250 -7.03 24.75 -5.78
CA PRO A 250 -5.91 23.98 -6.32
C PRO A 250 -5.53 22.82 -5.42
N ARG A 251 -5.61 23.04 -4.12
CA ARG A 251 -5.24 22.03 -3.16
C ARG A 251 -6.19 20.83 -3.25
N GLN A 252 -7.48 21.11 -3.33
CA GLN A 252 -8.43 20.03 -3.49
C GLN A 252 -8.30 19.38 -4.85
N ALA A 253 -7.86 20.15 -5.86
CA ALA A 253 -7.67 19.63 -7.20
C ALA A 253 -6.54 18.62 -7.18
N PHE A 254 -5.41 18.98 -6.58
CA PHE A 254 -4.25 18.10 -6.45
C PHE A 254 -4.61 16.76 -5.81
N GLU A 255 -5.52 16.81 -4.83
CA GLU A 255 -5.96 15.62 -4.10
C GLU A 255 -6.86 14.71 -4.95
N VAL A 256 -7.84 15.29 -5.65
CA VAL A 256 -8.68 14.53 -6.58
C VAL A 256 -7.81 13.90 -7.68
N LEU A 257 -6.85 14.65 -8.20
CA LEU A 257 -6.02 14.20 -9.30
C LEU A 257 -5.06 13.07 -8.86
N GLN A 258 -4.48 13.24 -7.68
CA GLN A 258 -3.45 12.34 -7.13
C GLN A 258 -4.04 10.95 -6.81
N THR A 259 -5.29 10.95 -6.33
CA THR A 259 -6.02 9.71 -6.07
C THR A 259 -6.73 9.14 -7.28
N ARG A 260 -6.83 9.92 -8.37
CA ARG A 260 -7.61 9.55 -9.57
C ARG A 260 -9.09 9.27 -9.27
N SER A 261 -9.68 10.18 -8.51
CA SER A 261 -11.06 10.09 -8.06
C SER A 261 -12.09 10.53 -9.11
N ALA A 262 -11.64 11.18 -10.17
CA ALA A 262 -12.56 11.64 -11.19
C ALA A 262 -11.85 11.81 -12.55
N ASP A 263 -12.65 11.88 -13.61
CA ASP A 263 -12.13 11.95 -14.98
C ASP A 263 -12.01 13.38 -15.49
N LEU A 264 -12.86 14.25 -14.95
CA LEU A 264 -12.94 15.64 -15.36
C LEU A 264 -13.15 16.54 -14.14
N ILE A 265 -12.90 17.83 -14.32
CA ILE A 265 -13.07 18.80 -13.24
C ILE A 265 -13.85 20.00 -13.77
N ASN A 266 -14.88 20.36 -13.04
CA ASN A 266 -15.65 21.58 -13.22
C ASN A 266 -15.02 22.67 -12.40
N ILE A 267 -14.58 23.73 -13.07
CA ILE A 267 -13.98 24.88 -12.46
C ILE A 267 -14.99 26.01 -12.51
N LYS A 268 -15.25 26.61 -11.36
CA LYS A 268 -16.03 27.85 -11.26
C LYS A 268 -15.16 28.91 -10.59
N LEU A 269 -15.31 30.17 -10.97
CA LEU A 269 -14.53 31.24 -10.34
C LEU A 269 -15.00 31.50 -8.91
N MET A 270 -16.28 31.30 -8.61
CA MET A 270 -16.76 31.47 -7.24
C MET A 270 -16.12 30.44 -6.31
N LYS A 271 -15.99 29.19 -6.75
CA LYS A 271 -15.31 28.18 -5.92
C LYS A 271 -13.82 28.49 -5.71
N ALA A 272 -13.12 28.84 -6.78
CA ALA A 272 -11.67 29.01 -6.73
C ALA A 272 -11.23 30.39 -6.20
N GLY A 273 -12.19 31.23 -5.83
CA GLY A 273 -11.91 32.60 -5.45
C GLY A 273 -11.20 33.40 -6.53
N GLY A 274 -11.55 33.13 -7.80
CA GLY A 274 -11.10 33.93 -8.92
C GLY A 274 -10.40 33.16 -10.04
N ILE A 275 -9.75 33.92 -10.92
CA ILE A 275 -9.08 33.36 -12.09
C ILE A 275 -7.75 32.71 -11.72
N SER A 276 -6.99 33.32 -10.82
CA SER A 276 -5.67 32.79 -10.46
C SER A 276 -5.73 31.33 -9.98
N GLY A 277 -6.69 31.00 -9.12
CA GLY A 277 -6.85 29.63 -8.65
C GLY A 277 -7.47 28.71 -9.68
N ALA A 278 -8.37 29.26 -10.49
CA ALA A 278 -9.05 28.48 -11.54
C ALA A 278 -8.00 28.00 -12.55
N GLU A 279 -7.11 28.92 -12.87
CA GLU A 279 -6.05 28.66 -13.80
C GLU A 279 -5.07 27.65 -13.25
N LYS A 280 -4.89 27.61 -11.93
CA LYS A 280 -4.00 26.61 -11.32
C LYS A 280 -4.59 25.21 -11.35
N ILE A 281 -5.92 25.11 -11.19
CA ILE A 281 -6.58 23.80 -11.19
C ILE A 281 -6.46 23.20 -12.59
N ASN A 282 -6.84 23.98 -13.59
CA ASN A 282 -6.76 23.57 -14.99
C ASN A 282 -5.40 23.06 -15.36
N ALA A 283 -4.36 23.75 -14.91
CA ALA A 283 -2.99 23.44 -15.30
C ALA A 283 -2.46 22.15 -14.69
N MET A 284 -2.75 21.90 -13.42
CA MET A 284 -2.47 20.61 -12.75
C MET A 284 -3.21 19.50 -13.43
N ALA A 285 -4.46 19.78 -13.78
CA ALA A 285 -5.31 18.82 -14.45
C ALA A 285 -4.74 18.48 -15.81
N GLU A 286 -4.28 19.50 -16.52
CA GLU A 286 -3.70 19.32 -17.85
C GLU A 286 -2.50 18.39 -17.78
N ALA A 287 -1.63 18.60 -16.78
CA ALA A 287 -0.46 17.74 -16.56
C ALA A 287 -0.80 16.29 -16.27
N CYS A 288 -2.02 16.05 -15.79
CA CYS A 288 -2.52 14.71 -15.45
C CYS A 288 -3.38 14.06 -16.54
N GLY A 289 -3.64 14.78 -17.63
CA GLY A 289 -4.46 14.25 -18.72
C GLY A 289 -5.94 14.45 -18.46
N VAL A 290 -6.24 15.36 -17.53
CA VAL A 290 -7.61 15.62 -17.09
C VAL A 290 -8.10 16.96 -17.66
N GLU A 291 -9.13 16.88 -18.49
CA GLU A 291 -9.72 18.04 -19.10
C GLU A 291 -10.75 18.65 -18.15
N CYS A 292 -10.95 19.95 -18.28
CA CYS A 292 -11.87 20.68 -17.42
C CYS A 292 -13.00 21.32 -18.21
N MET A 293 -14.10 21.54 -17.48
CA MET A 293 -15.22 22.36 -17.90
C MET A 293 -15.17 23.58 -17.02
N VAL A 294 -15.56 24.73 -17.55
CA VAL A 294 -15.71 25.90 -16.71
C VAL A 294 -17.20 26.21 -16.71
N GLY A 295 -17.74 26.47 -15.53
CA GLY A 295 -19.12 26.80 -15.37
C GLY A 295 -19.28 28.05 -14.53
N SER A 296 -20.42 28.12 -13.85
CA SER A 296 -20.72 29.25 -12.96
C SER A 296 -21.87 28.95 -12.01
N MET A 297 -22.06 29.85 -11.08
CA MET A 297 -23.27 29.89 -10.25
C MET A 297 -24.35 30.63 -11.05
N ILE A 298 -25.53 30.83 -10.48
CA ILE A 298 -26.50 31.74 -11.10
C ILE A 298 -25.88 33.12 -11.05
N GLU A 299 -25.40 33.55 -12.21
CA GLU A 299 -24.69 34.82 -12.33
C GLU A 299 -25.17 35.57 -13.57
N THR A 300 -24.94 36.88 -13.60
CA THR A 300 -25.29 37.67 -14.78
C THR A 300 -24.20 37.51 -15.82
N LYS A 301 -24.29 38.31 -16.87
CA LYS A 301 -23.39 38.23 -18.00
C LYS A 301 -21.99 38.69 -17.65
N LEU A 302 -21.88 39.54 -16.62
CA LEU A 302 -20.58 39.99 -16.10
C LEU A 302 -19.75 38.85 -15.59
N GLY A 303 -20.35 38.00 -14.74
CA GLY A 303 -19.65 36.88 -14.14
C GLY A 303 -19.30 35.85 -15.19
N ILE A 304 -20.23 35.63 -16.10
CA ILE A 304 -20.03 34.70 -17.21
C ILE A 304 -18.95 35.23 -18.15
N THR A 305 -18.92 36.54 -18.35
CA THR A 305 -17.95 37.14 -19.25
C THR A 305 -16.54 36.88 -18.75
N ALA A 306 -16.33 37.10 -17.44
CA ALA A 306 -15.05 36.79 -16.80
C ALA A 306 -14.71 35.30 -16.90
N ALA A 307 -15.72 34.45 -16.65
CA ALA A 307 -15.57 33.00 -16.71
C ALA A 307 -15.19 32.53 -18.12
N ALA A 308 -15.91 33.05 -19.10
CA ALA A 308 -15.73 32.67 -20.48
C ALA A 308 -14.35 33.14 -21.00
N HIS A 309 -13.92 34.32 -20.56
CA HIS A 309 -12.62 34.82 -20.96
C HIS A 309 -11.55 33.83 -20.52
N PHE A 310 -11.65 33.35 -19.29
CA PHE A 310 -10.69 32.37 -18.80
C PHE A 310 -10.83 31.02 -19.53
N ALA A 311 -12.06 30.56 -19.74
CA ALA A 311 -12.31 29.28 -20.37
C ALA A 311 -11.87 29.25 -21.83
N ALA A 312 -11.99 30.39 -22.50
CA ALA A 312 -11.62 30.52 -23.90
C ALA A 312 -10.11 30.58 -24.06
N SER A 313 -9.39 30.86 -22.98
CA SER A 313 -7.96 31.04 -23.04
C SER A 313 -7.13 29.75 -23.02
N LYS A 314 -7.65 28.66 -22.48
CA LYS A 314 -6.81 27.48 -22.27
C LYS A 314 -7.23 26.31 -23.16
N ARG A 315 -6.26 25.55 -23.65
CA ARG A 315 -6.56 24.39 -24.49
C ARG A 315 -7.28 23.28 -23.71
N ASN A 316 -6.87 23.08 -22.47
CA ASN A 316 -7.36 21.97 -21.64
C ASN A 316 -8.80 22.16 -21.17
N ILE A 317 -9.34 23.35 -21.37
CA ILE A 317 -10.74 23.62 -21.05
C ILE A 317 -11.56 23.39 -22.31
N THR A 318 -12.22 22.24 -22.38
CA THR A 318 -12.91 21.79 -23.59
C THR A 318 -14.43 21.77 -23.47
N ARG A 319 -14.95 22.15 -22.30
CA ARG A 319 -16.41 22.32 -22.12
C ARG A 319 -16.78 23.59 -21.36
N PHE A 320 -17.99 24.05 -21.58
CA PHE A 320 -18.41 25.38 -21.15
C PHE A 320 -19.88 25.37 -20.72
N ASP A 321 -20.17 25.99 -19.59
CA ASP A 321 -21.48 25.92 -18.96
C ASP A 321 -21.86 27.34 -18.55
N PHE A 322 -22.29 28.10 -19.56
CA PHE A 322 -22.48 29.54 -19.42
C PHE A 322 -23.86 29.98 -19.82
N ASP A 323 -24.85 29.35 -19.21
CA ASP A 323 -26.25 29.56 -19.54
C ASP A 323 -27.00 30.43 -18.53
N ALA A 324 -26.42 30.64 -17.36
CA ALA A 324 -27.13 31.34 -16.29
C ALA A 324 -27.76 32.67 -16.71
N PRO A 325 -27.01 33.51 -17.44
CA PRO A 325 -27.55 34.80 -17.89
C PRO A 325 -28.75 34.71 -18.80
N LEU A 326 -28.84 33.61 -19.56
CA LEU A 326 -29.98 33.36 -20.43
C LEU A 326 -31.25 33.03 -19.63
N MET A 327 -31.10 32.52 -18.41
CA MET A 327 -32.24 32.25 -17.52
C MET A 327 -32.87 33.53 -16.94
N LEU A 328 -32.17 34.67 -17.06
CA LEU A 328 -32.63 35.92 -16.47
C LEU A 328 -33.57 36.69 -17.42
N LYS A 329 -34.48 37.47 -16.84
CA LYS A 329 -35.46 38.24 -17.60
C LYS A 329 -34.81 39.39 -18.31
N THR A 330 -33.88 40.07 -17.62
CA THR A 330 -33.19 41.23 -18.16
C THR A 330 -31.68 41.00 -18.20
N ASP A 331 -31.04 41.63 -19.19
CA ASP A 331 -29.58 41.64 -19.31
C ASP A 331 -29.05 42.95 -18.73
N VAL A 332 -28.57 42.91 -17.49
CA VAL A 332 -28.13 44.13 -16.80
C VAL A 332 -26.69 44.61 -17.11
N PHE A 333 -26.10 44.16 -18.21
CA PHE A 333 -24.80 44.68 -18.61
C PHE A 333 -24.68 44.86 -20.12
N ASN A 334 -24.20 46.04 -20.51
CA ASN A 334 -23.80 46.30 -21.89
C ASN A 334 -22.36 45.81 -22.10
N GLY A 335 -22.14 45.11 -23.20
CA GLY A 335 -20.84 44.58 -23.53
C GLY A 335 -20.65 43.15 -23.06
N GLY A 336 -19.40 42.80 -22.81
CA GLY A 336 -19.02 41.43 -22.50
C GLY A 336 -19.33 40.51 -23.66
N ILE A 337 -19.28 39.21 -23.41
CA ILE A 337 -19.57 38.24 -24.45
C ILE A 337 -20.97 38.39 -25.07
N THR A 338 -21.11 37.89 -26.30
CA THR A 338 -22.38 37.89 -27.01
C THR A 338 -22.76 36.46 -27.37
N TYR A 339 -24.06 36.19 -27.37
CA TYR A 339 -24.58 34.88 -27.78
C TYR A 339 -25.18 34.94 -29.19
N SER A 340 -24.85 33.94 -30.00
CA SER A 340 -25.60 33.62 -31.20
C SER A 340 -26.04 32.17 -31.01
N GLY A 341 -27.25 31.99 -30.46
CA GLY A 341 -27.77 30.67 -30.15
C GLY A 341 -27.02 30.01 -29.01
N SER A 342 -26.31 28.93 -29.32
CA SER A 342 -25.48 28.22 -28.34
C SER A 342 -24.02 28.68 -28.39
N THR A 343 -23.66 29.50 -29.37
CA THR A 343 -22.28 29.94 -29.53
C THR A 343 -22.00 31.26 -28.80
N ILE A 344 -20.85 31.33 -28.13
CA ILE A 344 -20.47 32.53 -27.41
C ILE A 344 -19.22 33.11 -28.09
N SER A 345 -19.25 34.40 -28.37
CA SER A 345 -18.14 35.07 -29.04
C SER A 345 -17.44 36.02 -28.08
N MET A 346 -16.12 35.96 -28.03
CA MET A 346 -15.35 36.86 -27.19
C MET A 346 -15.31 38.25 -27.85
N PRO A 347 -15.42 39.32 -27.07
CA PRO A 347 -15.35 40.69 -27.62
C PRO A 347 -13.90 41.08 -27.86
N GLY A 348 -13.67 42.17 -28.60
CA GLY A 348 -12.33 42.58 -28.96
C GLY A 348 -11.79 43.72 -28.10
N LYS A 349 -12.66 44.32 -27.31
CA LYS A 349 -12.28 45.40 -26.39
C LYS A 349 -11.32 44.86 -25.32
N PRO A 350 -10.29 45.62 -24.99
CA PRO A 350 -9.43 45.26 -23.85
C PRO A 350 -10.21 44.97 -22.55
N GLY A 351 -9.63 44.11 -21.70
CA GLY A 351 -10.29 43.67 -20.48
C GLY A 351 -11.43 42.70 -20.75
N LEU A 352 -12.44 42.74 -19.90
CA LEU A 352 -13.60 41.88 -20.05
C LEU A 352 -14.52 42.46 -21.12
N GLY A 353 -14.37 43.75 -21.38
CA GLY A 353 -15.16 44.43 -22.39
C GLY A 353 -16.55 44.82 -21.93
N ILE A 354 -16.79 44.84 -20.63
CA ILE A 354 -18.04 45.36 -20.09
C ILE A 354 -17.98 46.88 -20.10
N ILE A 355 -18.92 47.47 -20.84
CA ILE A 355 -19.05 48.91 -20.96
C ILE A 355 -19.57 49.47 -19.66
N GLY A 356 -20.79 49.08 -19.30
CA GLY A 356 -21.33 49.45 -18.00
C GLY A 356 -22.65 48.76 -17.73
N ALA A 357 -23.39 49.29 -16.74
CA ALA A 357 -24.70 48.75 -16.39
C ALA A 357 -25.71 49.14 -17.47
N ALA A 358 -26.76 48.32 -17.63
CA ALA A 358 -27.80 48.55 -18.62
C ALA A 358 -28.81 49.61 -18.15
N LEU A 359 -29.71 49.99 -19.06
CA LEU A 359 -30.68 51.06 -18.84
C LEU A 359 -32.03 50.49 -18.41
CA MET B 1 1.80 40.90 -33.19
C MET B 1 2.22 39.50 -33.71
N LYS B 2 2.88 39.46 -34.86
CA LYS B 2 3.07 38.21 -35.62
C LYS B 2 4.55 37.81 -35.73
N ILE B 3 4.83 36.52 -35.58
CA ILE B 3 6.16 35.98 -35.84
C ILE B 3 6.36 35.90 -37.35
N ILE B 4 7.44 36.47 -37.86
CA ILE B 4 7.74 36.38 -39.30
C ILE B 4 9.12 35.81 -39.64
N ARG B 5 9.97 35.57 -38.64
CA ARG B 5 11.34 35.10 -38.90
C ARG B 5 11.99 34.50 -37.66
N ILE B 6 12.67 33.36 -37.84
CA ILE B 6 13.38 32.71 -36.74
C ILE B 6 14.77 32.36 -37.18
N GLU B 7 15.76 33.03 -36.61
CA GLU B 7 17.15 32.78 -36.95
C GLU B 7 17.86 32.19 -35.75
N THR B 8 18.97 31.49 -36.01
CA THR B 8 19.85 31.03 -34.94
C THR B 8 21.30 31.33 -35.29
N SER B 9 22.14 31.44 -34.27
CA SER B 9 23.59 31.53 -34.45
C SER B 9 24.31 30.84 -33.29
N ARG B 10 25.62 30.99 -33.19
CA ARG B 10 26.36 30.26 -32.16
C ARG B 10 27.37 31.14 -31.52
N ILE B 11 27.46 31.04 -30.20
CA ILE B 11 28.49 31.73 -29.47
C ILE B 11 29.34 30.70 -28.76
N ALA B 12 30.63 31.01 -28.62
CA ALA B 12 31.54 30.23 -27.80
C ALA B 12 32.37 31.20 -26.98
N VAL B 13 32.51 30.93 -25.69
CA VAL B 13 33.14 31.85 -24.75
C VAL B 13 33.79 31.07 -23.63
N PRO B 14 35.12 31.13 -23.53
CA PRO B 14 35.85 30.28 -22.60
C PRO B 14 35.62 30.68 -21.14
N LEU B 15 35.65 29.70 -20.25
CA LEU B 15 35.47 29.95 -18.83
C LEU B 15 36.77 30.50 -18.25
N THR B 16 36.62 31.35 -17.23
CA THR B 16 37.75 31.89 -16.49
C THR B 16 38.48 30.75 -15.77
N LYS B 17 37.72 29.99 -14.98
CA LYS B 17 38.21 28.76 -14.35
C LYS B 17 37.27 27.59 -14.73
N PRO B 18 37.80 26.39 -14.97
CA PRO B 18 36.95 25.24 -15.33
C PRO B 18 35.84 24.95 -14.32
N PHE B 19 34.64 24.68 -14.82
CA PHE B 19 33.48 24.27 -14.02
C PHE B 19 33.47 22.75 -13.92
N LYS B 20 33.21 22.18 -12.74
CA LYS B 20 33.33 20.74 -12.51
C LYS B 20 32.25 20.16 -11.58
N THR B 21 31.48 19.20 -12.07
CA THR B 21 30.45 18.50 -11.28
C THR B 21 30.68 16.98 -11.29
N ALA B 22 29.78 16.25 -10.61
CA ALA B 22 29.83 14.80 -10.63
C ALA B 22 29.61 14.25 -12.04
N LEU B 23 28.91 15.02 -12.86
CA LEU B 23 28.56 14.61 -14.22
C LEU B 23 29.57 15.02 -15.28
N ARG B 24 30.14 16.22 -15.17
CA ARG B 24 30.94 16.78 -16.27
C ARG B 24 32.01 17.78 -15.86
N THR B 25 32.82 18.19 -16.85
CA THR B 25 33.74 19.31 -16.73
C THR B 25 33.60 20.18 -17.98
N VAL B 26 33.43 21.49 -17.79
CA VAL B 26 33.26 22.45 -18.88
C VAL B 26 34.42 23.45 -18.88
N TYR B 27 35.12 23.54 -20.01
CA TYR B 27 36.20 24.53 -20.24
C TYR B 27 35.73 25.77 -21.00
N THR B 28 34.69 25.62 -21.80
CA THR B 28 34.16 26.75 -22.57
C THR B 28 32.64 26.63 -22.74
N ALA B 29 31.97 27.79 -22.68
CA ALA B 29 30.52 27.85 -22.75
C ALA B 29 30.07 28.06 -24.19
N GLU B 30 29.53 27.01 -24.80
CA GLU B 30 28.94 27.12 -26.13
C GLU B 30 27.43 27.29 -25.96
N SER B 31 26.79 27.96 -26.91
CA SER B 31 25.33 28.14 -26.89
C SER B 31 24.73 28.48 -28.26
N VAL B 32 23.54 27.97 -28.51
CA VAL B 32 22.72 28.45 -29.63
C VAL B 32 21.93 29.69 -29.20
N ILE B 33 22.00 30.76 -29.99
CA ILE B 33 21.22 31.99 -29.71
C ILE B 33 20.10 32.07 -30.74
N VAL B 34 18.92 32.49 -30.31
CA VAL B 34 17.71 32.49 -31.13
C VAL B 34 17.13 33.89 -31.18
N ARG B 35 16.85 34.36 -32.38
CA ARG B 35 16.24 35.66 -32.59
C ARG B 35 14.95 35.45 -33.35
N ILE B 36 13.83 35.65 -32.68
CA ILE B 36 12.53 35.73 -33.34
C ILE B 36 12.26 37.19 -33.71
N THR B 37 12.16 37.47 -35.00
CA THR B 37 11.83 38.80 -35.46
C THR B 37 10.35 38.84 -35.73
N TYR B 38 9.67 39.86 -35.20
CA TYR B 38 8.23 39.98 -35.28
C TYR B 38 7.90 41.00 -36.37
N ASP B 39 6.61 41.20 -36.61
CA ASP B 39 6.15 42.05 -37.71
C ASP B 39 6.06 43.53 -37.30
N SER B 40 6.46 43.83 -36.07
CA SER B 40 6.65 45.20 -35.61
C SER B 40 8.12 45.59 -35.77
N GLY B 41 8.96 44.63 -36.12
CA GLY B 41 10.40 44.79 -36.10
C GLY B 41 11.04 44.48 -34.76
N ALA B 42 10.21 44.12 -33.77
CA ALA B 42 10.71 43.74 -32.46
C ALA B 42 11.39 42.38 -32.55
N VAL B 43 12.54 42.25 -31.90
CA VAL B 43 13.29 41.01 -31.83
C VAL B 43 13.18 40.41 -30.43
N GLY B 44 12.80 39.12 -30.36
CA GLY B 44 12.86 38.38 -29.12
C GLY B 44 14.12 37.53 -29.07
N TRP B 45 14.64 37.26 -27.87
CA TRP B 45 15.91 36.56 -27.73
C TRP B 45 15.79 35.35 -26.84
N GLY B 46 16.63 34.35 -27.12
CA GLY B 46 16.65 33.10 -26.38
C GLY B 46 17.96 32.34 -26.56
N GLU B 47 18.20 31.36 -25.69
CA GLU B 47 19.50 30.69 -25.61
C GLU B 47 19.31 29.22 -25.22
N ALA B 48 20.17 28.35 -25.73
CA ALA B 48 20.23 26.96 -25.28
C ALA B 48 21.64 26.37 -25.46
N PRO B 49 22.29 25.99 -24.37
CA PRO B 49 23.60 25.36 -24.46
C PRO B 49 23.42 23.87 -24.67
N PRO B 50 24.42 23.20 -25.20
CA PRO B 50 24.42 21.76 -25.25
C PRO B 50 24.64 21.24 -23.83
N THR B 51 23.89 20.23 -23.42
CA THR B 51 24.15 19.54 -22.16
C THR B 51 23.97 18.07 -22.41
N LEU B 52 24.98 17.46 -23.01
CA LEU B 52 24.86 16.08 -23.49
C LEU B 52 24.56 15.05 -22.39
N VAL B 53 25.11 15.23 -21.20
CA VAL B 53 24.88 14.28 -20.09
C VAL B 53 23.67 14.64 -19.20
N ILE B 54 23.05 15.79 -19.42
CA ILE B 54 21.89 16.19 -18.63
C ILE B 54 20.58 16.06 -19.40
N THR B 55 20.46 16.79 -20.50
CA THR B 55 19.27 16.77 -21.36
C THR B 55 19.43 15.90 -22.60
N GLY B 56 20.67 15.60 -22.98
CA GLY B 56 20.97 14.92 -24.22
C GLY B 56 21.04 15.86 -25.42
N ASP B 57 20.64 17.12 -25.22
CA ASP B 57 20.57 18.11 -26.31
C ASP B 57 21.97 18.60 -26.68
N SER B 58 22.28 18.55 -27.97
CA SER B 58 23.48 19.18 -28.48
C SER B 58 23.06 20.39 -29.30
N MET B 59 24.05 21.12 -29.79
CA MET B 59 23.78 22.30 -30.58
C MET B 59 23.16 21.95 -31.92
N ASP B 60 23.55 20.82 -32.49
CA ASP B 60 22.99 20.37 -33.77
C ASP B 60 21.54 19.91 -33.58
N SER B 61 21.27 19.15 -32.51
CA SER B 61 19.90 18.70 -32.22
C SER B 61 19.03 19.91 -31.99
N ILE B 62 19.59 20.91 -31.30
CA ILE B 62 18.88 22.13 -30.92
C ILE B 62 18.49 22.94 -32.15
N GLU B 63 19.46 23.35 -32.95
CA GLU B 63 19.19 24.15 -34.14
C GLU B 63 18.28 23.41 -35.10
N SER B 64 18.43 22.09 -35.20
CA SER B 64 17.65 21.32 -36.14
C SER B 64 16.19 21.27 -35.71
N ALA B 65 15.94 21.09 -34.42
CA ALA B 65 14.58 21.14 -33.90
C ALA B 65 13.96 22.53 -34.06
N ILE B 66 14.77 23.57 -33.92
CA ILE B 66 14.26 24.92 -34.03
C ILE B 66 13.84 25.16 -35.48
N HIS B 67 14.61 24.63 -36.44
CA HIS B 67 14.43 25.01 -37.85
C HIS B 67 13.51 24.06 -38.59
N HIS B 68 13.49 22.79 -38.20
CA HIS B 68 12.77 21.74 -38.93
C HIS B 68 11.39 21.40 -38.34
N VAL B 69 11.25 21.47 -37.02
CA VAL B 69 9.98 21.11 -36.37
C VAL B 69 9.24 22.34 -35.85
N LEU B 70 9.93 23.22 -35.12
CA LEU B 70 9.26 24.31 -34.42
C LEU B 70 8.95 25.51 -35.32
N LYS B 71 9.91 25.95 -36.13
CA LYS B 71 9.75 27.11 -37.02
C LYS B 71 8.56 26.97 -37.98
N PRO B 72 8.43 25.85 -38.68
CA PRO B 72 7.28 25.66 -39.58
C PRO B 72 5.92 25.89 -38.92
N ALA B 73 5.83 25.62 -37.61
CA ALA B 73 4.61 25.82 -36.84
C ALA B 73 4.45 27.23 -36.27
N LEU B 74 5.53 28.00 -36.19
CA LEU B 74 5.51 29.33 -35.54
C LEU B 74 5.33 30.52 -36.50
N LEU B 75 5.90 30.45 -37.70
CA LEU B 75 5.77 31.55 -38.66
C LEU B 75 4.31 31.84 -39.02
N GLY B 76 3.94 33.12 -38.98
CA GLY B 76 2.57 33.55 -39.23
C GLY B 76 1.67 33.60 -38.00
N LYS B 77 2.10 32.97 -36.90
CA LYS B 77 1.29 32.94 -35.69
C LYS B 77 1.40 34.25 -34.95
N SER B 78 0.35 34.60 -34.21
CA SER B 78 0.34 35.82 -33.40
C SER B 78 0.36 35.50 -31.90
N LEU B 79 1.07 36.34 -31.15
CA LEU B 79 1.25 36.17 -29.70
C LEU B 79 -0.02 36.47 -28.93
N ALA B 80 -1.02 37.03 -29.62
CA ALA B 80 -2.38 37.09 -29.10
C ALA B 80 -2.91 35.67 -28.86
N GLY B 81 -2.41 34.70 -29.63
CA GLY B 81 -2.76 33.30 -29.47
C GLY B 81 -1.65 32.46 -28.86
N TYR B 82 -1.05 32.90 -27.75
CA TYR B 82 0.17 32.24 -27.26
C TYR B 82 -0.02 30.84 -26.68
N GLU B 83 -1.18 30.57 -26.08
CA GLU B 83 -1.52 29.22 -25.59
C GLU B 83 -1.29 28.17 -26.67
N ALA B 84 -1.86 28.41 -27.85
CA ALA B 84 -1.76 27.47 -28.96
C ALA B 84 -0.33 27.28 -29.39
N ILE B 85 0.44 28.36 -29.42
CA ILE B 85 1.85 28.26 -29.80
C ILE B 85 2.63 27.40 -28.82
N LEU B 86 2.45 27.68 -27.53
CA LEU B 86 3.15 26.94 -26.47
C LEU B 86 2.85 25.45 -26.53
N HIS B 87 1.61 25.09 -26.86
CA HIS B 87 1.26 23.67 -26.98
C HIS B 87 2.03 23.04 -28.12
N ASP B 88 2.09 23.73 -29.26
CA ASP B 88 2.85 23.23 -30.41
C ASP B 88 4.32 23.08 -30.05
N ILE B 89 4.89 24.08 -29.39
CA ILE B 89 6.30 24.02 -29.03
C ILE B 89 6.52 22.77 -28.19
N GLN B 90 5.64 22.50 -27.23
CA GLN B 90 5.84 21.40 -26.30
C GLN B 90 5.49 20.00 -26.85
N HIS B 91 4.59 19.92 -27.84
CA HIS B 91 4.01 18.65 -28.27
C HIS B 91 4.31 18.21 -29.72
N LEU B 92 5.02 19.03 -30.50
CA LEU B 92 5.39 18.72 -31.88
C LEU B 92 6.63 17.82 -31.94
N LEU B 93 7.26 17.60 -30.80
CA LEU B 93 8.37 16.69 -30.67
C LEU B 93 8.52 16.36 -29.20
N THR B 94 8.79 15.09 -28.90
CA THR B 94 9.10 14.71 -27.54
C THR B 94 10.52 15.11 -27.24
N GLY B 95 10.80 15.37 -25.96
CA GLY B 95 12.14 15.73 -25.54
C GLY B 95 12.56 17.07 -26.11
N ASN B 96 13.83 17.19 -26.44
CA ASN B 96 14.36 18.38 -27.10
C ASN B 96 14.03 19.62 -26.28
N MET B 97 14.13 19.46 -24.97
CA MET B 97 13.64 20.46 -24.02
C MET B 97 14.43 21.73 -24.15
N SER B 98 15.74 21.61 -24.32
CA SER B 98 16.60 22.79 -24.50
C SER B 98 16.20 23.66 -25.70
N ALA B 99 15.84 23.04 -26.81
CA ALA B 99 15.38 23.75 -28.02
C ALA B 99 14.04 24.44 -27.80
N LYS B 100 13.10 23.70 -27.21
CA LYS B 100 11.79 24.25 -26.85
C LYS B 100 11.98 25.52 -25.98
N ALA B 101 12.91 25.45 -25.05
CA ALA B 101 13.15 26.49 -24.06
C ALA B 101 13.66 27.76 -24.69
N ALA B 102 14.63 27.62 -25.59
CA ALA B 102 15.20 28.78 -26.26
C ALA B 102 14.12 29.55 -27.05
N VAL B 103 13.24 28.81 -27.70
CA VAL B 103 12.14 29.44 -28.45
C VAL B 103 11.14 30.08 -27.49
N GLU B 104 10.88 29.49 -26.32
CA GLU B 104 9.88 30.02 -25.41
C GLU B 104 10.39 31.36 -24.90
N MET B 105 11.66 31.40 -24.50
CA MET B 105 12.28 32.65 -24.07
C MET B 105 11.98 33.80 -25.04
N ALA B 106 12.14 33.55 -26.32
CA ALA B 106 11.99 34.56 -27.36
C ALA B 106 10.53 34.90 -27.60
N LEU B 107 9.68 33.91 -27.39
CA LEU B 107 8.23 34.10 -27.48
C LEU B 107 7.72 34.99 -26.36
N TYR B 108 8.04 34.62 -25.10
CA TYR B 108 7.66 35.39 -23.92
C TYR B 108 8.28 36.78 -23.92
N ASP B 109 9.50 36.88 -24.43
CA ASP B 109 10.17 38.17 -24.61
C ASP B 109 9.32 39.04 -25.53
N GLY B 110 8.84 38.45 -26.63
CA GLY B 110 8.00 39.16 -27.57
C GLY B 110 6.65 39.51 -27.00
N TRP B 111 6.08 38.61 -26.21
CA TRP B 111 4.78 38.82 -25.63
C TRP B 111 4.79 40.00 -24.63
N ALA B 112 5.85 40.11 -23.84
CA ALA B 112 6.04 41.24 -22.92
C ALA B 112 6.36 42.55 -23.65
N GLN B 113 7.15 42.47 -24.72
CA GLN B 113 7.39 43.61 -25.61
C GLN B 113 6.09 44.17 -26.19
N MET B 114 5.14 43.29 -26.51
CA MET B 114 3.84 43.68 -27.06
C MET B 114 2.98 44.45 -26.07
N CYS B 115 3.13 44.13 -24.79
CA CYS B 115 2.39 44.79 -23.73
C CYS B 115 3.13 45.96 -23.10
N GLY B 116 4.36 46.24 -23.56
CA GLY B 116 5.14 47.35 -23.06
C GLY B 116 5.54 47.24 -21.59
N LEU B 117 5.86 46.02 -21.14
CA LEU B 117 6.33 45.82 -19.77
C LEU B 117 7.49 44.84 -19.71
N PRO B 118 8.32 44.96 -18.67
CA PRO B 118 9.37 43.96 -18.42
C PRO B 118 8.75 42.60 -18.21
N LEU B 119 9.37 41.54 -18.74
CA LEU B 119 8.79 40.21 -18.69
C LEU B 119 8.47 39.78 -17.25
N TYR B 120 9.34 40.14 -16.30
CA TYR B 120 9.14 39.73 -14.91
C TYR B 120 7.88 40.33 -14.30
N GLN B 121 7.49 41.53 -14.73
CA GLN B 121 6.21 42.11 -14.29
C GLN B 121 5.00 41.42 -14.91
N MET B 122 5.10 41.00 -16.16
CA MET B 122 4.00 40.31 -16.84
C MET B 122 3.67 38.98 -16.19
N LEU B 123 4.66 38.37 -15.55
CA LEU B 123 4.49 37.07 -14.91
C LEU B 123 4.11 37.13 -13.41
N GLY B 124 4.03 38.34 -12.83
CA GLY B 124 3.68 38.50 -11.42
C GLY B 124 4.33 39.68 -10.74
N GLY B 125 5.57 39.95 -11.11
CA GLY B 125 6.30 41.13 -10.64
C GLY B 125 6.58 41.18 -9.15
N TYR B 126 6.85 40.04 -8.53
CA TYR B 126 7.00 39.98 -7.07
C TYR B 126 8.19 40.78 -6.52
N ARG B 127 9.35 40.68 -7.16
CA ARG B 127 10.56 41.37 -6.71
C ARG B 127 11.40 41.90 -7.88
N ASP B 128 12.14 42.98 -7.60
CA ASP B 128 12.98 43.67 -8.59
C ASP B 128 14.46 43.36 -8.37
N THR B 129 14.79 42.69 -7.27
CA THR B 129 16.14 42.21 -7.04
C THR B 129 16.13 40.84 -6.41
N LEU B 130 17.30 40.22 -6.44
CA LEU B 130 17.49 38.89 -5.89
C LEU B 130 18.98 38.64 -5.67
N GLU B 131 19.30 37.76 -4.73
CA GLU B 131 20.67 37.42 -4.40
C GLU B 131 20.96 36.07 -5.06
N THR B 132 22.04 36.02 -5.84
CA THR B 132 22.50 34.75 -6.41
C THR B 132 23.59 34.12 -5.54
N ASP B 133 23.53 32.80 -5.43
CA ASP B 133 24.67 32.03 -4.94
C ASP B 133 25.79 32.01 -5.98
N TYR B 134 26.86 31.29 -5.66
CA TYR B 134 27.97 31.05 -6.59
C TYR B 134 28.53 29.67 -6.33
N THR B 135 28.94 29.01 -7.40
CA THR B 135 29.29 27.59 -7.33
C THR B 135 30.79 27.38 -7.18
N VAL B 136 31.16 26.62 -6.16
CA VAL B 136 32.51 26.08 -6.04
C VAL B 136 32.50 24.73 -6.75
N SER B 137 33.35 24.60 -7.76
CA SER B 137 33.48 23.32 -8.45
C SER B 137 34.17 22.28 -7.57
N VAL B 138 34.11 21.01 -7.99
CA VAL B 138 34.73 19.90 -7.28
C VAL B 138 36.23 19.89 -7.54
N ASN B 139 37.01 19.91 -6.46
CA ASN B 139 38.47 19.82 -6.51
C ASN B 139 38.99 19.26 -5.18
N SER B 140 40.29 19.41 -4.93
CA SER B 140 40.83 19.12 -3.59
C SER B 140 40.10 19.99 -2.56
N PRO B 141 39.98 19.53 -1.32
CA PRO B 141 39.45 20.38 -0.24
C PRO B 141 40.19 21.73 -0.12
N GLU B 142 41.51 21.72 -0.25
CA GLU B 142 42.29 22.96 -0.20
C GLU B 142 41.86 23.93 -1.31
N GLU B 143 41.86 23.46 -2.56
CA GLU B 143 41.48 24.31 -3.71
C GLU B 143 40.01 24.79 -3.65
N MET B 144 39.10 23.99 -3.08
CA MET B 144 37.69 24.36 -3.01
C MET B 144 37.50 25.50 -2.01
N ALA B 145 38.04 25.31 -0.81
CA ALA B 145 38.13 26.33 0.23
C ALA B 145 38.74 27.64 -0.26
N ALA B 146 39.75 27.54 -1.13
CA ALA B 146 40.43 28.72 -1.65
C ALA B 146 39.56 29.45 -2.66
N ASP B 147 38.96 28.72 -3.60
CA ASP B 147 38.03 29.31 -4.56
C ASP B 147 36.85 29.95 -3.84
N ALA B 148 36.36 29.30 -2.78
CA ALA B 148 35.25 29.84 -1.99
C ALA B 148 35.61 31.19 -1.42
N GLU B 149 36.81 31.29 -0.84
CA GLU B 149 37.34 32.54 -0.33
C GLU B 149 37.35 33.60 -1.43
N ASN B 150 37.95 33.23 -2.57
CA ASN B 150 38.13 34.10 -3.72
C ASN B 150 36.82 34.53 -4.38
N TYR B 151 35.82 33.65 -4.41
CA TYR B 151 34.54 33.97 -5.06
C TYR B 151 33.68 34.80 -4.12
N LEU B 152 33.88 34.60 -2.82
CA LEU B 152 33.21 35.40 -1.80
C LEU B 152 33.59 36.89 -1.86
N LYS B 153 34.71 37.22 -2.51
CA LYS B 153 35.13 38.61 -2.72
C LYS B 153 34.15 39.49 -3.52
N GLN B 154 33.26 38.87 -4.30
CA GLN B 154 32.24 39.62 -5.04
C GLN B 154 30.99 39.95 -4.21
N GLY B 155 30.80 39.31 -3.05
CA GLY B 155 29.73 39.66 -2.11
C GLY B 155 28.71 38.58 -1.80
N PHE B 156 28.87 37.43 -2.43
CA PHE B 156 27.89 36.35 -2.31
C PHE B 156 27.71 35.98 -0.85
N GLN B 157 26.47 35.69 -0.51
CA GLN B 157 26.12 35.36 0.85
C GLN B 157 25.83 33.87 1.01
N THR B 158 25.70 33.18 -0.13
CA THR B 158 25.50 31.74 -0.19
C THR B 158 26.45 31.16 -1.23
N LEU B 159 27.13 30.06 -0.90
CA LEU B 159 27.95 29.34 -1.88
C LEU B 159 27.33 27.98 -2.16
N LYS B 160 27.38 27.55 -3.42
CA LYS B 160 26.84 26.25 -3.84
C LYS B 160 28.01 25.32 -4.10
N ILE B 161 28.08 24.25 -3.33
CA ILE B 161 29.26 23.39 -3.34
C ILE B 161 28.95 22.07 -4.04
N LYS B 162 29.72 21.81 -5.09
CA LYS B 162 29.56 20.61 -5.89
C LYS B 162 30.27 19.46 -5.19
N VAL B 163 29.54 18.38 -4.96
CA VAL B 163 30.06 17.17 -4.39
C VAL B 163 29.65 15.94 -5.25
N GLY B 164 30.08 14.75 -4.82
CA GLY B 164 29.56 13.51 -5.35
C GLY B 164 30.29 12.85 -6.50
N LYS B 165 31.53 13.25 -6.74
CA LYS B 165 32.29 12.79 -7.91
C LYS B 165 33.10 11.53 -7.57
N ASP B 166 33.73 11.54 -6.39
CA ASP B 166 34.54 10.39 -5.95
C ASP B 166 34.02 9.70 -4.68
N ASP B 167 34.59 9.96 -3.50
CA ASP B 167 34.13 9.28 -2.26
C ASP B 167 33.53 10.19 -1.17
N ILE B 168 32.80 9.56 -0.26
CA ILE B 168 32.00 10.24 0.78
C ILE B 168 32.86 10.99 1.81
N ALA B 169 33.96 10.38 2.24
CA ALA B 169 34.83 10.95 3.28
C ALA B 169 35.58 12.20 2.81
N THR B 170 36.04 12.17 1.57
CA THR B 170 36.64 13.33 0.90
C THR B 170 35.59 14.46 0.74
N ASP B 171 34.33 14.08 0.51
CA ASP B 171 33.24 15.04 0.37
C ASP B 171 33.00 15.77 1.69
N ILE B 172 33.02 15.02 2.78
CA ILE B 172 32.81 15.61 4.07
C ILE B 172 34.00 16.48 4.38
N ALA B 173 35.19 16.04 3.98
CA ALA B 173 36.41 16.79 4.24
C ALA B 173 36.32 18.16 3.58
N ARG B 174 35.93 18.18 2.30
CA ARG B 174 35.76 19.41 1.53
C ARG B 174 34.85 20.39 2.23
N ILE B 175 33.68 19.89 2.66
CA ILE B 175 32.66 20.72 3.31
C ILE B 175 33.20 21.17 4.66
N GLN B 176 33.73 20.22 5.43
CA GLN B 176 34.40 20.50 6.70
C GLN B 176 35.42 21.64 6.54
N GLU B 177 36.29 21.58 5.53
CA GLU B 177 37.30 22.63 5.36
C GLU B 177 36.68 23.96 4.94
N ILE B 178 35.75 23.94 3.98
CA ILE B 178 35.17 25.19 3.49
C ILE B 178 34.48 25.90 4.66
N ARG B 179 33.71 25.15 5.45
CA ARG B 179 32.97 25.69 6.61
C ARG B 179 33.86 26.33 7.67
N LYS B 180 34.97 25.67 8.01
CA LYS B 180 35.90 26.22 9.00
C LYS B 180 36.52 27.51 8.48
N ARG B 181 36.80 27.50 7.19
CA ARG B 181 37.53 28.58 6.52
C ARG B 181 36.67 29.82 6.19
N VAL B 182 35.37 29.65 6.13
CA VAL B 182 34.49 30.67 5.58
C VAL B 182 33.69 31.39 6.67
N GLY B 183 33.35 30.66 7.71
CA GLY B 183 32.61 31.19 8.84
C GLY B 183 31.28 30.49 8.94
N SER B 184 30.58 30.74 10.02
CA SER B 184 29.21 30.23 10.21
C SER B 184 28.20 31.14 9.48
N ALA B 185 28.68 32.22 8.91
CA ALA B 185 27.81 33.24 8.34
C ALA B 185 27.33 32.93 6.92
N VAL B 186 28.24 32.55 6.03
CA VAL B 186 27.80 32.26 4.66
C VAL B 186 27.02 30.94 4.65
N LYS B 187 25.95 30.89 3.87
CA LYS B 187 25.17 29.66 3.73
C LYS B 187 25.89 28.76 2.74
N LEU B 188 25.85 27.47 2.98
CA LEU B 188 26.42 26.49 2.07
C LEU B 188 25.31 25.58 1.56
N ARG B 189 25.30 25.41 0.25
CA ARG B 189 24.33 24.62 -0.47
C ARG B 189 25.11 23.46 -1.02
N LEU B 190 24.60 22.24 -0.97
CA LEU B 190 25.32 21.12 -1.61
C LEU B 190 24.57 20.65 -2.84
N ASP B 191 25.31 20.18 -3.83
CA ASP B 191 24.73 19.58 -5.00
C ASP B 191 25.62 18.42 -5.37
N ALA B 192 25.12 17.21 -5.17
CA ALA B 192 25.90 15.99 -5.40
C ALA B 192 25.70 15.43 -6.80
N ASN B 193 24.77 16.02 -7.55
CA ASN B 193 24.56 15.68 -8.95
C ASN B 193 24.51 14.16 -9.17
N GLN B 194 23.50 13.55 -8.54
CA GLN B 194 23.21 12.13 -8.67
C GLN B 194 24.33 11.16 -8.29
N GLY B 195 25.30 11.63 -7.52
CA GLY B 195 26.52 10.91 -7.27
C GLY B 195 26.49 9.84 -6.19
N TRP B 196 25.45 9.83 -5.37
CA TRP B 196 25.38 9.00 -4.17
C TRP B 196 24.25 8.00 -4.28
N ARG B 197 24.46 6.81 -3.72
CA ARG B 197 23.34 5.90 -3.42
C ARG B 197 22.54 6.49 -2.25
N PRO B 198 21.27 6.09 -2.12
CA PRO B 198 20.44 6.54 -1.00
C PRO B 198 21.06 6.30 0.39
N LYS B 199 21.62 5.11 0.63
CA LYS B 199 22.27 4.79 1.91
C LYS B 199 23.48 5.68 2.16
N GLU B 200 24.29 5.79 1.13
CA GLU B 200 25.50 6.63 1.10
C GLU B 200 25.20 8.11 1.37
N ALA B 201 24.10 8.59 0.81
CA ALA B 201 23.68 9.97 0.99
C ALA B 201 23.22 10.21 2.42
N VAL B 202 22.34 9.33 2.92
CA VAL B 202 21.82 9.36 4.29
C VAL B 202 22.94 9.37 5.32
N THR B 203 24.00 8.60 5.06
CA THR B 203 25.19 8.53 5.90
C THR B 203 26.00 9.82 5.90
N ALA B 204 26.26 10.35 4.70
CA ALA B 204 27.09 11.56 4.53
C ALA B 204 26.46 12.82 5.10
N ILE B 205 25.16 12.96 4.91
CA ILE B 205 24.41 14.13 5.32
C ILE B 205 24.25 14.08 6.83
N ARG B 206 24.12 12.88 7.40
CA ARG B 206 24.02 12.73 8.85
C ARG B 206 25.35 12.96 9.54
N LYS B 207 26.45 12.73 8.81
CA LYS B 207 27.79 12.99 9.33
C LYS B 207 27.98 14.49 9.40
N MET B 208 27.51 15.18 8.35
CA MET B 208 27.56 16.64 8.30
C MET B 208 26.61 17.32 9.28
N GLU B 209 25.46 16.70 9.60
CA GLU B 209 24.49 17.23 10.57
C GLU B 209 25.03 17.19 12.00
N ASP B 210 25.64 16.06 12.35
CA ASP B 210 26.28 15.87 13.65
C ASP B 210 27.65 16.59 13.76
N ALA B 211 28.29 16.94 12.63
CA ALA B 211 29.50 17.78 12.66
C ALA B 211 29.14 19.28 12.75
N GLY B 212 27.84 19.59 12.75
CA GLY B 212 27.37 20.97 12.91
C GLY B 212 27.81 21.84 11.75
N LEU B 213 27.73 21.28 10.55
CA LEU B 213 28.27 21.93 9.36
C LEU B 213 27.26 22.89 8.75
N GLY B 214 26.01 22.85 9.22
CA GLY B 214 25.01 23.85 8.88
C GLY B 214 24.58 23.90 7.42
N ILE B 215 24.42 22.73 6.80
CA ILE B 215 24.10 22.66 5.38
C ILE B 215 22.67 23.13 5.13
N GLU B 216 22.49 24.09 4.23
CA GLU B 216 21.16 24.64 3.97
C GLU B 216 20.24 23.59 3.35
N LEU B 217 20.73 22.92 2.31
CA LEU B 217 20.00 21.92 1.58
C LEU B 217 20.97 21.10 0.74
N VAL B 218 20.50 19.98 0.20
CA VAL B 218 21.31 19.15 -0.69
C VAL B 218 20.51 18.88 -1.96
N GLU B 219 21.09 19.24 -3.10
CA GLU B 219 20.49 19.02 -4.42
C GLU B 219 20.75 17.60 -4.91
N GLN B 220 19.68 16.92 -5.36
CA GLN B 220 19.76 15.64 -6.07
C GLN B 220 20.91 14.74 -5.64
N PRO B 221 20.81 14.19 -4.43
CA PRO B 221 21.85 13.30 -3.91
C PRO B 221 21.93 12.00 -4.72
N VAL B 222 20.78 11.50 -5.18
CA VAL B 222 20.71 10.24 -5.91
C VAL B 222 20.36 10.36 -7.41
N HIS B 223 20.52 9.24 -8.11
CA HIS B 223 20.13 9.09 -9.52
C HIS B 223 18.75 9.70 -9.84
N LYS B 224 18.61 10.28 -11.02
CA LYS B 224 17.40 11.06 -11.35
C LYS B 224 16.15 10.18 -11.42
N ASP B 225 16.32 8.93 -11.80
CA ASP B 225 15.22 7.99 -11.98
C ASP B 225 14.82 7.29 -10.68
N ASP B 226 15.68 7.37 -9.67
CA ASP B 226 15.46 6.75 -8.38
C ASP B 226 14.67 7.69 -7.45
N LEU B 227 13.36 7.76 -7.71
CA LEU B 227 12.44 8.56 -6.94
C LEU B 227 12.30 8.07 -5.50
N ALA B 228 12.20 6.76 -5.35
CA ALA B 228 12.05 6.11 -4.05
C ALA B 228 13.30 6.27 -3.20
N GLY B 229 14.46 6.29 -3.87
CA GLY B 229 15.73 6.56 -3.22
C GLY B 229 15.81 8.01 -2.76
N LEU B 230 15.29 8.92 -3.57
CA LEU B 230 15.20 10.33 -3.17
C LEU B 230 14.27 10.49 -1.97
N LYS B 231 13.15 9.77 -1.96
CA LYS B 231 12.22 9.80 -0.83
C LYS B 231 12.88 9.25 0.46
N LYS B 232 13.64 8.18 0.32
CA LYS B 232 14.35 7.55 1.43
C LYS B 232 15.23 8.59 2.12
N VAL B 233 15.99 9.34 1.31
CA VAL B 233 16.94 10.32 1.84
C VAL B 233 16.22 11.52 2.44
N THR B 234 15.19 11.99 1.74
CA THR B 234 14.38 13.11 2.19
C THR B 234 13.86 12.83 3.60
N ASP B 235 13.35 11.62 3.83
CA ASP B 235 12.71 11.24 5.10
C ASP B 235 13.68 10.89 6.22
N ALA B 236 14.92 10.57 5.89
CA ALA B 236 15.89 10.15 6.89
C ALA B 236 16.76 11.27 7.47
N THR B 237 16.65 12.49 6.95
CA THR B 237 17.49 13.59 7.48
C THR B 237 16.71 14.88 7.78
N ASP B 238 17.35 15.74 8.57
CA ASP B 238 16.86 17.09 8.87
C ASP B 238 17.22 18.10 7.79
N THR B 239 18.15 17.75 6.91
CA THR B 239 18.62 18.66 5.87
C THR B 239 17.64 18.61 4.71
N PRO B 240 17.10 19.77 4.28
CA PRO B 240 16.21 19.81 3.11
C PRO B 240 16.84 19.18 1.88
N ILE B 241 16.07 18.35 1.16
CA ILE B 241 16.52 17.67 -0.03
C ILE B 241 15.77 18.28 -1.21
N MET B 242 16.51 18.73 -2.21
CA MET B 242 15.98 19.44 -3.38
C MET B 242 16.12 18.62 -4.65
N ALA B 243 14.98 18.23 -5.23
CA ALA B 243 14.95 17.54 -6.52
C ALA B 243 15.52 18.43 -7.60
N ASP B 244 16.36 17.88 -8.46
CA ASP B 244 16.83 18.63 -9.64
C ASP B 244 16.61 17.76 -10.85
N GLU B 245 17.55 16.85 -11.15
CA GLU B 245 17.49 16.11 -12.41
C GLU B 245 16.29 15.13 -12.47
N SER B 246 15.72 14.80 -11.32
CA SER B 246 14.51 13.97 -11.28
C SER B 246 13.26 14.76 -11.64
N VAL B 247 13.37 16.08 -11.71
CA VAL B 247 12.23 16.94 -12.05
C VAL B 247 12.57 17.85 -13.22
N PHE B 248 12.04 17.53 -14.39
CA PHE B 248 12.21 18.29 -15.64
C PHE B 248 10.91 19.00 -15.99
N THR B 249 9.81 18.25 -15.94
CA THR B 249 8.53 18.72 -16.41
C THR B 249 7.54 18.85 -15.28
N PRO B 250 6.42 19.51 -15.55
CA PRO B 250 5.23 19.47 -14.69
C PRO B 250 4.76 18.06 -14.26
N ARG B 251 4.74 17.09 -15.15
CA ARG B 251 4.27 15.75 -14.79
C ARG B 251 5.20 15.12 -13.75
N GLN B 252 6.49 15.34 -13.90
CA GLN B 252 7.48 14.76 -12.99
C GLN B 252 7.44 15.48 -11.65
N ALA B 253 7.16 16.78 -11.68
CA ALA B 253 7.04 17.56 -10.47
C ALA B 253 5.83 17.06 -9.68
N PHE B 254 4.75 16.76 -10.38
CA PHE B 254 3.55 16.28 -9.76
C PHE B 254 3.81 14.98 -9.00
N GLU B 255 4.55 14.07 -9.64
CA GLU B 255 4.80 12.75 -9.07
C GLU B 255 5.71 12.85 -7.85
N VAL B 256 6.66 13.79 -7.90
CA VAL B 256 7.57 14.06 -6.78
C VAL B 256 6.85 14.68 -5.58
N LEU B 257 5.83 15.48 -5.86
CA LEU B 257 5.07 16.17 -4.81
C LEU B 257 4.00 15.28 -4.20
N GLN B 258 3.38 14.44 -5.03
CA GLN B 258 2.36 13.50 -4.57
C GLN B 258 3.00 12.49 -3.60
N THR B 259 4.15 11.94 -4.00
CA THR B 259 4.88 10.95 -3.19
C THR B 259 5.64 11.57 -2.03
N ARG B 260 5.76 12.90 -2.02
CA ARG B 260 6.56 13.64 -1.04
C ARG B 260 8.00 13.15 -1.05
N SER B 261 8.55 12.96 -2.24
CA SER B 261 9.89 12.42 -2.40
C SER B 261 10.99 13.46 -2.17
N ALA B 262 10.59 14.73 -2.06
CA ALA B 262 11.56 15.82 -1.84
C ALA B 262 10.94 17.04 -1.15
N ASP B 263 11.82 17.90 -0.64
CA ASP B 263 11.42 19.11 0.09
C ASP B 263 11.34 20.37 -0.77
N LEU B 264 12.14 20.43 -1.82
CA LEU B 264 12.30 21.61 -2.64
C LEU B 264 12.54 21.17 -4.08
N ILE B 265 12.13 21.99 -5.04
CA ILE B 265 12.42 21.69 -6.44
C ILE B 265 13.34 22.74 -7.05
N ASN B 266 14.34 22.28 -7.81
CA ASN B 266 15.17 23.14 -8.69
C ASN B 266 14.58 23.21 -10.11
N ILE B 267 14.10 24.40 -10.49
CA ILE B 267 13.55 24.67 -11.83
C ILE B 267 14.61 25.29 -12.76
N LYS B 268 14.75 24.72 -13.95
CA LYS B 268 15.62 25.27 -14.98
C LYS B 268 14.81 25.41 -16.25
N LEU B 269 15.02 26.48 -16.99
CA LEU B 269 14.25 26.70 -18.22
C LEU B 269 14.60 25.63 -19.26
N MET B 270 15.84 25.13 -19.27
CA MET B 270 16.23 24.06 -20.18
C MET B 270 15.50 22.73 -19.87
N LYS B 271 15.29 22.46 -18.59
CA LYS B 271 14.66 21.20 -18.19
C LYS B 271 13.18 21.23 -18.56
N ALA B 272 12.52 22.32 -18.18
CA ALA B 272 11.08 22.52 -18.34
C ALA B 272 10.65 22.87 -19.75
N GLY B 273 11.61 23.05 -20.65
CA GLY B 273 11.29 23.33 -22.04
C GLY B 273 10.83 24.75 -22.21
N GLY B 274 11.11 25.58 -21.21
CA GLY B 274 10.79 26.99 -21.23
C GLY B 274 10.11 27.46 -19.97
N ILE B 275 9.37 28.55 -20.14
CA ILE B 275 8.76 29.26 -19.03
C ILE B 275 7.36 28.74 -18.67
N SER B 276 6.57 28.33 -19.67
CA SER B 276 5.21 27.85 -19.40
C SER B 276 5.27 26.70 -18.41
N GLY B 277 6.10 25.71 -18.68
CA GLY B 277 6.27 24.56 -17.81
C GLY B 277 6.94 24.87 -16.48
N ALA B 278 7.90 25.79 -16.51
CA ALA B 278 8.56 26.23 -15.29
C ALA B 278 7.56 26.88 -14.34
N GLU B 279 6.60 27.57 -14.91
CA GLU B 279 5.57 28.28 -14.18
C GLU B 279 4.55 27.29 -13.62
N LYS B 280 4.29 26.23 -14.35
CA LYS B 280 3.39 25.17 -13.93
C LYS B 280 4.01 24.35 -12.81
N ILE B 281 5.35 24.29 -12.75
CA ILE B 281 6.05 23.50 -11.72
C ILE B 281 5.98 24.27 -10.41
N ASN B 282 6.17 25.57 -10.46
CA ASN B 282 6.13 26.40 -9.27
C ASN B 282 4.74 26.47 -8.65
N ALA B 283 3.74 26.48 -9.52
CA ALA B 283 2.36 26.62 -9.11
C ALA B 283 1.92 25.37 -8.35
N MET B 284 2.13 24.20 -8.96
CA MET B 284 1.96 22.90 -8.31
C MET B 284 2.63 22.80 -6.95
N ALA B 285 3.87 23.28 -6.90
CA ALA B 285 4.72 23.14 -5.73
C ALA B 285 4.25 24.09 -4.65
N GLU B 286 3.85 25.29 -5.05
CA GLU B 286 3.33 26.29 -4.12
C GLU B 286 2.08 25.77 -3.42
N ALA B 287 1.19 25.16 -4.21
CA ALA B 287 -0.03 24.52 -3.71
C ALA B 287 0.23 23.40 -2.70
N CYS B 288 1.42 22.79 -2.77
CA CYS B 288 1.85 21.75 -1.83
C CYS B 288 2.79 22.24 -0.71
N GLY B 289 2.95 23.56 -0.58
CA GLY B 289 3.83 24.14 0.41
C GLY B 289 5.31 23.89 0.18
N VAL B 290 5.66 23.61 -1.07
CA VAL B 290 7.04 23.35 -1.48
C VAL B 290 7.63 24.55 -2.24
N GLU B 291 8.74 25.08 -1.74
CA GLU B 291 9.40 26.22 -2.35
C GLU B 291 10.37 25.78 -3.43
N CYS B 292 10.50 26.61 -4.46
CA CYS B 292 11.36 26.28 -5.59
C CYS B 292 12.58 27.22 -5.67
N MET B 293 13.64 26.71 -6.29
CA MET B 293 14.81 27.50 -6.63
C MET B 293 14.95 27.52 -8.16
N VAL B 294 15.30 28.65 -8.73
CA VAL B 294 15.53 28.72 -10.16
C VAL B 294 17.03 28.87 -10.39
N GLY B 295 17.60 27.98 -11.19
CA GLY B 295 18.97 28.07 -11.65
C GLY B 295 19.07 28.10 -13.16
N SER B 296 20.13 27.46 -13.67
CA SER B 296 20.43 27.46 -15.09
C SER B 296 21.51 26.45 -15.39
N MET B 297 21.58 26.02 -16.65
CA MET B 297 22.72 25.27 -17.13
C MET B 297 23.86 26.27 -17.29
N ILE B 298 25.03 25.85 -17.76
CA ILE B 298 26.08 26.83 -18.08
C ILE B 298 25.60 27.66 -19.28
N GLU B 299 25.19 28.90 -18.99
CA GLU B 299 24.52 29.80 -19.95
C GLU B 299 25.07 31.21 -19.82
N THR B 300 24.86 32.04 -20.83
CA THR B 300 25.28 33.44 -20.77
C THR B 300 24.25 34.25 -20.01
N LYS B 301 24.48 35.56 -19.98
CA LYS B 301 23.56 36.53 -19.41
C LYS B 301 22.16 36.52 -20.04
N LEU B 302 22.04 36.09 -21.30
CA LEU B 302 20.74 36.01 -21.96
C LEU B 302 19.86 34.93 -21.32
N GLY B 303 20.34 33.69 -21.27
CA GLY B 303 19.55 32.60 -20.71
C GLY B 303 19.22 32.86 -19.25
N ILE B 304 20.20 33.40 -18.54
CA ILE B 304 20.03 33.83 -17.16
C ILE B 304 19.05 34.99 -17.02
N THR B 305 18.95 35.82 -18.04
CA THR B 305 18.01 36.94 -18.01
C THR B 305 16.57 36.43 -18.04
N ALA B 306 16.29 35.52 -18.98
CA ALA B 306 14.97 34.93 -19.08
C ALA B 306 14.62 34.27 -17.76
N ALA B 307 15.54 33.44 -17.25
CA ALA B 307 15.33 32.69 -16.01
C ALA B 307 15.04 33.59 -14.81
N ALA B 308 15.75 34.70 -14.72
CA ALA B 308 15.58 35.67 -13.63
C ALA B 308 14.25 36.42 -13.68
N HIS B 309 13.76 36.76 -14.88
CA HIS B 309 12.42 37.35 -14.98
C HIS B 309 11.30 36.38 -14.55
N PHE B 310 11.50 35.10 -14.81
CA PHE B 310 10.58 34.11 -14.27
C PHE B 310 10.74 34.08 -12.74
N ALA B 311 11.97 34.01 -12.26
CA ALA B 311 12.22 33.81 -10.82
C ALA B 311 11.79 35.00 -10.00
N ALA B 312 12.02 36.18 -10.56
CA ALA B 312 11.74 37.42 -9.91
C ALA B 312 10.24 37.60 -9.79
N SER B 313 9.51 36.97 -10.69
CA SER B 313 8.07 37.16 -10.76
C SER B 313 7.23 36.39 -9.73
N LYS B 314 7.76 35.34 -9.10
CA LYS B 314 6.94 34.46 -8.26
C LYS B 314 7.35 34.47 -6.79
N ARG B 315 6.37 34.68 -5.92
CA ARG B 315 6.57 34.63 -4.47
C ARG B 315 7.21 33.33 -4.01
N ASN B 316 6.73 32.21 -4.54
CA ASN B 316 7.16 30.89 -4.03
C ASN B 316 8.58 30.50 -4.43
N ILE B 317 9.18 31.21 -5.37
CA ILE B 317 10.58 31.04 -5.71
C ILE B 317 11.38 31.93 -4.76
N THR B 318 12.19 31.31 -3.91
CA THR B 318 12.87 32.02 -2.83
C THR B 318 14.38 31.90 -2.89
N ARG B 319 14.88 31.08 -3.82
CA ARG B 319 16.30 30.76 -3.95
C ARG B 319 16.73 30.84 -5.42
N PHE B 320 17.95 31.33 -5.66
CA PHE B 320 18.37 31.73 -7.00
C PHE B 320 19.82 31.33 -7.26
N ASP B 321 20.10 30.77 -8.44
CA ASP B 321 21.39 30.16 -8.76
C ASP B 321 21.80 30.61 -10.16
N PHE B 322 22.06 31.92 -10.28
CA PHE B 322 22.33 32.58 -11.55
C PHE B 322 23.78 33.07 -11.67
N ASP B 323 24.72 32.15 -11.52
CA ASP B 323 26.15 32.49 -11.48
C ASP B 323 26.92 32.19 -12.77
N ALA B 324 26.35 31.41 -13.67
CA ALA B 324 27.09 30.96 -14.85
C ALA B 324 27.75 32.08 -15.69
N PRO B 325 27.04 33.19 -15.93
CA PRO B 325 27.61 34.28 -16.75
C PRO B 325 28.85 34.93 -16.13
N LEU B 326 28.92 34.90 -14.81
CA LEU B 326 30.07 35.35 -14.06
C LEU B 326 31.27 34.39 -14.16
N MET B 327 31.01 33.14 -14.55
CA MET B 327 32.08 32.18 -14.81
C MET B 327 32.80 32.44 -16.15
N LEU B 328 32.11 33.10 -17.08
CA LEU B 328 32.63 33.35 -18.43
C LEU B 328 33.69 34.45 -18.46
N LYS B 329 34.53 34.41 -19.50
CA LYS B 329 35.60 35.39 -19.71
C LYS B 329 35.03 36.71 -20.22
N THR B 330 33.99 36.64 -21.05
CA THR B 330 33.33 37.82 -21.57
C THR B 330 31.85 37.80 -21.30
N ASP B 331 31.26 39.00 -21.34
CA ASP B 331 29.82 39.17 -21.31
C ASP B 331 29.39 39.53 -22.74
N VAL B 332 28.83 38.57 -23.46
CA VAL B 332 28.56 38.78 -24.89
C VAL B 332 27.17 39.36 -25.21
N PHE B 333 26.51 39.95 -24.23
CA PHE B 333 25.22 40.60 -24.50
C PHE B 333 25.13 41.97 -23.83
N ASN B 334 24.55 42.91 -24.57
CA ASN B 334 24.25 44.25 -24.10
C ASN B 334 22.81 44.28 -23.60
N GLY B 335 22.60 44.81 -22.41
CA GLY B 335 21.26 44.84 -21.80
C GLY B 335 21.05 43.68 -20.86
N GLY B 336 19.80 43.20 -20.79
CA GLY B 336 19.44 42.12 -19.89
C GLY B 336 19.40 42.57 -18.44
N ILE B 337 19.54 41.63 -17.52
CA ILE B 337 19.69 41.95 -16.10
C ILE B 337 21.10 42.49 -15.82
N THR B 338 21.25 43.14 -14.66
CA THR B 338 22.52 43.70 -14.24
C THR B 338 22.99 43.04 -12.96
N TYR B 339 24.30 42.88 -12.86
CA TYR B 339 24.96 42.42 -11.63
C TYR B 339 25.64 43.57 -10.89
N SER B 340 25.41 43.64 -9.57
CA SER B 340 26.14 44.53 -8.67
C SER B 340 26.68 43.64 -7.55
N GLY B 341 27.86 43.08 -7.76
CA GLY B 341 28.36 42.01 -6.93
C GLY B 341 27.49 40.76 -6.98
N SER B 342 26.72 40.56 -5.92
CA SER B 342 25.92 39.35 -5.72
C SER B 342 24.43 39.62 -5.93
N THR B 343 24.11 40.86 -6.29
CA THR B 343 22.74 41.30 -6.42
C THR B 343 22.38 41.44 -7.90
N ILE B 344 21.28 40.80 -8.30
CA ILE B 344 20.75 40.91 -9.66
C ILE B 344 19.52 41.79 -9.63
N SER B 345 19.51 42.80 -10.48
CA SER B 345 18.42 43.74 -10.61
C SER B 345 17.71 43.57 -11.93
N MET B 346 16.41 43.87 -11.94
CA MET B 346 15.53 43.72 -13.10
C MET B 346 15.31 45.11 -13.70
N PRO B 347 15.71 45.31 -14.95
CA PRO B 347 15.52 46.63 -15.58
C PRO B 347 14.05 46.94 -15.87
N GLY B 348 13.78 48.16 -16.31
CA GLY B 348 12.44 48.60 -16.67
C GLY B 348 12.08 48.37 -18.12
N LYS B 349 13.07 48.05 -18.95
CA LYS B 349 12.87 47.87 -20.40
C LYS B 349 11.90 46.72 -20.73
N PRO B 350 11.02 46.90 -21.72
CA PRO B 350 10.11 45.82 -22.12
C PRO B 350 10.79 44.50 -22.52
N GLY B 351 10.13 43.36 -22.24
CA GLY B 351 10.66 42.05 -22.57
C GLY B 351 11.80 41.63 -21.67
N LEU B 352 12.83 41.03 -22.26
CA LEU B 352 14.01 40.64 -21.53
C LEU B 352 14.96 41.81 -21.42
N GLY B 353 14.74 42.83 -22.25
CA GLY B 353 15.58 44.02 -22.25
C GLY B 353 16.95 43.79 -22.85
N ILE B 354 17.06 42.79 -23.73
CA ILE B 354 18.30 42.50 -24.43
C ILE B 354 18.34 43.38 -25.67
N ILE B 355 19.37 44.22 -25.75
CA ILE B 355 19.60 45.08 -26.90
C ILE B 355 20.30 44.34 -28.06
N GLY B 356 21.42 43.68 -27.79
CA GLY B 356 22.13 42.96 -28.85
C GLY B 356 23.31 42.13 -28.41
N ALA B 357 24.18 41.82 -29.35
CA ALA B 357 25.38 41.00 -29.09
C ALA B 357 26.62 41.88 -28.71
N ALA B 358 27.82 41.38 -29.02
CA ALA B 358 29.07 42.04 -28.63
C ALA B 358 29.27 43.41 -29.26
CA MET C 1 11.44 -46.74 21.41
C MET C 1 12.39 -46.10 20.39
N LYS C 2 13.56 -46.72 20.20
CA LYS C 2 14.73 -46.12 19.54
C LYS C 2 14.96 -46.57 18.08
N ILE C 3 15.59 -45.71 17.27
CA ILE C 3 15.97 -46.01 15.88
C ILE C 3 17.28 -46.80 15.85
N ILE C 4 17.25 -48.03 15.33
CA ILE C 4 18.44 -48.89 15.34
C ILE C 4 18.98 -49.27 13.97
N ARG C 5 18.22 -49.03 12.90
CA ARG C 5 18.66 -49.33 11.52
C ARG C 5 17.79 -48.65 10.47
N ILE C 6 18.42 -48.16 9.40
CA ILE C 6 17.69 -47.56 8.28
C ILE C 6 18.20 -48.14 6.98
N GLU C 7 17.31 -48.75 6.20
CA GLU C 7 17.68 -49.42 4.95
C GLU C 7 16.85 -48.91 3.77
N THR C 8 17.44 -48.88 2.59
CA THR C 8 16.70 -48.58 1.37
C THR C 8 16.85 -49.66 0.31
N SER C 9 15.87 -49.67 -0.60
CA SER C 9 15.85 -50.53 -1.77
C SER C 9 15.07 -49.82 -2.87
N ARG C 10 14.84 -50.49 -3.99
CA ARG C 10 14.05 -49.89 -5.07
C ARG C 10 13.00 -50.85 -5.61
N ILE C 11 11.93 -50.27 -6.13
CA ILE C 11 10.97 -51.01 -6.93
C ILE C 11 10.81 -50.33 -8.29
N ALA C 12 10.26 -51.08 -9.23
CA ALA C 12 10.08 -50.61 -10.60
C ALA C 12 8.94 -51.43 -11.18
N VAL C 13 7.78 -50.81 -11.33
CA VAL C 13 6.54 -51.52 -11.63
C VAL C 13 5.80 -50.84 -12.78
N PRO C 14 5.74 -51.49 -13.95
CA PRO C 14 5.12 -50.88 -15.13
C PRO C 14 3.72 -50.30 -14.88
N LEU C 15 3.39 -49.22 -15.58
CA LEU C 15 2.01 -48.75 -15.63
C LEU C 15 1.24 -49.55 -16.68
N THR C 16 0.02 -49.95 -16.31
CA THR C 16 -0.97 -50.52 -17.23
C THR C 16 -1.08 -49.66 -18.49
N LYS C 17 -1.43 -48.40 -18.26
CA LYS C 17 -1.62 -47.41 -19.31
C LYS C 17 -0.76 -46.19 -18.91
N PRO C 18 -0.08 -45.55 -19.86
CA PRO C 18 0.80 -44.43 -19.54
C PRO C 18 0.07 -43.26 -18.90
N PHE C 19 0.66 -42.73 -17.84
CA PHE C 19 0.17 -41.56 -17.13
C PHE C 19 0.76 -40.34 -17.81
N LYS C 20 -0.10 -39.40 -18.16
CA LYS C 20 0.29 -38.22 -18.94
C LYS C 20 -0.37 -36.99 -18.34
N THR C 21 0.48 -35.97 -18.12
CA THR C 21 0.09 -34.63 -17.70
C THR C 21 0.89 -33.62 -18.57
N ALA C 22 0.68 -32.32 -18.36
CA ALA C 22 1.37 -31.27 -19.12
C ALA C 22 2.86 -31.18 -18.78
N LEU C 23 3.25 -31.71 -17.63
CA LEU C 23 4.67 -31.70 -17.22
C LEU C 23 5.43 -32.92 -17.74
N ARG C 24 4.87 -34.12 -17.58
CA ARG C 24 5.62 -35.34 -17.85
C ARG C 24 4.76 -36.46 -18.42
N THR C 25 5.42 -37.46 -18.98
CA THR C 25 4.80 -38.75 -19.29
C THR C 25 5.52 -39.82 -18.46
N VAL C 26 4.76 -40.72 -17.82
CA VAL C 26 5.35 -41.82 -17.04
C VAL C 26 4.91 -43.18 -17.55
N TYR C 27 5.88 -44.00 -17.97
CA TYR C 27 5.62 -45.38 -18.41
C TYR C 27 5.81 -46.43 -17.32
N THR C 28 6.70 -46.19 -16.36
CA THR C 28 6.92 -47.13 -15.25
C THR C 28 7.17 -46.42 -13.90
N ALA C 29 6.52 -46.92 -12.84
CA ALA C 29 6.63 -46.38 -11.49
C ALA C 29 7.90 -46.86 -10.79
N GLU C 30 8.81 -45.94 -10.54
CA GLU C 30 10.04 -46.22 -9.84
C GLU C 30 9.93 -45.60 -8.45
N SER C 31 10.61 -46.19 -7.48
CA SER C 31 10.55 -45.67 -6.11
C SER C 31 11.60 -46.26 -5.19
N VAL C 32 11.98 -45.46 -4.20
CA VAL C 32 12.85 -45.88 -3.13
C VAL C 32 11.96 -46.25 -1.93
N ILE C 33 12.21 -47.43 -1.36
CA ILE C 33 11.51 -47.88 -0.16
C ILE C 33 12.46 -47.82 1.04
N VAL C 34 12.11 -46.99 2.03
CA VAL C 34 12.88 -46.86 3.26
C VAL C 34 12.28 -47.80 4.27
N ARG C 35 13.17 -48.42 5.06
CA ARG C 35 12.77 -49.28 6.17
C ARG C 35 13.53 -48.88 7.43
N ILE C 36 12.84 -48.30 8.40
CA ILE C 36 13.41 -48.01 9.72
C ILE C 36 13.07 -49.15 10.69
N THR C 37 14.11 -49.79 11.24
CA THR C 37 13.93 -50.79 12.29
C THR C 37 14.14 -50.13 13.65
N TYR C 38 13.22 -50.39 14.59
CA TYR C 38 13.30 -49.84 15.94
C TYR C 38 13.74 -50.93 16.93
N ASP C 39 14.05 -50.54 18.16
CA ASP C 39 14.65 -51.45 19.15
C ASP C 39 13.71 -52.55 19.65
N SER C 40 12.40 -52.35 19.49
CA SER C 40 11.41 -53.37 19.80
C SER C 40 11.30 -54.44 18.70
N GLY C 41 12.01 -54.24 17.58
CA GLY C 41 11.91 -55.12 16.43
C GLY C 41 10.86 -54.70 15.40
N ALA C 42 10.06 -53.69 15.76
CA ALA C 42 9.04 -53.12 14.86
C ALA C 42 9.71 -52.37 13.71
N VAL C 43 9.04 -52.35 12.56
CA VAL C 43 9.57 -51.69 11.38
C VAL C 43 8.58 -50.65 10.89
N GLY C 44 9.12 -49.50 10.50
CA GLY C 44 8.35 -48.44 9.90
C GLY C 44 8.75 -48.29 8.44
N TRP C 45 7.78 -47.98 7.59
CA TRP C 45 7.99 -47.95 6.14
C TRP C 45 7.76 -46.57 5.57
N GLY C 46 8.47 -46.28 4.48
CA GLY C 46 8.28 -45.06 3.72
C GLY C 46 8.68 -45.20 2.26
N GLU C 47 8.44 -44.16 1.47
CA GLU C 47 8.62 -44.22 0.02
C GLU C 47 8.89 -42.86 -0.57
N ALA C 48 9.69 -42.85 -1.63
CA ALA C 48 9.84 -41.66 -2.46
C ALA C 48 10.19 -42.03 -3.90
N PRO C 49 9.34 -41.64 -4.85
CA PRO C 49 9.66 -41.82 -6.26
C PRO C 49 10.48 -40.66 -6.74
N PRO C 50 11.17 -40.81 -7.86
CA PRO C 50 11.79 -39.65 -8.52
C PRO C 50 10.74 -38.81 -9.22
N THR C 51 10.84 -37.50 -9.07
CA THR C 51 10.06 -36.56 -9.87
C THR C 51 10.98 -35.42 -10.24
N LEU C 52 11.80 -35.60 -11.25
CA LEU C 52 12.85 -34.64 -11.57
C LEU C 52 12.37 -33.27 -12.06
N VAL C 53 11.20 -33.21 -12.68
CA VAL C 53 10.66 -31.95 -13.19
C VAL C 53 9.76 -31.23 -12.15
N ILE C 54 9.42 -31.91 -11.06
CA ILE C 54 8.61 -31.32 -9.98
C ILE C 54 9.45 -31.01 -8.72
N THR C 55 10.01 -32.04 -8.08
CA THR C 55 10.76 -31.86 -6.83
C THR C 55 12.26 -31.68 -7.04
N GLY C 56 12.74 -32.13 -8.20
CA GLY C 56 14.15 -32.24 -8.47
C GLY C 56 14.81 -33.50 -7.93
N ASP C 57 14.05 -34.35 -7.24
CA ASP C 57 14.61 -35.52 -6.58
C ASP C 57 14.66 -36.72 -7.54
N SER C 58 15.83 -37.36 -7.54
CA SER C 58 16.08 -38.58 -8.29
C SER C 58 16.30 -39.73 -7.31
N MET C 59 16.32 -40.94 -7.83
CA MET C 59 16.52 -42.08 -6.95
C MET C 59 17.90 -42.05 -6.30
N ASP C 60 18.91 -41.65 -7.04
CA ASP C 60 20.27 -41.51 -6.49
C ASP C 60 20.37 -40.40 -5.43
N SER C 61 19.64 -39.32 -5.62
CA SER C 61 19.73 -38.18 -4.70
C SER C 61 19.04 -38.53 -3.38
N ILE C 62 17.93 -39.25 -3.47
CA ILE C 62 17.13 -39.67 -2.32
C ILE C 62 17.89 -40.67 -1.45
N GLU C 63 18.31 -41.78 -2.06
CA GLU C 63 19.07 -42.82 -1.38
C GLU C 63 20.32 -42.28 -0.72
N SER C 64 21.00 -41.37 -1.40
CA SER C 64 22.23 -40.78 -0.86
C SER C 64 21.96 -39.83 0.29
N ALA C 65 20.88 -39.05 0.22
CA ALA C 65 20.48 -38.16 1.30
C ALA C 65 20.14 -38.98 2.54
N ILE C 66 19.55 -40.16 2.36
CA ILE C 66 19.13 -40.95 3.51
C ILE C 66 20.36 -41.53 4.22
N HIS C 67 21.19 -42.25 3.47
CA HIS C 67 22.36 -42.92 4.04
C HIS C 67 23.46 -41.96 4.52
N HIS C 68 23.76 -40.94 3.73
CA HIS C 68 24.86 -40.03 4.08
C HIS C 68 24.49 -38.95 5.09
N VAL C 69 23.23 -38.54 5.16
CA VAL C 69 22.83 -37.38 5.97
C VAL C 69 21.84 -37.65 7.09
N LEU C 70 20.73 -38.30 6.75
CA LEU C 70 19.65 -38.49 7.72
C LEU C 70 19.90 -39.68 8.63
N LYS C 71 20.46 -40.76 8.09
CA LYS C 71 20.68 -41.99 8.87
C LYS C 71 21.62 -41.80 10.07
N PRO C 72 22.78 -41.17 9.88
CA PRO C 72 23.74 -41.01 10.99
C PRO C 72 23.33 -40.03 12.07
N ALA C 73 22.26 -39.26 11.86
CA ALA C 73 21.74 -38.37 12.89
C ALA C 73 20.45 -38.94 13.51
N LEU C 74 19.86 -39.93 12.86
CA LEU C 74 18.68 -40.61 13.38
C LEU C 74 19.06 -41.82 14.23
N LEU C 75 20.17 -42.49 13.93
CA LEU C 75 20.53 -43.72 14.65
C LEU C 75 20.71 -43.41 16.11
N GLY C 76 20.06 -44.22 16.97
CA GLY C 76 20.15 -44.06 18.41
C GLY C 76 19.16 -43.07 19.03
N LYS C 77 18.18 -42.61 18.25
CA LYS C 77 17.25 -41.57 18.70
C LYS C 77 15.92 -42.19 19.09
N SER C 78 15.26 -41.62 20.11
CA SER C 78 13.97 -42.11 20.58
C SER C 78 12.82 -41.32 19.95
N LEU C 79 11.70 -42.00 19.70
CA LEU C 79 10.48 -41.38 19.22
C LEU C 79 9.78 -40.57 20.32
N ALA C 80 10.28 -40.69 21.55
CA ALA C 80 9.91 -39.80 22.65
C ALA C 80 10.38 -38.37 22.40
N GLY C 81 11.49 -38.20 21.67
CA GLY C 81 11.97 -36.89 21.28
C GLY C 81 11.83 -36.65 19.79
N TYR C 82 10.66 -36.95 19.23
CA TYR C 82 10.53 -36.94 17.78
C TYR C 82 10.58 -35.55 17.11
N GLU C 83 10.47 -34.47 17.88
CA GLU C 83 10.54 -33.11 17.35
C GLU C 83 11.98 -32.71 16.98
N ALA C 84 12.96 -33.11 17.79
CA ALA C 84 14.38 -32.92 17.43
C ALA C 84 14.70 -33.73 16.17
N ILE C 85 14.07 -34.90 16.05
CA ILE C 85 14.29 -35.76 14.90
C ILE C 85 13.77 -35.08 13.64
N LEU C 86 12.53 -34.62 13.71
CA LEU C 86 11.89 -33.90 12.60
C LEU C 86 12.67 -32.65 12.22
N HIS C 87 13.23 -31.94 13.20
CA HIS C 87 13.98 -30.73 12.91
C HIS C 87 15.29 -31.09 12.20
N ASP C 88 15.94 -32.16 12.63
CA ASP C 88 17.11 -32.69 11.95
C ASP C 88 16.73 -33.11 10.53
N ILE C 89 15.64 -33.84 10.37
CA ILE C 89 15.23 -34.27 9.02
C ILE C 89 15.15 -33.06 8.07
N GLN C 90 14.59 -31.94 8.54
CA GLN C 90 14.30 -30.81 7.67
C GLN C 90 15.47 -29.87 7.51
N HIS C 91 16.36 -29.80 8.50
CA HIS C 91 17.37 -28.76 8.48
C HIS C 91 18.81 -29.23 8.27
N LEU C 92 19.04 -30.54 8.30
CA LEU C 92 20.38 -31.10 8.05
C LEU C 92 20.76 -31.00 6.60
N LEU C 93 19.75 -30.84 5.75
CA LEU C 93 19.97 -30.59 4.34
C LEU C 93 18.83 -29.78 3.78
N THR C 94 19.19 -28.83 2.92
CA THR C 94 18.21 -28.07 2.19
C THR C 94 17.72 -28.87 0.95
N GLY C 95 16.46 -28.65 0.58
CA GLY C 95 15.83 -29.38 -0.49
C GLY C 95 15.66 -30.82 -0.10
N ASN C 96 15.75 -31.72 -1.08
CA ASN C 96 15.66 -33.16 -0.87
C ASN C 96 14.36 -33.56 -0.17
N MET C 97 13.28 -32.89 -0.56
CA MET C 97 12.00 -32.97 0.14
C MET C 97 11.38 -34.35 0.02
N SER C 98 11.69 -35.06 -1.06
CA SER C 98 11.21 -36.42 -1.25
C SER C 98 11.96 -37.38 -0.34
N ALA C 99 13.26 -37.14 -0.17
CA ALA C 99 14.05 -37.92 0.80
C ALA C 99 13.60 -37.66 2.24
N LYS C 100 13.29 -36.40 2.56
CA LYS C 100 12.83 -36.04 3.90
C LYS C 100 11.49 -36.70 4.16
N ALA C 101 10.67 -36.79 3.13
CA ALA C 101 9.31 -37.32 3.27
C ALA C 101 9.27 -38.82 3.51
N ALA C 102 10.16 -39.54 2.84
CA ALA C 102 10.13 -41.00 2.89
C ALA C 102 10.53 -41.44 4.29
N VAL C 103 11.58 -40.82 4.81
CA VAL C 103 12.01 -41.05 6.19
C VAL C 103 10.93 -40.65 7.19
N GLU C 104 10.27 -39.52 6.96
CA GLU C 104 9.22 -39.04 7.85
C GLU C 104 8.03 -40.03 7.89
N MET C 105 7.74 -40.67 6.76
CA MET C 105 6.68 -41.66 6.72
C MET C 105 6.99 -42.82 7.66
N ALA C 106 8.25 -43.27 7.66
CA ALA C 106 8.68 -44.40 8.49
C ALA C 106 8.81 -44.01 9.96
N LEU C 107 9.10 -42.75 10.22
CA LEU C 107 9.18 -42.23 11.59
C LEU C 107 7.79 -42.19 12.23
N TYR C 108 6.83 -41.70 11.47
CA TYR C 108 5.46 -41.55 11.95
C TYR C 108 4.81 -42.92 12.11
N ASP C 109 5.19 -43.83 11.22
CA ASP C 109 4.77 -45.21 11.30
C ASP C 109 5.21 -45.78 12.63
N GLY C 110 6.51 -45.64 12.93
CA GLY C 110 7.08 -46.14 14.16
C GLY C 110 6.51 -45.46 15.41
N TRP C 111 6.20 -44.17 15.31
CA TRP C 111 5.69 -43.40 16.44
C TRP C 111 4.27 -43.83 16.79
N ALA C 112 3.45 -44.12 15.78
CA ALA C 112 2.10 -44.59 16.01
C ALA C 112 2.08 -46.04 16.52
N GLN C 113 2.99 -46.86 16.00
CA GLN C 113 3.21 -48.24 16.46
C GLN C 113 3.48 -48.26 17.94
N MET C 114 4.39 -47.40 18.37
CA MET C 114 4.68 -47.18 19.79
C MET C 114 3.41 -46.91 20.61
N CYS C 115 2.59 -45.97 20.15
CA CYS C 115 1.41 -45.54 20.89
C CYS C 115 0.25 -46.54 20.81
N GLY C 116 0.40 -47.54 19.95
CA GLY C 116 -0.57 -48.62 19.83
C GLY C 116 -1.86 -48.28 19.12
N LEU C 117 -1.82 -47.35 18.18
CA LEU C 117 -3.01 -47.00 17.38
C LEU C 117 -2.61 -46.76 15.93
N PRO C 118 -3.56 -46.92 15.01
CA PRO C 118 -3.37 -46.54 13.61
C PRO C 118 -2.88 -45.11 13.52
N LEU C 119 -1.98 -44.81 12.58
CA LEU C 119 -1.45 -43.45 12.44
C LEU C 119 -2.57 -42.42 12.33
N TYR C 120 -3.59 -42.71 11.52
CA TYR C 120 -4.64 -41.72 11.27
C TYR C 120 -5.41 -41.34 12.54
N GLN C 121 -5.46 -42.24 13.52
CA GLN C 121 -6.08 -41.92 14.81
C GLN C 121 -5.16 -41.12 15.73
N MET C 122 -3.86 -41.40 15.67
CA MET C 122 -2.87 -40.63 16.40
C MET C 122 -2.82 -39.18 15.92
N LEU C 123 -3.16 -38.95 14.65
CA LEU C 123 -3.09 -37.62 14.05
C LEU C 123 -4.44 -36.89 14.09
N GLY C 124 -5.48 -37.51 14.67
CA GLY C 124 -6.79 -36.87 14.78
C GLY C 124 -7.99 -37.80 14.64
N GLY C 125 -7.91 -38.73 13.69
CA GLY C 125 -8.90 -39.77 13.53
C GLY C 125 -10.25 -39.34 13.00
N TYR C 126 -10.29 -38.29 12.15
CA TYR C 126 -11.57 -37.67 11.75
C TYR C 126 -12.52 -38.55 10.92
N ARG C 127 -12.01 -39.39 10.03
CA ARG C 127 -12.85 -40.31 9.26
C ARG C 127 -12.18 -41.67 9.07
N ASP C 128 -12.99 -42.72 8.94
CA ASP C 128 -12.48 -44.10 8.74
C ASP C 128 -12.34 -44.48 7.27
N THR C 129 -13.07 -43.76 6.40
CA THR C 129 -13.09 -43.99 4.96
C THR C 129 -13.08 -42.68 4.18
N LEU C 130 -12.77 -42.76 2.90
CA LEU C 130 -12.65 -41.58 2.05
C LEU C 130 -12.77 -41.93 0.58
N GLU C 131 -13.26 -40.98 -0.23
CA GLU C 131 -13.46 -41.19 -1.64
C GLU C 131 -12.30 -40.62 -2.49
N THR C 132 -11.58 -41.49 -3.16
CA THR C 132 -10.56 -41.04 -4.09
C THR C 132 -11.14 -40.83 -5.49
N ASP C 133 -10.57 -39.88 -6.20
CA ASP C 133 -10.88 -39.65 -7.60
C ASP C 133 -10.04 -40.63 -8.45
N TYR C 134 -10.18 -40.54 -9.76
CA TYR C 134 -9.31 -41.26 -10.69
C TYR C 134 -8.93 -40.32 -11.80
N THR C 135 -7.66 -40.31 -12.17
CA THR C 135 -7.12 -39.34 -13.12
C THR C 135 -7.28 -39.85 -14.55
N VAL C 136 -7.89 -39.02 -15.40
CA VAL C 136 -7.91 -39.25 -16.82
C VAL C 136 -6.72 -38.51 -17.41
N SER C 137 -5.74 -39.27 -17.91
CA SER C 137 -4.54 -38.71 -18.53
C SER C 137 -4.81 -37.94 -19.83
N VAL C 138 -3.94 -36.97 -20.15
CA VAL C 138 -4.06 -36.16 -21.37
C VAL C 138 -3.81 -37.01 -22.61
N ASN C 139 -4.90 -37.24 -23.34
CA ASN C 139 -4.84 -37.80 -24.69
C ASN C 139 -5.88 -37.05 -25.53
N SER C 140 -6.17 -37.59 -26.72
CA SER C 140 -7.21 -37.03 -27.57
C SER C 140 -8.56 -37.05 -26.86
N PRO C 141 -9.50 -36.22 -27.30
CA PRO C 141 -10.86 -36.23 -26.76
C PRO C 141 -11.54 -37.59 -26.67
N GLU C 142 -11.39 -38.43 -27.70
CA GLU C 142 -12.08 -39.73 -27.70
C GLU C 142 -11.45 -40.69 -26.69
N GLU C 143 -10.13 -40.71 -26.61
CA GLU C 143 -9.43 -41.59 -25.65
C GLU C 143 -9.75 -41.20 -24.21
N MET C 144 -9.85 -39.90 -23.96
CA MET C 144 -10.10 -39.39 -22.61
C MET C 144 -11.50 -39.72 -22.19
N ALA C 145 -12.42 -39.69 -23.15
CA ALA C 145 -13.83 -40.02 -22.90
C ALA C 145 -14.01 -41.50 -22.65
N ALA C 146 -13.22 -42.31 -23.36
CA ALA C 146 -13.30 -43.77 -23.25
C ALA C 146 -12.74 -44.19 -21.90
N ASP C 147 -11.56 -43.68 -21.56
CA ASP C 147 -10.99 -43.84 -20.23
C ASP C 147 -11.99 -43.47 -19.14
N ALA C 148 -12.63 -42.31 -19.29
CA ALA C 148 -13.53 -41.77 -18.28
C ALA C 148 -14.72 -42.68 -18.08
N GLU C 149 -15.23 -43.24 -19.18
CA GLU C 149 -16.39 -44.13 -19.15
C GLU C 149 -16.04 -45.42 -18.41
N ASN C 150 -14.83 -45.92 -18.64
CA ASN C 150 -14.33 -47.13 -18.00
C ASN C 150 -14.01 -46.89 -16.51
N TYR C 151 -13.50 -45.71 -16.17
CA TYR C 151 -13.27 -45.41 -14.77
C TYR C 151 -14.59 -45.33 -14.04
N LEU C 152 -15.64 -44.83 -14.70
CA LEU C 152 -16.98 -44.81 -14.10
C LEU C 152 -17.53 -46.21 -13.85
N LYS C 153 -17.33 -47.12 -14.81
CA LYS C 153 -17.74 -48.52 -14.69
C LYS C 153 -17.07 -49.23 -13.52
N GLN C 154 -15.80 -48.90 -13.26
CA GLN C 154 -15.05 -49.45 -12.13
C GLN C 154 -15.42 -48.83 -10.78
N GLY C 155 -16.30 -47.82 -10.80
CA GLY C 155 -16.90 -47.25 -9.61
C GLY C 155 -16.45 -45.85 -9.21
N PHE C 156 -15.85 -45.11 -10.13
CA PHE C 156 -15.26 -43.81 -9.82
C PHE C 156 -16.12 -42.70 -10.39
N GLN C 157 -16.89 -42.06 -9.51
CA GLN C 157 -17.79 -40.99 -9.91
C GLN C 157 -17.14 -39.61 -9.91
N THR C 158 -15.88 -39.52 -9.46
CA THR C 158 -15.14 -38.27 -9.46
C THR C 158 -13.87 -38.45 -10.28
N LEU C 159 -13.78 -37.74 -11.41
CA LEU C 159 -12.66 -37.88 -12.32
C LEU C 159 -11.82 -36.59 -12.34
N LYS C 160 -10.50 -36.78 -12.42
CA LYS C 160 -9.53 -35.70 -12.43
C LYS C 160 -8.95 -35.61 -13.85
N ILE C 161 -9.31 -34.54 -14.57
CA ILE C 161 -8.98 -34.40 -15.98
C ILE C 161 -7.71 -33.58 -16.17
N LYS C 162 -6.70 -34.22 -16.74
CA LYS C 162 -5.44 -33.54 -17.00
C LYS C 162 -5.55 -32.74 -18.31
N VAL C 163 -5.49 -31.41 -18.17
CA VAL C 163 -5.50 -30.48 -19.31
C VAL C 163 -4.18 -29.71 -19.29
N GLY C 164 -4.04 -28.73 -20.19
CA GLY C 164 -2.94 -27.79 -20.15
C GLY C 164 -1.68 -28.15 -20.93
N LYS C 165 -1.70 -29.24 -21.69
CA LYS C 165 -0.49 -29.74 -22.36
C LYS C 165 -0.18 -29.02 -23.67
N ASP C 166 -1.22 -28.69 -24.42
CA ASP C 166 -1.05 -28.14 -25.77
C ASP C 166 -1.77 -26.80 -25.90
N ASP C 167 -2.90 -26.74 -26.60
CA ASP C 167 -3.64 -25.48 -26.73
C ASP C 167 -4.99 -25.58 -26.07
N ILE C 168 -5.48 -24.44 -25.61
CA ILE C 168 -6.67 -24.36 -24.75
C ILE C 168 -7.96 -24.82 -25.44
N ALA C 169 -8.10 -24.53 -26.72
CA ALA C 169 -9.30 -24.94 -27.47
C ALA C 169 -9.46 -26.46 -27.47
N THR C 170 -8.35 -27.19 -27.59
CA THR C 170 -8.40 -28.65 -27.53
C THR C 170 -8.83 -29.11 -26.14
N ASP C 171 -8.38 -28.42 -25.10
CA ASP C 171 -8.80 -28.74 -23.74
C ASP C 171 -10.32 -28.68 -23.58
N ILE C 172 -10.96 -27.62 -24.07
CA ILE C 172 -12.42 -27.52 -23.96
C ILE C 172 -13.11 -28.63 -24.73
N ALA C 173 -12.59 -28.99 -25.90
CA ALA C 173 -13.11 -30.13 -26.66
C ALA C 173 -13.01 -31.46 -25.89
N ARG C 174 -11.95 -31.64 -25.10
CA ARG C 174 -11.80 -32.86 -24.28
C ARG C 174 -12.90 -32.97 -23.22
N ILE C 175 -13.05 -31.90 -22.43
CA ILE C 175 -14.05 -31.86 -21.37
C ILE C 175 -15.41 -32.13 -21.99
N GLN C 176 -15.64 -31.52 -23.15
CA GLN C 176 -16.91 -31.64 -23.88
C GLN C 176 -17.21 -33.10 -24.30
N GLU C 177 -16.21 -33.79 -24.85
CA GLU C 177 -16.38 -35.20 -25.18
C GLU C 177 -16.61 -36.06 -23.92
N ILE C 178 -15.88 -35.77 -22.84
CA ILE C 178 -16.04 -36.49 -21.57
C ILE C 178 -17.46 -36.31 -21.01
N ARG C 179 -17.97 -35.07 -21.07
CA ARG C 179 -19.30 -34.75 -20.55
C ARG C 179 -20.40 -35.42 -21.37
N LYS C 180 -20.30 -35.31 -22.69
CA LYS C 180 -21.28 -35.91 -23.60
C LYS C 180 -21.35 -37.43 -23.43
N ARG C 181 -20.23 -38.03 -23.02
CA ARG C 181 -20.07 -39.47 -22.94
C ARG C 181 -20.42 -40.05 -21.56
N VAL C 182 -20.11 -39.32 -20.51
CA VAL C 182 -20.26 -39.82 -19.14
C VAL C 182 -21.50 -39.27 -18.42
N GLY C 183 -22.12 -38.24 -18.99
CA GLY C 183 -23.29 -37.61 -18.40
C GLY C 183 -22.93 -36.56 -17.36
N SER C 184 -23.90 -35.73 -17.03
CA SER C 184 -23.65 -34.56 -16.16
C SER C 184 -23.67 -34.87 -14.66
N ALA C 185 -23.78 -36.14 -14.28
CA ALA C 185 -23.85 -36.53 -12.88
C ALA C 185 -22.49 -36.60 -12.19
N VAL C 186 -21.45 -37.00 -12.91
CA VAL C 186 -20.12 -37.18 -12.31
C VAL C 186 -19.49 -35.81 -11.99
N LYS C 187 -18.62 -35.80 -10.97
CA LYS C 187 -17.87 -34.62 -10.61
C LYS C 187 -16.62 -34.57 -11.46
N LEU C 188 -16.35 -33.41 -12.06
CA LEU C 188 -15.16 -33.24 -12.89
C LEU C 188 -14.16 -32.24 -12.29
N ARG C 189 -13.08 -32.78 -11.74
CA ARG C 189 -11.90 -32.04 -11.30
C ARG C 189 -10.96 -31.80 -12.47
N LEU C 190 -10.51 -30.57 -12.72
CA LEU C 190 -9.44 -30.30 -13.71
C LEU C 190 -8.08 -30.03 -13.07
N ASP C 191 -7.02 -30.36 -13.80
CA ASP C 191 -5.65 -30.08 -13.39
C ASP C 191 -4.85 -29.67 -14.62
N ALA C 192 -4.49 -28.40 -14.70
CA ALA C 192 -3.74 -27.88 -15.84
C ALA C 192 -2.23 -28.00 -15.70
N ASN C 193 -1.75 -28.36 -14.51
CA ASN C 193 -0.33 -28.55 -14.28
C ASN C 193 0.51 -27.42 -14.89
N GLN C 194 0.13 -26.18 -14.58
CA GLN C 194 0.89 -24.95 -14.89
C GLN C 194 0.83 -24.53 -16.35
N GLY C 195 -0.11 -25.10 -17.09
CA GLY C 195 -0.08 -25.03 -18.55
C GLY C 195 -0.60 -23.76 -19.20
N TRP C 196 -1.39 -22.98 -18.46
CA TRP C 196 -2.08 -21.81 -18.99
C TRP C 196 -1.47 -20.51 -18.47
N ARG C 197 -1.51 -19.48 -19.31
CA ARG C 197 -1.25 -18.10 -18.89
C ARG C 197 -2.46 -17.62 -18.09
N PRO C 198 -2.29 -16.63 -17.21
CA PRO C 198 -3.40 -16.08 -16.42
C PRO C 198 -4.63 -15.64 -17.23
N LYS C 199 -4.47 -14.74 -18.18
CA LYS C 199 -5.65 -14.28 -18.94
C LYS C 199 -6.27 -15.39 -19.80
N GLU C 200 -5.43 -16.17 -20.49
CA GLU C 200 -5.89 -17.34 -21.27
C GLU C 200 -6.69 -18.35 -20.40
N ALA C 201 -6.27 -18.54 -19.14
CA ALA C 201 -6.95 -19.46 -18.23
C ALA C 201 -8.34 -18.93 -17.84
N VAL C 202 -8.44 -17.63 -17.53
CA VAL C 202 -9.72 -16.99 -17.13
C VAL C 202 -10.82 -17.18 -18.20
N THR C 203 -10.48 -16.80 -19.41
CA THR C 203 -11.39 -16.87 -20.55
C THR C 203 -11.81 -18.31 -20.84
N ALA C 204 -10.88 -19.24 -20.64
CA ALA C 204 -11.15 -20.64 -20.91
C ALA C 204 -12.06 -21.26 -19.83
N ILE C 205 -11.90 -20.84 -18.57
CA ILE C 205 -12.68 -21.41 -17.47
C ILE C 205 -14.10 -20.89 -17.54
N ARG C 206 -14.29 -19.61 -17.81
CA ARG C 206 -15.63 -19.07 -18.03
C ARG C 206 -16.33 -19.70 -19.25
N LYS C 207 -15.56 -20.07 -20.27
CA LYS C 207 -16.14 -20.72 -21.44
C LYS C 207 -16.74 -22.06 -21.06
N MET C 208 -16.04 -22.79 -20.19
CA MET C 208 -16.53 -24.06 -19.64
C MET C 208 -17.74 -23.90 -18.72
N GLU C 209 -17.72 -22.87 -17.86
CA GLU C 209 -18.87 -22.52 -16.98
C GLU C 209 -20.12 -22.22 -17.78
N ASP C 210 -19.97 -21.32 -18.74
CA ASP C 210 -21.02 -20.92 -19.68
C ASP C 210 -21.61 -22.13 -20.42
N ALA C 211 -20.76 -23.07 -20.81
CA ALA C 211 -21.20 -24.26 -21.54
C ALA C 211 -21.75 -25.34 -20.63
N GLY C 212 -21.89 -25.05 -19.33
CA GLY C 212 -22.51 -25.96 -18.40
C GLY C 212 -21.71 -27.22 -18.13
N LEU C 213 -20.39 -27.13 -18.27
CA LEU C 213 -19.55 -28.32 -18.12
C LEU C 213 -19.34 -28.73 -16.67
N GLY C 214 -19.86 -27.96 -15.71
CA GLY C 214 -19.93 -28.41 -14.33
C GLY C 214 -18.61 -28.84 -13.72
N ILE C 215 -17.66 -27.91 -13.75
CA ILE C 215 -16.31 -28.13 -13.24
C ILE C 215 -16.31 -27.88 -11.73
N GLU C 216 -15.80 -28.86 -10.97
CA GLU C 216 -15.70 -28.74 -9.51
C GLU C 216 -14.65 -27.72 -9.06
N LEU C 217 -13.46 -27.82 -9.67
CA LEU C 217 -12.32 -26.95 -9.37
C LEU C 217 -11.29 -27.07 -10.48
N VAL C 218 -10.34 -26.15 -10.51
CA VAL C 218 -9.22 -26.21 -11.45
C VAL C 218 -7.96 -26.11 -10.61
N GLU C 219 -7.07 -27.10 -10.76
CA GLU C 219 -5.81 -27.20 -10.04
C GLU C 219 -4.74 -26.41 -10.79
N GLN C 220 -3.94 -25.65 -10.06
CA GLN C 220 -2.80 -24.92 -10.60
C GLN C 220 -2.89 -24.63 -12.10
N PRO C 221 -3.76 -23.69 -12.49
CA PRO C 221 -3.90 -23.32 -13.91
C PRO C 221 -2.63 -22.67 -14.50
N VAL C 222 -1.84 -22.03 -13.65
CA VAL C 222 -0.70 -21.23 -14.12
C VAL C 222 0.60 -21.67 -13.49
N HIS C 223 1.70 -21.07 -13.95
CA HIS C 223 3.03 -21.44 -13.52
C HIS C 223 3.13 -21.25 -12.02
N LYS C 224 3.88 -22.14 -11.38
CA LYS C 224 4.03 -22.18 -9.92
C LYS C 224 4.43 -20.84 -9.28
N ASP C 225 5.36 -20.13 -9.92
CA ASP C 225 6.00 -18.93 -9.39
C ASP C 225 5.16 -17.68 -9.55
N ASP C 226 4.13 -17.75 -10.40
CA ASP C 226 3.30 -16.58 -10.73
C ASP C 226 2.06 -16.60 -9.82
N LEU C 227 2.27 -16.30 -8.54
CA LEU C 227 1.19 -16.26 -7.54
C LEU C 227 0.14 -15.19 -7.82
N ALA C 228 0.59 -14.06 -8.34
CA ALA C 228 -0.32 -12.97 -8.67
C ALA C 228 -1.21 -13.35 -9.85
N GLY C 229 -0.66 -14.10 -10.79
CA GLY C 229 -1.43 -14.65 -11.88
C GLY C 229 -2.42 -15.70 -11.39
N LEU C 230 -1.98 -16.52 -10.44
CA LEU C 230 -2.84 -17.54 -9.86
C LEU C 230 -3.98 -16.83 -9.13
N LYS C 231 -3.66 -15.68 -8.52
CA LYS C 231 -4.63 -14.85 -7.83
C LYS C 231 -5.64 -14.29 -8.82
N LYS C 232 -5.16 -13.86 -9.99
CA LYS C 232 -6.04 -13.29 -11.01
C LYS C 232 -7.11 -14.30 -11.43
N VAL C 233 -6.71 -15.57 -11.65
CA VAL C 233 -7.67 -16.60 -12.06
C VAL C 233 -8.68 -16.91 -10.95
N THR C 234 -8.17 -17.09 -9.74
CA THR C 234 -9.02 -17.23 -8.55
C THR C 234 -10.07 -16.13 -8.44
N ASP C 235 -9.67 -14.89 -8.67
CA ASP C 235 -10.59 -13.78 -8.49
C ASP C 235 -11.56 -13.58 -9.66
N ALA C 236 -11.23 -14.08 -10.84
CA ALA C 236 -11.97 -13.75 -12.07
C ALA C 236 -13.10 -14.71 -12.38
N THR C 237 -12.94 -15.97 -11.96
CA THR C 237 -13.90 -17.03 -12.27
C THR C 237 -14.81 -17.28 -11.10
N ASP C 238 -15.84 -18.10 -11.33
CA ASP C 238 -16.70 -18.63 -10.28
C ASP C 238 -16.20 -20.00 -9.79
N THR C 239 -15.24 -20.58 -10.50
CA THR C 239 -14.77 -21.93 -10.22
C THR C 239 -13.62 -21.93 -9.20
N PRO C 240 -13.73 -22.77 -8.16
CA PRO C 240 -12.64 -22.93 -7.20
C PRO C 240 -11.29 -23.23 -7.85
N ILE C 241 -10.27 -22.48 -7.46
CA ILE C 241 -8.90 -22.69 -7.93
C ILE C 241 -8.08 -23.29 -6.80
N MET C 242 -7.37 -24.37 -7.11
CA MET C 242 -6.54 -25.05 -6.13
C MET C 242 -5.08 -24.88 -6.49
N ALA C 243 -4.28 -24.39 -5.53
CA ALA C 243 -2.81 -24.32 -5.66
C ALA C 243 -2.22 -25.70 -5.45
N ASP C 244 -1.29 -26.10 -6.31
CA ASP C 244 -0.55 -27.34 -6.14
C ASP C 244 0.96 -27.08 -6.17
N GLU C 245 1.55 -26.92 -7.36
CA GLU C 245 3.01 -26.72 -7.49
C GLU C 245 3.47 -25.36 -6.90
N SER C 246 2.52 -24.48 -6.69
CA SER C 246 2.74 -23.24 -5.95
C SER C 246 3.02 -23.45 -4.44
N VAL C 247 2.58 -24.57 -3.86
CA VAL C 247 2.69 -24.79 -2.42
C VAL C 247 3.31 -26.14 -2.04
N PHE C 248 4.60 -26.09 -1.70
CA PHE C 248 5.36 -27.24 -1.20
C PHE C 248 5.36 -27.24 0.32
N THR C 249 5.77 -26.11 0.90
CA THR C 249 6.06 -26.03 2.32
C THR C 249 5.04 -25.21 3.10
N PRO C 250 4.99 -25.35 4.42
CA PRO C 250 4.20 -24.45 5.30
C PRO C 250 4.43 -22.98 5.02
N ARG C 251 5.69 -22.61 4.78
CA ARG C 251 6.01 -21.23 4.46
C ARG C 251 5.39 -20.82 3.12
N GLN C 252 5.46 -21.66 2.11
CA GLN C 252 4.86 -21.29 0.84
C GLN C 252 3.35 -21.19 0.98
N ALA C 253 2.79 -21.97 1.89
CA ALA C 253 1.36 -21.99 2.12
C ALA C 253 0.98 -20.69 2.78
N PHE C 254 1.74 -20.29 3.80
CA PHE C 254 1.52 -18.99 4.41
C PHE C 254 1.39 -17.88 3.35
N GLU C 255 2.25 -17.91 2.33
CA GLU C 255 2.29 -16.83 1.35
C GLU C 255 1.04 -16.86 0.44
N VAL C 256 0.63 -18.05 0.02
CA VAL C 256 -0.59 -18.18 -0.78
C VAL C 256 -1.85 -17.81 0.02
N LEU C 257 -1.85 -18.06 1.32
CA LEU C 257 -3.02 -17.73 2.14
C LEU C 257 -3.08 -16.23 2.45
N GLN C 258 -1.94 -15.62 2.75
CA GLN C 258 -1.84 -14.20 3.04
C GLN C 258 -2.33 -13.37 1.84
N THR C 259 -1.86 -13.73 0.66
CA THR C 259 -2.24 -13.11 -0.60
C THR C 259 -3.63 -13.52 -1.11
N ARG C 260 -4.19 -14.61 -0.57
CA ARG C 260 -5.47 -15.14 -0.99
C ARG C 260 -5.46 -15.45 -2.49
N SER C 261 -4.48 -16.24 -2.91
CA SER C 261 -4.28 -16.50 -4.32
C SER C 261 -4.99 -17.75 -4.77
N ALA C 262 -5.69 -18.40 -3.86
CA ALA C 262 -6.42 -19.62 -4.22
C ALA C 262 -7.42 -20.01 -3.16
N ASP C 263 -8.44 -20.73 -3.59
CA ASP C 263 -9.51 -21.21 -2.73
C ASP C 263 -9.17 -22.50 -2.01
N LEU C 264 -8.19 -23.23 -2.54
CA LEU C 264 -7.87 -24.58 -2.06
C LEU C 264 -6.38 -24.89 -2.20
N ILE C 265 -5.89 -25.82 -1.39
CA ILE C 265 -4.50 -26.26 -1.49
C ILE C 265 -4.43 -27.77 -1.65
N ASN C 266 -3.61 -28.20 -2.60
CA ASN C 266 -3.21 -29.58 -2.78
C ASN C 266 -1.93 -29.84 -1.98
N ILE C 267 -2.04 -30.73 -1.00
CA ILE C 267 -0.91 -31.15 -0.16
C ILE C 267 -0.42 -32.51 -0.62
N LYS C 268 0.89 -32.65 -0.74
CA LYS C 268 1.53 -33.93 -0.97
C LYS C 268 2.69 -34.07 -0.01
N LEU C 269 2.94 -35.29 0.44
CA LEU C 269 4.06 -35.54 1.33
C LEU C 269 5.42 -35.27 0.65
N MET C 270 5.59 -35.70 -0.60
CA MET C 270 6.82 -35.41 -1.32
C MET C 270 7.16 -33.93 -1.30
N LYS C 271 6.17 -33.08 -1.55
CA LYS C 271 6.40 -31.63 -1.56
C LYS C 271 6.75 -31.04 -0.19
N ALA C 272 6.00 -31.43 0.85
CA ALA C 272 6.20 -30.87 2.19
C ALA C 272 7.33 -31.54 2.98
N GLY C 273 8.05 -32.49 2.38
CA GLY C 273 9.09 -33.23 3.09
C GLY C 273 8.59 -34.15 4.19
N GLY C 274 7.32 -34.55 4.10
CA GLY C 274 6.73 -35.48 5.03
C GLY C 274 5.37 -35.03 5.52
N ILE C 275 4.98 -35.57 6.66
CA ILE C 275 3.69 -35.37 7.30
C ILE C 275 3.64 -34.19 8.27
N SER C 276 4.77 -33.87 8.91
CA SER C 276 4.80 -32.77 9.87
C SER C 276 4.51 -31.44 9.15
N GLY C 277 5.22 -31.20 8.03
CA GLY C 277 4.98 -30.03 7.18
C GLY C 277 3.61 -30.07 6.51
N ALA C 278 3.18 -31.24 6.09
CA ALA C 278 1.83 -31.41 5.56
C ALA C 278 0.78 -30.97 6.57
N GLU C 279 0.97 -31.37 7.82
CA GLU C 279 0.03 -31.12 8.93
C GLU C 279 -0.08 -29.64 9.22
N LYS C 280 1.07 -28.98 9.13
CA LYS C 280 1.14 -27.56 9.37
C LYS C 280 0.46 -26.83 8.24
N ILE C 281 0.59 -27.32 7.01
CA ILE C 281 -0.03 -26.63 5.87
C ILE C 281 -1.54 -26.69 6.04
N ASN C 282 -2.08 -27.84 6.43
CA ASN C 282 -3.54 -27.98 6.62
C ASN C 282 -4.08 -27.10 7.74
N ALA C 283 -3.29 -26.95 8.79
CA ALA C 283 -3.70 -26.23 9.99
C ALA C 283 -3.83 -24.72 9.70
N MET C 284 -2.82 -24.13 9.09
CA MET C 284 -2.87 -22.74 8.62
C MET C 284 -4.05 -22.51 7.68
N ALA C 285 -4.27 -23.46 6.77
CA ALA C 285 -5.31 -23.35 5.77
C ALA C 285 -6.71 -23.37 6.42
N GLU C 286 -6.95 -24.29 7.36
CA GLU C 286 -8.22 -24.29 8.11
C GLU C 286 -8.46 -22.94 8.81
N ALA C 287 -7.41 -22.38 9.40
CA ALA C 287 -7.51 -21.07 10.08
C ALA C 287 -7.85 -19.92 9.13
N CYS C 288 -7.64 -20.12 7.84
CA CYS C 288 -7.99 -19.16 6.81
C CYS C 288 -9.25 -19.55 6.01
N GLY C 289 -9.89 -20.66 6.36
CA GLY C 289 -11.12 -21.07 5.70
C GLY C 289 -10.82 -21.70 4.36
N VAL C 290 -9.71 -22.40 4.29
CA VAL C 290 -9.23 -22.92 3.03
C VAL C 290 -9.02 -24.40 3.16
N GLU C 291 -9.93 -25.14 2.53
CA GLU C 291 -9.90 -26.59 2.56
C GLU C 291 -8.74 -27.11 1.72
N CYS C 292 -8.31 -28.34 2.04
CA CYS C 292 -7.20 -28.95 1.36
C CYS C 292 -7.59 -30.28 0.73
N MET C 293 -6.85 -30.64 -0.32
CA MET C 293 -6.86 -31.98 -0.88
C MET C 293 -5.48 -32.58 -0.67
N VAL C 294 -5.42 -33.85 -0.31
CA VAL C 294 -4.14 -34.54 -0.26
C VAL C 294 -4.06 -35.47 -1.45
N GLY C 295 -3.02 -35.28 -2.27
CA GLY C 295 -2.66 -36.18 -3.33
C GLY C 295 -1.35 -36.91 -3.12
N SER C 296 -0.73 -37.30 -4.23
CA SER C 296 0.57 -37.97 -4.23
C SER C 296 1.24 -37.80 -5.59
N MET C 297 2.51 -38.19 -5.66
CA MET C 297 3.15 -38.41 -6.95
C MET C 297 2.76 -39.81 -7.43
N ILE C 298 3.40 -40.28 -8.49
CA ILE C 298 3.21 -41.65 -8.92
C ILE C 298 3.94 -42.47 -7.89
N GLU C 299 3.16 -43.15 -7.06
CA GLU C 299 3.63 -43.84 -5.86
C GLU C 299 2.83 -45.13 -5.67
N THR C 300 3.42 -46.08 -4.98
CA THR C 300 2.73 -47.32 -4.64
C THR C 300 1.77 -47.11 -3.48
N LYS C 301 1.00 -48.14 -3.19
CA LYS C 301 0.12 -48.20 -2.02
C LYS C 301 0.84 -47.77 -0.72
N LEU C 302 2.14 -48.01 -0.59
CA LEU C 302 2.89 -47.57 0.60
C LEU C 302 2.76 -46.06 0.86
N GLY C 303 3.17 -45.24 -0.11
CA GLY C 303 3.13 -43.78 0.01
C GLY C 303 1.72 -43.21 0.05
N ILE C 304 0.81 -43.84 -0.67
CA ILE C 304 -0.60 -43.50 -0.59
C ILE C 304 -1.14 -43.85 0.78
N THR C 305 -0.65 -44.94 1.36
CA THR C 305 -1.10 -45.35 2.68
C THR C 305 -0.75 -44.30 3.75
N ALA C 306 0.49 -43.82 3.72
CA ALA C 306 0.90 -42.76 4.62
C ALA C 306 0.08 -41.51 4.36
N ALA C 307 -0.18 -41.20 3.09
CA ALA C 307 -0.91 -39.98 2.69
C ALA C 307 -2.36 -40.02 3.12
N ALA C 308 -2.96 -41.21 3.03
CA ALA C 308 -4.36 -41.43 3.39
C ALA C 308 -4.57 -41.36 4.88
N HIS C 309 -3.59 -41.82 5.64
CA HIS C 309 -3.65 -41.79 7.10
C HIS C 309 -3.61 -40.35 7.55
N PHE C 310 -2.71 -39.57 6.97
CA PHE C 310 -2.68 -38.14 7.24
C PHE C 310 -3.99 -37.51 6.82
N ALA C 311 -4.49 -37.88 5.64
CA ALA C 311 -5.66 -37.26 5.04
C ALA C 311 -6.91 -37.55 5.83
N ALA C 312 -7.03 -38.79 6.30
CA ALA C 312 -8.19 -39.25 7.06
C ALA C 312 -8.25 -38.59 8.43
N SER C 313 -7.11 -38.14 8.93
CA SER C 313 -7.02 -37.64 10.29
C SER C 313 -7.62 -36.25 10.49
N LYS C 314 -7.59 -35.43 9.44
CA LYS C 314 -7.94 -34.00 9.57
C LYS C 314 -9.25 -33.60 8.88
N ARG C 315 -10.10 -32.87 9.60
CA ARG C 315 -11.41 -32.41 9.13
C ARG C 315 -11.37 -31.50 7.87
N ASN C 316 -10.38 -30.63 7.80
CA ASN C 316 -10.27 -29.66 6.72
C ASN C 316 -9.76 -30.27 5.41
N ILE C 317 -9.29 -31.51 5.46
CA ILE C 317 -8.92 -32.25 4.26
C ILE C 317 -10.15 -32.97 3.76
N THR C 318 -10.77 -32.42 2.71
CA THR C 318 -12.10 -32.82 2.28
C THR C 318 -12.12 -33.48 0.90
N ARG C 319 -10.99 -33.44 0.21
CA ARG C 319 -10.83 -34.10 -1.09
C ARG C 319 -9.60 -34.98 -1.04
N PHE C 320 -9.54 -35.96 -1.94
CA PHE C 320 -8.52 -37.02 -1.92
C PHE C 320 -8.18 -37.52 -3.33
N ASP C 321 -6.88 -37.69 -3.59
CA ASP C 321 -6.38 -37.96 -4.94
C ASP C 321 -5.40 -39.13 -4.80
N PHE C 322 -5.95 -40.32 -4.58
CA PHE C 322 -5.13 -41.48 -4.22
C PHE C 322 -5.22 -42.62 -5.23
N ASP C 323 -5.15 -42.25 -6.50
CA ASP C 323 -5.38 -43.17 -7.60
C ASP C 323 -4.13 -43.82 -8.18
N ALA C 324 -2.97 -43.25 -7.88
CA ALA C 324 -1.68 -43.71 -8.41
C ALA C 324 -1.41 -45.24 -8.35
N PRO C 325 -1.70 -45.92 -7.24
CA PRO C 325 -1.40 -47.36 -7.10
C PRO C 325 -2.30 -48.26 -7.92
N LEU C 326 -3.50 -47.77 -8.23
CA LEU C 326 -4.42 -48.44 -9.15
C LEU C 326 -3.94 -48.40 -10.61
N MET C 327 -3.02 -47.49 -10.92
CA MET C 327 -2.42 -47.37 -12.25
C MET C 327 -1.36 -48.44 -12.50
N LEU C 328 -0.92 -49.13 -11.45
CA LEU C 328 0.22 -50.02 -11.57
C LEU C 328 -0.21 -51.43 -11.95
N LYS C 329 0.66 -52.11 -12.69
CA LYS C 329 0.41 -53.48 -13.13
C LYS C 329 0.30 -54.41 -11.91
N THR C 330 1.15 -54.18 -10.91
CA THR C 330 1.25 -54.99 -9.70
C THR C 330 1.11 -54.15 -8.43
N ASP C 331 0.31 -54.63 -7.47
CA ASP C 331 0.29 -54.09 -6.10
C ASP C 331 1.42 -54.74 -5.30
N VAL C 332 2.54 -54.02 -5.14
CA VAL C 332 3.75 -54.61 -4.54
C VAL C 332 3.84 -54.52 -3.01
N PHE C 333 2.77 -54.08 -2.35
CA PHE C 333 2.73 -54.09 -0.89
C PHE C 333 1.58 -54.89 -0.33
N ASN C 334 1.81 -55.34 0.89
CA ASN C 334 0.93 -56.20 1.63
C ASN C 334 0.38 -55.36 2.78
N GLY C 335 -0.94 -55.21 2.79
CA GLY C 335 -1.62 -54.47 3.84
C GLY C 335 -1.84 -53.01 3.49
N GLY C 336 -1.95 -52.18 4.53
CA GLY C 336 -2.14 -50.75 4.37
C GLY C 336 -3.59 -50.49 4.03
N ILE C 337 -3.86 -49.39 3.33
CA ILE C 337 -5.23 -49.03 2.99
C ILE C 337 -5.82 -50.07 2.03
N THR C 338 -7.15 -50.12 1.95
CA THR C 338 -7.83 -51.01 0.98
C THR C 338 -8.90 -50.25 0.21
N TYR C 339 -9.05 -50.62 -1.07
CA TYR C 339 -10.03 -50.02 -1.95
C TYR C 339 -11.23 -50.94 -2.14
N SER C 340 -12.42 -50.36 -2.16
CA SER C 340 -13.60 -50.99 -2.73
C SER C 340 -14.15 -49.99 -3.76
N GLY C 341 -13.68 -50.12 -5.00
CA GLY C 341 -13.95 -49.13 -6.02
C GLY C 341 -13.23 -47.85 -5.66
N SER C 342 -13.98 -46.75 -5.60
CA SER C 342 -13.44 -45.45 -5.27
C SER C 342 -13.28 -45.24 -3.75
N THR C 343 -13.92 -46.08 -2.94
CA THR C 343 -13.84 -45.98 -1.48
C THR C 343 -12.56 -46.59 -0.90
N ILE C 344 -11.84 -45.81 -0.10
CA ILE C 344 -10.62 -46.24 0.55
C ILE C 344 -10.93 -46.41 2.03
N SER C 345 -10.48 -47.51 2.63
CA SER C 345 -10.71 -47.75 4.06
C SER C 345 -9.39 -47.85 4.79
N MET C 346 -9.37 -47.28 5.99
CA MET C 346 -8.18 -47.26 6.81
C MET C 346 -8.06 -48.60 7.52
N PRO C 347 -6.83 -49.07 7.75
CA PRO C 347 -6.60 -50.30 8.51
C PRO C 347 -6.61 -50.11 10.04
N GLY C 348 -6.79 -51.21 10.77
CA GLY C 348 -6.90 -51.21 12.23
C GLY C 348 -5.60 -51.48 12.97
N LYS C 349 -4.56 -51.94 12.27
CA LYS C 349 -3.26 -52.17 12.89
C LYS C 349 -2.70 -50.85 13.42
N PRO C 350 -1.87 -50.87 14.46
CA PRO C 350 -1.07 -49.68 14.80
C PRO C 350 -0.08 -49.32 13.69
N GLY C 351 0.24 -48.04 13.54
CA GLY C 351 1.11 -47.58 12.46
C GLY C 351 0.37 -47.46 11.14
N LEU C 352 1.06 -47.75 10.05
CA LEU C 352 0.46 -47.61 8.73
C LEU C 352 -0.38 -48.82 8.36
N GLY C 353 -0.06 -49.97 8.94
CA GLY C 353 -0.74 -51.20 8.60
C GLY C 353 -0.06 -51.93 7.48
N ILE C 354 1.20 -51.56 7.19
CA ILE C 354 1.96 -52.18 6.12
C ILE C 354 2.80 -53.34 6.65
N ILE C 355 2.39 -54.54 6.26
CA ILE C 355 3.03 -55.78 6.65
C ILE C 355 4.40 -55.91 6.01
N GLY C 356 4.44 -55.96 4.69
CA GLY C 356 5.71 -56.01 3.99
C GLY C 356 5.57 -56.05 2.50
N ALA C 357 6.56 -56.61 1.81
CA ALA C 357 6.45 -56.81 0.37
C ALA C 357 5.29 -57.76 0.10
N ALA C 358 4.66 -57.61 -1.06
CA ALA C 358 3.48 -58.40 -1.40
C ALA C 358 3.85 -59.83 -1.76
N LEU C 359 2.84 -60.70 -1.77
CA LEU C 359 2.99 -62.05 -2.31
C LEU C 359 3.34 -61.97 -3.79
CA MET D 1 -10.26 -44.62 25.75
C MET D 1 -11.40 -43.60 25.64
N LYS D 2 -12.49 -43.89 26.33
CA LYS D 2 -13.74 -43.14 26.24
C LYS D 2 -13.89 -42.18 27.40
N ILE D 3 -14.55 -41.05 27.18
CA ILE D 3 -14.78 -40.04 28.20
C ILE D 3 -16.10 -40.37 28.90
N ILE D 4 -16.07 -40.60 30.20
CA ILE D 4 -17.28 -41.03 30.89
C ILE D 4 -17.83 -40.05 31.92
N ARG D 5 -17.04 -39.04 32.31
CA ARG D 5 -17.44 -38.11 33.37
C ARG D 5 -16.58 -36.85 33.38
N ILE D 6 -17.20 -35.68 33.46
CA ILE D 6 -16.46 -34.42 33.60
C ILE D 6 -16.90 -33.69 34.88
N GLU D 7 -15.97 -33.53 35.82
CA GLU D 7 -16.20 -32.86 37.10
C GLU D 7 -15.43 -31.53 37.19
N THR D 8 -15.98 -30.56 37.94
CA THR D 8 -15.31 -29.29 38.20
C THR D 8 -15.41 -28.93 39.67
N SER D 9 -14.38 -28.23 40.15
CA SER D 9 -14.35 -27.69 41.50
C SER D 9 -13.58 -26.36 41.52
N ARG D 10 -13.62 -25.66 42.64
CA ARG D 10 -12.88 -24.41 42.76
C ARG D 10 -11.84 -24.49 43.85
N ILE D 11 -10.79 -23.68 43.72
CA ILE D 11 -9.79 -23.48 44.75
C ILE D 11 -9.46 -22.02 44.89
N ALA D 12 -8.95 -21.64 46.05
CA ALA D 12 -8.50 -20.28 46.29
C ALA D 12 -7.26 -20.29 47.16
N VAL D 13 -6.12 -20.11 46.50
CA VAL D 13 -4.83 -20.06 47.18
C VAL D 13 -4.44 -18.60 47.33
N PRO D 14 -4.20 -18.15 48.55
CA PRO D 14 -3.55 -16.85 48.78
C PRO D 14 -2.23 -16.64 48.05
N LEU D 15 -1.99 -15.38 47.66
CA LEU D 15 -0.69 -14.98 47.13
C LEU D 15 0.09 -14.36 48.28
N THR D 16 1.31 -14.86 48.52
CA THR D 16 2.23 -14.34 49.53
C THR D 16 2.24 -12.83 49.53
N LYS D 17 2.36 -12.25 48.34
CA LYS D 17 2.18 -10.82 48.16
C LYS D 17 1.52 -10.55 46.78
N PRO D 18 0.99 -9.35 46.57
CA PRO D 18 0.22 -9.05 45.36
C PRO D 18 1.01 -9.06 44.05
N PHE D 19 0.44 -9.73 43.05
CA PHE D 19 0.84 -9.59 41.66
C PHE D 19 0.17 -8.32 41.12
N LYS D 20 0.96 -7.42 40.55
CA LYS D 20 0.48 -6.13 40.05
C LYS D 20 0.95 -5.91 38.60
N THR D 21 0.00 -5.59 37.72
CA THR D 21 0.27 -5.11 36.36
C THR D 21 -0.54 -3.85 36.04
N ALA D 22 -0.30 -3.29 34.85
CA ALA D 22 -1.09 -2.15 34.36
C ALA D 22 -2.59 -2.46 34.26
N LEU D 23 -2.91 -3.74 34.08
CA LEU D 23 -4.28 -4.18 33.86
C LEU D 23 -5.04 -4.53 35.13
N ARG D 24 -4.34 -5.06 36.14
CA ARG D 24 -5.01 -5.65 37.29
C ARG D 24 -4.07 -5.85 38.48
N THR D 25 -4.66 -6.06 39.65
CA THR D 25 -3.95 -6.50 40.83
C THR D 25 -4.62 -7.78 41.34
N VAL D 26 -3.80 -8.73 41.80
CA VAL D 26 -4.28 -10.05 42.22
C VAL D 26 -3.75 -10.35 43.60
N TYR D 27 -4.68 -10.50 44.54
CA TYR D 27 -4.37 -10.78 45.94
C TYR D 27 -4.48 -12.27 46.24
N THR D 28 -5.44 -12.93 45.58
CA THR D 28 -5.65 -14.37 45.74
C THR D 28 -6.00 -15.06 44.40
N ALA D 29 -5.34 -16.19 44.15
CA ALA D 29 -5.49 -16.95 42.91
C ALA D 29 -6.64 -17.96 42.97
N GLU D 30 -7.75 -17.66 42.32
CA GLU D 30 -8.87 -18.60 42.23
C GLU D 30 -8.84 -19.33 40.88
N SER D 31 -9.37 -20.56 40.86
CA SER D 31 -9.30 -21.40 39.68
C SER D 31 -10.40 -22.44 39.67
N VAL D 32 -11.00 -22.66 38.50
CA VAL D 32 -11.80 -23.86 38.27
C VAL D 32 -10.85 -25.00 37.91
N ILE D 33 -11.08 -26.18 38.50
CA ILE D 33 -10.31 -27.38 38.20
C ILE D 33 -11.19 -28.40 37.55
N VAL D 34 -10.75 -28.90 36.41
CA VAL D 34 -11.45 -29.92 35.65
C VAL D 34 -10.74 -31.25 35.83
N ARG D 35 -11.49 -32.28 36.21
CA ARG D 35 -11.03 -33.66 36.07
C ARG D 35 -11.94 -34.38 35.08
N ILE D 36 -11.36 -35.06 34.10
CA ILE D 36 -12.09 -35.91 33.19
C ILE D 36 -11.75 -37.36 33.51
N THR D 37 -12.77 -38.19 33.68
CA THR D 37 -12.61 -39.58 34.03
C THR D 37 -12.93 -40.41 32.81
N TYR D 38 -12.00 -41.30 32.46
CA TYR D 38 -12.06 -42.10 31.26
C TYR D 38 -12.48 -43.53 31.63
N ASP D 39 -12.95 -44.31 30.66
CA ASP D 39 -13.43 -45.66 30.97
C ASP D 39 -12.36 -46.63 31.48
N SER D 40 -11.09 -46.25 31.36
CA SER D 40 -9.98 -46.98 31.98
C SER D 40 -9.75 -46.67 33.48
N GLY D 41 -10.42 -45.65 34.01
CA GLY D 41 -10.16 -45.17 35.36
C GLY D 41 -9.14 -44.03 35.38
N ALA D 42 -8.52 -43.73 34.24
CA ALA D 42 -7.56 -42.64 34.19
C ALA D 42 -8.29 -41.32 34.42
N VAL D 43 -7.58 -40.37 35.03
CA VAL D 43 -8.13 -39.05 35.21
C VAL D 43 -7.18 -38.01 34.62
N GLY D 44 -7.70 -37.16 33.75
CA GLY D 44 -6.99 -36.01 33.23
C GLY D 44 -7.40 -34.74 33.95
N TRP D 45 -6.48 -33.78 34.00
CA TRP D 45 -6.63 -32.58 34.81
C TRP D 45 -6.54 -31.30 33.97
N GLY D 46 -7.23 -30.26 34.42
CA GLY D 46 -7.28 -28.99 33.74
C GLY D 46 -7.53 -27.87 34.72
N GLU D 47 -7.14 -26.66 34.32
CA GLU D 47 -7.32 -25.48 35.13
C GLU D 47 -7.68 -24.29 34.29
N ALA D 48 -8.65 -23.52 34.75
CA ALA D 48 -8.92 -22.22 34.20
C ALA D 48 -9.28 -21.28 35.35
N PRO D 49 -8.51 -20.21 35.53
CA PRO D 49 -8.86 -19.15 36.48
C PRO D 49 -9.67 -18.08 35.76
N PRO D 50 -10.34 -17.24 36.53
CA PRO D 50 -11.11 -16.17 35.95
C PRO D 50 -10.16 -15.03 35.66
N THR D 51 -10.29 -14.39 34.50
CA THR D 51 -9.48 -13.23 34.15
C THR D 51 -10.38 -12.22 33.49
N LEU D 52 -11.20 -11.58 34.31
CA LEU D 52 -12.25 -10.68 33.82
C LEU D 52 -11.78 -9.58 32.88
N VAL D 53 -10.61 -9.01 33.11
CA VAL D 53 -10.09 -7.92 32.26
C VAL D 53 -9.13 -8.38 31.16
N ILE D 54 -8.86 -9.68 31.07
CA ILE D 54 -8.03 -10.23 29.98
C ILE D 54 -8.88 -11.09 29.03
N THR D 55 -9.46 -12.19 29.52
CA THR D 55 -10.29 -13.05 28.67
C THR D 55 -11.78 -12.76 28.76
N GLY D 56 -12.20 -12.05 29.80
CA GLY D 56 -13.63 -11.90 30.13
C GLY D 56 -14.23 -13.10 30.84
N ASP D 57 -13.43 -14.15 31.02
CA ASP D 57 -13.89 -15.36 31.68
C ASP D 57 -13.96 -15.15 33.19
N SER D 58 -15.05 -15.66 33.78
CA SER D 58 -15.25 -15.72 35.24
C SER D 58 -15.45 -17.19 35.63
N MET D 59 -15.45 -17.49 36.92
CA MET D 59 -15.62 -18.87 37.36
C MET D 59 -16.99 -19.43 37.04
N ASP D 60 -18.04 -18.62 37.22
CA ASP D 60 -19.40 -19.02 36.83
C ASP D 60 -19.49 -19.27 35.34
N SER D 61 -18.80 -18.46 34.52
CA SER D 61 -18.92 -18.59 33.08
C SER D 61 -18.15 -19.78 32.56
N ILE D 62 -17.02 -20.11 33.19
CA ILE D 62 -16.23 -21.27 32.85
C ILE D 62 -17.01 -22.54 33.17
N GLU D 63 -17.47 -22.63 34.41
CA GLU D 63 -18.20 -23.81 34.88
C GLU D 63 -19.46 -24.05 34.04
N SER D 64 -20.24 -23.00 33.86
CA SER D 64 -21.39 -23.04 32.98
C SER D 64 -21.04 -23.59 31.59
N ALA D 65 -20.08 -22.98 30.93
CA ALA D 65 -19.70 -23.40 29.57
C ALA D 65 -19.25 -24.87 29.52
N ILE D 66 -18.50 -25.32 30.51
CA ILE D 66 -18.00 -26.70 30.56
C ILE D 66 -19.15 -27.68 30.69
N HIS D 67 -20.14 -27.34 31.50
CA HIS D 67 -21.20 -28.27 31.86
C HIS D 67 -22.37 -28.24 30.89
N HIS D 68 -22.77 -27.06 30.46
CA HIS D 68 -23.92 -26.92 29.55
C HIS D 68 -23.58 -27.22 28.09
N VAL D 69 -22.36 -26.85 27.68
CA VAL D 69 -22.00 -26.84 26.26
C VAL D 69 -21.00 -27.94 25.89
N LEU D 70 -19.90 -27.98 26.63
CA LEU D 70 -18.76 -28.84 26.27
C LEU D 70 -18.95 -30.30 26.71
N LYS D 71 -19.41 -30.51 27.95
CA LYS D 71 -19.61 -31.85 28.50
C LYS D 71 -20.55 -32.72 27.64
N PRO D 72 -21.72 -32.21 27.26
CA PRO D 72 -22.63 -32.99 26.40
C PRO D 72 -22.02 -33.44 25.07
N ALA D 73 -21.11 -32.65 24.51
CA ALA D 73 -20.42 -33.04 23.28
C ALA D 73 -19.24 -34.00 23.52
N LEU D 74 -18.73 -34.01 24.74
CA LEU D 74 -17.60 -34.85 25.10
C LEU D 74 -17.97 -36.26 25.61
N LEU D 75 -19.07 -36.40 26.33
CA LEU D 75 -19.44 -37.70 26.92
C LEU D 75 -19.68 -38.78 25.88
N GLY D 76 -18.97 -39.90 26.03
CA GLY D 76 -19.11 -41.04 25.14
C GLY D 76 -18.17 -41.01 23.95
N LYS D 77 -17.32 -39.99 23.86
CA LYS D 77 -16.37 -39.87 22.77
C LYS D 77 -15.05 -40.49 23.21
N SER D 78 -14.31 -41.04 22.23
CA SER D 78 -12.99 -41.61 22.49
C SER D 78 -11.85 -40.76 21.90
N LEU D 79 -10.64 -40.95 22.43
CA LEU D 79 -9.49 -40.12 22.05
C LEU D 79 -8.83 -40.57 20.74
N ALA D 80 -9.34 -41.67 20.19
CA ALA D 80 -8.97 -42.11 18.85
C ALA D 80 -9.48 -41.13 17.80
N GLY D 81 -10.47 -40.31 18.16
CA GLY D 81 -11.00 -39.28 17.30
C GLY D 81 -10.92 -37.91 17.93
N TYR D 82 -9.73 -37.56 18.44
CA TYR D 82 -9.58 -36.28 19.13
C TYR D 82 -9.80 -35.04 18.25
N GLU D 83 -9.59 -35.13 16.93
CA GLU D 83 -9.76 -33.97 16.02
C GLU D 83 -11.19 -33.42 16.05
N ALA D 84 -12.17 -34.32 16.04
CA ALA D 84 -13.57 -33.94 16.10
C ALA D 84 -13.93 -33.42 17.49
N ILE D 85 -13.39 -34.02 18.55
CA ILE D 85 -13.62 -33.51 19.90
C ILE D 85 -13.06 -32.08 20.02
N LEU D 86 -11.85 -31.89 19.53
CA LEU D 86 -11.21 -30.59 19.57
C LEU D 86 -12.07 -29.54 18.85
N HIS D 87 -12.59 -29.91 17.69
CA HIS D 87 -13.37 -28.99 16.90
C HIS D 87 -14.67 -28.59 17.59
N ASP D 88 -15.32 -29.55 18.25
CA ASP D 88 -16.51 -29.25 19.06
C ASP D 88 -16.18 -28.31 20.21
N ILE D 89 -15.00 -28.50 20.82
CA ILE D 89 -14.53 -27.65 21.91
C ILE D 89 -14.39 -26.20 21.44
N GLN D 90 -13.80 -26.02 20.27
CA GLN D 90 -13.48 -24.68 19.78
C GLN D 90 -14.66 -23.95 19.10
N HIS D 91 -15.68 -24.69 18.65
CA HIS D 91 -16.71 -24.13 17.78
C HIS D 91 -18.15 -24.19 18.30
N LEU D 92 -18.43 -24.99 19.33
CA LEU D 92 -19.79 -25.08 19.87
C LEU D 92 -20.17 -23.82 20.66
N LEU D 93 -19.18 -23.03 21.04
CA LEU D 93 -19.42 -21.71 21.58
C LEU D 93 -18.26 -20.81 21.17
N THR D 94 -18.56 -19.53 21.04
CA THR D 94 -17.54 -18.53 20.71
C THR D 94 -17.01 -17.98 22.01
N GLY D 95 -15.79 -17.45 21.97
CA GLY D 95 -15.15 -17.01 23.20
C GLY D 95 -14.99 -18.18 24.17
N ASN D 96 -15.17 -17.87 25.45
CA ASN D 96 -15.01 -18.80 26.56
C ASN D 96 -13.74 -19.64 26.44
N MET D 97 -12.63 -18.96 26.11
CA MET D 97 -11.35 -19.59 25.84
C MET D 97 -10.74 -20.25 27.06
N SER D 98 -10.95 -19.69 28.24
CA SER D 98 -10.39 -20.26 29.45
C SER D 98 -11.08 -21.59 29.74
N ALA D 99 -12.40 -21.65 29.49
CA ALA D 99 -13.15 -22.90 29.62
C ALA D 99 -12.68 -23.92 28.60
N LYS D 100 -12.45 -23.48 27.36
CA LYS D 100 -11.99 -24.37 26.29
C LYS D 100 -10.66 -25.00 26.67
N ALA D 101 -9.82 -24.18 27.31
CA ALA D 101 -8.44 -24.52 27.57
C ALA D 101 -8.36 -25.54 28.70
N ALA D 102 -9.21 -25.35 29.70
CA ALA D 102 -9.21 -26.25 30.87
C ALA D 102 -9.58 -27.66 30.44
N VAL D 103 -10.60 -27.76 29.59
CA VAL D 103 -11.06 -29.07 29.08
C VAL D 103 -10.00 -29.68 28.17
N GLU D 104 -9.31 -28.85 27.39
CA GLU D 104 -8.27 -29.36 26.49
C GLU D 104 -7.14 -29.99 27.30
N MET D 105 -6.78 -29.35 28.42
CA MET D 105 -5.72 -29.87 29.29
C MET D 105 -6.01 -31.29 29.74
N ALA D 106 -7.23 -31.52 30.23
CA ALA D 106 -7.64 -32.85 30.69
C ALA D 106 -7.72 -33.86 29.55
N LEU D 107 -8.07 -33.36 28.37
CA LEU D 107 -8.14 -34.17 27.17
C LEU D 107 -6.76 -34.60 26.71
N TYR D 108 -5.82 -33.68 26.71
CA TYR D 108 -4.48 -33.98 26.24
C TYR D 108 -3.72 -34.83 27.27
N ASP D 109 -4.00 -34.56 28.54
CA ASP D 109 -3.54 -35.38 29.66
C ASP D 109 -3.99 -36.83 29.45
N GLY D 110 -5.27 -37.03 29.16
CA GLY D 110 -5.80 -38.37 28.91
C GLY D 110 -5.19 -39.02 27.68
N TRP D 111 -4.95 -38.22 26.66
CA TRP D 111 -4.47 -38.71 25.38
C TRP D 111 -3.05 -39.27 25.55
N ALA D 112 -2.21 -38.51 26.26
CA ALA D 112 -0.84 -38.91 26.55
C ALA D 112 -0.79 -40.13 27.47
N GLN D 113 -1.79 -40.25 28.35
CA GLN D 113 -1.90 -41.38 29.27
C GLN D 113 -2.29 -42.67 28.54
N MET D 114 -3.09 -42.54 27.49
CA MET D 114 -3.52 -43.70 26.70
C MET D 114 -2.30 -44.30 25.97
N CYS D 115 -1.38 -43.44 25.55
CA CYS D 115 -0.15 -43.88 24.88
C CYS D 115 1.05 -44.00 25.82
N GLY D 116 0.81 -43.92 27.12
CA GLY D 116 1.81 -44.24 28.13
C GLY D 116 3.06 -43.39 28.13
N LEU D 117 2.97 -42.15 27.63
CA LEU D 117 4.10 -41.23 27.68
C LEU D 117 3.73 -39.90 28.34
N PRO D 118 4.72 -39.20 28.91
CA PRO D 118 4.51 -37.82 29.33
C PRO D 118 3.97 -37.00 28.17
N LEU D 119 3.08 -36.04 28.46
CA LEU D 119 2.47 -35.23 27.40
C LEU D 119 3.56 -34.53 26.60
N TYR D 120 4.56 -33.99 27.27
CA TYR D 120 5.60 -33.23 26.58
C TYR D 120 6.31 -34.06 25.50
N GLN D 121 6.45 -35.37 25.72
CA GLN D 121 7.06 -36.24 24.73
C GLN D 121 6.09 -36.59 23.61
N MET D 122 4.83 -36.75 23.98
CA MET D 122 3.74 -36.97 23.04
C MET D 122 3.59 -35.83 22.01
N LEU D 123 3.82 -34.58 22.42
CA LEU D 123 3.72 -33.44 21.53
C LEU D 123 5.05 -33.10 20.84
N GLY D 124 6.13 -33.78 21.20
CA GLY D 124 7.41 -33.62 20.51
C GLY D 124 8.66 -33.85 21.33
N GLY D 125 8.58 -33.58 22.63
CA GLY D 125 9.67 -33.88 23.55
C GLY D 125 11.03 -33.26 23.27
N TYR D 126 11.04 -32.04 22.72
CA TYR D 126 12.30 -31.39 22.35
C TYR D 126 13.29 -31.20 23.50
N ARG D 127 12.77 -30.89 24.69
CA ARG D 127 13.60 -30.63 25.86
C ARG D 127 12.99 -31.15 27.17
N ASP D 128 13.87 -31.33 28.14
CA ASP D 128 13.59 -31.90 29.46
C ASP D 128 13.47 -30.84 30.54
N THR D 129 14.24 -29.77 30.39
CA THR D 129 14.25 -28.69 31.35
C THR D 129 14.05 -27.38 30.62
N LEU D 130 13.79 -26.33 31.38
CA LEU D 130 13.61 -25.01 30.83
C LEU D 130 13.73 -24.00 31.95
N GLU D 131 14.18 -22.81 31.59
CA GLU D 131 14.45 -21.75 32.54
C GLU D 131 13.28 -20.79 32.51
N THR D 132 12.54 -20.69 33.62
CA THR D 132 11.53 -19.64 33.76
C THR D 132 12.13 -18.35 34.30
N ASP D 133 11.59 -17.24 33.81
CA ASP D 133 11.86 -15.93 34.39
C ASP D 133 11.05 -15.79 35.68
N TYR D 134 11.27 -14.71 36.41
CA TYR D 134 10.38 -14.32 37.50
C TYR D 134 9.93 -12.88 37.29
N THR D 135 8.67 -12.61 37.61
CA THR D 135 8.08 -11.31 37.31
C THR D 135 8.17 -10.36 38.50
N VAL D 136 8.84 -9.24 38.28
CA VAL D 136 8.79 -8.14 39.23
C VAL D 136 7.49 -7.35 39.01
N SER D 137 6.63 -7.33 40.02
CA SER D 137 5.36 -6.63 39.96
C SER D 137 5.56 -5.10 40.01
N VAL D 138 4.57 -4.34 39.54
CA VAL D 138 4.63 -2.88 39.60
C VAL D 138 4.46 -2.39 41.04
N ASN D 139 5.49 -1.73 41.54
CA ASN D 139 5.45 -1.01 42.81
C ASN D 139 6.33 0.23 42.65
N SER D 140 6.86 0.79 43.74
CA SER D 140 7.77 1.92 43.64
C SER D 140 9.14 1.45 43.10
N PRO D 141 9.94 2.36 42.52
CA PRO D 141 11.31 2.03 42.08
C PRO D 141 12.14 1.25 43.09
N GLU D 142 11.98 1.58 44.36
CA GLU D 142 12.68 0.92 45.45
C GLU D 142 12.17 -0.50 45.71
N GLU D 143 10.86 -0.63 45.80
CA GLU D 143 10.21 -1.92 46.05
C GLU D 143 10.47 -2.95 44.92
N MET D 144 10.60 -2.46 43.69
CA MET D 144 10.83 -3.32 42.53
C MET D 144 12.29 -3.77 42.47
N ALA D 145 13.21 -2.91 42.92
CA ALA D 145 14.62 -3.27 42.97
C ALA D 145 14.90 -4.28 44.08
N ALA D 146 14.14 -4.22 45.16
CA ALA D 146 14.27 -5.16 46.27
C ALA D 146 13.75 -6.55 45.88
N ASP D 147 12.62 -6.59 45.19
CA ASP D 147 12.08 -7.85 44.69
C ASP D 147 13.12 -8.48 43.75
N ALA D 148 13.71 -7.66 42.89
CA ALA D 148 14.63 -8.13 41.85
C ALA D 148 15.88 -8.71 42.45
N GLU D 149 16.47 -7.99 43.39
CA GLU D 149 17.62 -8.46 44.15
C GLU D 149 17.32 -9.83 44.76
N ASN D 150 16.21 -9.92 45.49
CA ASN D 150 15.76 -11.16 46.12
C ASN D 150 15.60 -12.33 45.13
N TYR D 151 15.02 -12.06 43.96
CA TYR D 151 14.73 -13.12 42.97
C TYR D 151 16.02 -13.66 42.37
N LEU D 152 17.00 -12.77 42.18
CA LEU D 152 18.33 -13.17 41.72
C LEU D 152 19.01 -14.08 42.72
N LYS D 153 18.77 -13.81 44.01
CA LYS D 153 19.30 -14.64 45.10
C LYS D 153 18.65 -16.02 45.14
N GLN D 154 17.37 -16.10 44.75
CA GLN D 154 16.65 -17.38 44.73
C GLN D 154 16.96 -18.23 43.49
N GLY D 155 17.78 -17.71 42.57
CA GLY D 155 18.22 -18.43 41.39
C GLY D 155 17.82 -17.82 40.05
N PHE D 156 16.83 -16.93 40.05
CA PHE D 156 16.23 -16.38 38.83
C PHE D 156 17.08 -15.26 38.19
N GLN D 157 17.84 -15.60 37.14
CA GLN D 157 18.70 -14.66 36.41
C GLN D 157 17.98 -13.88 35.29
N THR D 158 16.80 -14.35 34.88
CA THR D 158 15.96 -13.66 33.90
C THR D 158 14.75 -13.03 34.61
N LEU D 159 14.61 -11.71 34.50
CA LEU D 159 13.52 -10.98 35.16
C LEU D 159 12.59 -10.33 34.14
N LYS D 160 11.29 -10.46 34.38
CA LYS D 160 10.26 -9.81 33.59
C LYS D 160 9.75 -8.64 34.42
N ILE D 161 9.94 -7.42 33.94
CA ILE D 161 9.59 -6.23 34.70
C ILE D 161 8.28 -5.66 34.22
N LYS D 162 7.28 -5.63 35.11
CA LYS D 162 5.98 -5.05 34.81
C LYS D 162 6.07 -3.53 34.82
N VAL D 163 5.62 -2.91 33.74
CA VAL D 163 5.58 -1.47 33.57
C VAL D 163 4.27 -1.08 32.88
N GLY D 164 4.07 0.22 32.65
CA GLY D 164 2.94 0.75 31.90
C GLY D 164 1.73 1.18 32.71
N LYS D 165 1.82 1.14 34.04
CA LYS D 165 0.67 1.42 34.91
C LYS D 165 0.34 2.91 35.09
N ASP D 166 1.35 3.73 35.41
CA ASP D 166 1.08 5.16 35.60
C ASP D 166 1.63 5.97 34.41
N ASP D 167 2.92 6.29 34.44
CA ASP D 167 3.53 7.12 33.40
C ASP D 167 5.00 6.76 33.10
N ILE D 168 5.46 7.21 31.95
CA ILE D 168 6.80 6.87 31.45
C ILE D 168 7.90 7.15 32.44
N ALA D 169 7.89 8.36 32.99
CA ALA D 169 8.98 8.83 33.84
C ALA D 169 9.34 7.82 34.92
N THR D 170 8.34 7.30 35.63
CA THR D 170 8.56 6.36 36.72
C THR D 170 9.03 5.00 36.22
N ASP D 171 8.45 4.55 35.11
CA ASP D 171 8.84 3.29 34.48
C ASP D 171 10.35 3.25 34.24
N ILE D 172 10.88 4.31 33.64
CA ILE D 172 12.31 4.41 33.34
C ILE D 172 13.11 4.29 34.64
N ALA D 173 12.70 5.05 35.65
CA ALA D 173 13.36 5.07 36.96
C ALA D 173 13.40 3.70 37.64
N ARG D 174 12.38 2.88 37.37
CA ARG D 174 12.32 1.53 37.93
C ARG D 174 13.39 0.63 37.31
N ILE D 175 13.52 0.67 35.99
CA ILE D 175 14.52 -0.15 35.27
C ILE D 175 15.94 0.27 35.63
N GLN D 176 16.16 1.57 35.80
CA GLN D 176 17.46 2.10 36.19
C GLN D 176 17.84 1.60 37.58
N GLU D 177 16.89 1.66 38.49
CA GLU D 177 17.13 1.29 39.88
C GLU D 177 17.28 -0.22 40.01
N ILE D 178 16.59 -0.97 39.16
CA ILE D 178 16.73 -2.43 39.11
C ILE D 178 18.11 -2.77 38.56
N ARG D 179 18.50 -2.10 37.47
CA ARG D 179 19.81 -2.30 36.85
C ARG D 179 20.96 -2.09 37.84
N LYS D 180 20.85 -1.01 38.61
CA LYS D 180 21.82 -0.65 39.63
C LYS D 180 21.97 -1.81 40.62
N ARG D 181 20.85 -2.23 41.20
CA ARG D 181 20.84 -3.18 42.30
C ARG D 181 21.13 -4.64 41.90
N VAL D 182 21.10 -4.91 40.60
CA VAL D 182 21.16 -6.28 40.11
C VAL D 182 22.34 -6.56 39.18
N GLY D 183 23.06 -5.53 38.77
CA GLY D 183 24.13 -5.67 37.80
C GLY D 183 23.62 -5.81 36.38
N SER D 184 24.55 -5.77 35.42
CA SER D 184 24.17 -5.78 34.01
C SER D 184 24.24 -7.17 33.38
N ALA D 185 24.58 -8.18 34.17
CA ALA D 185 24.62 -9.57 33.68
C ALA D 185 23.22 -10.21 33.51
N VAL D 186 22.28 -9.92 34.42
CA VAL D 186 20.93 -10.53 34.39
C VAL D 186 20.09 -10.02 33.22
N LYS D 187 19.25 -10.89 32.67
CA LYS D 187 18.39 -10.54 31.54
C LYS D 187 17.17 -9.76 32.01
N LEU D 188 16.80 -8.73 31.24
CA LEU D 188 15.64 -7.88 31.57
C LEU D 188 14.64 -7.83 30.40
N ARG D 189 13.46 -8.38 30.68
CA ARG D 189 12.31 -8.39 29.79
C ARG D 189 11.35 -7.38 30.36
N LEU D 190 10.77 -6.52 29.53
CA LEU D 190 9.69 -5.66 30.00
C LEU D 190 8.35 -6.20 29.50
N ASP D 191 7.30 -5.90 30.26
CA ASP D 191 5.93 -6.15 29.86
C ASP D 191 5.09 -4.94 30.28
N ALA D 192 4.55 -4.20 29.32
CA ALA D 192 3.78 -2.97 29.62
C ALA D 192 2.27 -3.18 29.71
N ASN D 193 1.80 -4.38 29.40
CA ASN D 193 0.38 -4.74 29.50
C ASN D 193 -0.58 -3.65 28.97
N GLN D 194 -0.30 -3.19 27.76
CA GLN D 194 -1.17 -2.32 26.97
C GLN D 194 -1.17 -0.85 27.43
N GLY D 195 -0.29 -0.51 28.36
CA GLY D 195 -0.34 0.75 29.07
C GLY D 195 0.29 1.97 28.40
N TRP D 196 0.86 1.81 27.20
CA TRP D 196 1.52 2.90 26.50
C TRP D 196 0.87 3.18 25.16
N ARG D 197 0.82 4.46 24.79
CA ARG D 197 0.48 4.82 23.43
C ARG D 197 1.69 4.44 22.58
N PRO D 198 1.52 4.19 21.28
CA PRO D 198 2.66 3.88 20.42
C PRO D 198 3.82 4.88 20.44
N LYS D 199 3.53 6.18 20.35
CA LYS D 199 4.53 7.25 20.42
C LYS D 199 5.25 7.24 21.77
N GLU D 200 4.46 7.07 22.83
CA GLU D 200 4.94 7.02 24.20
C GLU D 200 5.91 5.84 24.32
N ALA D 201 5.55 4.74 23.67
CA ALA D 201 6.27 3.49 23.78
C ALA D 201 7.61 3.53 23.06
N VAL D 202 7.62 4.12 21.87
CA VAL D 202 8.83 4.23 21.08
C VAL D 202 9.79 5.07 21.89
N THR D 203 9.33 6.23 22.33
CA THR D 203 10.14 7.15 23.14
C THR D 203 10.83 6.47 24.32
N ALA D 204 10.07 5.70 25.11
CA ALA D 204 10.59 5.09 26.33
C ALA D 204 11.56 3.93 26.06
N ILE D 205 11.29 3.16 25.01
CA ILE D 205 12.17 2.06 24.60
C ILE D 205 13.47 2.64 24.07
N ARG D 206 13.37 3.74 23.31
CA ARG D 206 14.54 4.42 22.75
C ARG D 206 15.42 5.08 23.83
N LYS D 207 14.80 5.48 24.93
CA LYS D 207 15.51 6.12 26.05
C LYS D 207 16.34 5.07 26.78
N MET D 208 15.82 3.85 26.79
CA MET D 208 16.43 2.73 27.50
C MET D 208 17.56 2.15 26.67
N GLU D 209 17.39 2.18 25.35
CA GLU D 209 18.41 1.75 24.39
C GLU D 209 19.67 2.62 24.53
N ASP D 210 19.45 3.93 24.63
CA ASP D 210 20.52 4.93 24.65
C ASP D 210 21.19 5.02 26.02
N ALA D 211 20.42 4.71 27.07
CA ALA D 211 20.96 4.66 28.42
C ALA D 211 21.65 3.30 28.72
N GLY D 212 21.68 2.41 27.74
CA GLY D 212 22.39 1.14 27.84
C GLY D 212 21.85 0.18 28.87
N LEU D 213 20.52 0.15 29.02
CA LEU D 213 19.89 -0.63 30.08
C LEU D 213 19.66 -2.09 29.69
N GLY D 214 19.99 -2.43 28.45
CA GLY D 214 19.97 -3.82 28.00
C GLY D 214 18.61 -4.46 28.16
N ILE D 215 17.66 -4.05 27.31
CA ILE D 215 16.32 -4.64 27.32
C ILE D 215 16.23 -5.73 26.24
N GLU D 216 16.05 -6.97 26.67
CA GLU D 216 15.91 -8.10 25.77
C GLU D 216 14.73 -7.92 24.82
N LEU D 217 13.57 -7.64 25.40
CA LEU D 217 12.35 -7.44 24.61
C LEU D 217 11.31 -6.68 25.41
N VAL D 218 10.23 -6.25 24.74
CA VAL D 218 9.07 -5.65 25.43
C VAL D 218 7.74 -6.33 25.01
N GLU D 219 6.97 -6.81 25.98
CA GLU D 219 5.65 -7.42 25.73
C GLU D 219 4.57 -6.33 25.60
N GLN D 220 3.63 -6.57 24.68
CA GLN D 220 2.43 -5.76 24.43
C GLN D 220 2.51 -4.34 24.97
N PRO D 221 3.31 -3.50 24.34
CA PRO D 221 3.44 -2.11 24.80
C PRO D 221 2.16 -1.30 24.61
N VAL D 222 1.34 -1.64 23.62
CA VAL D 222 0.17 -0.86 23.26
C VAL D 222 -1.09 -1.68 23.41
N HIS D 223 -2.22 -0.98 23.32
CA HIS D 223 -3.55 -1.57 23.39
C HIS D 223 -3.64 -2.75 22.45
N LYS D 224 -4.34 -3.80 22.88
CA LYS D 224 -4.38 -5.09 22.19
C LYS D 224 -5.07 -5.09 20.83
N ASP D 225 -6.03 -4.20 20.62
CA ASP D 225 -6.70 -4.11 19.31
C ASP D 225 -5.91 -3.20 18.34
N ASP D 226 -4.90 -2.52 18.87
CA ASP D 226 -4.11 -1.55 18.08
C ASP D 226 -2.93 -2.20 17.36
N LEU D 227 -3.23 -2.87 16.25
CA LEU D 227 -2.27 -3.70 15.55
C LEU D 227 -1.24 -2.84 14.82
N ALA D 228 -1.71 -1.71 14.28
CA ALA D 228 -0.88 -0.78 13.51
C ALA D 228 0.08 0.00 14.41
N GLY D 229 -0.34 0.26 15.64
CA GLY D 229 0.51 0.88 16.64
C GLY D 229 1.54 -0.10 17.17
N LEU D 230 1.13 -1.35 17.31
CA LEU D 230 2.07 -2.40 17.69
C LEU D 230 3.18 -2.47 16.64
N LYS D 231 2.81 -2.43 15.38
CA LYS D 231 3.79 -2.47 14.28
C LYS D 231 4.68 -1.24 14.25
N LYS D 232 4.15 -0.06 14.60
CA LYS D 232 4.96 1.16 14.68
C LYS D 232 6.09 1.08 15.72
N VAL D 233 5.80 0.50 16.89
CA VAL D 233 6.83 0.32 17.93
C VAL D 233 7.86 -0.67 17.45
N THR D 234 7.37 -1.80 16.94
CA THR D 234 8.21 -2.84 16.36
C THR D 234 9.19 -2.28 15.34
N ASP D 235 8.73 -1.36 14.49
CA ASP D 235 9.54 -0.85 13.37
C ASP D 235 10.36 0.42 13.66
N ALA D 236 10.08 1.12 14.77
CA ALA D 236 10.81 2.34 15.13
C ALA D 236 11.84 2.16 16.24
N THR D 237 11.98 0.95 16.77
CA THR D 237 13.01 0.64 17.76
C THR D 237 13.86 -0.51 17.28
N ASP D 238 14.93 -0.78 18.03
CA ASP D 238 15.81 -1.91 17.77
C ASP D 238 15.66 -2.96 18.87
N THR D 239 14.53 -2.90 19.59
CA THR D 239 14.27 -3.84 20.68
C THR D 239 13.12 -4.73 20.23
N PRO D 240 13.30 -6.05 20.32
CA PRO D 240 12.24 -6.98 19.94
C PRO D 240 10.94 -6.65 20.68
N ILE D 241 9.84 -6.58 19.96
CA ILE D 241 8.49 -6.42 20.53
C ILE D 241 7.77 -7.76 20.41
N MET D 242 7.22 -8.22 21.53
CA MET D 242 6.48 -9.47 21.64
C MET D 242 4.99 -9.21 21.83
N ALA D 243 4.17 -9.65 20.89
CA ALA D 243 2.73 -9.54 21.01
C ALA D 243 2.26 -10.45 22.14
N ASP D 244 1.36 -9.97 23.00
CA ASP D 244 0.67 -10.83 23.97
C ASP D 244 -0.85 -10.75 23.79
N GLU D 245 -1.53 -9.80 24.43
CA GLU D 245 -3.00 -9.74 24.45
C GLU D 245 -3.56 -9.46 23.04
N SER D 246 -2.70 -8.97 22.15
CA SER D 246 -2.97 -8.89 20.71
C SER D 246 -3.26 -10.21 20.04
N VAL D 247 -2.69 -11.28 20.57
CA VAL D 247 -2.72 -12.59 19.93
C VAL D 247 -3.23 -13.68 20.89
N PHE D 248 -4.51 -14.03 20.72
CA PHE D 248 -5.17 -15.15 21.41
C PHE D 248 -5.14 -16.42 20.53
N THR D 249 -5.47 -16.24 19.25
CA THR D 249 -5.84 -17.35 18.39
C THR D 249 -4.89 -17.48 17.21
N PRO D 250 -4.88 -18.65 16.57
CA PRO D 250 -4.24 -18.80 15.27
C PRO D 250 -4.57 -17.65 14.29
N ARG D 251 -5.85 -17.37 14.05
CA ARG D 251 -6.27 -16.28 13.15
C ARG D 251 -5.59 -14.93 13.49
N GLN D 252 -5.50 -14.62 14.78
CA GLN D 252 -4.91 -13.36 15.22
C GLN D 252 -3.40 -13.36 15.03
N ALA D 253 -2.76 -14.51 15.26
CA ALA D 253 -1.35 -14.66 15.02
C ALA D 253 -1.08 -14.51 13.53
N PHE D 254 -1.93 -15.12 12.72
CA PHE D 254 -1.72 -15.09 11.26
C PHE D 254 -1.58 -13.65 10.77
N GLU D 255 -2.49 -12.81 11.23
CA GLU D 255 -2.51 -11.41 10.86
C GLU D 255 -1.28 -10.66 11.39
N VAL D 256 -0.85 -10.94 12.61
CA VAL D 256 0.30 -10.27 13.18
C VAL D 256 1.56 -10.62 12.40
N LEU D 257 1.69 -11.90 12.03
CA LEU D 257 2.83 -12.36 11.27
C LEU D 257 2.78 -11.81 9.82
N GLN D 258 1.59 -11.80 9.22
CA GLN D 258 1.38 -11.31 7.85
C GLN D 258 1.90 -9.89 7.70
N THR D 259 1.53 -9.03 8.66
CA THR D 259 1.87 -7.61 8.64
C THR D 259 3.18 -7.29 9.35
N ARG D 260 3.81 -8.29 9.93
CA ARG D 260 5.01 -8.10 10.77
C ARG D 260 4.80 -6.99 11.82
N SER D 261 3.69 -7.08 12.54
CA SER D 261 3.36 -6.12 13.57
C SER D 261 4.08 -6.42 14.89
N ALA D 262 4.68 -7.61 15.02
CA ALA D 262 5.59 -7.87 16.14
C ALA D 262 6.71 -8.84 15.77
N ASP D 263 7.74 -8.88 16.61
CA ASP D 263 8.89 -9.78 16.42
C ASP D 263 8.72 -11.16 17.04
N LEU D 264 7.96 -11.21 18.13
CA LEU D 264 7.76 -12.43 18.88
C LEU D 264 6.29 -12.55 19.28
N ILE D 265 5.91 -13.74 19.73
CA ILE D 265 4.57 -13.97 20.26
C ILE D 265 4.63 -14.66 21.62
N ASN D 266 3.83 -14.15 22.55
CA ASN D 266 3.51 -14.83 23.81
C ASN D 266 2.28 -15.71 23.61
N ILE D 267 2.48 -17.01 23.72
CA ILE D 267 1.37 -17.97 23.68
C ILE D 267 0.94 -18.31 25.12
N LYS D 268 -0.37 -18.31 25.38
CA LYS D 268 -0.93 -18.84 26.62
C LYS D 268 -2.08 -19.80 26.32
N LEU D 269 -2.12 -20.91 27.04
CA LEU D 269 -3.21 -21.86 26.89
C LEU D 269 -4.56 -21.19 27.09
N MET D 270 -4.72 -20.35 28.11
CA MET D 270 -6.01 -19.66 28.37
C MET D 270 -6.52 -18.85 27.17
N LYS D 271 -5.61 -18.14 26.50
CA LYS D 271 -5.93 -17.34 25.33
C LYS D 271 -6.28 -18.19 24.10
N ALA D 272 -5.50 -19.24 23.85
CA ALA D 272 -5.71 -20.10 22.68
C ALA D 272 -6.85 -21.12 22.81
N GLY D 273 -7.47 -21.22 23.96
CA GLY D 273 -8.51 -22.23 24.15
C GLY D 273 -7.94 -23.62 24.35
N GLY D 274 -6.65 -23.71 24.70
CA GLY D 274 -5.98 -24.98 24.96
C GLY D 274 -4.68 -25.18 24.19
N ILE D 275 -4.27 -26.43 24.05
CA ILE D 275 -3.01 -26.80 23.41
C ILE D 275 -3.12 -26.87 21.88
N SER D 276 -4.27 -27.27 21.35
CA SER D 276 -4.45 -27.36 19.91
C SER D 276 -4.24 -26.02 19.20
N GLY D 277 -4.74 -24.95 19.82
CA GLY D 277 -4.60 -23.61 19.29
C GLY D 277 -3.20 -23.06 19.51
N ALA D 278 -2.60 -23.41 20.66
CA ALA D 278 -1.26 -22.96 21.00
C ALA D 278 -0.26 -23.57 20.03
N GLU D 279 -0.49 -24.84 19.71
CA GLU D 279 0.35 -25.58 18.78
C GLU D 279 0.26 -24.95 17.39
N LYS D 280 -0.94 -24.55 17.02
CA LYS D 280 -1.17 -23.92 15.72
C LYS D 280 -0.50 -22.54 15.62
N ILE D 281 -0.45 -21.78 16.72
CA ILE D 281 0.19 -20.46 16.70
C ILE D 281 1.68 -20.66 16.57
N ASN D 282 2.24 -21.56 17.38
CA ASN D 282 3.66 -21.83 17.32
C ASN D 282 4.15 -22.28 15.95
N ALA D 283 3.36 -23.10 15.27
CA ALA D 283 3.73 -23.62 13.95
C ALA D 283 3.68 -22.55 12.86
N MET D 284 2.65 -21.72 12.91
CA MET D 284 2.55 -20.52 12.06
C MET D 284 3.76 -19.59 12.20
N ALA D 285 4.16 -19.34 13.44
CA ALA D 285 5.29 -18.44 13.72
C ALA D 285 6.59 -19.05 13.20
N GLU D 286 6.74 -20.36 13.39
CA GLU D 286 7.91 -21.08 12.88
C GLU D 286 8.01 -20.96 11.37
N ALA D 287 6.88 -21.06 10.70
CA ALA D 287 6.82 -20.88 9.25
C ALA D 287 7.30 -19.48 8.82
N CYS D 288 7.06 -18.49 9.67
CA CYS D 288 7.47 -17.10 9.42
C CYS D 288 8.81 -16.73 10.04
N GLY D 289 9.46 -17.68 10.70
CA GLY D 289 10.78 -17.50 11.27
C GLY D 289 10.79 -16.69 12.55
N VAL D 290 9.75 -16.85 13.36
CA VAL D 290 9.54 -16.11 14.60
C VAL D 290 9.41 -17.09 15.77
N GLU D 291 10.24 -16.90 16.79
CA GLU D 291 10.19 -17.72 17.99
C GLU D 291 9.08 -17.23 18.92
N CYS D 292 8.62 -18.12 19.82
CA CYS D 292 7.54 -17.80 20.74
C CYS D 292 7.93 -18.04 22.20
N MET D 293 7.32 -17.28 23.11
CA MET D 293 7.33 -17.60 24.53
C MET D 293 5.98 -18.26 24.94
N VAL D 294 6.00 -19.14 25.92
CA VAL D 294 4.76 -19.62 26.51
C VAL D 294 4.67 -19.10 27.93
N GLY D 295 3.50 -18.59 28.28
CA GLY D 295 3.26 -18.03 29.58
C GLY D 295 2.04 -18.65 30.22
N SER D 296 1.50 -17.92 31.18
CA SER D 296 0.27 -18.27 31.85
C SER D 296 -0.40 -17.02 32.39
N MET D 297 -1.62 -17.21 32.85
CA MET D 297 -2.27 -16.29 33.74
C MET D 297 -1.79 -16.63 35.15
N ILE D 298 -2.43 -16.07 36.17
CA ILE D 298 -2.14 -16.47 37.55
C ILE D 298 -2.83 -17.81 37.69
N GLU D 299 -2.01 -18.86 37.63
CA GLU D 299 -2.47 -20.23 37.68
C GLU D 299 -1.62 -20.98 38.71
N THR D 300 -2.16 -22.09 39.21
CA THR D 300 -1.41 -22.99 40.08
C THR D 300 -0.51 -23.87 39.25
N LYS D 301 0.18 -24.76 39.94
CA LYS D 301 1.08 -25.69 39.28
C LYS D 301 0.39 -26.53 38.20
N LEU D 302 -0.90 -26.83 38.36
CA LEU D 302 -1.59 -27.71 37.39
C LEU D 302 -1.61 -27.10 35.99
N GLY D 303 -1.97 -25.83 35.91
CA GLY D 303 -2.02 -25.11 34.65
C GLY D 303 -0.65 -24.80 34.09
N ILE D 304 0.30 -24.54 34.99
CA ILE D 304 1.69 -24.32 34.55
C ILE D 304 2.29 -25.61 34.03
N THR D 305 1.85 -26.74 34.57
CA THR D 305 2.41 -28.02 34.15
C THR D 305 1.96 -28.30 32.72
N ALA D 306 0.70 -28.01 32.44
CA ALA D 306 0.15 -28.27 31.10
C ALA D 306 0.85 -27.36 30.09
N ALA D 307 1.04 -26.10 30.42
CA ALA D 307 1.75 -25.17 29.56
C ALA D 307 3.18 -25.62 29.33
N ALA D 308 3.88 -25.95 30.41
CA ALA D 308 5.28 -26.39 30.34
C ALA D 308 5.46 -27.67 29.54
N HIS D 309 4.45 -28.52 29.48
CA HIS D 309 4.52 -29.74 28.67
C HIS D 309 4.44 -29.38 27.18
N PHE D 310 3.61 -28.41 26.84
CA PHE D 310 3.56 -27.86 25.49
C PHE D 310 4.88 -27.18 25.11
N ALA D 311 5.35 -26.30 25.98
CA ALA D 311 6.51 -25.46 25.70
C ALA D 311 7.77 -26.29 25.59
N ALA D 312 7.88 -27.32 26.43
CA ALA D 312 8.97 -28.27 26.37
C ALA D 312 8.96 -29.08 25.07
N SER D 313 7.80 -29.22 24.46
CA SER D 313 7.68 -30.09 23.30
C SER D 313 8.16 -29.52 21.99
N LYS D 314 8.13 -28.19 21.84
CA LYS D 314 8.39 -27.57 20.55
C LYS D 314 9.69 -26.80 20.50
N ARG D 315 10.47 -27.03 19.44
CA ARG D 315 11.76 -26.39 19.23
C ARG D 315 11.66 -24.86 19.20
N ASN D 316 10.73 -24.35 18.39
CA ASN D 316 10.52 -22.91 18.18
C ASN D 316 10.13 -22.11 19.43
N ILE D 317 9.62 -22.77 20.47
CA ILE D 317 9.38 -22.13 21.76
C ILE D 317 10.69 -22.05 22.54
N THR D 318 11.20 -20.84 22.74
CA THR D 318 12.52 -20.62 23.34
C THR D 318 12.54 -19.72 24.57
N ARG D 319 11.40 -19.17 24.98
CA ARG D 319 11.31 -18.47 26.27
C ARG D 319 10.15 -19.01 27.09
N PHE D 320 10.21 -18.81 28.40
CA PHE D 320 9.31 -19.47 29.33
C PHE D 320 8.97 -18.56 30.50
N ASP D 321 7.68 -18.44 30.79
CA ASP D 321 7.15 -17.50 31.78
C ASP D 321 6.16 -18.24 32.67
N PHE D 322 6.73 -19.09 33.52
CA PHE D 322 6.00 -20.00 34.41
C PHE D 322 6.28 -19.76 35.90
N ASP D 323 6.22 -18.50 36.33
CA ASP D 323 6.46 -18.11 37.72
C ASP D 323 5.21 -18.04 38.64
N ALA D 324 4.00 -18.03 38.09
CA ALA D 324 2.78 -17.85 38.91
C ALA D 324 2.69 -18.74 40.17
N PRO D 325 2.84 -20.06 40.03
CA PRO D 325 2.71 -21.00 41.17
C PRO D 325 3.63 -20.73 42.37
N LEU D 326 4.73 -20.03 42.11
CA LEU D 326 5.73 -19.67 43.11
C LEU D 326 5.30 -18.45 43.89
N MET D 327 4.41 -17.65 43.29
CA MET D 327 3.81 -16.49 43.96
C MET D 327 2.77 -16.90 44.99
N LEU D 328 2.40 -18.17 44.98
CA LEU D 328 1.34 -18.65 45.85
C LEU D 328 1.88 -19.09 47.20
N LYS D 329 1.01 -19.02 48.19
CA LYS D 329 1.30 -19.40 49.57
C LYS D 329 1.41 -20.92 49.73
N THR D 330 0.60 -21.66 48.99
CA THR D 330 0.54 -23.12 49.10
C THR D 330 0.54 -23.76 47.70
N ASP D 331 1.18 -24.93 47.60
CA ASP D 331 1.19 -25.72 46.39
C ASP D 331 0.13 -26.81 46.53
N VAL D 332 -1.01 -26.66 45.86
CA VAL D 332 -2.17 -27.50 46.14
C VAL D 332 -2.34 -28.66 45.17
N PHE D 333 -1.25 -29.08 44.53
CA PHE D 333 -1.26 -30.29 43.69
C PHE D 333 0.02 -31.11 43.92
N ASN D 334 -0.09 -32.42 44.07
CA ASN D 334 1.12 -33.25 44.03
C ASN D 334 1.33 -33.75 42.63
N GLY D 335 2.60 -33.75 42.22
CA GLY D 335 2.98 -34.13 40.87
C GLY D 335 3.27 -32.93 40.01
N GLY D 336 3.10 -33.10 38.71
CA GLY D 336 3.38 -32.05 37.75
C GLY D 336 4.86 -31.76 37.61
N ILE D 337 5.17 -30.65 36.97
CA ILE D 337 6.55 -30.19 36.87
C ILE D 337 7.15 -29.93 38.26
N THR D 338 8.46 -29.67 38.31
CA THR D 338 9.14 -29.36 39.56
C THR D 338 10.08 -28.16 39.41
N TYR D 339 10.20 -27.38 40.48
CA TYR D 339 11.01 -26.19 40.46
C TYR D 339 12.35 -26.43 41.17
N SER D 340 13.34 -25.66 40.77
CA SER D 340 14.70 -25.76 41.26
C SER D 340 15.40 -24.46 40.95
N GLY D 341 15.13 -23.44 41.77
CA GLY D 341 15.41 -22.08 41.40
C GLY D 341 14.66 -21.78 40.10
N SER D 342 15.37 -21.22 39.14
CA SER D 342 14.81 -20.89 37.84
C SER D 342 14.49 -22.10 36.93
N THR D 343 14.92 -23.30 37.31
CA THR D 343 14.78 -24.50 36.45
C THR D 343 13.49 -25.30 36.68
N ILE D 344 12.72 -25.47 35.59
CA ILE D 344 11.55 -26.33 35.58
C ILE D 344 11.90 -27.65 34.89
N SER D 345 11.49 -28.74 35.51
CA SER D 345 11.81 -30.08 35.04
C SER D 345 10.54 -30.90 34.77
N MET D 346 10.60 -31.70 33.71
CA MET D 346 9.48 -32.51 33.24
C MET D 346 9.48 -33.88 33.91
N PRO D 347 8.41 -34.24 34.62
CA PRO D 347 8.29 -35.58 35.22
C PRO D 347 8.33 -36.73 34.21
N GLY D 348 8.37 -37.96 34.71
CA GLY D 348 8.46 -39.15 33.86
C GLY D 348 7.16 -39.92 33.71
N LYS D 349 6.15 -39.57 34.51
CA LYS D 349 4.83 -40.21 34.46
C LYS D 349 4.09 -39.89 33.16
N PRO D 350 3.26 -40.82 32.70
CA PRO D 350 2.31 -40.56 31.62
C PRO D 350 1.45 -39.30 31.82
N GLY D 351 1.34 -38.47 30.79
CA GLY D 351 0.43 -37.33 30.80
C GLY D 351 0.99 -36.14 31.50
N LEU D 352 0.20 -35.48 32.33
CA LEU D 352 0.69 -34.27 33.01
C LEU D 352 1.55 -34.64 34.22
N GLY D 353 1.37 -35.88 34.70
CA GLY D 353 2.07 -36.37 35.87
C GLY D 353 1.42 -35.90 37.16
N ILE D 354 0.25 -35.28 37.05
CA ILE D 354 -0.48 -34.78 38.20
C ILE D 354 -1.17 -35.95 38.89
N ILE D 355 -0.82 -36.17 40.15
CA ILE D 355 -1.42 -37.24 40.98
C ILE D 355 -2.75 -36.83 41.62
N GLY D 356 -2.79 -35.63 42.20
CA GLY D 356 -4.02 -35.13 42.80
C GLY D 356 -3.85 -33.90 43.66
N ALA D 357 -4.88 -33.63 44.47
CA ALA D 357 -4.94 -32.38 45.24
C ALA D 357 -4.01 -32.39 46.47
N ALA D 358 -4.05 -31.28 47.23
CA ALA D 358 -3.23 -31.07 48.42
C ALA D 358 -3.62 -31.98 49.57
N LEU D 359 -2.61 -32.37 50.35
CA LEU D 359 -2.80 -33.22 51.52
C LEU D 359 -3.42 -32.45 52.70
CA MET E 1 -31.02 10.21 41.49
C MET E 1 -30.04 9.02 41.60
N LYS E 2 -29.99 8.39 42.76
CA LYS E 2 -29.00 7.35 43.08
C LYS E 2 -29.46 5.93 42.75
N ILE E 3 -28.57 5.15 42.14
CA ILE E 3 -28.72 3.70 42.11
C ILE E 3 -28.56 3.19 43.54
N ILE E 4 -29.53 2.41 44.02
CA ILE E 4 -29.40 1.80 45.35
C ILE E 4 -29.59 0.29 45.38
N ARG E 5 -30.23 -0.27 44.37
CA ARG E 5 -30.39 -1.72 44.29
C ARG E 5 -30.34 -2.20 42.85
N ILE E 6 -29.75 -3.38 42.65
CA ILE E 6 -29.70 -4.04 41.34
C ILE E 6 -30.03 -5.51 41.53
N GLU E 7 -31.10 -5.97 40.88
CA GLU E 7 -31.57 -7.34 40.96
C GLU E 7 -31.62 -7.98 39.57
N THR E 8 -31.54 -9.32 39.52
CA THR E 8 -31.79 -10.09 38.29
C THR E 8 -32.77 -11.24 38.52
N SER E 9 -33.48 -11.60 37.46
CA SER E 9 -34.25 -12.84 37.43
C SER E 9 -34.22 -13.38 36.00
N ARG E 10 -34.90 -14.50 35.77
CA ARG E 10 -34.87 -15.17 34.47
C ARG E 10 -36.26 -15.48 33.96
N ILE E 11 -36.41 -15.40 32.66
CA ILE E 11 -37.64 -15.79 32.00
C ILE E 11 -37.32 -16.78 30.91
N ALA E 12 -38.29 -17.63 30.59
CA ALA E 12 -38.22 -18.54 29.47
C ALA E 12 -39.61 -18.59 28.85
N VAL E 13 -39.67 -18.43 27.52
CA VAL E 13 -40.90 -18.28 26.77
C VAL E 13 -40.74 -19.07 25.48
N PRO E 14 -41.52 -20.12 25.25
CA PRO E 14 -41.36 -20.90 24.03
C PRO E 14 -41.63 -20.08 22.76
N LEU E 15 -41.01 -20.47 21.66
CA LEU E 15 -41.23 -19.81 20.38
C LEU E 15 -42.38 -20.50 19.68
N THR E 16 -43.22 -19.73 18.99
CA THR E 16 -44.30 -20.29 18.19
C THR E 16 -43.75 -21.30 17.21
N LYS E 17 -42.78 -20.87 16.40
CA LYS E 17 -42.07 -21.75 15.47
C LYS E 17 -40.54 -21.68 15.72
N PRO E 18 -39.84 -22.79 15.57
CA PRO E 18 -38.37 -22.76 15.71
C PRO E 18 -37.71 -21.70 14.84
N PHE E 19 -36.83 -20.91 15.45
CA PHE E 19 -36.04 -19.87 14.77
C PHE E 19 -34.69 -20.45 14.34
N LYS E 20 -34.38 -20.36 13.05
CA LYS E 20 -33.22 -21.05 12.47
C LYS E 20 -32.36 -20.11 11.65
N THR E 21 -31.06 -20.08 11.98
CA THR E 21 -30.06 -19.37 11.21
C THR E 21 -28.94 -20.34 10.79
N ALA E 22 -27.90 -19.79 10.16
CA ALA E 22 -26.73 -20.58 9.78
C ALA E 22 -25.91 -20.95 11.02
N LEU E 23 -26.12 -20.23 12.12
CA LEU E 23 -25.35 -20.43 13.35
C LEU E 23 -26.04 -21.36 14.35
N ARG E 24 -27.38 -21.33 14.38
CA ARG E 24 -28.10 -21.93 15.50
C ARG E 24 -29.59 -22.19 15.25
N THR E 25 -30.22 -22.86 16.20
CA THR E 25 -31.68 -23.02 16.24
C THR E 25 -32.16 -22.73 17.66
N VAL E 26 -33.15 -21.87 17.77
CA VAL E 26 -33.76 -21.51 19.05
C VAL E 26 -35.19 -22.07 19.14
N TYR E 27 -35.49 -22.82 20.19
CA TYR E 27 -36.86 -23.30 20.44
C TYR E 27 -37.55 -22.46 21.50
N THR E 28 -36.78 -21.93 22.43
CA THR E 28 -37.35 -21.13 23.50
C THR E 28 -36.42 -19.96 23.84
N ALA E 29 -37.00 -18.78 24.00
CA ALA E 29 -36.25 -17.58 24.37
C ALA E 29 -36.00 -17.59 25.86
N GLU E 30 -34.74 -17.44 26.24
CA GLU E 30 -34.35 -17.23 27.63
C GLU E 30 -33.71 -15.84 27.71
N SER E 31 -33.89 -15.19 28.85
CA SER E 31 -33.27 -13.90 29.09
C SER E 31 -33.10 -13.68 30.57
N VAL E 32 -31.98 -13.06 30.93
CA VAL E 32 -31.80 -12.43 32.22
C VAL E 32 -32.46 -11.05 32.16
N ILE E 33 -33.25 -10.71 33.19
CA ILE E 33 -33.86 -9.40 33.28
C ILE E 33 -33.35 -8.63 34.49
N VAL E 34 -32.85 -7.42 34.23
CA VAL E 34 -32.33 -6.53 35.25
C VAL E 34 -33.34 -5.49 35.69
N ARG E 35 -33.35 -5.20 36.98
CA ARG E 35 -34.05 -4.03 37.54
C ARG E 35 -33.07 -3.22 38.37
N ILE E 36 -32.98 -1.94 38.05
CA ILE E 36 -32.21 -1.02 38.89
C ILE E 36 -33.20 -0.13 39.62
N THR E 37 -33.31 -0.34 40.92
CA THR E 37 -34.15 0.46 41.77
C THR E 37 -33.34 1.65 42.25
N TYR E 38 -33.89 2.84 42.03
CA TYR E 38 -33.23 4.09 42.35
C TYR E 38 -33.77 4.60 43.67
N ASP E 39 -33.23 5.73 44.12
CA ASP E 39 -33.59 6.26 45.43
C ASP E 39 -34.93 7.00 45.42
N SER E 40 -35.59 7.09 44.26
CA SER E 40 -36.94 7.69 44.17
C SER E 40 -38.05 6.63 44.13
N GLY E 41 -37.64 5.36 44.21
CA GLY E 41 -38.55 4.25 43.96
C GLY E 41 -38.71 3.92 42.47
N ALA E 42 -38.08 4.70 41.61
CA ALA E 42 -38.08 4.44 40.17
C ALA E 42 -37.31 3.15 39.87
N VAL E 43 -37.78 2.42 38.86
CA VAL E 43 -37.13 1.21 38.41
C VAL E 43 -36.77 1.37 36.94
N GLY E 44 -35.49 1.18 36.64
CA GLY E 44 -35.04 1.01 35.27
C GLY E 44 -34.95 -0.45 34.94
N TRP E 45 -35.22 -0.79 33.67
CA TRP E 45 -35.29 -2.18 33.24
C TRP E 45 -34.32 -2.42 32.12
N GLY E 46 -33.82 -3.64 32.04
CA GLY E 46 -33.01 -4.09 30.93
C GLY E 46 -33.05 -5.61 30.83
N GLU E 47 -32.43 -6.14 29.77
CA GLU E 47 -32.52 -7.56 29.43
C GLU E 47 -31.27 -8.02 28.67
N ALA E 48 -30.95 -9.31 28.80
CA ALA E 48 -29.85 -9.90 28.05
C ALA E 48 -30.06 -11.41 27.89
N PRO E 49 -30.23 -11.88 26.66
CA PRO E 49 -30.33 -13.31 26.40
C PRO E 49 -28.96 -13.92 26.20
N PRO E 50 -28.85 -15.23 26.38
CA PRO E 50 -27.61 -15.92 26.07
C PRO E 50 -27.50 -16.06 24.58
N THR E 51 -26.35 -15.72 24.03
CA THR E 51 -26.07 -16.05 22.64
C THR E 51 -24.70 -16.70 22.61
N LEU E 52 -24.63 -17.95 23.05
CA LEU E 52 -23.35 -18.65 23.14
C LEU E 52 -22.47 -18.66 21.88
N VAL E 53 -23.05 -18.64 20.70
CA VAL E 53 -22.26 -18.69 19.46
C VAL E 53 -22.16 -17.36 18.75
N ILE E 54 -22.69 -16.29 19.35
CA ILE E 54 -22.58 -14.96 18.79
C ILE E 54 -21.71 -14.09 19.69
N THR E 55 -22.15 -13.91 20.93
CA THR E 55 -21.41 -13.09 21.90
C THR E 55 -20.51 -13.90 22.82
N GLY E 56 -20.83 -15.17 23.03
CA GLY E 56 -20.19 -16.01 24.04
C GLY E 56 -20.89 -16.02 25.38
N ASP E 57 -21.92 -15.18 25.56
CA ASP E 57 -22.57 -15.00 26.86
C ASP E 57 -23.68 -16.03 27.14
N SER E 58 -23.63 -16.55 28.35
CA SER E 58 -24.66 -17.40 28.90
C SER E 58 -25.32 -16.64 30.02
N MET E 59 -26.47 -17.12 30.43
CA MET E 59 -27.22 -16.48 31.50
C MET E 59 -26.48 -16.50 32.83
N ASP E 60 -25.75 -17.60 33.11
CA ASP E 60 -24.88 -17.66 34.30
C ASP E 60 -23.82 -16.57 34.22
N SER E 61 -23.13 -16.50 33.09
CA SER E 61 -22.04 -15.53 32.92
C SER E 61 -22.52 -14.08 33.04
N ILE E 62 -23.68 -13.81 32.45
CA ILE E 62 -24.30 -12.51 32.49
C ILE E 62 -24.68 -12.14 33.93
N GLU E 63 -25.31 -13.05 34.66
CA GLU E 63 -25.78 -12.73 36.01
C GLU E 63 -24.61 -12.58 36.95
N SER E 64 -23.51 -13.26 36.67
CA SER E 64 -22.33 -13.18 37.53
C SER E 64 -21.58 -11.88 37.27
N ALA E 65 -21.49 -11.49 36.01
CA ALA E 65 -20.81 -10.27 35.66
C ALA E 65 -21.57 -9.07 36.20
N ILE E 66 -22.89 -9.10 36.13
CA ILE E 66 -23.67 -7.99 36.66
C ILE E 66 -23.44 -7.85 38.16
N HIS E 67 -23.53 -8.94 38.90
CA HIS E 67 -23.49 -8.91 40.37
C HIS E 67 -22.09 -8.79 40.98
N HIS E 68 -21.09 -9.40 40.34
CA HIS E 68 -19.74 -9.44 40.90
C HIS E 68 -18.82 -8.30 40.42
N VAL E 69 -19.10 -7.73 39.25
CA VAL E 69 -18.23 -6.71 38.65
C VAL E 69 -18.90 -5.34 38.55
N LEU E 70 -20.12 -5.31 38.02
CA LEU E 70 -20.80 -4.06 37.69
C LEU E 70 -21.55 -3.43 38.88
N LYS E 71 -22.28 -4.24 39.65
CA LYS E 71 -23.05 -3.80 40.84
C LYS E 71 -22.21 -3.12 41.93
N PRO E 72 -21.07 -3.68 42.32
CA PRO E 72 -20.20 -3.01 43.29
C PRO E 72 -19.74 -1.61 42.86
N ALA E 73 -19.55 -1.40 41.55
CA ALA E 73 -19.13 -0.08 41.03
C ALA E 73 -20.28 0.91 40.73
N LEU E 74 -21.54 0.43 40.72
CA LEU E 74 -22.73 1.26 40.39
C LEU E 74 -23.54 1.73 41.61
N LEU E 75 -23.62 0.90 42.64
CA LEU E 75 -24.37 1.27 43.84
C LEU E 75 -23.83 2.56 44.47
N GLY E 76 -24.74 3.48 44.78
CA GLY E 76 -24.38 4.77 45.35
C GLY E 76 -24.11 5.89 44.35
N LYS E 77 -23.91 5.56 43.07
CA LYS E 77 -23.63 6.59 42.05
C LYS E 77 -24.92 7.24 41.57
N SER E 78 -24.79 8.49 41.12
CA SER E 78 -25.88 9.28 40.57
C SER E 78 -25.82 9.39 39.06
N LEU E 79 -27.00 9.56 38.47
CA LEU E 79 -27.20 9.68 37.02
C LEU E 79 -26.85 11.06 36.49
N ALA E 80 -26.64 12.01 37.39
CA ALA E 80 -26.01 13.28 37.04
C ALA E 80 -24.58 13.07 36.54
N GLY E 81 -23.98 11.92 36.89
CA GLY E 81 -22.65 11.58 36.42
C GLY E 81 -22.62 10.28 35.62
N TYR E 82 -23.47 10.18 34.58
CA TYR E 82 -23.62 8.91 33.85
C TYR E 82 -22.43 8.54 32.95
N GLU E 83 -21.68 9.53 32.48
CA GLU E 83 -20.46 9.30 31.71
C GLU E 83 -19.49 8.38 32.46
N ALA E 84 -19.26 8.68 33.73
CA ALA E 84 -18.33 7.87 34.52
C ALA E 84 -18.88 6.46 34.76
N ILE E 85 -20.20 6.36 34.93
CA ILE E 85 -20.84 5.07 35.15
C ILE E 85 -20.72 4.22 33.88
N LEU E 86 -21.06 4.81 32.74
CA LEU E 86 -20.93 4.09 31.46
C LEU E 86 -19.48 3.66 31.18
N HIS E 87 -18.50 4.46 31.60
CA HIS E 87 -17.11 4.06 31.44
C HIS E 87 -16.75 2.86 32.28
N ASP E 88 -17.13 2.88 33.55
CA ASP E 88 -17.01 1.71 34.44
C ASP E 88 -17.67 0.48 33.86
N ILE E 89 -18.87 0.63 33.34
CA ILE E 89 -19.61 -0.52 32.82
C ILE E 89 -18.83 -1.15 31.68
N GLN E 90 -18.23 -0.31 30.83
CA GLN E 90 -17.52 -0.79 29.66
C GLN E 90 -16.10 -1.31 29.95
N HIS E 91 -15.41 -0.74 30.94
CA HIS E 91 -13.97 -1.02 31.12
C HIS E 91 -13.59 -1.83 32.36
N LEU E 92 -14.55 -2.15 33.23
CA LEU E 92 -14.27 -2.96 34.41
C LEU E 92 -14.17 -4.47 34.09
N LEU E 93 -14.56 -4.84 32.88
CA LEU E 93 -14.33 -6.18 32.38
C LEU E 93 -14.30 -6.16 30.86
N THR E 94 -13.60 -7.13 30.29
CA THR E 94 -13.52 -7.24 28.85
C THR E 94 -14.62 -8.17 28.38
N GLY E 95 -15.06 -7.95 27.15
CA GLY E 95 -16.20 -8.66 26.62
C GLY E 95 -17.40 -8.51 27.53
N ASN E 96 -18.11 -9.61 27.71
CA ASN E 96 -19.32 -9.64 28.54
C ASN E 96 -20.36 -8.63 28.09
N MET E 97 -20.45 -8.42 26.76
CA MET E 97 -21.19 -7.31 26.20
C MET E 97 -22.69 -7.42 26.51
N SER E 98 -23.27 -8.61 26.51
CA SER E 98 -24.68 -8.77 26.87
C SER E 98 -24.98 -8.26 28.28
N ALA E 99 -24.13 -8.62 29.24
CA ALA E 99 -24.29 -8.10 30.61
C ALA E 99 -24.25 -6.59 30.69
N LYS E 100 -23.25 -6.00 30.05
CA LYS E 100 -23.08 -4.56 30.05
C LYS E 100 -24.32 -3.88 29.47
N ALA E 101 -24.81 -4.43 28.36
CA ALA E 101 -25.94 -3.88 27.63
C ALA E 101 -27.21 -3.86 28.46
N ALA E 102 -27.48 -4.95 29.17
CA ALA E 102 -28.64 -5.01 30.05
C ALA E 102 -28.56 -3.93 31.14
N VAL E 103 -27.41 -3.79 31.79
CA VAL E 103 -27.23 -2.71 32.76
C VAL E 103 -27.46 -1.34 32.10
N GLU E 104 -26.99 -1.17 30.87
CA GLU E 104 -27.11 0.12 30.20
C GLU E 104 -28.60 0.44 30.01
N MET E 105 -29.35 -0.51 29.46
CA MET E 105 -30.78 -0.28 29.22
C MET E 105 -31.48 0.27 30.47
N ALA E 106 -31.18 -0.31 31.63
CA ALA E 106 -31.81 0.08 32.90
C ALA E 106 -31.27 1.40 33.42
N LEU E 107 -30.03 1.69 33.11
CA LEU E 107 -29.45 2.97 33.47
C LEU E 107 -30.09 4.07 32.64
N TYR E 108 -30.19 3.87 31.32
CA TYR E 108 -30.81 4.87 30.44
C TYR E 108 -32.29 5.00 30.75
N ASP E 109 -32.94 3.88 31.07
CA ASP E 109 -34.34 3.92 31.48
C ASP E 109 -34.52 4.91 32.64
N GLY E 110 -33.66 4.81 33.65
CA GLY E 110 -33.68 5.69 34.79
C GLY E 110 -33.27 7.11 34.48
N TRP E 111 -32.27 7.30 33.61
CA TRP E 111 -31.79 8.62 33.27
C TRP E 111 -32.90 9.43 32.60
N ALA E 112 -33.57 8.84 31.62
CA ALA E 112 -34.74 9.45 30.98
C ALA E 112 -35.90 9.71 31.97
N GLN E 113 -36.10 8.80 32.92
CA GLN E 113 -37.14 8.98 33.93
C GLN E 113 -36.85 10.20 34.79
N MET E 114 -35.59 10.39 35.16
CA MET E 114 -35.15 11.55 35.92
C MET E 114 -35.60 12.85 35.24
N CYS E 115 -35.43 12.88 33.92
CA CYS E 115 -35.75 14.07 33.12
C CYS E 115 -37.23 14.15 32.74
N GLY E 116 -37.97 13.07 32.96
CA GLY E 116 -39.40 13.04 32.76
C GLY E 116 -39.83 12.99 31.31
N LEU E 117 -38.95 12.46 30.44
CA LEU E 117 -39.27 12.30 29.03
C LEU E 117 -39.02 10.86 28.57
N PRO E 118 -39.70 10.43 27.52
CA PRO E 118 -39.42 9.12 26.93
C PRO E 118 -38.02 9.06 26.33
N LEU E 119 -37.32 7.95 26.51
CA LEU E 119 -35.88 7.87 26.19
C LEU E 119 -35.58 8.27 24.76
N TYR E 120 -36.41 7.83 23.84
CA TYR E 120 -36.15 8.11 22.45
C TYR E 120 -36.04 9.61 22.20
N GLN E 121 -36.74 10.44 22.97
CA GLN E 121 -36.61 11.90 22.84
C GLN E 121 -35.30 12.44 23.43
N MET E 122 -34.92 11.92 24.59
CA MET E 122 -33.65 12.27 25.23
C MET E 122 -32.44 11.99 24.30
N LEU E 123 -32.60 11.08 23.35
CA LEU E 123 -31.52 10.71 22.46
C LEU E 123 -31.57 11.39 21.10
N GLY E 124 -32.66 12.13 20.83
CA GLY E 124 -32.84 12.89 19.59
C GLY E 124 -34.28 13.05 19.17
N GLY E 125 -35.10 12.04 19.45
CA GLY E 125 -36.52 12.07 19.14
C GLY E 125 -36.88 12.20 17.66
N TYR E 126 -36.12 11.57 16.78
CA TYR E 126 -36.33 11.74 15.34
C TYR E 126 -37.68 11.27 14.83
N ARG E 127 -38.16 10.12 15.30
CA ARG E 127 -39.44 9.56 14.85
C ARG E 127 -40.26 8.86 15.95
N ASP E 128 -41.58 9.02 15.87
CA ASP E 128 -42.59 8.41 16.76
C ASP E 128 -42.93 6.98 16.41
N THR E 129 -42.61 6.57 15.19
CA THR E 129 -43.06 5.28 14.66
C THR E 129 -42.01 4.74 13.70
N LEU E 130 -42.07 3.45 13.43
CA LEU E 130 -41.11 2.81 12.54
C LEU E 130 -41.67 1.50 12.02
N GLU E 131 -41.08 1.03 10.93
CA GLU E 131 -41.53 -0.17 10.22
C GLU E 131 -40.57 -1.30 10.60
N THR E 132 -41.07 -2.41 11.13
CA THR E 132 -40.23 -3.60 11.32
C THR E 132 -40.36 -4.62 10.18
N ASP E 133 -39.28 -5.35 9.95
CA ASP E 133 -39.28 -6.50 9.08
C ASP E 133 -39.67 -7.74 9.89
N TYR E 134 -39.83 -8.85 9.20
CA TYR E 134 -39.97 -10.13 9.88
C TYR E 134 -39.04 -11.16 9.21
N THR E 135 -38.51 -12.05 10.03
CA THR E 135 -37.46 -12.97 9.60
C THR E 135 -38.05 -14.33 9.23
N VAL E 136 -37.77 -14.77 8.01
CA VAL E 136 -38.04 -16.15 7.62
C VAL E 136 -36.81 -17.00 7.93
N SER E 137 -37.02 -18.03 8.75
CA SER E 137 -35.95 -18.95 9.15
C SER E 137 -35.58 -19.87 7.99
N VAL E 138 -34.42 -20.54 8.11
CA VAL E 138 -33.93 -21.44 7.08
C VAL E 138 -34.71 -22.75 7.13
N ASN E 139 -35.26 -23.14 5.98
CA ASN E 139 -35.94 -24.43 5.80
C ASN E 139 -35.98 -24.85 4.32
N SER E 140 -36.89 -25.74 3.93
CA SER E 140 -37.05 -26.04 2.51
C SER E 140 -37.53 -24.77 1.79
N PRO E 141 -37.14 -24.54 0.54
CA PRO E 141 -37.68 -23.43 -0.23
C PRO E 141 -39.21 -23.33 -0.17
N GLU E 142 -39.88 -24.48 -0.05
CA GLU E 142 -41.33 -24.59 0.09
C GLU E 142 -41.80 -24.10 1.47
N GLU E 143 -41.13 -24.51 2.53
CA GLU E 143 -41.50 -24.08 3.89
C GLU E 143 -41.25 -22.59 4.07
N MET E 144 -40.13 -22.08 3.57
CA MET E 144 -39.78 -20.67 3.71
C MET E 144 -40.74 -19.77 2.94
N ALA E 145 -41.27 -20.29 1.83
CA ALA E 145 -42.15 -19.51 0.96
C ALA E 145 -43.53 -19.40 1.59
N ALA E 146 -43.98 -20.48 2.22
CA ALA E 146 -45.28 -20.49 2.92
C ALA E 146 -45.21 -19.68 4.21
N ASP E 147 -44.03 -19.64 4.82
CA ASP E 147 -43.83 -18.86 6.05
C ASP E 147 -43.89 -17.39 5.72
N ALA E 148 -43.12 -16.99 4.70
CA ALA E 148 -43.14 -15.65 4.16
C ALA E 148 -44.56 -15.16 3.92
N GLU E 149 -45.36 -15.98 3.24
CA GLU E 149 -46.76 -15.64 2.95
C GLU E 149 -47.55 -15.47 4.24
N ASN E 150 -47.35 -16.41 5.16
CA ASN E 150 -48.06 -16.38 6.45
C ASN E 150 -47.68 -15.17 7.31
N TYR E 151 -46.40 -14.89 7.46
CA TYR E 151 -45.96 -13.78 8.29
C TYR E 151 -46.43 -12.43 7.72
N LEU E 152 -46.56 -12.40 6.39
CA LEU E 152 -47.04 -11.22 5.69
C LEU E 152 -48.47 -10.79 6.04
N LYS E 153 -49.26 -11.71 6.58
CA LYS E 153 -50.62 -11.42 7.11
C LYS E 153 -50.68 -10.40 8.26
N GLN E 154 -49.53 -10.21 8.93
CA GLN E 154 -49.41 -9.23 10.00
C GLN E 154 -49.17 -7.83 9.46
N GLY E 155 -48.82 -7.72 8.18
CA GLY E 155 -48.78 -6.44 7.50
C GLY E 155 -47.43 -5.97 7.02
N PHE E 156 -46.39 -6.79 7.19
CA PHE E 156 -44.99 -6.41 6.93
C PHE E 156 -44.72 -6.04 5.47
N GLN E 157 -43.81 -5.10 5.28
CA GLN E 157 -43.42 -4.67 3.95
C GLN E 157 -42.00 -5.11 3.61
N THR E 158 -41.34 -5.77 4.57
CA THR E 158 -40.01 -6.29 4.38
C THR E 158 -39.87 -7.63 5.09
N LEU E 159 -39.29 -8.61 4.41
CA LEU E 159 -38.90 -9.86 5.05
C LEU E 159 -37.40 -9.96 5.13
N LYS E 160 -36.93 -10.57 6.20
CA LYS E 160 -35.53 -10.87 6.39
C LYS E 160 -35.39 -12.36 6.21
N ILE E 161 -34.71 -12.76 5.13
CA ILE E 161 -34.59 -14.17 4.78
C ILE E 161 -33.21 -14.70 5.18
N LYS E 162 -33.20 -15.73 6.03
CA LYS E 162 -31.97 -16.34 6.47
C LYS E 162 -31.48 -17.36 5.44
N VAL E 163 -30.24 -17.18 5.01
CA VAL E 163 -29.57 -18.12 4.13
C VAL E 163 -28.22 -18.54 4.77
N GLY E 164 -27.38 -19.21 4.00
CA GLY E 164 -26.00 -19.48 4.39
C GLY E 164 -25.73 -20.76 5.15
N LYS E 165 -26.75 -21.58 5.38
CA LYS E 165 -26.60 -22.81 6.17
C LYS E 165 -25.99 -23.97 5.36
N ASP E 166 -26.63 -24.38 4.25
CA ASP E 166 -26.10 -25.49 3.41
C ASP E 166 -25.33 -24.95 2.18
N ASP E 167 -25.77 -25.21 0.94
CA ASP E 167 -25.04 -24.72 -0.24
C ASP E 167 -25.74 -23.58 -1.00
N ILE E 168 -24.98 -22.98 -1.91
CA ILE E 168 -25.37 -21.77 -2.63
C ILE E 168 -26.62 -21.93 -3.50
N ALA E 169 -26.75 -23.08 -4.16
CA ALA E 169 -27.82 -23.32 -5.12
C ALA E 169 -29.22 -23.48 -4.48
N THR E 170 -29.26 -24.00 -3.26
CA THR E 170 -30.49 -24.10 -2.53
C THR E 170 -30.89 -22.70 -2.05
N ASP E 171 -29.90 -21.89 -1.68
CA ASP E 171 -30.14 -20.54 -1.19
C ASP E 171 -30.77 -19.70 -2.28
N ILE E 172 -30.18 -19.75 -3.48
CA ILE E 172 -30.70 -19.05 -4.63
C ILE E 172 -32.11 -19.54 -4.92
N ALA E 173 -32.35 -20.84 -4.72
CA ALA E 173 -33.64 -21.45 -4.98
C ALA E 173 -34.69 -21.15 -3.90
N ARG E 174 -34.23 -20.67 -2.75
CA ARG E 174 -35.14 -20.23 -1.69
C ARG E 174 -35.64 -18.82 -1.99
N ILE E 175 -34.71 -17.95 -2.36
CA ILE E 175 -35.00 -16.57 -2.71
C ILE E 175 -35.77 -16.52 -4.03
N GLN E 176 -35.56 -17.51 -4.90
CA GLN E 176 -36.28 -17.56 -6.17
C GLN E 176 -37.75 -17.87 -5.91
N GLU E 177 -38.02 -18.89 -5.11
CA GLU E 177 -39.39 -19.27 -4.80
C GLU E 177 -40.10 -18.17 -4.02
N ILE E 178 -39.53 -17.76 -2.88
CA ILE E 178 -40.10 -16.70 -2.08
C ILE E 178 -40.54 -15.50 -2.93
N ARG E 179 -39.67 -15.07 -3.87
CA ARG E 179 -39.88 -13.85 -4.65
C ARG E 179 -40.96 -13.94 -5.71
N LYS E 180 -41.03 -15.09 -6.36
CA LYS E 180 -42.12 -15.38 -7.30
C LYS E 180 -43.45 -15.47 -6.54
N ARG E 181 -43.39 -16.02 -5.34
CA ARG E 181 -44.57 -16.34 -4.53
C ARG E 181 -45.09 -15.13 -3.73
N VAL E 182 -44.29 -14.08 -3.62
CA VAL E 182 -44.59 -12.95 -2.74
C VAL E 182 -44.84 -11.65 -3.51
N GLY E 183 -44.41 -11.61 -4.76
CA GLY E 183 -44.60 -10.47 -5.61
C GLY E 183 -43.34 -9.66 -5.68
N SER E 184 -43.42 -8.53 -6.37
CA SER E 184 -42.28 -7.65 -6.58
C SER E 184 -42.22 -6.50 -5.58
N ALA E 185 -43.32 -6.21 -4.89
CA ALA E 185 -43.39 -5.00 -4.05
C ALA E 185 -42.71 -5.14 -2.68
N VAL E 186 -42.97 -6.24 -1.99
CA VAL E 186 -42.38 -6.48 -0.66
C VAL E 186 -40.86 -6.62 -0.74
N LYS E 187 -40.14 -5.77 -0.03
CA LYS E 187 -38.68 -5.79 -0.01
C LYS E 187 -38.16 -7.06 0.64
N LEU E 188 -37.08 -7.61 0.10
CA LEU E 188 -36.47 -8.80 0.66
C LEU E 188 -35.07 -8.49 1.14
N ARG E 189 -34.78 -9.00 2.32
CA ARG E 189 -33.54 -8.76 3.04
C ARG E 189 -32.84 -10.08 3.21
N LEU E 190 -31.56 -10.18 2.87
CA LEU E 190 -30.82 -11.42 3.08
C LEU E 190 -29.91 -11.35 4.31
N ASP E 191 -29.84 -12.43 5.08
CA ASP E 191 -28.87 -12.55 6.14
C ASP E 191 -28.23 -13.94 6.10
N ALA E 192 -26.96 -13.99 5.68
CA ALA E 192 -26.24 -15.24 5.49
C ALA E 192 -25.56 -15.76 6.75
N ASN E 193 -25.52 -14.92 7.78
CA ASN E 193 -24.86 -15.25 9.05
C ASN E 193 -23.51 -15.97 8.92
N GLN E 194 -22.60 -15.31 8.19
CA GLN E 194 -21.20 -15.72 8.06
C GLN E 194 -20.98 -17.00 7.24
N GLY E 195 -22.01 -17.45 6.52
CA GLY E 195 -22.03 -18.79 5.95
C GLY E 195 -21.30 -19.00 4.64
N TRP E 196 -20.89 -17.92 3.99
CA TRP E 196 -20.25 -18.01 2.68
C TRP E 196 -18.81 -17.53 2.76
N ARG E 197 -17.94 -18.16 1.96
CA ARG E 197 -16.63 -17.62 1.65
C ARG E 197 -16.87 -16.39 0.75
N PRO E 198 -15.91 -15.47 0.67
CA PRO E 198 -16.09 -14.31 -0.20
C PRO E 198 -16.42 -14.70 -1.64
N LYS E 199 -15.75 -15.70 -2.21
CA LYS E 199 -15.97 -16.10 -3.60
C LYS E 199 -17.38 -16.63 -3.79
N GLU E 200 -17.77 -17.57 -2.94
CA GLU E 200 -19.16 -18.06 -2.88
C GLU E 200 -20.18 -16.94 -2.90
N ALA E 201 -19.99 -16.01 -1.97
CA ALA E 201 -20.92 -14.93 -1.76
C ALA E 201 -21.04 -14.05 -2.99
N VAL E 202 -19.91 -13.65 -3.57
CA VAL E 202 -19.93 -12.90 -4.82
C VAL E 202 -20.68 -13.66 -5.92
N THR E 203 -20.41 -14.96 -6.05
CA THR E 203 -21.04 -15.74 -7.09
C THR E 203 -22.55 -15.76 -6.90
N ALA E 204 -22.99 -15.98 -5.65
CA ALA E 204 -24.42 -16.13 -5.33
C ALA E 204 -25.18 -14.80 -5.43
N ILE E 205 -24.55 -13.70 -5.01
CA ILE E 205 -25.22 -12.40 -4.99
C ILE E 205 -25.36 -11.93 -6.43
N ARG E 206 -24.32 -12.14 -7.24
CA ARG E 206 -24.33 -11.78 -8.67
C ARG E 206 -25.31 -12.61 -9.47
N LYS E 207 -25.55 -13.84 -9.04
CA LYS E 207 -26.54 -14.71 -9.68
C LYS E 207 -27.94 -14.22 -9.34
N MET E 208 -28.11 -13.72 -8.12
CA MET E 208 -29.42 -13.21 -7.69
C MET E 208 -29.72 -11.85 -8.35
N GLU E 209 -28.69 -11.04 -8.60
CA GLU E 209 -28.86 -9.78 -9.33
C GLU E 209 -29.18 -10.04 -10.81
N ASP E 210 -28.56 -11.09 -11.37
CA ASP E 210 -28.83 -11.53 -12.75
C ASP E 210 -30.27 -11.98 -12.91
N ALA E 211 -30.81 -12.67 -11.91
CA ALA E 211 -32.17 -13.22 -11.92
C ALA E 211 -33.24 -12.17 -11.59
N GLY E 212 -32.83 -10.91 -11.47
CA GLY E 212 -33.72 -9.80 -11.14
C GLY E 212 -34.54 -10.02 -9.88
N LEU E 213 -33.91 -10.57 -8.84
CA LEU E 213 -34.60 -10.88 -7.59
C LEU E 213 -34.75 -9.66 -6.67
N GLY E 214 -34.08 -8.55 -6.97
CA GLY E 214 -34.27 -7.29 -6.27
C GLY E 214 -33.89 -7.32 -4.80
N ILE E 215 -32.68 -7.81 -4.53
CA ILE E 215 -32.20 -7.92 -3.17
C ILE E 215 -31.85 -6.55 -2.62
N GLU E 216 -32.46 -6.20 -1.49
CA GLU E 216 -32.24 -4.90 -0.87
C GLU E 216 -30.82 -4.82 -0.35
N LEU E 217 -30.43 -5.85 0.38
CA LEU E 217 -29.11 -5.90 1.01
C LEU E 217 -28.80 -7.29 1.50
N VAL E 218 -27.54 -7.53 1.83
CA VAL E 218 -27.08 -8.83 2.31
C VAL E 218 -26.28 -8.59 3.59
N GLU E 219 -26.74 -9.20 4.69
CA GLU E 219 -26.05 -9.12 5.98
C GLU E 219 -24.90 -10.13 6.07
N GLN E 220 -23.74 -9.62 6.49
CA GLN E 220 -22.56 -10.42 6.88
C GLN E 220 -22.35 -11.71 6.07
N PRO E 221 -22.09 -11.61 4.77
CA PRO E 221 -21.96 -12.81 3.93
C PRO E 221 -20.84 -13.73 4.40
N VAL E 222 -19.80 -13.15 5.00
CA VAL E 222 -18.58 -13.87 5.35
C VAL E 222 -18.31 -13.90 6.83
N HIS E 223 -17.38 -14.77 7.21
CA HIS E 223 -16.88 -14.89 8.59
C HIS E 223 -16.59 -13.51 9.18
N LYS E 224 -16.97 -13.33 10.44
CA LYS E 224 -16.92 -12.04 11.13
C LYS E 224 -15.54 -11.41 11.22
N ASP E 225 -14.49 -12.24 11.26
CA ASP E 225 -13.10 -11.77 11.33
C ASP E 225 -12.45 -11.50 9.95
N ASP E 226 -13.12 -11.92 8.88
CA ASP E 226 -12.61 -11.76 7.50
C ASP E 226 -13.02 -10.38 6.95
N LEU E 227 -12.40 -9.34 7.50
CA LEU E 227 -12.69 -7.97 7.13
C LEU E 227 -12.35 -7.71 5.67
N ALA E 228 -11.19 -8.20 5.23
CA ALA E 228 -10.75 -8.05 3.84
C ALA E 228 -11.66 -8.83 2.89
N GLY E 229 -12.18 -9.97 3.34
CA GLY E 229 -13.10 -10.76 2.56
C GLY E 229 -14.46 -10.08 2.45
N LEU E 230 -14.88 -9.42 3.53
CA LEU E 230 -16.17 -8.71 3.53
C LEU E 230 -16.08 -7.54 2.55
N LYS E 231 -14.92 -6.88 2.49
CA LYS E 231 -14.69 -5.82 1.51
C LYS E 231 -14.75 -6.33 0.04
N LYS E 232 -14.25 -7.55 -0.19
CA LYS E 232 -14.23 -8.15 -1.53
C LYS E 232 -15.62 -8.24 -2.09
N VAL E 233 -16.56 -8.69 -1.25
CA VAL E 233 -17.97 -8.88 -1.62
C VAL E 233 -18.67 -7.53 -1.77
N THR E 234 -18.31 -6.60 -0.88
CA THR E 234 -18.83 -5.24 -0.95
C THR E 234 -18.37 -4.55 -2.25
N ASP E 235 -17.14 -4.82 -2.67
CA ASP E 235 -16.56 -4.13 -3.83
C ASP E 235 -16.83 -4.85 -5.16
N ALA E 236 -17.52 -5.99 -5.13
CA ALA E 236 -17.79 -6.76 -6.34
C ALA E 236 -19.27 -6.84 -6.74
N THR E 237 -20.17 -6.27 -5.94
CA THR E 237 -21.61 -6.40 -6.21
C THR E 237 -22.34 -5.06 -6.21
N ASP E 238 -23.50 -5.05 -6.86
CA ASP E 238 -24.43 -3.92 -6.82
C ASP E 238 -25.34 -3.95 -5.59
N THR E 239 -25.36 -5.07 -4.87
CA THR E 239 -26.27 -5.29 -3.75
C THR E 239 -25.61 -4.82 -2.44
N PRO E 240 -26.19 -3.85 -1.74
CA PRO E 240 -25.66 -3.42 -0.43
C PRO E 240 -25.26 -4.55 0.51
N ILE E 241 -24.05 -4.47 1.07
CA ILE E 241 -23.56 -5.41 2.07
C ILE E 241 -23.55 -4.72 3.44
N MET E 242 -24.25 -5.33 4.41
CA MET E 242 -24.38 -4.82 5.78
C MET E 242 -23.57 -5.66 6.77
N ALA E 243 -22.63 -5.04 7.47
CA ALA E 243 -21.84 -5.72 8.51
C ALA E 243 -22.70 -5.96 9.73
N ASP E 244 -22.65 -7.17 10.29
CA ASP E 244 -23.34 -7.46 11.53
C ASP E 244 -22.35 -7.97 12.59
N GLU E 245 -21.99 -9.24 12.50
CA GLU E 245 -21.13 -9.85 13.51
C GLU E 245 -19.69 -9.30 13.39
N SER E 246 -19.38 -8.66 12.27
CA SER E 246 -18.11 -7.97 12.07
C SER E 246 -17.94 -6.75 12.96
N VAL E 247 -19.06 -6.13 13.35
CA VAL E 247 -19.06 -4.87 14.08
C VAL E 247 -19.85 -4.94 15.39
N PHE E 248 -19.11 -5.02 16.50
CA PHE E 248 -19.70 -5.04 17.83
C PHE E 248 -19.58 -3.66 18.44
N THR E 249 -18.38 -3.10 18.35
CA THR E 249 -17.96 -1.94 19.10
C THR E 249 -17.71 -0.74 18.19
N PRO E 250 -17.70 0.46 18.74
CA PRO E 250 -17.22 1.64 18.02
C PRO E 250 -15.86 1.43 17.34
N ARG E 251 -14.93 0.72 17.98
CA ARG E 251 -13.58 0.48 17.44
C ARG E 251 -13.61 -0.36 16.15
N GLN E 252 -14.38 -1.44 16.16
CA GLN E 252 -14.53 -2.29 14.99
C GLN E 252 -15.29 -1.50 13.94
N ALA E 253 -16.25 -0.71 14.37
CA ALA E 253 -17.02 0.10 13.45
C ALA E 253 -16.08 1.03 12.69
N PHE E 254 -15.15 1.64 13.41
CA PHE E 254 -14.23 2.59 12.81
C PHE E 254 -13.42 1.92 11.70
N GLU E 255 -12.88 0.73 11.98
CA GLU E 255 -12.03 0.02 11.05
C GLU E 255 -12.80 -0.44 9.82
N VAL E 256 -14.07 -0.81 9.99
CA VAL E 256 -14.94 -1.18 8.87
C VAL E 256 -15.20 0.02 7.97
N LEU E 257 -15.52 1.16 8.57
CA LEU E 257 -15.80 2.39 7.81
C LEU E 257 -14.56 2.93 7.09
N GLN E 258 -13.40 2.77 7.74
CA GLN E 258 -12.16 3.37 7.26
C GLN E 258 -11.63 2.60 6.03
N THR E 259 -11.64 1.27 6.13
CA THR E 259 -11.29 0.40 5.01
C THR E 259 -12.40 0.28 3.97
N ARG E 260 -13.59 0.79 4.29
CA ARG E 260 -14.79 0.70 3.44
C ARG E 260 -15.17 -0.74 3.09
N SER E 261 -15.20 -1.57 4.12
CA SER E 261 -15.47 -2.99 3.95
C SER E 261 -16.96 -3.33 3.86
N ALA E 262 -17.83 -2.33 4.04
CA ALA E 262 -19.28 -2.52 4.01
C ALA E 262 -20.02 -1.24 3.66
N ASP E 263 -21.24 -1.39 3.14
CA ASP E 263 -22.11 -0.26 2.81
C ASP E 263 -22.99 0.18 3.99
N LEU E 264 -23.30 -0.75 4.89
CA LEU E 264 -24.25 -0.53 5.98
C LEU E 264 -23.74 -1.22 7.23
N ILE E 265 -24.41 -0.99 8.35
CA ILE E 265 -24.05 -1.60 9.65
C ILE E 265 -25.32 -1.90 10.43
N ASN E 266 -25.45 -3.16 10.84
CA ASN E 266 -26.42 -3.62 11.84
C ASN E 266 -25.86 -3.35 13.23
N ILE E 267 -26.61 -2.59 14.03
CA ILE E 267 -26.26 -2.27 15.42
C ILE E 267 -27.21 -3.02 16.33
N LYS E 268 -26.67 -3.73 17.32
CA LYS E 268 -27.49 -4.28 18.38
C LYS E 268 -26.92 -3.83 19.71
N LEU E 269 -27.79 -3.70 20.71
CA LEU E 269 -27.39 -3.31 22.05
C LEU E 269 -26.57 -4.43 22.67
N MET E 270 -26.94 -5.69 22.46
CA MET E 270 -26.13 -6.80 22.93
C MET E 270 -24.69 -6.72 22.40
N LYS E 271 -24.51 -6.39 21.12
CA LYS E 271 -23.15 -6.40 20.55
C LYS E 271 -22.29 -5.27 21.14
N ALA E 272 -22.86 -4.07 21.18
CA ALA E 272 -22.14 -2.84 21.54
C ALA E 272 -22.10 -2.58 23.04
N GLY E 273 -22.62 -3.52 23.82
CA GLY E 273 -22.61 -3.42 25.26
C GLY E 273 -23.57 -2.38 25.81
N GLY E 274 -24.55 -2.00 25.01
CA GLY E 274 -25.54 -1.04 25.45
C GLY E 274 -25.87 0.04 24.45
N ILE E 275 -26.52 1.09 24.95
CA ILE E 275 -26.87 2.23 24.11
C ILE E 275 -25.68 3.17 23.79
N SER E 276 -24.73 3.36 24.71
CA SER E 276 -23.65 4.37 24.51
C SER E 276 -22.75 4.05 23.32
N GLY E 277 -22.36 2.80 23.20
CA GLY E 277 -21.64 2.31 22.03
C GLY E 277 -22.50 2.26 20.77
N ALA E 278 -23.77 1.82 20.87
CA ALA E 278 -24.66 1.81 19.72
C ALA E 278 -24.74 3.20 19.09
N GLU E 279 -24.84 4.20 19.96
CA GLU E 279 -24.93 5.59 19.55
C GLU E 279 -23.64 6.12 18.89
N LYS E 280 -22.49 5.75 19.45
CA LYS E 280 -21.17 6.14 18.91
C LYS E 280 -20.85 5.47 17.58
N ILE E 281 -21.37 4.25 17.36
CA ILE E 281 -21.23 3.54 16.08
C ILE E 281 -22.04 4.30 15.03
N ASN E 282 -23.25 4.72 15.39
CA ASN E 282 -24.12 5.40 14.43
C ASN E 282 -23.63 6.79 14.09
N ALA E 283 -23.02 7.47 15.05
CA ALA E 283 -22.42 8.79 14.82
C ALA E 283 -21.30 8.69 13.81
N MET E 284 -20.34 7.82 14.07
CA MET E 284 -19.26 7.50 13.12
C MET E 284 -19.76 7.13 11.74
N ALA E 285 -20.67 6.18 11.68
CA ALA E 285 -21.21 5.73 10.40
C ALA E 285 -21.90 6.89 9.66
N GLU E 286 -22.59 7.74 10.42
CA GLU E 286 -23.32 8.87 9.82
C GLU E 286 -22.36 9.87 9.16
N ALA E 287 -21.20 10.09 9.76
CA ALA E 287 -20.20 11.01 9.24
C ALA E 287 -19.47 10.46 8.02
N CYS E 288 -19.62 9.16 7.76
CA CYS E 288 -19.07 8.51 6.57
C CYS E 288 -20.11 8.22 5.48
N GLY E 289 -21.33 8.72 5.64
CA GLY E 289 -22.41 8.49 4.69
C GLY E 289 -22.93 7.08 4.69
N VAL E 290 -22.75 6.39 5.81
CA VAL E 290 -23.19 5.01 5.97
C VAL E 290 -24.39 4.97 6.92
N GLU E 291 -25.51 4.46 6.43
CA GLU E 291 -26.74 4.29 7.22
C GLU E 291 -26.75 2.98 7.97
N CYS E 292 -27.41 2.97 9.13
CA CYS E 292 -27.41 1.81 10.01
C CYS E 292 -28.83 1.25 10.20
N MET E 293 -28.91 -0.05 10.46
CA MET E 293 -30.13 -0.71 10.90
C MET E 293 -29.95 -1.10 12.36
N VAL E 294 -31.00 -1.03 13.15
CA VAL E 294 -30.93 -1.55 14.51
C VAL E 294 -31.74 -2.83 14.59
N GLY E 295 -31.10 -3.88 15.12
CA GLY E 295 -31.73 -5.17 15.30
C GLY E 295 -31.75 -5.58 16.76
N SER E 296 -31.66 -6.89 16.96
CA SER E 296 -31.63 -7.49 18.28
C SER E 296 -31.31 -8.99 18.16
N MET E 297 -31.09 -9.63 19.31
CA MET E 297 -31.05 -11.08 19.40
C MET E 297 -32.49 -11.56 19.66
N ILE E 298 -32.68 -12.86 19.93
CA ILE E 298 -33.98 -13.34 20.34
C ILE E 298 -34.20 -12.82 21.74
N GLU E 299 -35.01 -11.76 21.82
CA GLU E 299 -35.24 -10.97 23.03
C GLU E 299 -36.70 -10.63 23.12
N THR E 300 -37.16 -10.31 24.32
CA THR E 300 -38.56 -9.95 24.52
C THR E 300 -38.79 -8.49 24.16
N LYS E 301 -39.99 -8.03 24.41
CA LYS E 301 -40.38 -6.64 24.15
C LYS E 301 -39.57 -5.65 24.99
N LEU E 302 -38.98 -6.08 26.11
CA LEU E 302 -38.14 -5.18 26.89
C LEU E 302 -36.92 -4.75 26.10
N GLY E 303 -36.16 -5.71 25.60
CA GLY E 303 -34.90 -5.43 24.93
C GLY E 303 -35.11 -4.71 23.61
N ILE E 304 -36.22 -5.04 22.95
CA ILE E 304 -36.66 -4.37 21.73
C ILE E 304 -37.14 -2.96 22.01
N THR E 305 -37.76 -2.76 23.18
CA THR E 305 -38.16 -1.43 23.60
C THR E 305 -36.93 -0.54 23.71
N ALA E 306 -35.91 -1.00 24.41
CA ALA E 306 -34.69 -0.18 24.57
C ALA E 306 -34.05 0.06 23.22
N ALA E 307 -34.03 -0.98 22.39
CA ALA E 307 -33.44 -0.91 21.07
C ALA E 307 -34.18 0.10 20.18
N ALA E 308 -35.52 0.09 20.29
CA ALA E 308 -36.40 0.90 19.46
C ALA E 308 -36.38 2.35 19.85
N HIS E 309 -36.27 2.64 21.15
CA HIS E 309 -36.11 4.05 21.58
C HIS E 309 -34.79 4.64 21.03
N PHE E 310 -33.75 3.81 20.98
CA PHE E 310 -32.47 4.25 20.39
C PHE E 310 -32.59 4.45 18.86
N ALA E 311 -33.21 3.48 18.18
CA ALA E 311 -33.37 3.52 16.73
C ALA E 311 -34.24 4.70 16.30
N ALA E 312 -35.31 4.92 17.05
CA ALA E 312 -36.26 5.99 16.79
C ALA E 312 -35.60 7.36 16.92
N SER E 313 -34.60 7.45 17.78
CA SER E 313 -34.01 8.74 18.11
C SER E 313 -33.10 9.36 17.04
N LYS E 314 -32.58 8.55 16.12
CA LYS E 314 -31.54 9.02 15.21
C LYS E 314 -31.93 8.99 13.73
N ARG E 315 -31.51 10.03 13.01
CA ARG E 315 -31.87 10.25 11.62
C ARG E 315 -31.23 9.17 10.77
N ASN E 316 -30.00 8.80 11.12
CA ASN E 316 -29.19 7.89 10.32
C ASN E 316 -29.55 6.43 10.49
N ILE E 317 -30.44 6.10 11.41
CA ILE E 317 -30.96 4.74 11.48
C ILE E 317 -32.26 4.69 10.67
N THR E 318 -32.23 3.97 9.55
CA THR E 318 -33.35 3.98 8.60
C THR E 318 -34.00 2.61 8.38
N ARG E 319 -33.44 1.58 9.03
CA ARG E 319 -33.94 0.22 8.91
C ARG E 319 -34.08 -0.39 10.30
N PHE E 320 -35.03 -1.29 10.47
CA PHE E 320 -35.43 -1.75 11.79
C PHE E 320 -35.83 -3.21 11.76
N ASP E 321 -35.26 -3.98 12.69
CA ASP E 321 -35.35 -5.42 12.71
C ASP E 321 -35.77 -5.86 14.10
N PHE E 322 -37.05 -5.63 14.41
CA PHE E 322 -37.59 -5.84 15.76
C PHE E 322 -38.70 -6.90 15.77
N ASP E 323 -38.44 -8.03 15.10
CA ASP E 323 -39.41 -9.12 15.04
C ASP E 323 -39.35 -10.10 16.20
N ALA E 324 -38.24 -10.15 16.92
CA ALA E 324 -38.04 -11.17 17.97
C ALA E 324 -39.26 -11.40 18.89
N PRO E 325 -39.81 -10.36 19.53
CA PRO E 325 -40.94 -10.51 20.46
C PRO E 325 -42.19 -11.12 19.83
N LEU E 326 -42.37 -10.85 18.54
CA LEU E 326 -43.50 -11.38 17.79
C LEU E 326 -43.35 -12.88 17.52
N MET E 327 -42.16 -13.44 17.79
CA MET E 327 -41.90 -14.86 17.59
C MET E 327 -42.20 -15.67 18.84
N LEU E 328 -42.42 -15.00 19.97
CA LEU E 328 -42.69 -15.65 21.24
C LEU E 328 -44.17 -16.01 21.42
N LYS E 329 -44.42 -17.01 22.27
CA LYS E 329 -45.78 -17.48 22.59
C LYS E 329 -46.51 -16.46 23.46
N THR E 330 -45.77 -15.80 24.33
CA THR E 330 -46.34 -14.81 25.23
C THR E 330 -45.60 -13.49 25.16
N ASP E 331 -46.28 -12.42 25.54
CA ASP E 331 -45.67 -11.11 25.76
C ASP E 331 -45.47 -10.97 27.26
N VAL E 332 -44.25 -11.15 27.71
CA VAL E 332 -43.98 -11.21 29.14
C VAL E 332 -43.79 -9.85 29.81
N PHE E 333 -43.93 -8.76 29.06
CA PHE E 333 -43.87 -7.41 29.66
C PHE E 333 -45.07 -6.55 29.34
N ASN E 334 -45.50 -5.79 30.33
CA ASN E 334 -46.59 -4.85 30.20
C ASN E 334 -46.01 -3.44 30.10
N GLY E 335 -46.44 -2.70 29.07
CA GLY E 335 -45.88 -1.41 28.74
C GLY E 335 -44.91 -1.52 27.57
N GLY E 336 -43.96 -0.57 27.51
CA GLY E 336 -42.97 -0.54 26.46
C GLY E 336 -43.58 -0.09 25.15
N ILE E 337 -42.96 -0.48 24.04
CA ILE E 337 -43.51 -0.15 22.73
C ILE E 337 -44.77 -0.96 22.40
N THR E 338 -45.54 -0.43 21.45
CA THR E 338 -46.79 -1.03 21.01
C THR E 338 -46.63 -1.49 19.57
N TYR E 339 -47.27 -2.61 19.25
CA TYR E 339 -47.25 -3.10 17.89
C TYR E 339 -48.64 -2.96 17.29
N SER E 340 -48.71 -2.45 16.07
CA SER E 340 -49.94 -2.43 15.28
C SER E 340 -49.58 -3.00 13.93
N GLY E 341 -49.78 -4.30 13.76
CA GLY E 341 -49.21 -5.02 12.64
C GLY E 341 -47.69 -4.86 12.58
N SER E 342 -47.22 -4.19 11.54
CA SER E 342 -45.80 -4.06 11.22
C SER E 342 -45.24 -2.75 11.77
N THR E 343 -46.06 -2.01 12.52
CA THR E 343 -45.75 -0.67 12.94
C THR E 343 -45.51 -0.60 14.44
N ILE E 344 -44.34 -0.08 14.82
CA ILE E 344 -44.00 0.12 16.20
C ILE E 344 -44.23 1.60 16.49
N SER E 345 -44.87 1.90 17.62
CA SER E 345 -45.04 3.28 18.06
C SER E 345 -44.37 3.52 19.41
N MET E 346 -43.77 4.70 19.52
CA MET E 346 -43.03 5.13 20.70
C MET E 346 -43.99 5.87 21.66
N PRO E 347 -44.27 5.29 22.83
CA PRO E 347 -45.09 5.96 23.85
C PRO E 347 -44.52 7.29 24.34
N GLY E 348 -45.37 8.06 25.01
CA GLY E 348 -44.96 9.32 25.61
C GLY E 348 -44.48 9.16 27.04
N LYS E 349 -44.77 8.01 27.66
CA LYS E 349 -44.37 7.75 29.05
C LYS E 349 -42.85 7.83 29.25
N PRO E 350 -42.38 8.36 30.39
CA PRO E 350 -40.94 8.57 30.57
C PRO E 350 -40.10 7.28 30.59
N GLY E 351 -38.89 7.36 30.04
CA GLY E 351 -37.96 6.24 30.04
C GLY E 351 -38.32 5.24 28.96
N LEU E 352 -38.27 3.97 29.31
CA LEU E 352 -38.68 2.90 28.42
C LEU E 352 -40.18 2.64 28.51
N GLY E 353 -40.86 3.21 29.51
CA GLY E 353 -42.28 3.00 29.70
C GLY E 353 -42.67 1.59 30.10
N ILE E 354 -41.74 0.82 30.62
CA ILE E 354 -42.02 -0.51 31.13
C ILE E 354 -42.64 -0.40 32.52
N ILE E 355 -43.85 -0.92 32.66
CA ILE E 355 -44.58 -0.94 33.93
C ILE E 355 -44.12 -2.10 34.80
N GLY E 356 -44.26 -3.32 34.27
CA GLY E 356 -43.81 -4.50 34.98
C GLY E 356 -43.81 -5.76 34.16
N ALA E 357 -43.75 -6.91 34.83
CA ALA E 357 -43.86 -8.21 34.17
C ALA E 357 -45.33 -8.54 33.85
N ALA E 358 -45.57 -9.67 33.19
CA ALA E 358 -46.92 -10.12 32.85
C ALA E 358 -47.45 -11.12 33.90
N LEU E 359 -48.75 -11.33 33.88
CA LEU E 359 -49.45 -12.07 34.94
C LEU E 359 -49.79 -13.49 34.48
CA MET F 1 -40.41 23.49 25.19
C MET F 1 -40.32 23.74 23.69
N LYS F 2 -40.80 24.90 23.28
CA LYS F 2 -40.93 25.29 21.88
C LYS F 2 -40.17 26.59 21.65
N ILE F 3 -39.54 26.76 20.49
CA ILE F 3 -38.78 27.98 20.20
C ILE F 3 -39.72 29.05 19.66
N ILE F 4 -39.92 30.15 20.40
CA ILE F 4 -40.87 31.17 19.97
C ILE F 4 -40.21 32.45 19.44
N ARG F 5 -38.96 32.70 19.80
CA ARG F 5 -38.26 33.92 19.39
C ARG F 5 -36.74 33.72 19.33
N ILE F 6 -36.08 34.41 18.39
CA ILE F 6 -34.61 34.37 18.26
C ILE F 6 -34.08 35.76 17.94
N GLU F 7 -33.26 36.29 18.85
CA GLU F 7 -32.70 37.63 18.75
C GLU F 7 -31.18 37.62 18.79
N THR F 8 -30.57 38.68 18.26
CA THR F 8 -29.12 38.88 18.32
C THR F 8 -28.77 40.33 18.67
N SER F 9 -27.66 40.50 19.37
CA SER F 9 -27.04 41.80 19.60
C SER F 9 -25.54 41.66 19.41
N ARG F 10 -24.81 42.76 19.55
CA ARG F 10 -23.36 42.78 19.39
C ARG F 10 -22.70 43.31 20.63
N ILE F 11 -21.53 42.77 20.97
CA ILE F 11 -20.72 43.36 22.04
C ILE F 11 -19.33 43.69 21.55
N ALA F 12 -18.66 44.54 22.31
CA ALA F 12 -17.32 45.02 22.00
C ALA F 12 -16.64 45.34 23.33
N VAL F 13 -15.64 44.53 23.66
CA VAL F 13 -14.98 44.60 24.96
C VAL F 13 -13.49 44.66 24.71
N PRO F 14 -12.84 45.76 25.09
CA PRO F 14 -11.37 45.85 25.03
C PRO F 14 -10.66 44.71 25.76
N LEU F 15 -9.47 44.35 25.26
CA LEU F 15 -8.56 43.42 25.94
C LEU F 15 -7.64 44.25 26.83
N THR F 16 -7.18 43.66 27.94
CA THR F 16 -6.25 44.31 28.87
C THR F 16 -4.88 44.44 28.22
N LYS F 17 -4.48 43.36 27.54
CA LYS F 17 -3.26 43.31 26.75
C LYS F 17 -3.57 42.66 25.39
N PRO F 18 -2.91 43.08 24.31
CA PRO F 18 -3.16 42.47 23.00
C PRO F 18 -2.82 40.98 22.96
N PHE F 19 -3.74 40.24 22.39
CA PHE F 19 -3.62 38.80 22.18
C PHE F 19 -2.99 38.63 20.80
N LYS F 20 -1.89 37.88 20.74
CA LYS F 20 -1.10 37.76 19.52
C LYS F 20 -0.76 36.30 19.23
N THR F 21 -1.21 35.81 18.08
CA THR F 21 -0.77 34.53 17.53
C THR F 21 -0.03 34.76 16.21
N ALA F 22 0.34 33.67 15.55
CA ALA F 22 0.95 33.72 14.23
C ALA F 22 -0.05 34.14 13.13
N LEU F 23 -1.35 33.95 13.38
CA LEU F 23 -2.40 34.27 12.41
C LEU F 23 -2.93 35.69 12.54
N ARG F 24 -2.92 36.24 13.75
CA ARG F 24 -3.62 37.50 14.04
C ARG F 24 -3.23 38.16 15.36
N THR F 25 -3.62 39.43 15.47
CA THR F 25 -3.57 40.17 16.72
C THR F 25 -4.96 40.72 17.03
N VAL F 26 -5.36 40.63 18.29
CA VAL F 26 -6.67 41.11 18.71
C VAL F 26 -6.49 42.15 19.81
N TYR F 27 -7.08 43.31 19.58
CA TYR F 27 -7.02 44.46 20.50
C TYR F 27 -8.34 44.60 21.24
N THR F 28 -9.44 44.23 20.57
CA THR F 28 -10.77 44.19 21.18
C THR F 28 -11.58 42.95 20.74
N ALA F 29 -12.23 42.30 21.71
CA ALA F 29 -13.10 41.16 21.44
C ALA F 29 -14.46 41.62 20.98
N GLU F 30 -14.88 41.16 19.81
CA GLU F 30 -16.23 41.42 19.33
C GLU F 30 -16.96 40.10 19.25
N SER F 31 -18.28 40.13 19.39
CA SER F 31 -19.07 38.91 19.29
C SER F 31 -20.55 39.18 19.09
N VAL F 32 -21.16 38.40 18.22
CA VAL F 32 -22.61 38.30 18.14
C VAL F 32 -23.05 37.46 19.35
N ILE F 33 -24.09 37.94 20.04
CA ILE F 33 -24.69 37.22 21.17
C ILE F 33 -26.11 36.83 20.75
N VAL F 34 -26.44 35.55 20.90
CA VAL F 34 -27.75 35.03 20.52
C VAL F 34 -28.62 34.73 21.74
N ARG F 35 -29.90 35.10 21.63
CA ARG F 35 -30.89 34.83 22.65
C ARG F 35 -32.05 34.07 22.03
N ILE F 36 -32.32 32.88 22.53
CA ILE F 36 -33.47 32.10 22.13
C ILE F 36 -34.46 32.10 23.30
N THR F 37 -35.67 32.56 23.06
CA THR F 37 -36.69 32.57 24.08
C THR F 37 -37.66 31.44 23.76
N TYR F 38 -37.81 30.54 24.72
CA TYR F 38 -38.70 29.41 24.55
C TYR F 38 -40.08 29.73 25.10
N ASP F 39 -41.03 28.84 24.86
CA ASP F 39 -42.45 29.10 25.20
C ASP F 39 -42.71 28.96 26.71
N SER F 40 -41.74 28.40 27.45
CA SER F 40 -41.82 28.35 28.92
C SER F 40 -41.24 29.58 29.61
N GLY F 41 -40.92 30.62 28.85
CA GLY F 41 -40.23 31.79 29.39
C GLY F 41 -38.72 31.62 29.53
N ALA F 42 -38.23 30.38 29.50
CA ALA F 42 -36.82 30.10 29.58
C ALA F 42 -36.08 30.77 28.43
N VAL F 43 -34.84 31.19 28.70
CA VAL F 43 -33.97 31.83 27.71
C VAL F 43 -32.65 31.10 27.59
N GLY F 44 -32.34 30.63 26.39
CA GLY F 44 -31.06 30.03 26.07
C GLY F 44 -30.10 31.04 25.44
N TRP F 45 -28.81 30.90 25.76
CA TRP F 45 -27.79 31.86 25.35
C TRP F 45 -26.69 31.25 24.49
N GLY F 46 -26.10 32.08 23.63
CA GLY F 46 -25.02 31.67 22.76
C GLY F 46 -24.20 32.85 22.22
N GLU F 47 -23.08 32.55 21.58
CA GLU F 47 -22.13 33.58 21.14
C GLU F 47 -21.21 33.10 20.02
N ALA F 48 -20.84 34.02 19.14
CA ALA F 48 -19.92 33.77 18.05
C ALA F 48 -19.12 35.03 17.72
N PRO F 49 -17.79 34.99 17.87
CA PRO F 49 -16.93 36.10 17.46
C PRO F 49 -16.56 35.99 15.97
N PRO F 50 -16.11 37.08 15.37
CA PRO F 50 -15.54 37.00 14.02
C PRO F 50 -14.15 36.39 14.13
N THR F 51 -13.83 35.44 13.26
CA THR F 51 -12.46 34.97 13.06
C THR F 51 -12.14 34.82 11.57
N LEU F 52 -11.97 35.95 10.90
CA LEU F 52 -11.83 35.96 9.44
C LEU F 52 -10.68 35.12 8.88
N VAL F 53 -9.57 35.04 9.60
CA VAL F 53 -8.42 34.25 9.17
C VAL F 53 -8.40 32.82 9.76
N ILE F 54 -9.41 32.46 10.55
CA ILE F 54 -9.55 31.09 11.07
C ILE F 54 -10.77 30.35 10.50
N THR F 55 -11.97 30.84 10.79
CA THR F 55 -13.23 30.27 10.22
C THR F 55 -13.71 30.92 8.93
N GLY F 56 -13.33 32.20 8.71
CA GLY F 56 -13.89 33.02 7.66
C GLY F 56 -15.11 33.82 8.06
N ASP F 57 -15.63 33.58 9.26
CA ASP F 57 -16.87 34.24 9.69
C ASP F 57 -16.60 35.62 10.21
N SER F 58 -17.44 36.56 9.76
CA SER F 58 -17.45 37.96 10.20
C SER F 58 -18.71 38.20 11.01
N MET F 59 -18.77 39.35 11.69
CA MET F 59 -19.93 39.73 12.48
C MET F 59 -21.16 39.77 11.59
N ASP F 60 -20.98 40.44 10.45
CA ASP F 60 -22.02 40.60 9.45
C ASP F 60 -22.48 39.26 8.94
N SER F 61 -21.56 38.34 8.67
CA SER F 61 -21.93 37.04 8.07
C SER F 61 -22.67 36.14 9.05
N ILE F 62 -22.28 36.21 10.31
CA ILE F 62 -22.86 35.41 11.37
C ILE F 62 -24.30 35.83 11.60
N GLU F 63 -24.51 37.12 11.85
CA GLU F 63 -25.86 37.67 12.06
C GLU F 63 -26.78 37.38 10.89
N SER F 64 -26.27 37.57 9.67
CA SER F 64 -27.05 37.31 8.47
C SER F 64 -27.48 35.84 8.37
N ALA F 65 -26.54 34.94 8.65
CA ALA F 65 -26.81 33.51 8.62
C ALA F 65 -27.87 33.14 9.67
N ILE F 66 -27.73 33.72 10.86
CA ILE F 66 -28.64 33.45 11.95
C ILE F 66 -30.07 33.90 11.61
N HIS F 67 -30.23 35.11 11.07
CA HIS F 67 -31.54 35.71 10.82
C HIS F 67 -32.21 35.26 9.51
N HIS F 68 -31.42 35.09 8.45
CA HIS F 68 -31.95 34.72 7.14
C HIS F 68 -32.19 33.22 7.00
N VAL F 69 -31.33 32.41 7.58
CA VAL F 69 -31.37 30.96 7.36
C VAL F 69 -31.79 30.16 8.59
N LEU F 70 -31.06 30.33 9.68
CA LEU F 70 -31.25 29.49 10.86
C LEU F 70 -32.54 29.83 11.59
N LYS F 71 -32.83 31.12 11.72
CA LYS F 71 -33.98 31.57 12.49
C LYS F 71 -35.33 31.08 11.93
N PRO F 72 -35.63 31.30 10.64
CA PRO F 72 -36.91 30.84 10.07
C PRO F 72 -37.13 29.33 10.16
N ALA F 73 -36.07 28.52 10.18
CA ALA F 73 -36.21 27.06 10.27
C ALA F 73 -36.31 26.53 11.69
N LEU F 74 -35.97 27.38 12.66
CA LEU F 74 -36.02 27.00 14.08
C LEU F 74 -37.34 27.43 14.78
N LEU F 75 -37.98 28.50 14.30
CA LEU F 75 -39.20 29.00 14.93
C LEU F 75 -40.32 27.96 14.83
N GLY F 76 -41.03 27.75 15.94
CA GLY F 76 -42.07 26.73 16.02
C GLY F 76 -41.59 25.37 16.49
N LYS F 77 -40.28 25.13 16.46
CA LYS F 77 -39.77 23.78 16.68
C LYS F 77 -39.67 23.41 18.16
N SER F 78 -40.00 22.17 18.49
CA SER F 78 -39.90 21.67 19.86
C SER F 78 -38.65 20.83 20.06
N LEU F 79 -38.11 20.90 21.28
CA LEU F 79 -36.94 20.13 21.68
C LEU F 79 -37.19 18.64 21.87
N ALA F 80 -38.42 18.18 21.70
CA ALA F 80 -38.68 16.76 21.63
C ALA F 80 -37.87 16.16 20.47
N GLY F 81 -37.94 16.80 19.31
CA GLY F 81 -37.25 16.36 18.11
C GLY F 81 -36.03 17.20 17.79
N TYR F 82 -35.01 17.08 18.64
CA TYR F 82 -33.85 17.95 18.50
C TYR F 82 -32.78 17.41 17.57
N GLU F 83 -32.78 16.12 17.24
CA GLU F 83 -31.91 15.63 16.17
C GLU F 83 -32.25 16.39 14.88
N ALA F 84 -33.53 16.50 14.57
CA ALA F 84 -34.02 17.23 13.39
C ALA F 84 -33.54 18.69 13.40
N ILE F 85 -33.64 19.35 14.55
CA ILE F 85 -33.20 20.72 14.66
C ILE F 85 -31.71 20.84 14.36
N LEU F 86 -30.91 20.03 15.06
CA LEU F 86 -29.46 20.00 14.89
C LEU F 86 -29.06 19.69 13.45
N HIS F 87 -29.81 18.80 12.80
CA HIS F 87 -29.56 18.53 11.39
C HIS F 87 -29.79 19.73 10.47
N ASP F 88 -30.88 20.44 10.69
CA ASP F 88 -31.18 21.67 9.94
C ASP F 88 -30.04 22.66 10.09
N ILE F 89 -29.60 22.88 11.33
CA ILE F 89 -28.58 23.85 11.63
C ILE F 89 -27.30 23.60 10.84
N GLN F 90 -26.90 22.35 10.75
CA GLN F 90 -25.65 22.00 10.09
C GLN F 90 -25.80 21.99 8.56
N HIS F 91 -26.98 21.56 8.07
CA HIS F 91 -27.17 21.28 6.64
C HIS F 91 -27.99 22.32 5.86
N LEU F 92 -28.50 23.35 6.52
CA LEU F 92 -29.29 24.38 5.84
C LEU F 92 -28.40 25.40 5.17
N LEU F 93 -27.11 25.39 5.53
CA LEU F 93 -26.09 26.20 4.89
C LEU F 93 -24.71 25.53 5.08
N THR F 94 -23.88 25.57 4.05
CA THR F 94 -22.50 25.12 4.20
C THR F 94 -21.67 26.19 4.92
N GLY F 95 -20.59 25.78 5.56
CA GLY F 95 -19.75 26.67 6.32
C GLY F 95 -20.51 27.42 7.40
N ASN F 96 -20.13 28.69 7.58
CA ASN F 96 -20.72 29.53 8.62
C ASN F 96 -20.77 28.79 9.95
N MET F 97 -19.69 28.11 10.30
CA MET F 97 -19.64 27.22 11.46
C MET F 97 -19.86 28.01 12.75
N SER F 98 -19.29 29.21 12.83
CA SER F 98 -19.47 30.05 14.01
C SER F 98 -20.95 30.37 14.29
N ALA F 99 -21.74 30.60 13.24
CA ALA F 99 -23.15 30.96 13.40
C ALA F 99 -23.97 29.77 13.87
N LYS F 100 -23.64 28.60 13.33
CA LYS F 100 -24.27 27.35 13.75
C LYS F 100 -23.98 27.10 15.23
N ALA F 101 -22.77 27.47 15.65
CA ALA F 101 -22.28 27.24 17.01
C ALA F 101 -23.01 28.14 18.00
N ALA F 102 -23.20 29.40 17.66
CA ALA F 102 -23.94 30.32 18.54
C ALA F 102 -25.37 29.82 18.78
N VAL F 103 -26.02 29.36 17.71
CA VAL F 103 -27.38 28.85 17.80
C VAL F 103 -27.41 27.57 18.62
N GLU F 104 -26.40 26.72 18.48
CA GLU F 104 -26.39 25.42 19.15
C GLU F 104 -26.22 25.59 20.65
N MET F 105 -25.37 26.53 21.06
CA MET F 105 -25.22 26.87 22.48
C MET F 105 -26.57 27.15 23.14
N ALA F 106 -27.38 28.03 22.52
CA ALA F 106 -28.66 28.50 23.07
C ALA F 106 -29.72 27.42 23.00
N LEU F 107 -29.51 26.49 22.08
CA LEU F 107 -30.37 25.32 21.96
C LEU F 107 -30.11 24.31 23.10
N TYR F 108 -28.84 23.97 23.34
CA TYR F 108 -28.46 23.03 24.40
C TYR F 108 -28.76 23.62 25.79
N ASP F 109 -28.60 24.93 25.91
CA ASP F 109 -29.02 25.68 27.10
C ASP F 109 -30.49 25.38 27.38
N GLY F 110 -31.34 25.56 26.36
CA GLY F 110 -32.76 25.26 26.46
C GLY F 110 -33.03 23.80 26.79
N TRP F 111 -32.34 22.89 26.11
CA TRP F 111 -32.52 21.44 26.29
C TRP F 111 -32.24 20.98 27.73
N ALA F 112 -31.09 21.38 28.27
CA ALA F 112 -30.74 21.07 29.65
C ALA F 112 -31.68 21.74 30.68
N GLN F 113 -32.23 22.91 30.33
CA GLN F 113 -33.19 23.61 31.21
C GLN F 113 -34.52 22.87 31.23
N MET F 114 -34.88 22.29 30.08
CA MET F 114 -36.08 21.48 29.96
C MET F 114 -35.99 20.26 30.88
N CYS F 115 -34.78 19.76 31.09
CA CYS F 115 -34.56 18.57 31.91
C CYS F 115 -34.11 18.91 33.31
N GLY F 116 -33.97 20.19 33.62
CA GLY F 116 -33.59 20.63 34.95
C GLY F 116 -32.22 20.14 35.39
N LEU F 117 -31.25 20.13 34.49
CA LEU F 117 -29.87 19.81 34.85
C LEU F 117 -28.90 20.83 34.28
N PRO F 118 -27.79 21.06 34.97
CA PRO F 118 -26.67 21.78 34.37
C PRO F 118 -26.31 21.09 33.05
N LEU F 119 -26.05 21.86 32.01
CA LEU F 119 -25.76 21.29 30.70
C LEU F 119 -24.70 20.20 30.82
N TYR F 120 -23.67 20.42 31.61
CA TYR F 120 -22.56 19.45 31.72
C TYR F 120 -23.03 18.07 32.20
N GLN F 121 -23.97 18.05 33.14
CA GLN F 121 -24.51 16.80 33.65
C GLN F 121 -25.42 16.14 32.64
N MET F 122 -26.12 16.95 31.86
CA MET F 122 -26.95 16.48 30.75
C MET F 122 -26.14 15.68 29.74
N LEU F 123 -24.92 16.17 29.52
CA LEU F 123 -23.98 15.61 28.57
C LEU F 123 -23.04 14.55 29.20
N GLY F 124 -23.17 14.29 30.50
CA GLY F 124 -22.44 13.21 31.13
C GLY F 124 -21.88 13.49 32.51
N GLY F 125 -21.58 14.74 32.81
CA GLY F 125 -21.23 15.16 34.15
C GLY F 125 -19.97 14.56 34.76
N TYR F 126 -18.91 14.42 33.95
CA TYR F 126 -17.73 13.68 34.38
C TYR F 126 -16.93 14.40 35.47
N ARG F 127 -16.84 15.72 35.36
CA ARG F 127 -16.12 16.49 36.36
C ARG F 127 -16.88 17.76 36.73
N ASP F 128 -16.70 18.19 37.96
CA ASP F 128 -17.30 19.43 38.44
C ASP F 128 -16.30 20.57 38.31
N THR F 129 -15.01 20.25 38.25
CA THR F 129 -13.98 21.25 38.06
C THR F 129 -12.95 20.79 37.05
N LEU F 130 -12.22 21.76 36.53
CA LEU F 130 -11.21 21.51 35.53
C LEU F 130 -10.21 22.67 35.56
N GLU F 131 -9.05 22.49 34.93
CA GLU F 131 -7.97 23.48 34.99
C GLU F 131 -7.71 24.04 33.58
N THR F 132 -7.96 25.34 33.44
CA THR F 132 -7.58 26.06 32.23
C THR F 132 -6.12 26.49 32.27
N ASP F 133 -5.51 26.52 31.10
CA ASP F 133 -4.19 27.09 30.95
C ASP F 133 -4.39 28.59 30.76
N TYR F 134 -3.28 29.31 30.70
CA TYR F 134 -3.29 30.70 30.29
C TYR F 134 -2.33 30.79 29.11
N THR F 135 -2.69 31.63 28.15
CA THR F 135 -1.92 31.77 26.92
C THR F 135 -0.94 32.96 27.00
N VAL F 136 0.32 32.71 26.67
CA VAL F 136 1.31 33.75 26.51
C VAL F 136 1.44 34.08 25.03
N SER F 137 1.08 35.32 24.68
CA SER F 137 1.09 35.81 23.30
C SER F 137 2.51 36.00 22.73
N VAL F 138 2.66 35.75 21.42
CA VAL F 138 3.94 36.01 20.74
C VAL F 138 4.36 37.46 20.90
N ASN F 139 5.52 37.63 21.52
CA ASN F 139 6.21 38.91 21.67
C ASN F 139 7.71 38.60 21.81
N SER F 140 8.53 39.55 22.24
CA SER F 140 9.96 39.29 22.43
C SER F 140 10.14 38.28 23.58
N PRO F 141 11.21 37.48 23.54
CA PRO F 141 11.47 36.50 24.61
C PRO F 141 11.28 37.10 26.00
N GLU F 142 11.70 38.35 26.18
CA GLU F 142 11.59 39.03 27.47
C GLU F 142 10.16 39.39 27.85
N GLU F 143 9.38 39.92 26.90
CA GLU F 143 7.97 40.23 27.16
C GLU F 143 7.20 38.96 27.51
N MET F 144 7.49 37.88 26.80
CA MET F 144 6.83 36.60 26.99
C MET F 144 7.16 35.97 28.35
N ALA F 145 8.44 36.01 28.74
CA ALA F 145 8.87 35.49 30.03
C ALA F 145 8.23 36.24 31.19
N ALA F 146 8.08 37.56 31.05
CA ALA F 146 7.45 38.40 32.06
C ALA F 146 5.94 38.18 32.13
N ASP F 147 5.32 37.88 30.99
CA ASP F 147 3.90 37.56 30.97
C ASP F 147 3.70 36.21 31.68
N ALA F 148 4.62 35.27 31.47
CA ALA F 148 4.55 33.91 32.01
C ALA F 148 4.65 33.90 33.54
N GLU F 149 5.65 34.62 34.05
CA GLU F 149 5.83 34.87 35.48
C GLU F 149 4.61 35.57 36.08
N ASN F 150 3.99 36.47 35.33
CA ASN F 150 2.81 37.21 35.79
C ASN F 150 1.58 36.30 35.90
N TYR F 151 1.44 35.34 34.99
CA TYR F 151 0.30 34.43 34.98
C TYR F 151 0.46 33.34 36.04
N LEU F 152 1.67 32.82 36.17
CA LEU F 152 1.99 31.87 37.22
C LEU F 152 1.68 32.42 38.63
N LYS F 153 1.99 33.71 38.84
CA LYS F 153 1.67 34.39 40.10
C LYS F 153 0.17 34.50 40.34
N GLN F 154 -0.60 34.65 39.26
CA GLN F 154 -2.07 34.65 39.36
C GLN F 154 -2.62 33.24 39.65
N GLY F 155 -1.76 32.22 39.54
CA GLY F 155 -2.07 30.85 39.97
C GLY F 155 -2.19 29.83 38.84
N PHE F 156 -1.55 30.10 37.71
CA PHE F 156 -1.65 29.24 36.52
C PHE F 156 -0.37 28.45 36.32
N GLN F 157 -0.44 27.14 36.58
CA GLN F 157 0.72 26.25 36.45
C GLN F 157 0.88 25.66 35.05
N THR F 158 -0.10 25.89 34.18
CA THR F 158 -0.08 25.36 32.83
C THR F 158 -0.17 26.54 31.85
N LEU F 159 0.84 26.70 31.01
CA LEU F 159 0.89 27.81 30.07
C LEU F 159 0.93 27.35 28.63
N LYS F 160 0.19 28.06 27.80
CA LYS F 160 0.13 27.84 26.37
C LYS F 160 0.96 28.96 25.76
N ILE F 161 2.05 28.61 25.07
CA ILE F 161 2.97 29.58 24.50
C ILE F 161 2.72 29.66 23.00
N LYS F 162 2.26 30.82 22.53
CA LYS F 162 2.13 31.07 21.10
C LYS F 162 3.48 31.27 20.47
N VAL F 163 3.79 30.43 19.50
CA VAL F 163 4.95 30.60 18.63
C VAL F 163 4.51 30.53 17.15
N GLY F 164 5.49 30.60 16.23
CA GLY F 164 5.27 30.34 14.82
C GLY F 164 5.12 31.58 13.94
N LYS F 165 5.28 32.77 14.53
CA LYS F 165 5.00 34.04 13.82
C LYS F 165 6.15 34.52 12.94
N ASP F 166 7.39 34.38 13.41
CA ASP F 166 8.55 34.88 12.68
C ASP F 166 9.56 33.73 12.48
N ASP F 167 10.75 33.78 13.06
CA ASP F 167 11.76 32.75 12.77
C ASP F 167 11.93 31.76 13.90
N ILE F 168 12.11 30.49 13.50
CA ILE F 168 12.30 29.37 14.40
C ILE F 168 13.29 29.63 15.54
N ALA F 169 14.42 30.25 15.22
CA ALA F 169 15.47 30.51 16.21
C ALA F 169 14.95 31.38 17.35
N THR F 170 14.15 32.38 17.02
CA THR F 170 13.54 33.25 18.02
C THR F 170 12.52 32.52 18.90
N ASP F 171 11.83 31.53 18.33
CA ASP F 171 10.89 30.69 19.07
C ASP F 171 11.58 29.82 20.09
N ILE F 172 12.70 29.19 19.71
CA ILE F 172 13.49 28.41 20.66
C ILE F 172 13.97 29.29 21.80
N ALA F 173 14.54 30.45 21.46
CA ALA F 173 14.96 31.45 22.43
C ALA F 173 13.83 31.89 23.34
N ARG F 174 12.62 32.00 22.79
CA ARG F 174 11.45 32.35 23.57
C ARG F 174 11.18 31.29 24.63
N ILE F 175 11.20 30.03 24.19
CA ILE F 175 10.87 28.90 25.06
C ILE F 175 11.97 28.65 26.08
N GLN F 176 13.20 29.06 25.76
CA GLN F 176 14.32 28.88 26.68
C GLN F 176 14.24 29.88 27.82
N GLU F 177 13.82 31.11 27.51
CA GLU F 177 13.72 32.15 28.51
C GLU F 177 12.50 31.98 29.40
N ILE F 178 11.41 31.46 28.84
CA ILE F 178 10.19 31.21 29.59
C ILE F 178 10.43 30.07 30.55
N ARG F 179 11.06 29.00 30.07
CA ARG F 179 11.39 27.84 30.90
C ARG F 179 12.25 28.18 32.10
N LYS F 180 13.36 28.86 31.84
CA LYS F 180 14.31 29.23 32.88
C LYS F 180 13.66 30.20 33.87
N ARG F 181 12.78 31.07 33.37
CA ARG F 181 12.15 32.07 34.23
C ARG F 181 11.07 31.52 35.17
N VAL F 182 10.41 30.45 34.73
CA VAL F 182 9.21 29.95 35.36
C VAL F 182 9.49 28.70 36.22
N GLY F 183 10.64 28.05 35.99
CA GLY F 183 10.96 26.80 36.65
C GLY F 183 10.48 25.59 35.85
N SER F 184 10.83 24.39 36.30
CA SER F 184 10.57 23.14 35.56
C SER F 184 9.34 22.31 36.01
N ALA F 185 8.58 22.82 36.99
CA ALA F 185 7.37 22.16 37.45
C ALA F 185 6.17 22.54 36.57
N VAL F 186 6.12 23.78 36.09
CA VAL F 186 4.96 24.26 35.32
C VAL F 186 4.92 23.58 33.95
N LYS F 187 3.72 23.30 33.46
CA LYS F 187 3.54 22.64 32.17
C LYS F 187 3.66 23.67 31.05
N LEU F 188 4.47 23.39 30.03
CA LEU F 188 4.55 24.27 28.86
C LEU F 188 3.99 23.56 27.65
N ARG F 189 3.04 24.25 27.03
CA ARG F 189 2.21 23.75 25.95
C ARG F 189 2.43 24.74 24.84
N LEU F 190 2.89 24.30 23.67
CA LEU F 190 3.12 25.25 22.55
C LEU F 190 2.03 25.21 21.47
N ASP F 191 1.87 26.35 20.78
CA ASP F 191 0.91 26.49 19.69
C ASP F 191 1.52 27.37 18.59
N ALA F 192 1.99 26.71 17.55
CA ALA F 192 2.65 27.37 16.41
C ALA F 192 1.67 27.93 15.37
N ASN F 193 0.39 27.58 15.48
CA ASN F 193 -0.66 28.11 14.63
C ASN F 193 -0.32 28.07 13.13
N GLN F 194 0.22 26.94 12.69
CA GLN F 194 0.51 26.62 11.28
C GLN F 194 1.79 27.26 10.73
N GLY F 195 2.61 27.86 11.59
CA GLY F 195 3.70 28.72 11.11
C GLY F 195 4.97 28.05 10.58
N TRP F 196 5.06 26.72 10.72
CA TRP F 196 6.29 26.01 10.44
C TRP F 196 6.10 25.08 9.24
N ARG F 197 7.23 24.68 8.66
CA ARG F 197 7.22 23.66 7.61
C ARG F 197 7.53 22.37 8.32
N PRO F 198 7.16 21.23 7.71
CA PRO F 198 7.35 19.94 8.38
C PRO F 198 8.77 19.66 8.90
N LYS F 199 9.81 19.89 8.12
CA LYS F 199 11.17 19.59 8.56
C LYS F 199 11.65 20.62 9.58
N GLU F 200 11.23 21.86 9.39
CA GLU F 200 11.39 22.95 10.38
C GLU F 200 10.90 22.55 11.77
N ALA F 201 9.66 22.08 11.81
CA ALA F 201 8.98 21.73 13.06
C ALA F 201 9.72 20.59 13.72
N VAL F 202 10.00 19.54 12.96
CA VAL F 202 10.69 18.36 13.49
C VAL F 202 11.95 18.81 14.21
N THR F 203 12.81 19.49 13.46
CA THR F 203 14.12 19.91 13.93
C THR F 203 14.05 20.76 15.22
N ALA F 204 13.15 21.74 15.24
CA ALA F 204 12.99 22.66 16.37
C ALA F 204 12.41 21.97 17.60
N ILE F 205 11.50 21.04 17.37
CA ILE F 205 10.89 20.28 18.44
C ILE F 205 11.95 19.38 19.09
N ARG F 206 12.87 18.85 18.28
CA ARG F 206 13.92 17.98 18.81
C ARG F 206 14.98 18.76 19.59
N LYS F 207 15.30 19.97 19.11
CA LYS F 207 16.22 20.85 19.82
C LYS F 207 15.70 21.15 21.21
N MET F 208 14.38 21.35 21.32
CA MET F 208 13.75 21.68 22.60
C MET F 208 13.70 20.45 23.50
N GLU F 209 13.40 19.29 22.91
CA GLU F 209 13.41 18.01 23.63
C GLU F 209 14.79 17.72 24.23
N ASP F 210 15.83 17.91 23.43
CA ASP F 210 17.20 17.56 23.81
C ASP F 210 17.73 18.49 24.89
N ALA F 211 17.36 19.76 24.82
CA ALA F 211 17.68 20.73 25.86
C ALA F 211 16.83 20.52 27.12
N GLY F 212 16.02 19.47 27.15
CA GLY F 212 15.24 19.11 28.31
C GLY F 212 14.29 20.22 28.72
N LEU F 213 13.72 20.89 27.72
CA LEU F 213 12.84 22.04 27.96
C LEU F 213 11.47 21.56 28.43
N GLY F 214 11.17 20.27 28.21
CA GLY F 214 9.99 19.65 28.79
C GLY F 214 8.69 20.15 28.22
N ILE F 215 8.59 20.16 26.89
CA ILE F 215 7.37 20.58 26.20
C ILE F 215 6.34 19.45 26.29
N GLU F 216 5.16 19.79 26.81
CA GLU F 216 4.04 18.87 26.94
C GLU F 216 3.49 18.48 25.58
N LEU F 217 3.19 19.48 24.75
CA LEU F 217 2.65 19.23 23.42
C LEU F 217 2.83 20.44 22.51
N VAL F 218 2.56 20.26 21.22
CA VAL F 218 2.63 21.33 20.24
C VAL F 218 1.36 21.28 19.40
N GLU F 219 0.63 22.38 19.35
CA GLU F 219 -0.59 22.48 18.56
C GLU F 219 -0.28 22.84 17.11
N GLN F 220 -0.83 22.05 16.18
CA GLN F 220 -0.88 22.35 14.75
C GLN F 220 0.40 23.01 14.22
N PRO F 221 1.50 22.28 14.20
CA PRO F 221 2.78 22.85 13.75
C PRO F 221 2.79 23.37 12.30
N VAL F 222 1.95 22.82 11.44
CA VAL F 222 2.03 23.08 10.01
C VAL F 222 0.69 23.54 9.41
N HIS F 223 0.75 24.08 8.19
CA HIS F 223 -0.46 24.46 7.44
C HIS F 223 -1.56 23.41 7.62
N LYS F 224 -2.80 23.88 7.79
CA LYS F 224 -3.95 23.06 8.11
C LYS F 224 -4.27 21.96 7.10
N ASP F 225 -4.04 22.22 5.81
CA ASP F 225 -4.37 21.23 4.76
C ASP F 225 -3.22 20.28 4.45
N ASP F 226 -2.06 20.52 5.06
CA ASP F 226 -0.91 19.62 4.94
C ASP F 226 -0.99 18.50 5.96
N LEU F 227 -1.81 17.51 5.68
CA LEU F 227 -2.01 16.40 6.58
C LEU F 227 -0.78 15.51 6.62
N ALA F 228 -0.25 15.15 5.46
CA ALA F 228 0.96 14.33 5.43
C ALA F 228 2.12 15.01 6.19
N GLY F 229 2.20 16.33 6.10
CA GLY F 229 3.21 17.12 6.80
C GLY F 229 3.04 17.09 8.31
N LEU F 230 1.79 17.14 8.75
CA LEU F 230 1.42 16.98 10.16
C LEU F 230 1.72 15.58 10.70
N LYS F 231 1.49 14.56 9.88
CA LYS F 231 1.77 13.18 10.27
C LYS F 231 3.26 13.00 10.46
N LYS F 232 4.04 13.59 9.56
CA LYS F 232 5.51 13.51 9.63
C LYS F 232 6.00 14.08 10.96
N VAL F 233 5.47 15.21 11.37
CA VAL F 233 5.92 15.84 12.59
C VAL F 233 5.54 14.93 13.77
N THR F 234 4.28 14.50 13.80
CA THR F 234 3.78 13.52 14.76
C THR F 234 4.66 12.28 14.92
N ASP F 235 5.15 11.76 13.79
CA ASP F 235 5.91 10.50 13.75
C ASP F 235 7.42 10.68 14.00
N ALA F 236 7.96 11.85 13.69
CA ALA F 236 9.41 12.10 13.81
C ALA F 236 9.86 12.63 15.18
N THR F 237 8.95 13.24 15.94
CA THR F 237 9.28 13.80 17.25
C THR F 237 8.88 12.85 18.38
N ASP F 238 9.23 13.27 19.60
CA ASP F 238 8.80 12.59 20.82
C ASP F 238 7.75 13.40 21.58
N THR F 239 7.46 14.60 21.09
CA THR F 239 6.50 15.48 21.71
C THR F 239 5.11 15.24 21.09
N PRO F 240 4.08 15.11 21.92
CA PRO F 240 2.70 15.03 21.41
C PRO F 240 2.34 16.19 20.48
N ILE F 241 1.68 15.86 19.37
CA ILE F 241 1.23 16.85 18.40
C ILE F 241 -0.30 16.89 18.39
N MET F 242 -0.84 18.11 18.51
CA MET F 242 -2.28 18.30 18.57
C MET F 242 -2.80 18.99 17.31
N ALA F 243 -3.57 18.27 16.50
CA ALA F 243 -4.29 18.90 15.39
C ALA F 243 -5.24 19.96 15.93
N ASP F 244 -5.29 21.12 15.30
CA ASP F 244 -6.27 22.14 15.66
C ASP F 244 -7.05 22.58 14.41
N GLU F 245 -6.46 23.48 13.61
CA GLU F 245 -7.10 24.04 12.42
C GLU F 245 -7.33 23.00 11.30
N SER F 246 -6.60 21.88 11.37
CA SER F 246 -6.78 20.74 10.48
C SER F 246 -8.06 19.97 10.79
N VAL F 247 -8.72 20.27 11.91
CA VAL F 247 -9.90 19.49 12.36
C VAL F 247 -10.97 20.39 12.98
N PHE F 248 -12.01 20.64 12.16
CA PHE F 248 -13.21 21.39 12.52
C PHE F 248 -14.40 20.44 12.76
N THR F 249 -14.61 19.52 11.81
CA THR F 249 -15.81 18.69 11.75
C THR F 249 -15.49 17.25 12.12
N PRO F 250 -16.53 16.47 12.42
CA PRO F 250 -16.39 15.03 12.58
C PRO F 250 -15.68 14.37 11.39
N ARG F 251 -16.01 14.82 10.19
CA ARG F 251 -15.48 14.24 8.98
C ARG F 251 -13.96 14.44 8.91
N GLN F 252 -13.52 15.64 9.22
CA GLN F 252 -12.09 15.95 9.17
C GLN F 252 -11.34 15.23 10.30
N ALA F 253 -11.99 15.09 11.46
CA ALA F 253 -11.46 14.29 12.55
C ALA F 253 -11.30 12.83 12.13
N PHE F 254 -12.23 12.30 11.36
CA PHE F 254 -12.14 10.91 10.94
C PHE F 254 -10.91 10.73 10.05
N GLU F 255 -10.65 11.69 9.16
CA GLU F 255 -9.48 11.62 8.30
C GLU F 255 -8.19 11.58 9.11
N VAL F 256 -8.07 12.49 10.06
CA VAL F 256 -6.91 12.61 10.93
C VAL F 256 -6.74 11.36 11.79
N LEU F 257 -7.85 10.80 12.30
CA LEU F 257 -7.77 9.59 13.12
C LEU F 257 -7.39 8.36 12.29
N GLN F 258 -7.90 8.26 11.05
CA GLN F 258 -7.72 7.07 10.20
C GLN F 258 -6.27 7.02 9.72
N THR F 259 -5.75 8.18 9.34
CA THR F 259 -4.34 8.32 8.92
C THR F 259 -3.34 8.45 10.08
N ARG F 260 -3.86 8.64 11.30
CA ARG F 260 -3.05 8.88 12.50
C ARG F 260 -2.02 10.03 12.33
N SER F 261 -2.51 11.14 11.79
CA SER F 261 -1.68 12.32 11.55
C SER F 261 -1.43 13.17 12.79
N ALA F 262 -2.11 12.86 13.90
CA ALA F 262 -1.91 13.61 15.15
C ALA F 262 -2.13 12.77 16.39
N ASP F 263 -1.47 13.13 17.49
CA ASP F 263 -1.63 12.45 18.78
C ASP F 263 -2.81 12.95 19.60
N LEU F 264 -3.19 14.21 19.38
CA LEU F 264 -4.20 14.89 20.17
C LEU F 264 -5.09 15.75 19.26
N ILE F 265 -6.30 16.06 19.69
CA ILE F 265 -7.14 17.02 18.97
C ILE F 265 -7.64 18.14 19.86
N ASN F 266 -7.62 19.34 19.32
CA ASN F 266 -8.26 20.50 19.91
C ASN F 266 -9.64 20.65 19.27
N ILE F 267 -10.64 20.77 20.13
CA ILE F 267 -12.02 20.90 19.72
C ILE F 267 -12.48 22.27 20.15
N LYS F 268 -13.17 22.95 19.25
CA LYS F 268 -13.79 24.22 19.56
C LYS F 268 -15.19 24.22 18.98
N LEU F 269 -16.12 24.81 19.71
CA LEU F 269 -17.51 24.91 19.28
C LEU F 269 -17.65 25.69 17.99
N MET F 270 -16.91 26.78 17.85
CA MET F 270 -16.91 27.56 16.62
C MET F 270 -16.50 26.71 15.39
N LYS F 271 -15.49 25.86 15.55
CA LYS F 271 -15.02 25.02 14.44
C LYS F 271 -16.05 23.95 14.09
N ALA F 272 -16.57 23.29 15.12
CA ALA F 272 -17.52 22.19 14.95
C ALA F 272 -18.94 22.67 14.63
N GLY F 273 -19.15 23.98 14.65
CA GLY F 273 -20.49 24.53 14.53
C GLY F 273 -21.45 24.12 15.64
N GLY F 274 -20.90 24.00 16.86
CA GLY F 274 -21.68 23.75 18.06
C GLY F 274 -21.21 22.56 18.85
N ILE F 275 -22.07 22.10 19.75
CA ILE F 275 -21.76 20.99 20.66
C ILE F 275 -22.00 19.61 20.03
N SER F 276 -22.95 19.49 19.09
CA SER F 276 -23.31 18.17 18.55
C SER F 276 -22.15 17.51 17.84
N GLY F 277 -21.41 18.30 17.07
CA GLY F 277 -20.25 17.83 16.32
C GLY F 277 -19.01 17.68 17.17
N ALA F 278 -18.83 18.61 18.11
CA ALA F 278 -17.83 18.50 19.16
C ALA F 278 -17.92 17.17 19.89
N GLU F 279 -19.15 16.78 20.23
CA GLU F 279 -19.42 15.52 20.92
C GLU F 279 -19.03 14.35 20.04
N LYS F 280 -19.44 14.41 18.77
CA LYS F 280 -19.12 13.37 17.80
C LYS F 280 -17.61 13.23 17.55
N ILE F 281 -16.87 14.34 17.60
CA ILE F 281 -15.43 14.29 17.39
C ILE F 281 -14.78 13.62 18.59
N ASN F 282 -15.11 14.06 19.79
CA ASN F 282 -14.53 13.48 20.98
C ASN F 282 -14.77 11.98 21.09
N ALA F 283 -15.92 11.52 20.60
CA ALA F 283 -16.26 10.11 20.71
C ALA F 283 -15.48 9.27 19.69
N MET F 284 -15.28 9.79 18.47
CA MET F 284 -14.44 9.11 17.47
C MET F 284 -13.03 9.00 18.03
N ALA F 285 -12.58 10.12 18.59
CA ALA F 285 -11.26 10.24 19.18
C ALA F 285 -11.06 9.24 20.29
N GLU F 286 -12.00 9.19 21.23
CA GLU F 286 -11.93 8.24 22.34
C GLU F 286 -11.81 6.80 21.86
N ALA F 287 -12.42 6.49 20.74
CA ALA F 287 -12.42 5.14 20.17
C ALA F 287 -11.07 4.76 19.53
N CYS F 288 -10.27 5.77 19.20
CA CYS F 288 -8.93 5.59 18.64
C CYS F 288 -7.81 5.85 19.67
N GLY F 289 -8.19 6.15 20.90
CA GLY F 289 -7.22 6.35 21.97
C GLY F 289 -6.56 7.71 21.94
N VAL F 290 -7.28 8.68 21.37
CA VAL F 290 -6.80 10.04 21.19
C VAL F 290 -7.59 10.98 22.10
N GLU F 291 -6.89 11.57 23.06
CA GLU F 291 -7.51 12.50 23.98
C GLU F 291 -7.72 13.82 23.27
N CYS F 292 -8.59 14.65 23.82
CA CYS F 292 -8.91 15.93 23.22
C CYS F 292 -8.73 17.07 24.21
N MET F 293 -8.39 18.25 23.69
CA MET F 293 -8.44 19.48 24.46
C MET F 293 -9.63 20.24 23.94
N VAL F 294 -10.33 20.97 24.81
CA VAL F 294 -11.35 21.89 24.33
C VAL F 294 -10.89 23.31 24.61
N GLY F 295 -10.83 24.13 23.57
CA GLY F 295 -10.50 25.53 23.70
C GLY F 295 -11.62 26.44 23.23
N SER F 296 -11.24 27.65 22.85
CA SER F 296 -12.17 28.64 22.32
C SER F 296 -11.46 29.53 21.31
N MET F 297 -12.21 30.42 20.66
CA MET F 297 -11.60 31.59 20.03
C MET F 297 -11.57 32.68 21.10
N ILE F 298 -11.35 33.93 20.71
CA ILE F 298 -11.50 35.03 21.66
C ILE F 298 -12.99 35.26 21.88
N GLU F 299 -13.48 34.69 22.98
CA GLU F 299 -14.88 34.75 23.36
C GLU F 299 -15.00 35.29 24.79
N THR F 300 -16.23 35.60 25.21
CA THR F 300 -16.52 36.00 26.58
C THR F 300 -16.84 34.79 27.40
N LYS F 301 -17.13 35.02 28.67
CA LYS F 301 -17.51 33.97 29.61
C LYS F 301 -18.66 33.10 29.12
N LEU F 302 -19.50 33.62 28.24
CA LEU F 302 -20.69 32.90 27.78
C LEU F 302 -20.35 31.70 26.93
N GLY F 303 -19.55 31.91 25.89
CA GLY F 303 -19.18 30.85 24.98
C GLY F 303 -18.21 29.89 25.64
N ILE F 304 -17.40 30.44 26.53
CA ILE F 304 -16.48 29.65 27.33
C ILE F 304 -17.22 28.78 28.32
N THR F 305 -18.36 29.28 28.80
CA THR F 305 -19.25 28.52 29.66
C THR F 305 -19.87 27.36 28.88
N ALA F 306 -20.22 27.61 27.61
CA ALA F 306 -20.83 26.56 26.80
C ALA F 306 -19.83 25.43 26.55
N ALA F 307 -18.60 25.82 26.28
CA ALA F 307 -17.56 24.88 25.95
C ALA F 307 -17.17 24.14 27.21
N ALA F 308 -17.18 24.83 28.33
CA ALA F 308 -16.73 24.25 29.59
C ALA F 308 -17.71 23.17 30.04
N HIS F 309 -19.00 23.40 29.78
CA HIS F 309 -20.01 22.43 30.13
C HIS F 309 -19.80 21.20 29.27
N PHE F 310 -19.44 21.41 28.00
CA PHE F 310 -19.17 20.26 27.12
C PHE F 310 -17.90 19.54 27.58
N ALA F 311 -16.87 20.30 27.87
CA ALA F 311 -15.58 19.77 28.24
C ALA F 311 -15.62 19.03 29.57
N ALA F 312 -16.34 19.59 30.53
CA ALA F 312 -16.47 18.98 31.86
C ALA F 312 -17.22 17.68 31.78
N SER F 313 -18.00 17.50 30.72
CA SER F 313 -18.89 16.36 30.60
C SER F 313 -18.24 15.05 30.15
N LYS F 314 -17.11 15.12 29.45
CA LYS F 314 -16.54 13.93 28.81
C LYS F 314 -15.22 13.48 29.46
N ARG F 315 -15.09 12.19 29.68
CA ARG F 315 -13.88 11.64 30.25
C ARG F 315 -12.69 11.87 29.34
N ASN F 316 -12.91 11.78 28.04
CA ASN F 316 -11.82 11.81 27.06
C ASN F 316 -11.28 13.21 26.79
N ILE F 317 -11.92 14.23 27.34
CA ILE F 317 -11.38 15.58 27.29
C ILE F 317 -10.60 15.82 28.60
N THR F 318 -9.29 15.99 28.47
CA THR F 318 -8.37 16.06 29.61
C THR F 318 -7.53 17.32 29.65
N ARG F 319 -7.75 18.23 28.70
CA ARG F 319 -7.11 19.53 28.69
C ARG F 319 -8.10 20.63 28.32
N PHE F 320 -7.81 21.82 28.81
CA PHE F 320 -8.80 22.89 28.80
C PHE F 320 -8.08 24.21 28.55
N ASP F 321 -8.65 25.01 27.67
CA ASP F 321 -7.99 26.18 27.17
C ASP F 321 -9.03 27.28 27.16
N PHE F 322 -9.46 27.63 28.37
CA PHE F 322 -10.57 28.55 28.62
C PHE F 322 -10.13 29.84 29.31
N ASP F 323 -9.15 30.50 28.68
CA ASP F 323 -8.57 31.74 29.18
C ASP F 323 -9.00 33.03 28.48
N ALA F 324 -9.75 32.91 27.40
CA ALA F 324 -10.20 34.09 26.65
C ALA F 324 -10.91 35.14 27.50
N PRO F 325 -11.88 34.75 28.34
CA PRO F 325 -12.64 35.73 29.13
C PRO F 325 -11.79 36.51 30.13
N LEU F 326 -10.69 35.90 30.58
CA LEU F 326 -9.80 36.52 31.54
C LEU F 326 -9.00 37.65 30.92
N MET F 327 -8.73 37.56 29.62
CA MET F 327 -8.01 38.60 28.86
C MET F 327 -8.82 39.90 28.68
N LEU F 328 -10.13 39.85 28.89
CA LEU F 328 -11.02 41.00 28.65
C LEU F 328 -11.08 41.94 29.86
N LYS F 329 -10.92 43.23 29.59
CA LYS F 329 -11.03 44.27 30.62
C LYS F 329 -12.31 44.19 31.46
N THR F 330 -13.41 43.73 30.87
CA THR F 330 -14.69 43.58 31.58
C THR F 330 -15.37 42.22 31.36
N ASP F 331 -15.98 41.69 32.41
CA ASP F 331 -16.88 40.55 32.35
C ASP F 331 -18.28 41.06 32.02
N VAL F 332 -18.81 40.71 30.85
CA VAL F 332 -20.12 41.23 30.43
C VAL F 332 -21.28 40.24 30.62
N PHE F 333 -21.10 39.20 31.43
CA PHE F 333 -22.20 38.32 31.77
C PHE F 333 -22.21 37.96 33.26
N ASN F 334 -23.40 37.75 33.78
CA ASN F 334 -23.59 37.30 35.15
C ASN F 334 -23.96 35.84 35.13
N GLY F 335 -23.36 35.06 36.00
CA GLY F 335 -23.59 33.63 36.04
C GLY F 335 -22.51 32.93 35.25
N GLY F 336 -22.84 31.74 34.75
CA GLY F 336 -21.92 30.94 33.98
C GLY F 336 -20.91 30.26 34.89
N ILE F 337 -19.75 29.92 34.35
CA ILE F 337 -18.68 29.32 35.16
C ILE F 337 -17.97 30.38 36.00
N THR F 338 -17.32 29.93 37.08
CA THR F 338 -16.52 30.81 37.93
C THR F 338 -15.08 30.34 37.98
N TYR F 339 -14.17 31.29 38.09
CA TYR F 339 -12.74 31.02 38.20
C TYR F 339 -12.24 31.30 39.63
N SER F 340 -11.53 30.34 40.19
CA SER F 340 -10.63 30.62 41.31
C SER F 340 -9.24 30.23 40.84
N GLY F 341 -8.45 31.23 40.50
CA GLY F 341 -7.14 30.99 39.92
C GLY F 341 -7.34 30.25 38.60
N SER F 342 -6.58 29.16 38.43
CA SER F 342 -6.68 28.35 37.22
C SER F 342 -7.83 27.36 37.26
N THR F 343 -8.51 27.23 38.41
CA THR F 343 -9.63 26.29 38.54
C THR F 343 -10.97 26.87 38.11
N ILE F 344 -11.69 26.12 37.26
CA ILE F 344 -13.03 26.51 36.82
C ILE F 344 -14.02 25.58 37.47
N SER F 345 -15.11 26.15 37.97
CA SER F 345 -16.14 25.40 38.66
C SER F 345 -17.42 25.49 37.84
N MET F 346 -18.09 24.37 37.64
CA MET F 346 -19.35 24.37 36.91
C MET F 346 -20.45 24.83 37.86
N PRO F 347 -21.39 25.62 37.37
CA PRO F 347 -22.55 26.02 38.17
C PRO F 347 -23.57 24.89 38.31
N GLY F 348 -24.47 25.00 39.29
CA GLY F 348 -25.43 23.95 39.59
C GLY F 348 -26.83 24.30 39.11
N LYS F 349 -26.93 25.43 38.39
CA LYS F 349 -28.20 25.91 37.83
C LYS F 349 -28.47 25.16 36.52
N PRO F 350 -29.73 24.82 36.24
CA PRO F 350 -30.05 24.22 34.94
C PRO F 350 -29.56 25.04 33.75
N GLY F 351 -29.28 24.37 32.63
CA GLY F 351 -28.75 25.01 31.45
C GLY F 351 -27.30 25.40 31.59
N LEU F 352 -26.92 26.49 30.95
CA LEU F 352 -25.56 27.02 31.01
C LEU F 352 -25.30 27.80 32.30
N GLY F 353 -26.37 28.29 32.91
CA GLY F 353 -26.26 29.03 34.16
C GLY F 353 -26.04 30.52 33.98
N ILE F 354 -26.12 31.01 32.74
CA ILE F 354 -26.01 32.44 32.47
C ILE F 354 -27.34 33.12 32.80
N ILE F 355 -27.28 34.10 33.70
CA ILE F 355 -28.45 34.87 34.13
C ILE F 355 -28.77 36.00 33.15
N GLY F 356 -27.75 36.72 32.72
CA GLY F 356 -27.92 37.78 31.74
C GLY F 356 -26.71 38.68 31.58
N ALA F 357 -26.87 39.79 30.86
CA ALA F 357 -25.82 40.80 30.76
C ALA F 357 -25.65 41.55 32.09
N ALA F 358 -24.42 41.93 32.43
CA ALA F 358 -24.14 42.58 33.70
C ALA F 358 -24.71 44.00 33.79
N MET G 1 40.42 -7.45 -33.12
CA MET G 1 39.44 -6.63 -33.91
C MET G 1 39.35 -5.22 -33.37
N LYS G 2 40.12 -4.31 -33.97
CA LYS G 2 40.17 -2.90 -33.58
C LYS G 2 39.23 -2.10 -34.48
N ILE G 3 38.60 -1.08 -33.92
CA ILE G 3 37.77 -0.16 -34.69
C ILE G 3 38.66 0.97 -35.20
N ILE G 4 38.72 1.18 -36.52
CA ILE G 4 39.56 2.26 -37.05
C ILE G 4 38.82 3.44 -37.70
N ARG G 5 37.56 3.25 -38.09
CA ARG G 5 36.82 4.29 -38.82
C ARG G 5 35.31 4.21 -38.59
N ILE G 6 34.67 5.36 -38.39
CA ILE G 6 33.22 5.40 -38.26
C ILE G 6 32.60 6.37 -39.26
N GLU G 7 31.82 5.81 -40.18
CA GLU G 7 31.25 6.55 -41.30
C GLU G 7 29.73 6.64 -41.19
N THR G 8 29.17 7.81 -41.44
CA THR G 8 27.72 7.93 -41.56
C THR G 8 27.31 8.53 -42.89
N SER G 9 26.06 8.29 -43.24
CA SER G 9 25.50 8.62 -44.55
C SER G 9 23.98 8.48 -44.43
N ARG G 10 23.24 9.24 -45.24
CA ARG G 10 21.79 9.24 -45.18
C ARG G 10 21.17 8.54 -46.36
N ILE G 11 19.99 7.98 -46.15
CA ILE G 11 19.16 7.53 -47.26
C ILE G 11 17.75 8.06 -47.08
N ALA G 12 16.98 7.90 -48.15
CA ALA G 12 15.58 8.33 -48.18
C ALA G 12 14.85 7.47 -49.20
N VAL G 13 13.89 6.68 -48.72
CA VAL G 13 13.13 5.80 -49.58
C VAL G 13 11.65 6.08 -49.39
N PRO G 14 10.89 6.25 -50.47
CA PRO G 14 9.43 6.46 -50.36
C PRO G 14 8.71 5.27 -49.79
N LEU G 15 7.59 5.49 -49.11
CA LEU G 15 6.68 4.42 -48.75
C LEU G 15 5.68 4.31 -49.88
N THR G 16 5.42 3.08 -50.30
CA THR G 16 4.35 2.75 -51.26
C THR G 16 3.04 3.46 -50.91
N LYS G 17 2.75 3.47 -49.61
CA LYS G 17 1.49 3.95 -49.06
C LYS G 17 1.82 4.53 -47.67
N PRO G 18 1.25 5.67 -47.28
CA PRO G 18 1.59 6.26 -45.98
C PRO G 18 1.32 5.35 -44.77
N PHE G 19 2.20 5.44 -43.78
CA PHE G 19 2.09 4.69 -42.53
C PHE G 19 1.44 5.64 -41.51
N LYS G 20 0.34 5.20 -40.89
CA LYS G 20 -0.49 6.08 -40.04
C LYS G 20 -0.80 5.41 -38.72
N THR G 21 -0.36 6.05 -37.63
CA THR G 21 -0.67 5.67 -36.25
C THR G 21 -1.35 6.85 -35.53
N ALA G 22 -1.54 6.72 -34.22
CA ALA G 22 -2.14 7.78 -33.42
C ALA G 22 -1.16 8.92 -33.14
N LEU G 23 0.13 8.70 -33.41
CA LEU G 23 1.17 9.70 -33.15
C LEU G 23 1.67 10.43 -34.39
N ARG G 24 1.75 9.72 -35.52
CA ARG G 24 2.45 10.27 -36.69
C ARG G 24 2.02 9.66 -38.03
N THR G 25 2.41 10.35 -39.09
CA THR G 25 2.24 9.86 -40.46
C THR G 25 3.59 9.96 -41.18
N VAL G 26 3.93 8.90 -41.93
CA VAL G 26 5.22 8.79 -42.58
C VAL G 26 4.98 8.56 -44.08
N TYR G 27 5.57 9.45 -44.90
CA TYR G 27 5.44 9.38 -46.35
C TYR G 27 6.71 8.83 -46.95
N THR G 28 7.85 9.19 -46.36
CA THR G 28 9.13 8.69 -46.82
C THR G 28 10.02 8.29 -45.63
N ALA G 29 10.60 7.10 -45.70
CA ALA G 29 11.52 6.58 -44.69
C ALA G 29 12.93 7.17 -44.84
N GLU G 30 13.31 8.11 -43.97
CA GLU G 30 14.69 8.59 -43.94
C GLU G 30 15.48 7.90 -42.79
N SER G 31 16.78 7.72 -43.00
CA SER G 31 17.60 6.95 -42.08
C SER G 31 19.07 7.35 -42.14
N VAL G 32 19.70 7.42 -40.98
CA VAL G 32 21.15 7.48 -40.87
C VAL G 32 21.67 6.06 -40.91
N ILE G 33 22.64 5.81 -41.78
CA ILE G 33 23.35 4.54 -41.80
C ILE G 33 24.77 4.74 -41.35
N VAL G 34 25.19 3.81 -40.48
CA VAL G 34 26.50 3.75 -39.89
C VAL G 34 27.26 2.52 -40.42
N ARG G 35 28.52 2.75 -40.76
CA ARG G 35 29.44 1.71 -41.14
C ARG G 35 30.69 1.83 -40.27
N ILE G 36 30.97 0.82 -39.46
CA ILE G 36 32.20 0.75 -38.69
C ILE G 36 33.20 -0.14 -39.44
N THR G 37 34.35 0.42 -39.80
CA THR G 37 35.41 -0.36 -40.45
C THR G 37 36.39 -0.81 -39.37
N TYR G 38 36.72 -2.09 -39.38
CA TYR G 38 37.63 -2.69 -38.39
C TYR G 38 39.00 -2.88 -39.02
N ASP G 39 39.99 -3.27 -38.21
CA ASP G 39 41.37 -3.38 -38.69
C ASP G 39 41.56 -4.65 -39.54
N SER G 40 40.55 -5.52 -39.55
CA SER G 40 40.54 -6.69 -40.40
C SER G 40 40.05 -6.42 -41.84
N GLY G 41 39.56 -5.20 -42.11
CA GLY G 41 38.88 -4.90 -43.35
C GLY G 41 37.37 -5.11 -43.27
N ALA G 42 36.92 -5.91 -42.29
CA ALA G 42 35.50 -6.11 -42.00
C ALA G 42 34.73 -4.78 -41.79
N VAL G 43 33.51 -4.72 -42.29
CA VAL G 43 32.60 -3.60 -42.07
C VAL G 43 31.33 -4.06 -41.33
N GLY G 44 31.01 -3.37 -40.23
CA GLY G 44 29.77 -3.58 -39.49
C GLY G 44 28.76 -2.49 -39.79
N TRP G 45 27.48 -2.84 -39.80
CA TRP G 45 26.44 -1.95 -40.32
C TRP G 45 25.36 -1.64 -39.28
N GLY G 46 24.79 -0.45 -39.40
CA GLY G 46 23.81 0.04 -38.44
C GLY G 46 22.89 1.10 -39.00
N GLU G 47 21.69 1.19 -38.43
CA GLU G 47 20.69 2.17 -38.87
C GLU G 47 19.97 2.86 -37.69
N ALA G 48 19.66 4.14 -37.88
CA ALA G 48 18.76 4.87 -36.98
C ALA G 48 17.97 5.96 -37.73
N PRO G 49 16.65 5.82 -37.79
CA PRO G 49 15.78 6.85 -38.36
C PRO G 49 15.40 7.95 -37.35
N PRO G 50 14.95 9.10 -37.85
CA PRO G 50 14.44 10.14 -36.96
C PRO G 50 13.07 9.72 -36.51
N THR G 51 12.79 9.88 -35.23
CA THR G 51 11.44 9.71 -34.71
C THR G 51 11.24 10.79 -33.68
N LEU G 52 11.00 12.01 -34.17
CA LEU G 52 10.86 13.20 -33.33
C LEU G 52 9.77 13.12 -32.28
N VAL G 53 8.67 12.46 -32.61
CA VAL G 53 7.57 12.35 -31.67
C VAL G 53 7.64 11.11 -30.80
N ILE G 54 8.61 10.22 -31.07
CA ILE G 54 8.80 9.00 -30.28
C ILE G 54 10.05 9.04 -29.40
N THR G 55 11.24 9.10 -30.01
CA THR G 55 12.51 9.19 -29.29
C THR G 55 13.02 10.61 -29.14
N GLY G 56 12.57 11.51 -30.01
CA GLY G 56 13.11 12.85 -30.07
C GLY G 56 14.36 13.00 -30.94
N ASP G 57 14.98 11.89 -31.33
CA ASP G 57 16.15 11.87 -32.21
C ASP G 57 15.77 12.26 -33.64
N SER G 58 16.60 13.14 -34.22
CA SER G 58 16.52 13.55 -35.61
C SER G 58 17.80 13.09 -36.30
N MET G 59 17.86 13.22 -37.62
CA MET G 59 19.06 12.81 -38.33
C MET G 59 20.25 13.67 -37.93
N ASP G 60 20.03 14.98 -37.76
CA ASP G 60 21.07 15.88 -37.24
C ASP G 60 21.52 15.46 -35.84
N SER G 61 20.57 15.17 -34.94
CA SER G 61 20.95 14.83 -33.56
C SER G 61 21.75 13.52 -33.51
N ILE G 62 21.33 12.57 -34.33
CA ILE G 62 21.98 11.27 -34.41
C ILE G 62 23.39 11.36 -34.93
N GLU G 63 23.60 12.12 -36.01
CA GLU G 63 24.93 12.21 -36.61
C GLU G 63 25.88 12.94 -35.67
N SER G 64 25.43 14.08 -35.15
CA SER G 64 26.21 14.79 -34.17
C SER G 64 26.64 13.89 -33.03
N ALA G 65 25.72 13.10 -32.49
CA ALA G 65 26.05 12.26 -31.35
C ALA G 65 27.15 11.27 -31.72
N ILE G 66 26.97 10.57 -32.85
CA ILE G 66 27.91 9.53 -33.28
C ILE G 66 29.32 10.09 -33.50
N HIS G 67 29.42 11.27 -34.08
CA HIS G 67 30.73 11.82 -34.48
C HIS G 67 31.44 12.62 -33.38
N HIS G 68 30.67 13.39 -32.61
CA HIS G 68 31.23 14.23 -31.55
C HIS G 68 31.45 13.50 -30.23
N VAL G 69 30.75 12.39 -30.01
CA VAL G 69 30.75 11.75 -28.69
C VAL G 69 31.13 10.27 -28.70
N LEU G 70 30.46 9.47 -29.52
CA LEU G 70 30.68 8.03 -29.55
C LEU G 70 31.96 7.65 -30.31
N LYS G 71 32.22 8.32 -31.43
CA LYS G 71 33.34 7.95 -32.28
C LYS G 71 34.69 8.15 -31.57
N PRO G 72 34.91 9.30 -30.93
CA PRO G 72 36.17 9.51 -30.17
C PRO G 72 36.41 8.47 -29.08
N ALA G 73 35.36 7.84 -28.56
CA ALA G 73 35.49 6.84 -27.53
C ALA G 73 35.59 5.41 -28.06
N LEU G 74 35.32 5.20 -29.35
CA LEU G 74 35.36 3.85 -29.95
C LEU G 74 36.62 3.55 -30.78
N LEU G 75 37.21 4.57 -31.41
CA LEU G 75 38.42 4.37 -32.22
C LEU G 75 39.59 3.88 -31.37
N GLY G 76 40.33 2.90 -31.90
CA GLY G 76 41.38 2.23 -31.17
C GLY G 76 40.90 1.13 -30.22
N LYS G 77 39.60 1.07 -29.92
CA LYS G 77 39.10 0.07 -28.99
C LYS G 77 38.89 -1.23 -29.72
N SER G 78 39.13 -2.33 -29.01
CA SER G 78 38.95 -3.67 -29.57
C SER G 78 37.69 -4.35 -29.06
N LEU G 79 37.26 -5.38 -29.77
CA LEU G 79 36.00 -6.04 -29.50
C LEU G 79 36.14 -7.14 -28.45
N ALA G 80 37.37 -7.40 -28.01
CA ALA G 80 37.62 -8.26 -26.87
C ALA G 80 37.32 -7.53 -25.55
N GLY G 81 37.01 -6.24 -25.63
CA GLY G 81 36.61 -5.48 -24.46
C GLY G 81 35.29 -4.78 -24.69
N TYR G 82 34.29 -5.50 -25.19
CA TYR G 82 33.06 -4.80 -25.58
C TYR G 82 32.23 -4.29 -24.41
N GLU G 83 32.40 -4.86 -23.20
CA GLU G 83 31.64 -4.40 -22.03
C GLU G 83 31.89 -2.90 -21.79
N ALA G 84 33.16 -2.50 -21.82
CA ALA G 84 33.57 -1.12 -21.61
C ALA G 84 33.10 -0.22 -22.75
N ILE G 85 33.09 -0.74 -23.98
CA ILE G 85 32.56 0.03 -25.10
C ILE G 85 31.05 0.22 -24.93
N LEU G 86 30.31 -0.86 -24.71
CA LEU G 86 28.85 -0.76 -24.50
C LEU G 86 28.49 0.27 -23.43
N HIS G 87 29.22 0.23 -22.31
CA HIS G 87 29.00 1.18 -21.23
C HIS G 87 29.29 2.60 -21.65
N ASP G 88 30.38 2.80 -22.38
CA ASP G 88 30.67 4.13 -22.89
C ASP G 88 29.55 4.61 -23.81
N ILE G 89 29.06 3.72 -24.67
CA ILE G 89 28.00 4.10 -25.60
C ILE G 89 26.78 4.59 -24.83
N GLN G 90 26.44 3.91 -23.75
CA GLN G 90 25.18 4.20 -23.05
C GLN G 90 25.27 5.36 -22.04
N HIS G 91 26.48 5.76 -21.64
CA HIS G 91 26.68 6.70 -20.52
C HIS G 91 27.44 7.99 -20.86
N LEU G 92 28.11 8.04 -22.01
CA LEU G 92 28.82 9.25 -22.41
C LEU G 92 27.84 10.34 -22.85
N LEU G 93 26.57 9.95 -23.01
CA LEU G 93 25.48 10.89 -23.20
C LEU G 93 24.17 10.25 -22.78
N THR G 94 23.20 11.12 -22.48
CA THR G 94 21.90 10.70 -21.99
C THR G 94 20.93 10.80 -23.15
N GLY G 95 19.87 10.01 -23.07
CA GLY G 95 18.96 9.85 -24.18
C GLY G 95 19.71 9.47 -25.46
N ASN G 96 19.30 10.08 -26.56
CA ASN G 96 19.86 9.77 -27.88
C ASN G 96 19.86 8.27 -28.13
N MET G 97 18.73 7.61 -27.84
CA MET G 97 18.71 6.17 -27.86
C MET G 97 18.83 5.61 -29.29
N SER G 98 18.33 6.36 -30.26
CA SER G 98 18.47 5.98 -31.67
C SER G 98 19.93 5.95 -32.15
N ALA G 99 20.74 6.91 -31.73
CA ALA G 99 22.15 7.00 -32.16
C ALA G 99 23.03 5.96 -31.50
N LYS G 100 22.91 5.83 -30.18
CA LYS G 100 23.45 4.68 -29.45
C LYS G 100 23.13 3.35 -30.14
N ALA G 101 21.95 3.23 -30.73
CA ALA G 101 21.50 1.93 -31.23
C ALA G 101 22.14 1.61 -32.57
N ALA G 102 22.21 2.59 -33.45
CA ALA G 102 22.89 2.43 -34.74
C ALA G 102 24.30 1.91 -34.53
N VAL G 103 25.00 2.54 -33.60
CA VAL G 103 26.39 2.20 -33.34
C VAL G 103 26.48 0.79 -32.74
N GLU G 104 25.47 0.38 -31.98
CA GLU G 104 25.48 -0.95 -31.35
C GLU G 104 25.25 -2.08 -32.37
N MET G 105 24.36 -1.86 -33.34
CA MET G 105 24.11 -2.90 -34.36
C MET G 105 25.42 -3.19 -35.10
N ALA G 106 26.09 -2.13 -35.51
CA ALA G 106 27.35 -2.22 -36.24
C ALA G 106 28.43 -2.86 -35.36
N LEU G 107 28.38 -2.54 -34.06
CA LEU G 107 29.34 -3.12 -33.11
C LEU G 107 29.11 -4.61 -32.93
N TYR G 108 27.86 -5.04 -32.88
CA TYR G 108 27.57 -6.45 -32.66
C TYR G 108 27.79 -7.24 -33.96
N ASP G 109 27.46 -6.60 -35.07
CA ASP G 109 27.77 -7.08 -36.41
C ASP G 109 29.27 -7.37 -36.50
N GLY G 110 30.09 -6.39 -36.13
CA GLY G 110 31.53 -6.55 -36.06
C GLY G 110 31.98 -7.69 -35.13
N TRP G 111 31.47 -7.68 -33.90
CA TRP G 111 31.81 -8.69 -32.89
C TRP G 111 31.47 -10.12 -33.37
N ALA G 112 30.36 -10.27 -34.10
CA ALA G 112 29.98 -11.60 -34.58
C ALA G 112 30.79 -12.00 -35.82
N GLN G 113 31.18 -11.01 -36.62
CA GLN G 113 32.06 -11.26 -37.75
C GLN G 113 33.43 -11.74 -37.26
N MET G 114 33.87 -11.21 -36.12
CA MET G 114 35.13 -11.60 -35.50
C MET G 114 35.14 -13.07 -35.12
N CYS G 115 33.99 -13.59 -34.67
CA CYS G 115 33.86 -14.97 -34.22
C CYS G 115 33.35 -15.89 -35.33
N GLY G 116 33.17 -15.34 -36.52
CA GLY G 116 32.87 -16.13 -37.71
C GLY G 116 31.48 -16.72 -37.79
N LEU G 117 30.55 -16.23 -36.97
CA LEU G 117 29.16 -16.70 -37.02
C LEU G 117 28.15 -15.57 -37.21
N PRO G 118 26.97 -15.92 -37.72
CA PRO G 118 25.82 -15.00 -37.73
C PRO G 118 25.55 -14.39 -36.36
N LEU G 119 25.06 -13.16 -36.31
CA LEU G 119 24.85 -12.48 -35.03
C LEU G 119 23.81 -13.21 -34.21
N TYR G 120 22.76 -13.72 -34.85
CA TYR G 120 21.69 -14.37 -34.10
C TYR G 120 22.22 -15.58 -33.37
N GLN G 121 23.14 -16.31 -34.00
CA GLN G 121 23.74 -17.48 -33.35
C GLN G 121 24.69 -17.09 -32.22
N MET G 122 25.39 -15.97 -32.38
CA MET G 122 26.25 -15.47 -31.31
C MET G 122 25.46 -15.08 -30.06
N LEU G 123 24.20 -14.68 -30.21
CA LEU G 123 23.35 -14.28 -29.09
C LEU G 123 22.46 -15.43 -28.58
N GLY G 124 22.61 -16.62 -29.14
CA GLY G 124 21.85 -17.78 -28.67
C GLY G 124 21.29 -18.69 -29.74
N GLY G 125 20.80 -18.11 -30.83
CA GLY G 125 20.39 -18.88 -32.00
C GLY G 125 19.25 -19.85 -31.72
N TYR G 126 18.22 -19.38 -31.02
CA TYR G 126 17.10 -20.24 -30.64
C TYR G 126 16.33 -20.71 -31.85
N ARG G 127 16.02 -19.81 -32.78
CA ARG G 127 15.34 -20.14 -34.02
C ARG G 127 16.01 -19.50 -35.23
N ASP G 128 15.65 -19.99 -36.41
CA ASP G 128 16.19 -19.46 -37.67
C ASP G 128 15.10 -18.96 -38.63
N THR G 129 13.84 -19.23 -38.34
CA THR G 129 12.75 -18.54 -39.00
C THR G 129 11.86 -17.92 -37.95
N LEU G 130 11.01 -17.01 -38.41
CA LEU G 130 10.00 -16.37 -37.58
C LEU G 130 8.93 -15.66 -38.42
N GLU G 131 7.74 -15.56 -37.83
CA GLU G 131 6.56 -15.03 -38.50
C GLU G 131 6.36 -13.57 -38.06
N THR G 132 6.44 -12.65 -39.02
CA THR G 132 6.12 -11.26 -38.76
C THR G 132 4.64 -10.96 -39.00
N ASP G 133 4.10 -10.08 -38.18
CA ASP G 133 2.80 -9.48 -38.48
C ASP G 133 2.96 -8.38 -39.56
N TYR G 134 1.84 -7.84 -40.02
CA TYR G 134 1.81 -6.67 -40.91
C TYR G 134 0.85 -5.64 -40.34
N THR G 135 1.19 -4.37 -40.47
CA THR G 135 0.45 -3.32 -39.78
C THR G 135 -0.62 -2.75 -40.70
N VAL G 136 -1.85 -2.71 -40.20
CA VAL G 136 -2.94 -2.00 -40.85
C VAL G 136 -2.98 -0.56 -40.32
N SER G 137 -2.42 0.37 -41.10
CA SER G 137 -2.41 1.79 -40.77
C SER G 137 -3.82 2.36 -40.56
N VAL G 138 -3.94 3.31 -39.63
CA VAL G 138 -5.19 4.01 -39.37
C VAL G 138 -5.73 4.71 -40.62
N ASN G 139 -6.98 4.39 -40.95
CA ASN G 139 -7.72 4.99 -42.06
C ASN G 139 -9.23 4.79 -41.76
N SER G 140 -10.10 4.96 -42.75
CA SER G 140 -11.53 4.68 -42.54
C SER G 140 -11.75 3.17 -42.32
N PRO G 141 -12.89 2.78 -41.74
CA PRO G 141 -13.22 1.36 -41.57
C PRO G 141 -13.17 0.56 -42.88
N GLU G 142 -13.64 1.13 -43.98
CA GLU G 142 -13.58 0.47 -45.28
C GLU G 142 -12.13 0.37 -45.82
N GLU G 143 -11.40 1.48 -45.73
CA GLU G 143 -10.03 1.58 -46.26
C GLU G 143 -9.05 0.63 -45.53
N MET G 144 -9.28 0.42 -44.23
CA MET G 144 -8.46 -0.45 -43.41
C MET G 144 -8.78 -1.91 -43.69
N ALA G 145 -10.06 -2.20 -43.87
CA ALA G 145 -10.54 -3.55 -44.16
C ALA G 145 -9.99 -4.09 -45.48
N ALA G 146 -9.87 -3.20 -46.47
CA ALA G 146 -9.29 -3.56 -47.76
C ALA G 146 -7.86 -3.98 -47.56
N ASP G 147 -7.07 -3.11 -46.92
CA ASP G 147 -5.66 -3.40 -46.62
C ASP G 147 -5.52 -4.76 -45.95
N ALA G 148 -6.43 -5.07 -45.02
CA ALA G 148 -6.35 -6.31 -44.25
C ALA G 148 -6.54 -7.53 -45.15
N GLU G 149 -7.55 -7.46 -46.01
CA GLU G 149 -7.82 -8.51 -47.01
C GLU G 149 -6.59 -8.74 -47.90
N ASN G 150 -5.97 -7.64 -48.32
CA ASN G 150 -4.84 -7.69 -49.23
C ASN G 150 -3.55 -8.26 -48.61
N TYR G 151 -3.34 -8.01 -47.31
CA TYR G 151 -2.18 -8.53 -46.60
C TYR G 151 -2.36 -10.01 -46.31
N LEU G 152 -3.60 -10.44 -46.08
CA LEU G 152 -3.91 -11.85 -45.89
C LEU G 152 -3.63 -12.64 -47.17
N LYS G 153 -3.94 -12.03 -48.31
CA LYS G 153 -3.66 -12.63 -49.62
C LYS G 153 -2.16 -12.79 -49.84
N GLN G 154 -1.38 -11.83 -49.34
CA GLN G 154 0.08 -11.89 -49.43
C GLN G 154 0.70 -12.91 -48.44
N GLY G 155 -0.13 -13.46 -47.54
CA GLY G 155 0.27 -14.53 -46.63
C GLY G 155 0.52 -14.10 -45.18
N PHE G 156 -0.16 -13.04 -44.75
CA PHE G 156 0.01 -12.48 -43.41
C PHE G 156 -1.24 -12.78 -42.59
N GLN G 157 -1.18 -13.87 -41.82
CA GLN G 157 -2.31 -14.31 -40.99
C GLN G 157 -2.35 -13.62 -39.60
N THR G 158 -1.34 -12.79 -39.30
CA THR G 158 -1.32 -11.95 -38.10
C THR G 158 -1.22 -10.48 -38.47
N LEU G 159 -2.27 -9.72 -38.17
CA LEU G 159 -2.34 -8.31 -38.50
C LEU G 159 -2.30 -7.48 -37.24
N LYS G 160 -1.47 -6.44 -37.25
CA LYS G 160 -1.42 -5.44 -36.17
C LYS G 160 -2.25 -4.25 -36.62
N ILE G 161 -3.22 -3.84 -35.82
CA ILE G 161 -4.18 -2.82 -36.22
C ILE G 161 -3.99 -1.53 -35.44
N LYS G 162 -3.52 -0.49 -36.12
CA LYS G 162 -3.37 0.82 -35.52
C LYS G 162 -4.74 1.42 -35.19
N VAL G 163 -4.85 1.93 -33.97
CA VAL G 163 -6.05 2.61 -33.48
C VAL G 163 -5.63 3.80 -32.60
N GLY G 164 -6.60 4.45 -31.97
CA GLY G 164 -6.35 5.49 -30.99
C GLY G 164 -6.20 6.90 -31.53
N LYS G 165 -6.31 7.08 -32.84
CA LYS G 165 -6.19 8.40 -33.44
C LYS G 165 -7.48 9.20 -33.22
N ASP G 166 -8.61 8.61 -33.63
CA ASP G 166 -9.90 9.32 -33.65
C ASP G 166 -10.61 9.24 -32.29
N ASP G 167 -11.79 8.63 -32.26
CA ASP G 167 -12.50 8.35 -31.03
C ASP G 167 -12.75 6.84 -30.98
N ILE G 168 -13.25 6.37 -29.85
CA ILE G 168 -13.51 4.97 -29.59
C ILE G 168 -14.45 4.32 -30.59
N ALA G 169 -15.56 4.99 -30.87
CA ALA G 169 -16.63 4.43 -31.68
C ALA G 169 -16.10 3.97 -33.03
N THR G 170 -15.33 4.85 -33.68
CA THR G 170 -14.75 4.54 -34.98
C THR G 170 -13.75 3.38 -34.88
N ASP G 171 -13.05 3.30 -33.76
CA ASP G 171 -12.10 2.22 -33.54
C ASP G 171 -12.79 0.87 -33.51
N ILE G 172 -13.89 0.76 -32.76
CA ILE G 172 -14.65 -0.48 -32.71
C ILE G 172 -15.17 -0.79 -34.11
N ALA G 173 -15.61 0.24 -34.83
CA ALA G 173 -16.14 0.09 -36.19
C ALA G 173 -15.11 -0.41 -37.19
N ARG G 174 -13.84 -0.05 -36.98
CA ARG G 174 -12.74 -0.48 -37.83
C ARG G 174 -12.44 -1.96 -37.63
N ILE G 175 -12.40 -2.39 -36.36
CA ILE G 175 -12.14 -3.79 -36.01
C ILE G 175 -13.28 -4.70 -36.48
N GLN G 176 -14.51 -4.19 -36.46
CA GLN G 176 -15.66 -4.94 -36.95
C GLN G 176 -15.53 -5.17 -38.45
N GLU G 177 -15.31 -4.09 -39.20
CA GLU G 177 -15.20 -4.13 -40.66
C GLU G 177 -13.99 -4.94 -41.12
N ILE G 178 -12.94 -4.96 -40.30
CA ILE G 178 -11.78 -5.82 -40.52
C ILE G 178 -12.12 -7.31 -40.27
N ARG G 179 -12.85 -7.59 -39.21
CA ARG G 179 -13.17 -8.98 -38.80
C ARG G 179 -14.12 -9.62 -39.79
N LYS G 180 -15.21 -8.92 -40.07
CA LYS G 180 -16.16 -9.29 -41.10
C LYS G 180 -15.45 -9.75 -42.37
N ARG G 181 -14.61 -8.87 -42.93
CA ARG G 181 -13.98 -9.09 -44.23
C ARG G 181 -12.88 -10.15 -44.25
N VAL G 182 -12.36 -10.52 -43.09
CA VAL G 182 -11.21 -11.40 -43.00
C VAL G 182 -11.47 -12.72 -42.24
N GLY G 183 -12.69 -12.94 -41.76
CA GLY G 183 -13.00 -14.15 -41.01
C GLY G 183 -12.35 -14.19 -39.65
N SER G 184 -12.77 -15.15 -38.82
CA SER G 184 -12.36 -15.21 -37.42
C SER G 184 -11.10 -16.06 -37.16
N ALA G 185 -10.42 -16.48 -38.23
CA ALA G 185 -9.20 -17.30 -38.10
C ALA G 185 -7.88 -16.51 -37.90
N VAL G 186 -7.77 -15.31 -38.47
CA VAL G 186 -6.50 -14.56 -38.44
C VAL G 186 -6.32 -13.81 -37.12
N LYS G 187 -5.10 -13.81 -36.58
CA LYS G 187 -4.79 -13.07 -35.37
C LYS G 187 -4.92 -11.55 -35.58
N LEU G 188 -5.52 -10.86 -34.60
CA LEU G 188 -5.56 -9.39 -34.57
C LEU G 188 -4.97 -8.82 -33.29
N ARG G 189 -3.81 -8.18 -33.45
CA ARG G 189 -3.21 -7.32 -32.45
C ARG G 189 -3.75 -5.92 -32.65
N LEU G 190 -3.90 -5.18 -31.57
CA LEU G 190 -4.22 -3.75 -31.62
C LEU G 190 -3.06 -2.95 -31.05
N ASP G 191 -2.95 -1.70 -31.48
CA ASP G 191 -1.89 -0.81 -31.01
C ASP G 191 -2.40 0.64 -31.02
N ALA G 192 -2.96 1.08 -29.88
CA ALA G 192 -3.50 2.43 -29.75
C ALA G 192 -2.45 3.54 -29.71
N ASN G 193 -1.17 3.19 -29.63
CA ASN G 193 -0.11 4.19 -29.60
C ASN G 193 -0.47 5.38 -28.71
N GLN G 194 -0.94 5.06 -27.51
CA GLN G 194 -1.18 6.03 -26.42
C GLN G 194 -2.48 6.85 -26.48
N GLY G 195 -3.32 6.62 -27.48
CA GLY G 195 -4.47 7.50 -27.75
C GLY G 195 -5.71 7.43 -26.86
N TRP G 196 -5.72 6.49 -25.91
CA TRP G 196 -6.87 6.33 -25.03
C TRP G 196 -6.51 6.71 -23.61
N ARG G 197 -7.42 7.39 -22.92
CA ARG G 197 -7.35 7.47 -21.47
C ARG G 197 -7.60 6.06 -20.92
N PRO G 198 -7.12 5.77 -19.71
CA PRO G 198 -7.35 4.44 -19.10
C PRO G 198 -8.82 3.98 -19.08
N LYS G 199 -9.75 4.87 -18.72
CA LYS G 199 -11.18 4.55 -18.68
C LYS G 199 -11.70 4.21 -20.07
N GLU G 200 -11.44 5.11 -21.01
CA GLU G 200 -11.72 4.91 -22.43
C GLU G 200 -11.28 3.52 -22.89
N ALA G 201 -10.10 3.08 -22.46
CA ALA G 201 -9.51 1.84 -22.92
C ALA G 201 -10.26 0.63 -22.38
N VAL G 202 -10.48 0.59 -21.06
CA VAL G 202 -11.15 -0.53 -20.42
C VAL G 202 -12.48 -0.70 -21.12
N THR G 203 -13.17 0.40 -21.31
CA THR G 203 -14.47 0.35 -21.95
C THR G 203 -14.40 -0.23 -23.37
N ALA G 204 -13.49 0.29 -24.19
CA ALA G 204 -13.33 -0.18 -25.57
C ALA G 204 -12.84 -1.63 -25.67
N ILE G 205 -11.93 -2.04 -24.79
CA ILE G 205 -11.39 -3.40 -24.82
C ILE G 205 -12.48 -4.42 -24.42
N ARG G 206 -13.17 -4.16 -23.31
CA ARG G 206 -14.31 -4.97 -22.84
C ARG G 206 -15.44 -5.10 -23.85
N LYS G 207 -15.74 -4.01 -24.55
CA LYS G 207 -16.79 -4.00 -25.58
C LYS G 207 -16.45 -5.03 -26.66
N MET G 208 -15.18 -5.03 -27.04
CA MET G 208 -14.66 -5.94 -28.05
C MET G 208 -14.68 -7.40 -27.56
N GLU G 209 -14.38 -7.60 -26.29
CA GLU G 209 -14.37 -8.94 -25.70
C GLU G 209 -15.77 -9.56 -25.71
N ASP G 210 -16.77 -8.74 -25.39
CA ASP G 210 -18.17 -9.17 -25.31
C ASP G 210 -18.76 -9.39 -26.71
N ALA G 211 -18.23 -8.68 -27.70
CA ALA G 211 -18.64 -8.83 -29.09
C ALA G 211 -17.98 -10.02 -29.80
N GLY G 212 -17.02 -10.67 -29.15
CA GLY G 212 -16.37 -11.85 -29.69
C GLY G 212 -15.33 -11.56 -30.77
N LEU G 213 -14.79 -10.34 -30.77
CA LEU G 213 -13.90 -9.92 -31.85
C LEU G 213 -12.48 -10.52 -31.78
N GLY G 214 -12.18 -11.29 -30.73
CA GLY G 214 -10.94 -12.04 -30.66
C GLY G 214 -9.65 -11.21 -30.79
N ILE G 215 -9.41 -10.31 -29.84
CA ILE G 215 -8.19 -9.50 -29.79
C ILE G 215 -7.11 -10.22 -29.00
N GLU G 216 -5.98 -10.51 -29.65
CA GLU G 216 -4.84 -11.16 -29.01
C GLU G 216 -4.24 -10.31 -27.90
N LEU G 217 -3.95 -9.06 -28.23
CA LEU G 217 -3.36 -8.13 -27.27
C LEU G 217 -3.57 -6.71 -27.72
N VAL G 218 -3.43 -5.78 -26.79
CA VAL G 218 -3.48 -4.35 -27.09
C VAL G 218 -2.17 -3.69 -26.66
N GLU G 219 -1.44 -3.07 -27.59
CA GLU G 219 -0.20 -2.34 -27.28
C GLU G 219 -0.50 -0.94 -26.73
N GLN G 220 0.22 -0.57 -25.67
CA GLN G 220 0.20 0.76 -25.08
C GLN G 220 -1.10 1.52 -25.31
N PRO G 221 -2.15 1.19 -24.57
CA PRO G 221 -3.43 1.89 -24.74
C PRO G 221 -3.38 3.33 -24.22
N VAL G 222 -2.53 3.63 -23.24
CA VAL G 222 -2.51 4.95 -22.63
C VAL G 222 -1.14 5.61 -22.73
N HIS G 223 -1.11 6.90 -22.38
CA HIS G 223 0.11 7.73 -22.37
C HIS G 223 1.31 6.98 -21.76
N LYS G 224 2.48 7.15 -22.37
CA LYS G 224 3.65 6.38 -21.96
C LYS G 224 4.01 6.53 -20.47
N ASP G 225 3.82 7.73 -19.92
CA ASP G 225 4.15 8.00 -18.50
C ASP G 225 3.04 7.64 -17.50
N ASP G 226 1.83 7.41 -17.99
CA ASP G 226 0.74 6.99 -17.12
C ASP G 226 0.89 5.51 -16.80
N LEU G 227 1.71 5.21 -15.79
CA LEU G 227 2.08 3.84 -15.47
C LEU G 227 0.97 3.16 -14.68
N ALA G 228 0.42 3.92 -13.73
CA ALA G 228 -0.73 3.48 -12.95
C ALA G 228 -1.94 3.24 -13.86
N GLY G 229 -2.07 4.06 -14.89
CA GLY G 229 -3.16 3.94 -15.85
C GLY G 229 -2.96 2.75 -16.77
N LEU G 230 -1.72 2.49 -17.16
CA LEU G 230 -1.38 1.26 -17.89
C LEU G 230 -1.78 0.05 -17.04
N LYS G 231 -1.50 0.09 -15.75
CA LYS G 231 -1.87 -1.00 -14.82
C LYS G 231 -3.39 -1.19 -14.70
N LYS G 232 -4.14 -0.10 -14.59
CA LYS G 232 -5.58 -0.16 -14.50
C LYS G 232 -6.21 -0.86 -15.69
N VAL G 233 -5.64 -0.67 -16.88
CA VAL G 233 -6.16 -1.33 -18.09
C VAL G 233 -5.75 -2.79 -18.07
N THR G 234 -4.55 -3.05 -17.59
CA THR G 234 -4.04 -4.41 -17.47
C THR G 234 -4.90 -5.25 -16.51
N ASP G 235 -5.36 -4.64 -15.42
CA ASP G 235 -6.04 -5.36 -14.34
C ASP G 235 -7.58 -5.41 -14.44
N ALA G 236 -8.17 -4.57 -15.29
CA ALA G 236 -9.63 -4.51 -15.45
C ALA G 236 -10.11 -5.15 -16.76
N THR G 237 -9.20 -5.73 -17.53
CA THR G 237 -9.57 -6.46 -18.75
C THR G 237 -9.05 -7.90 -18.69
N ASP G 238 -9.49 -8.69 -19.66
CA ASP G 238 -9.04 -10.07 -19.85
C ASP G 238 -8.14 -10.21 -21.08
N THR G 239 -7.77 -9.07 -21.65
CA THR G 239 -6.89 -8.99 -22.81
C THR G 239 -5.46 -8.61 -22.37
N PRO G 240 -4.46 -9.35 -22.87
CA PRO G 240 -3.05 -8.99 -22.62
C PRO G 240 -2.72 -7.58 -23.07
N ILE G 241 -2.07 -6.82 -22.19
CA ILE G 241 -1.71 -5.43 -22.48
C ILE G 241 -0.18 -5.39 -22.62
N MET G 242 0.31 -4.90 -23.75
CA MET G 242 1.75 -4.83 -24.02
C MET G 242 2.24 -3.41 -23.84
N ALA G 243 3.24 -3.22 -23.00
CA ALA G 243 3.92 -1.95 -22.88
C ALA G 243 4.72 -1.73 -24.13
N ASP G 244 4.65 -0.54 -24.73
CA ASP G 244 5.62 -0.16 -25.77
C ASP G 244 6.36 1.11 -25.37
N GLU G 245 5.77 2.27 -25.62
CA GLU G 245 6.45 3.55 -25.40
C GLU G 245 6.74 3.83 -23.93
N SER G 246 6.06 3.12 -23.03
CA SER G 246 6.35 3.21 -21.60
C SER G 246 7.60 2.42 -21.21
N VAL G 247 8.07 1.52 -22.07
CA VAL G 247 9.32 0.78 -21.80
C VAL G 247 10.37 0.93 -22.90
N PHE G 248 11.31 1.87 -22.68
CA PHE G 248 12.51 2.03 -23.52
C PHE G 248 13.69 1.23 -22.95
N THR G 249 13.99 1.45 -21.67
CA THR G 249 15.22 1.00 -21.02
C THR G 249 14.96 -0.18 -20.11
N PRO G 250 16.03 -0.87 -19.71
CA PRO G 250 15.94 -1.91 -18.68
C PRO G 250 15.40 -1.40 -17.33
N ARG G 251 15.77 -0.20 -16.89
CA ARG G 251 15.22 0.38 -15.65
C ARG G 251 13.69 0.60 -15.76
N GLN G 252 13.24 1.08 -16.92
CA GLN G 252 11.81 1.26 -17.14
C GLN G 252 11.07 -0.08 -17.18
N ALA G 253 11.66 -1.10 -17.81
CA ALA G 253 11.09 -2.43 -17.82
C ALA G 253 10.95 -2.97 -16.38
N PHE G 254 12.00 -2.77 -15.58
CA PHE G 254 12.05 -3.29 -14.20
C PHE G 254 10.89 -2.73 -13.39
N GLU G 255 10.61 -1.45 -13.56
CA GLU G 255 9.51 -0.80 -12.84
C GLU G 255 8.17 -1.36 -13.34
N VAL G 256 8.01 -1.54 -14.65
CA VAL G 256 6.77 -2.08 -15.20
C VAL G 256 6.51 -3.50 -14.69
N LEU G 257 7.56 -4.32 -14.69
CA LEU G 257 7.45 -5.70 -14.23
C LEU G 257 7.17 -5.78 -12.72
N GLN G 258 7.83 -4.93 -11.92
CA GLN G 258 7.64 -4.91 -10.46
C GLN G 258 6.20 -4.57 -10.08
N THR G 259 5.64 -3.53 -10.72
CA THR G 259 4.26 -3.10 -10.48
C THR G 259 3.22 -3.97 -11.22
N ARG G 260 3.69 -4.81 -12.13
CA ARG G 260 2.83 -5.63 -12.96
C ARG G 260 1.78 -4.77 -13.65
N SER G 261 2.27 -3.73 -14.31
CA SER G 261 1.43 -2.75 -14.95
C SER G 261 1.00 -3.21 -16.33
N ALA G 262 1.60 -4.30 -16.79
CA ALA G 262 1.33 -4.82 -18.13
C ALA G 262 1.69 -6.29 -18.21
N ASP G 263 1.18 -6.97 -19.22
CA ASP G 263 1.43 -8.41 -19.37
C ASP G 263 2.58 -8.75 -20.31
N LEU G 264 2.84 -7.87 -21.27
CA LEU G 264 3.88 -8.12 -22.28
C LEU G 264 4.74 -6.89 -22.46
N ILE G 265 5.84 -7.04 -23.22
CA ILE G 265 6.70 -5.90 -23.56
C ILE G 265 7.11 -5.92 -25.04
N ASN G 266 7.11 -4.75 -25.65
CA ASN G 266 7.61 -4.50 -26.99
C ASN G 266 9.01 -3.91 -26.87
N ILE G 267 9.99 -4.59 -27.46
CA ILE G 267 11.38 -4.15 -27.42
C ILE G 267 11.77 -3.64 -28.80
N LYS G 268 12.42 -2.49 -28.83
CA LYS G 268 12.99 -1.97 -30.07
C LYS G 268 14.41 -1.55 -29.83
N LEU G 269 15.26 -1.74 -30.83
CA LEU G 269 16.65 -1.37 -30.70
C LEU G 269 16.77 0.14 -30.52
N MET G 270 16.00 0.92 -31.28
CA MET G 270 15.99 2.39 -31.13
C MET G 270 15.72 2.84 -29.70
N LYS G 271 14.69 2.27 -29.08
CA LYS G 271 14.28 2.65 -27.75
C LYS G 271 15.32 2.30 -26.70
N ALA G 272 15.82 1.07 -26.77
CA ALA G 272 16.76 0.52 -25.78
C ALA G 272 18.23 0.89 -25.97
N GLY G 273 18.53 1.79 -26.91
CA GLY G 273 19.91 2.19 -27.18
C GLY G 273 20.75 1.13 -27.91
N GLY G 274 20.09 0.08 -28.39
CA GLY G 274 20.75 -0.98 -29.13
C GLY G 274 20.41 -2.36 -28.62
N ILE G 275 21.31 -3.30 -28.89
CA ILE G 275 21.11 -4.70 -28.50
C ILE G 275 21.36 -5.01 -27.01
N SER G 276 22.38 -4.39 -26.42
CA SER G 276 22.77 -4.71 -25.05
C SER G 276 21.59 -4.46 -24.10
N GLY G 277 20.89 -3.35 -24.29
CA GLY G 277 19.68 -3.02 -23.53
C GLY G 277 18.49 -3.90 -23.86
N ALA G 278 18.21 -4.08 -25.15
CA ALA G 278 17.18 -5.00 -25.60
C ALA G 278 17.27 -6.36 -24.88
N GLU G 279 18.49 -6.89 -24.82
CA GLU G 279 18.81 -8.18 -24.21
C GLU G 279 18.54 -8.12 -22.70
N LYS G 280 18.91 -6.99 -22.09
CA LYS G 280 18.69 -6.81 -20.67
C LYS G 280 17.20 -6.70 -20.34
N ILE G 281 16.40 -6.11 -21.23
CA ILE G 281 14.97 -6.01 -20.98
C ILE G 281 14.34 -7.39 -21.03
N ASN G 282 14.58 -8.09 -22.14
CA ASN G 282 14.06 -9.43 -22.33
C ASN G 282 14.46 -10.40 -21.22
N ALA G 283 15.69 -10.31 -20.75
CA ALA G 283 16.16 -11.17 -19.66
C ALA G 283 15.42 -10.87 -18.34
N MET G 284 15.11 -9.61 -18.08
CA MET G 284 14.33 -9.21 -16.90
C MET G 284 12.92 -9.79 -16.96
N ALA G 285 12.28 -9.56 -18.10
CA ALA G 285 10.94 -10.01 -18.37
C ALA G 285 10.82 -11.53 -18.18
N GLU G 286 11.69 -12.27 -18.85
CA GLU G 286 11.87 -13.71 -18.65
C GLU G 286 11.97 -14.13 -17.18
N ALA G 287 12.77 -13.41 -16.39
CA ALA G 287 12.88 -13.69 -14.97
C ALA G 287 11.58 -13.44 -14.19
N CYS G 288 10.68 -12.64 -14.77
CA CYS G 288 9.37 -12.35 -14.19
C CYS G 288 8.22 -13.15 -14.83
N GLY G 289 8.53 -14.02 -15.79
CA GLY G 289 7.54 -14.87 -16.41
C GLY G 289 6.75 -14.19 -17.49
N VAL G 290 7.36 -13.21 -18.16
CA VAL G 290 6.72 -12.36 -19.16
C VAL G 290 7.46 -12.44 -20.50
N GLU G 291 6.72 -12.77 -21.55
CA GLU G 291 7.29 -12.86 -22.89
C GLU G 291 7.38 -11.47 -23.51
N CYS G 292 8.24 -11.33 -24.53
CA CYS G 292 8.40 -10.06 -25.24
C CYS G 292 8.17 -10.19 -26.74
N MET G 293 7.72 -9.10 -27.36
CA MET G 293 7.74 -8.97 -28.80
C MET G 293 8.90 -8.05 -29.16
N VAL G 294 9.59 -8.30 -30.28
CA VAL G 294 10.54 -7.31 -30.82
C VAL G 294 9.97 -6.70 -32.10
N GLY G 295 9.84 -5.38 -32.12
CA GLY G 295 9.41 -4.65 -33.29
C GLY G 295 10.46 -3.67 -33.75
N SER G 296 10.01 -2.60 -34.40
CA SER G 296 10.91 -1.52 -34.85
C SER G 296 10.15 -0.24 -35.11
N MET G 297 10.90 0.77 -35.51
CA MET G 297 10.37 1.98 -36.09
C MET G 297 10.32 1.75 -37.60
N ILE G 298 10.04 2.80 -38.36
CA ILE G 298 10.11 2.72 -39.81
C ILE G 298 11.60 2.68 -40.19
N GLU G 299 12.08 1.48 -40.46
CA GLU G 299 13.45 1.21 -40.82
C GLU G 299 13.48 0.36 -42.08
N THR G 300 14.57 0.44 -42.82
CA THR G 300 14.84 -0.48 -43.92
C THR G 300 15.22 -1.84 -43.37
N LYS G 301 15.44 -2.76 -44.29
CA LYS G 301 15.85 -4.12 -43.98
C LYS G 301 17.09 -4.22 -43.06
N LEU G 302 18.02 -3.27 -43.13
CA LEU G 302 19.20 -3.28 -42.27
C LEU G 302 18.87 -3.24 -40.77
N GLY G 303 17.98 -2.34 -40.38
CA GLY G 303 17.56 -2.21 -39.00
C GLY G 303 16.67 -3.38 -38.58
N ILE G 304 15.94 -3.93 -39.53
CA ILE G 304 15.10 -5.08 -39.26
C ILE G 304 15.96 -6.33 -39.13
N THR G 305 17.09 -6.34 -39.83
CA THR G 305 18.00 -7.48 -39.80
C THR G 305 18.61 -7.55 -38.41
N ALA G 306 19.03 -6.40 -37.88
CA ALA G 306 19.60 -6.32 -36.54
C ALA G 306 18.55 -6.77 -35.49
N ALA G 307 17.34 -6.25 -35.61
CA ALA G 307 16.28 -6.59 -34.67
C ALA G 307 15.93 -8.07 -34.76
N ALA G 308 15.83 -8.60 -35.97
CA ALA G 308 15.49 -10.02 -36.20
C ALA G 308 16.54 -10.99 -35.65
N HIS G 309 17.82 -10.61 -35.76
CA HIS G 309 18.92 -11.43 -35.26
C HIS G 309 18.87 -11.49 -33.74
N PHE G 310 18.56 -10.36 -33.11
CA PHE G 310 18.36 -10.32 -31.67
C PHE G 310 17.13 -11.13 -31.28
N ALA G 311 16.02 -10.89 -31.98
CA ALA G 311 14.77 -11.57 -31.67
C ALA G 311 14.92 -13.07 -31.89
N ALA G 312 15.61 -13.44 -32.95
CA ALA G 312 15.77 -14.85 -33.30
C ALA G 312 16.59 -15.59 -32.23
N SER G 313 17.42 -14.85 -31.50
CA SER G 313 18.36 -15.47 -30.57
C SER G 313 17.75 -15.91 -29.24
N LYS G 314 16.60 -15.35 -28.85
CA LYS G 314 16.06 -15.61 -27.52
C LYS G 314 14.74 -16.40 -27.48
N ARG G 315 14.68 -17.39 -26.60
CA ARG G 315 13.47 -18.19 -26.40
C ARG G 315 12.26 -17.37 -25.98
N ASN G 316 12.49 -16.41 -25.08
CA ASN G 316 11.41 -15.61 -24.48
C ASN G 316 10.89 -14.48 -25.36
N ILE G 317 11.50 -14.27 -26.52
CA ILE G 317 10.93 -13.38 -27.54
C ILE G 317 10.09 -14.24 -28.48
N THR G 318 8.76 -14.07 -28.44
CA THR G 318 7.85 -14.98 -29.15
C THR G 318 6.96 -14.35 -30.21
N ARG G 319 6.83 -13.04 -30.21
CA ARG G 319 6.13 -12.34 -31.28
C ARG G 319 7.11 -11.41 -32.04
N PHE G 320 6.80 -11.13 -33.30
CA PHE G 320 7.70 -10.35 -34.17
C PHE G 320 6.94 -9.33 -35.01
N ASP G 321 7.49 -8.12 -35.11
CA ASP G 321 6.81 -6.99 -35.78
C ASP G 321 7.82 -6.24 -36.67
N PHE G 322 8.12 -6.88 -37.80
CA PHE G 322 9.15 -6.46 -38.74
C PHE G 322 8.62 -6.20 -40.16
N ASP G 323 7.49 -5.50 -40.24
CA ASP G 323 6.86 -5.21 -41.52
C ASP G 323 7.39 -3.95 -42.21
N ALA G 324 8.21 -3.16 -41.53
CA ALA G 324 8.56 -1.81 -42.03
C ALA G 324 9.21 -1.80 -43.43
N PRO G 325 10.19 -2.68 -43.68
CA PRO G 325 10.84 -2.75 -44.98
C PRO G 325 9.92 -3.08 -46.15
N LEU G 326 8.78 -3.71 -45.87
CA LEU G 326 7.82 -4.13 -46.88
C LEU G 326 6.92 -3.00 -47.31
N MET G 327 6.90 -1.93 -46.51
CA MET G 327 6.16 -0.71 -46.82
C MET G 327 6.91 0.15 -47.83
N LEU G 328 8.20 -0.09 -47.99
CA LEU G 328 9.04 0.76 -48.83
C LEU G 328 9.00 0.39 -50.33
N LYS G 329 9.11 1.41 -51.18
CA LYS G 329 9.12 1.30 -52.65
C LYS G 329 10.27 0.40 -53.08
N THR G 330 11.45 0.68 -52.54
CA THR G 330 12.66 -0.06 -52.83
C THR G 330 13.25 -0.69 -51.56
N ASP G 331 13.92 -1.82 -51.74
CA ASP G 331 14.77 -2.43 -50.73
C ASP G 331 16.19 -1.98 -51.03
N VAL G 332 16.71 -1.03 -50.23
CA VAL G 332 18.02 -0.43 -50.52
C VAL G 332 19.20 -1.20 -49.92
N PHE G 333 18.96 -2.43 -49.45
CA PHE G 333 20.06 -3.22 -48.92
C PHE G 333 20.16 -4.59 -49.56
N ASN G 334 21.40 -4.96 -49.89
CA ASN G 334 21.72 -6.30 -50.37
C ASN G 334 22.22 -7.13 -49.20
N GLY G 335 21.86 -8.41 -49.19
CA GLY G 335 22.14 -9.25 -48.04
C GLY G 335 21.08 -9.03 -46.98
N GLY G 336 21.39 -9.46 -45.75
CA GLY G 336 20.50 -9.29 -44.61
C GLY G 336 19.50 -10.43 -44.53
N ILE G 337 18.51 -10.31 -43.65
CA ILE G 337 17.46 -11.31 -43.57
C ILE G 337 16.71 -11.36 -44.88
N THR G 338 15.92 -12.43 -45.06
CA THR G 338 15.13 -12.62 -46.28
C THR G 338 13.65 -12.79 -45.96
N TYR G 339 12.83 -12.03 -46.69
CA TYR G 339 11.39 -12.16 -46.61
C TYR G 339 10.91 -13.18 -47.62
N SER G 340 9.88 -13.89 -47.24
CA SER G 340 9.13 -14.70 -48.16
C SER G 340 7.76 -14.89 -47.52
N GLY G 341 6.79 -14.09 -47.98
CA GLY G 341 5.52 -13.92 -47.29
C GLY G 341 5.77 -13.31 -45.92
N SER G 342 5.02 -13.82 -44.93
CA SER G 342 5.21 -13.48 -43.53
C SER G 342 6.48 -14.05 -42.92
N THR G 343 7.14 -14.98 -43.61
CA THR G 343 8.32 -15.67 -43.08
C THR G 343 9.65 -14.92 -43.30
N ILE G 344 10.37 -14.67 -42.20
CA ILE G 344 11.72 -14.14 -42.23
C ILE G 344 12.71 -15.25 -41.87
N SER G 345 13.78 -15.35 -42.66
CA SER G 345 14.82 -16.36 -42.47
C SER G 345 16.16 -15.71 -42.20
N MET G 346 16.90 -16.34 -41.29
CA MET G 346 18.19 -15.86 -40.86
C MET G 346 19.21 -16.54 -41.75
N PRO G 347 19.93 -15.78 -42.56
CA PRO G 347 20.93 -16.37 -43.46
C PRO G 347 22.14 -16.91 -42.68
N GLY G 348 22.99 -17.69 -43.35
CA GLY G 348 24.11 -18.33 -42.71
C GLY G 348 25.38 -17.49 -42.67
N LYS G 349 25.33 -16.28 -43.20
CA LYS G 349 26.52 -15.44 -43.26
C LYS G 349 26.91 -14.87 -41.88
N PRO G 350 28.20 -14.65 -41.64
CA PRO G 350 28.67 -14.04 -40.38
C PRO G 350 28.16 -12.61 -40.17
N GLY G 351 28.14 -12.15 -38.93
CA GLY G 351 27.61 -10.82 -38.63
C GLY G 351 26.13 -10.70 -38.96
N LEU G 352 25.73 -9.54 -39.47
CA LEU G 352 24.36 -9.29 -39.92
C LEU G 352 24.18 -9.72 -41.38
N GLY G 353 25.29 -10.02 -42.06
CA GLY G 353 25.25 -10.48 -43.44
C GLY G 353 24.88 -9.40 -44.45
N ILE G 354 25.10 -8.14 -44.10
CA ILE G 354 24.90 -7.03 -45.03
C ILE G 354 26.14 -6.88 -45.90
N ILE G 355 25.96 -6.99 -47.22
CA ILE G 355 27.03 -6.81 -48.20
C ILE G 355 27.25 -5.32 -48.50
N GLY G 356 26.16 -4.60 -48.74
CA GLY G 356 26.25 -3.18 -49.00
C GLY G 356 24.94 -2.58 -49.46
N ALA G 357 25.03 -1.38 -50.04
CA ALA G 357 23.89 -0.68 -50.61
C ALA G 357 23.48 -1.34 -51.93
N ALA G 358 22.24 -1.10 -52.34
CA ALA G 358 21.68 -1.68 -53.56
C ALA G 358 22.17 -0.93 -54.81
N LEU G 359 21.90 -1.53 -55.97
CA LEU G 359 22.42 -1.06 -57.25
C LEU G 359 21.26 -0.49 -58.10
CA MET H 1 30.94 -26.83 -33.05
C MET H 1 29.91 -27.55 -32.18
N LYS H 2 30.06 -28.87 -32.06
CA LYS H 2 28.98 -29.74 -31.61
C LYS H 2 29.40 -30.63 -30.43
N ILE H 3 28.53 -30.72 -29.42
CA ILE H 3 28.73 -31.60 -28.28
C ILE H 3 28.65 -33.02 -28.76
N ILE H 4 29.61 -33.89 -28.39
CA ILE H 4 29.51 -35.31 -28.74
C ILE H 4 29.82 -36.30 -27.60
N ARG H 5 30.35 -35.81 -26.47
CA ARG H 5 30.53 -36.63 -25.27
C ARG H 5 30.53 -35.79 -23.99
N ILE H 6 29.89 -36.32 -22.94
CA ILE H 6 29.93 -35.72 -21.61
C ILE H 6 30.34 -36.78 -20.58
N GLU H 7 31.46 -36.56 -19.90
CA GLU H 7 31.96 -37.48 -18.87
C GLU H 7 32.11 -36.79 -17.52
N THR H 8 32.05 -37.58 -16.45
CA THR H 8 32.32 -37.10 -15.10
C THR H 8 33.38 -37.95 -14.37
N SER H 9 34.00 -37.34 -13.37
CA SER H 9 34.90 -38.02 -12.44
C SER H 9 34.95 -37.24 -11.12
N ARG H 10 35.49 -37.84 -10.08
CA ARG H 10 35.51 -37.21 -8.74
C ARG H 10 36.93 -36.88 -8.30
N ILE H 11 37.04 -35.83 -7.51
CA ILE H 11 38.29 -35.50 -6.84
C ILE H 11 38.03 -35.28 -5.35
N ALA H 12 39.06 -35.51 -4.55
CA ALA H 12 39.00 -35.34 -3.10
C ALA H 12 40.36 -34.87 -2.68
N VAL H 13 40.42 -33.63 -2.21
CA VAL H 13 41.67 -33.02 -1.83
C VAL H 13 41.49 -32.45 -0.44
N PRO H 14 42.19 -33.00 0.57
CA PRO H 14 42.08 -32.45 1.92
C PRO H 14 42.49 -30.98 1.98
N LEU H 15 41.82 -30.26 2.88
CA LEU H 15 42.18 -28.88 3.21
C LEU H 15 43.34 -28.89 4.21
N THR H 16 44.19 -27.87 4.10
CA THR H 16 45.30 -27.61 5.00
C THR H 16 44.80 -27.38 6.44
N LYS H 17 43.88 -26.44 6.58
CA LYS H 17 43.14 -26.15 7.82
C LYS H 17 41.65 -26.33 7.49
N PRO H 18 40.83 -26.77 8.45
CA PRO H 18 39.39 -26.87 8.20
C PRO H 18 38.74 -25.50 7.99
N PHE H 19 37.92 -25.42 6.95
CA PHE H 19 37.11 -24.26 6.65
C PHE H 19 35.86 -24.32 7.52
N LYS H 20 35.56 -23.23 8.23
CA LYS H 20 34.49 -23.24 9.22
C LYS H 20 33.60 -22.02 9.06
N THR H 21 32.33 -22.26 8.80
CA THR H 21 31.30 -21.24 8.80
C THR H 21 30.22 -21.60 9.82
N ALA H 22 29.25 -20.69 9.96
CA ALA H 22 28.11 -20.86 10.85
C ALA H 22 27.21 -22.01 10.39
N LEU H 23 27.30 -22.36 9.11
CA LEU H 23 26.49 -23.44 8.52
C LEU H 23 27.16 -24.82 8.61
N ARG H 24 28.49 -24.86 8.49
CA ARG H 24 29.22 -26.11 8.23
C ARG H 24 30.74 -26.02 8.50
N THR H 25 31.35 -27.18 8.66
CA THR H 25 32.81 -27.32 8.59
C THR H 25 33.17 -28.34 7.51
N VAL H 26 34.32 -28.11 6.88
CA VAL H 26 34.80 -28.91 5.76
C VAL H 26 36.25 -29.28 6.01
N TYR H 27 36.53 -30.58 6.09
CA TYR H 27 37.91 -31.08 6.21
C TYR H 27 38.54 -31.45 4.86
N THR H 28 37.72 -31.88 3.92
CA THR H 28 38.19 -32.31 2.60
C THR H 28 37.26 -31.82 1.47
N ALA H 29 37.85 -31.15 0.48
CA ALA H 29 37.13 -30.67 -0.69
C ALA H 29 36.78 -31.81 -1.63
N GLU H 30 35.50 -32.11 -1.76
CA GLU H 30 35.03 -33.08 -2.74
C GLU H 30 34.42 -32.31 -3.93
N SER H 31 34.55 -32.87 -5.14
CA SER H 31 34.08 -32.19 -6.34
C SER H 31 33.87 -33.16 -7.52
N VAL H 32 32.76 -33.00 -8.23
CA VAL H 32 32.48 -33.72 -9.46
C VAL H 32 33.07 -32.90 -10.60
N ILE H 33 33.77 -33.55 -11.51
CA ILE H 33 34.39 -32.85 -12.61
C ILE H 33 33.83 -33.36 -13.94
N VAL H 34 33.38 -32.39 -14.75
CA VAL H 34 32.70 -32.64 -16.01
C VAL H 34 33.62 -32.25 -17.16
N ARG H 35 33.67 -33.10 -18.16
CA ARG H 35 34.43 -32.84 -19.39
C ARG H 35 33.47 -32.98 -20.57
N ILE H 36 33.31 -31.93 -21.34
CA ILE H 36 32.59 -32.03 -22.59
C ILE H 36 33.61 -32.09 -23.73
N THR H 37 33.59 -33.15 -24.51
CA THR H 37 34.37 -33.15 -25.74
C THR H 37 33.44 -32.79 -26.88
N TYR H 38 33.96 -31.95 -27.78
CA TYR H 38 33.22 -31.49 -28.94
C TYR H 38 33.77 -32.11 -30.23
N ASP H 39 33.06 -31.89 -31.33
CA ASP H 39 33.35 -32.56 -32.60
C ASP H 39 34.69 -32.14 -33.19
N SER H 40 35.20 -30.99 -32.77
CA SER H 40 36.54 -30.54 -33.17
C SER H 40 37.69 -31.21 -32.40
N GLY H 41 37.39 -32.11 -31.47
CA GLY H 41 38.39 -32.62 -30.54
C GLY H 41 38.58 -31.78 -29.26
N ALA H 42 38.24 -30.49 -29.33
CA ALA H 42 38.30 -29.56 -28.18
C ALA H 42 37.50 -30.05 -26.97
N VAL H 43 37.97 -29.73 -25.77
CA VAL H 43 37.37 -30.19 -24.51
C VAL H 43 36.96 -29.03 -23.60
N GLY H 44 35.70 -29.03 -23.15
CA GLY H 44 35.20 -28.05 -22.19
C GLY H 44 35.18 -28.62 -20.78
N TRP H 45 35.53 -27.80 -19.79
CA TRP H 45 35.68 -28.28 -18.40
C TRP H 45 34.65 -27.67 -17.45
N GLY H 46 34.35 -28.40 -16.39
CA GLY H 46 33.30 -28.04 -15.45
C GLY H 46 33.50 -28.67 -14.09
N GLU H 47 32.80 -28.12 -13.09
CA GLU H 47 32.94 -28.58 -11.72
C GLU H 47 31.68 -28.30 -10.88
N ALA H 48 31.42 -29.16 -9.90
CA ALA H 48 30.37 -28.93 -8.90
C ALA H 48 30.66 -29.70 -7.61
N PRO H 49 30.81 -29.01 -6.49
CA PRO H 49 30.98 -29.68 -5.21
C PRO H 49 29.63 -30.01 -4.59
N PRO H 50 29.60 -30.94 -3.64
CA PRO H 50 28.39 -31.12 -2.84
C PRO H 50 28.29 -29.96 -1.86
N THR H 51 27.10 -29.40 -1.71
CA THR H 51 26.78 -28.45 -0.64
C THR H 51 25.39 -28.73 -0.12
N LEU H 52 25.27 -29.74 0.74
CA LEU H 52 23.98 -30.23 1.17
C LEU H 52 23.20 -29.26 2.06
N VAL H 53 23.89 -28.39 2.79
CA VAL H 53 23.19 -27.36 3.59
C VAL H 53 23.01 -26.00 2.87
N ILE H 54 23.51 -25.86 1.65
CA ILE H 54 23.35 -24.63 0.86
C ILE H 54 22.45 -24.85 -0.36
N THR H 55 22.82 -25.78 -1.26
CA THR H 55 22.05 -26.11 -2.48
C THR H 55 21.22 -27.40 -2.36
N GLY H 56 21.66 -28.30 -1.49
CA GLY H 56 21.04 -29.60 -1.36
C GLY H 56 21.63 -30.64 -2.30
N ASP H 57 22.59 -30.23 -3.12
CA ASP H 57 23.24 -31.13 -4.06
C ASP H 57 24.32 -31.97 -3.38
N SER H 58 24.22 -33.27 -3.60
CA SER H 58 25.25 -34.25 -3.24
C SER H 58 25.98 -34.68 -4.49
N MET H 59 27.10 -35.36 -4.31
CA MET H 59 27.88 -35.84 -5.44
C MET H 59 27.07 -36.84 -6.26
N ASP H 60 26.29 -37.67 -5.58
CA ASP H 60 25.42 -38.63 -6.26
C ASP H 60 24.34 -37.93 -7.09
N SER H 61 23.71 -36.91 -6.52
CA SER H 61 22.57 -36.24 -7.15
C SER H 61 23.00 -35.53 -8.41
N ILE H 62 24.20 -34.95 -8.34
CA ILE H 62 24.80 -34.24 -9.47
C ILE H 62 25.13 -35.18 -10.63
N GLU H 63 25.83 -36.26 -10.31
CA GLU H 63 26.32 -37.16 -11.35
C GLU H 63 25.15 -37.86 -12.03
N SER H 64 24.13 -38.18 -11.24
CA SER H 64 22.87 -38.70 -11.77
C SER H 64 22.27 -37.65 -12.71
N ALA H 65 22.03 -36.44 -12.20
CA ALA H 65 21.43 -35.37 -13.00
C ALA H 65 22.11 -35.22 -14.36
N ILE H 66 23.44 -35.17 -14.35
CA ILE H 66 24.22 -34.93 -15.55
C ILE H 66 24.04 -36.06 -16.56
N HIS H 67 24.15 -37.31 -16.10
CA HIS H 67 24.06 -38.47 -16.97
C HIS H 67 22.65 -38.81 -17.42
N HIS H 68 21.69 -38.78 -16.50
CA HIS H 68 20.35 -39.26 -16.81
C HIS H 68 19.50 -38.20 -17.53
N VAL H 69 19.62 -36.94 -17.11
CA VAL H 69 18.75 -35.87 -17.62
C VAL H 69 19.42 -34.97 -18.66
N LEU H 70 20.54 -34.36 -18.28
CA LEU H 70 21.21 -33.38 -19.14
C LEU H 70 21.94 -34.00 -20.34
N LYS H 71 22.61 -35.13 -20.13
CA LYS H 71 23.41 -35.77 -21.18
C LYS H 71 22.58 -36.18 -22.41
N PRO H 72 21.48 -36.90 -22.25
CA PRO H 72 20.69 -37.30 -23.42
C PRO H 72 20.15 -36.12 -24.22
N ALA H 73 19.81 -35.02 -23.55
CA ALA H 73 19.30 -33.86 -24.26
C ALA H 73 20.40 -32.99 -24.93
N LEU H 74 21.66 -33.11 -24.48
CA LEU H 74 22.77 -32.28 -25.03
C LEU H 74 23.62 -32.94 -26.15
N LEU H 75 23.67 -34.27 -26.20
CA LEU H 75 24.50 -34.96 -27.19
C LEU H 75 23.98 -34.62 -28.56
N GLY H 76 24.87 -34.12 -29.41
CA GLY H 76 24.53 -33.78 -30.79
C GLY H 76 24.17 -32.34 -31.03
N LYS H 77 23.90 -31.57 -29.98
CA LYS H 77 23.47 -30.18 -30.13
C LYS H 77 24.67 -29.31 -30.45
N SER H 78 24.42 -28.18 -31.12
CA SER H 78 25.48 -27.24 -31.47
C SER H 78 25.51 -25.97 -30.59
N LEU H 79 26.72 -25.47 -30.37
CA LEU H 79 26.94 -24.21 -29.67
C LEU H 79 26.50 -23.01 -30.50
N ALA H 80 26.16 -23.22 -31.77
CA ALA H 80 25.46 -22.21 -32.57
C ALA H 80 23.99 -21.99 -32.11
N GLY H 81 23.40 -22.98 -31.42
CA GLY H 81 22.11 -22.84 -30.74
C GLY H 81 22.19 -22.98 -29.22
N TYR H 82 23.12 -22.27 -28.58
CA TYR H 82 23.35 -22.45 -27.14
C TYR H 82 22.19 -21.99 -26.24
N GLU H 83 21.33 -21.08 -26.71
CA GLU H 83 20.14 -20.65 -25.96
C GLU H 83 19.16 -21.83 -25.73
N ALA H 84 18.95 -22.66 -26.75
CA ALA H 84 18.09 -23.84 -26.59
C ALA H 84 18.70 -24.83 -25.58
N ILE H 85 20.03 -24.92 -25.56
CA ILE H 85 20.71 -25.83 -24.64
C ILE H 85 20.64 -25.28 -23.22
N LEU H 86 20.94 -24.00 -23.05
CA LEU H 86 20.78 -23.33 -21.75
C LEU H 86 19.37 -23.51 -21.21
N HIS H 87 18.37 -23.35 -22.05
CA HIS H 87 16.99 -23.52 -21.61
C HIS H 87 16.74 -24.94 -21.17
N ASP H 88 17.32 -25.89 -21.91
CA ASP H 88 17.16 -27.30 -21.61
C ASP H 88 17.80 -27.60 -20.27
N ILE H 89 19.02 -27.12 -20.07
CA ILE H 89 19.77 -27.35 -18.84
C ILE H 89 19.02 -26.86 -17.60
N GLN H 90 18.30 -25.76 -17.75
CA GLN H 90 17.63 -25.10 -16.63
C GLN H 90 16.19 -25.58 -16.40
N HIS H 91 15.56 -26.19 -17.40
CA HIS H 91 14.14 -26.57 -17.30
C HIS H 91 13.83 -28.05 -17.46
N LEU H 92 14.82 -28.86 -17.83
CA LEU H 92 14.62 -30.31 -17.90
C LEU H 92 14.56 -30.93 -16.51
N LEU H 93 14.99 -30.18 -15.51
CA LEU H 93 14.86 -30.59 -14.12
C LEU H 93 14.80 -29.36 -13.23
N THR H 94 14.03 -29.44 -12.15
CA THR H 94 14.00 -28.38 -11.17
C THR H 94 15.07 -28.62 -10.08
N GLY H 95 15.46 -27.56 -9.38
CA GLY H 95 16.57 -27.63 -8.47
C GLY H 95 17.82 -28.08 -9.18
N ASN H 96 18.64 -28.86 -8.49
CA ASN H 96 19.89 -29.39 -9.04
C ASN H 96 20.78 -28.32 -9.67
N MET H 97 20.94 -27.18 -8.98
CA MET H 97 21.64 -26.01 -9.54
C MET H 97 23.14 -26.25 -9.70
N SER H 98 23.72 -27.06 -8.83
CA SER H 98 25.15 -27.34 -8.90
C SER H 98 25.47 -28.20 -10.12
N ALA H 99 24.59 -29.14 -10.45
CA ALA H 99 24.73 -29.95 -11.67
C ALA H 99 24.66 -29.06 -12.92
N LYS H 100 23.63 -28.22 -12.97
CA LYS H 100 23.38 -27.36 -14.13
C LYS H 100 24.60 -26.48 -14.36
N ALA H 101 25.25 -26.09 -13.28
CA ALA H 101 26.35 -25.12 -13.32
C ALA H 101 27.64 -25.76 -13.82
N ALA H 102 27.87 -27.00 -13.42
CA ALA H 102 29.02 -27.74 -13.91
C ALA H 102 28.89 -27.85 -15.43
N VAL H 103 27.74 -28.28 -15.92
CA VAL H 103 27.52 -28.40 -17.36
C VAL H 103 27.65 -27.07 -18.09
N GLU H 104 27.11 -25.99 -17.54
CA GLU H 104 27.22 -24.67 -18.17
C GLU H 104 28.68 -24.16 -18.26
N MET H 105 29.51 -24.56 -17.31
CA MET H 105 30.91 -24.11 -17.31
C MET H 105 31.64 -24.70 -18.54
N ALA H 106 31.46 -26.00 -18.73
CA ALA H 106 32.03 -26.69 -19.88
C ALA H 106 31.47 -26.14 -21.20
N LEU H 107 30.17 -25.85 -21.20
CA LEU H 107 29.49 -25.31 -22.37
C LEU H 107 30.06 -23.96 -22.78
N TYR H 108 30.24 -23.06 -21.82
CA TYR H 108 30.83 -21.74 -22.10
C TYR H 108 32.30 -21.85 -22.50
N ASP H 109 32.99 -22.86 -21.96
CA ASP H 109 34.38 -23.10 -22.28
C ASP H 109 34.52 -23.39 -23.76
N GLY H 110 33.73 -24.32 -24.27
CA GLY H 110 33.77 -24.71 -25.67
C GLY H 110 33.22 -23.65 -26.59
N TRP H 111 32.33 -22.82 -26.08
CA TRP H 111 31.70 -21.78 -26.88
C TRP H 111 32.71 -20.69 -27.18
N ALA H 112 33.49 -20.32 -26.17
CA ALA H 112 34.55 -19.32 -26.34
C ALA H 112 35.70 -19.91 -27.13
N GLN H 113 35.99 -21.19 -26.91
CA GLN H 113 36.96 -21.95 -27.72
C GLN H 113 36.55 -21.91 -29.19
N MET H 114 35.26 -22.18 -29.45
CA MET H 114 34.69 -22.06 -30.79
C MET H 114 34.93 -20.67 -31.36
N CYS H 115 34.77 -19.63 -30.55
CA CYS H 115 34.89 -18.27 -31.04
C CYS H 115 36.34 -17.78 -31.04
N GLY H 116 37.22 -18.55 -30.41
CA GLY H 116 38.65 -18.26 -30.45
C GLY H 116 39.20 -17.21 -29.49
N LEU H 117 38.49 -16.94 -28.40
CA LEU H 117 38.94 -15.99 -27.39
C LEU H 117 38.75 -16.54 -25.98
N PRO H 118 39.55 -16.06 -25.03
CA PRO H 118 39.33 -16.40 -23.62
C PRO H 118 37.88 -16.09 -23.26
N LEU H 119 37.26 -16.90 -22.41
CA LEU H 119 35.86 -16.74 -22.07
C LEU H 119 35.52 -15.35 -21.49
N TYR H 120 36.41 -14.80 -20.67
CA TYR H 120 36.14 -13.53 -20.02
C TYR H 120 36.09 -12.39 -21.04
N GLN H 121 36.87 -12.53 -22.10
CA GLN H 121 36.83 -11.57 -23.21
C GLN H 121 35.54 -11.72 -24.02
N MET H 122 35.08 -12.96 -24.17
CA MET H 122 33.83 -13.25 -24.87
C MET H 122 32.64 -12.61 -24.19
N LEU H 123 32.71 -12.45 -22.87
CA LEU H 123 31.59 -11.95 -22.07
C LEU H 123 31.70 -10.46 -21.74
N GLY H 124 32.70 -9.77 -22.29
CA GLY H 124 32.84 -8.33 -22.09
C GLY H 124 34.26 -7.85 -21.92
N GLY H 125 35.08 -8.66 -21.25
CA GLY H 125 36.52 -8.44 -21.18
C GLY H 125 36.91 -7.18 -20.43
N TYR H 126 36.20 -6.88 -19.35
CA TYR H 126 36.36 -5.61 -18.64
C TYR H 126 37.72 -5.46 -17.94
N ARG H 127 38.20 -6.53 -17.32
CA ARG H 127 39.50 -6.50 -16.66
C ARG H 127 40.32 -7.78 -16.87
N ASP H 128 41.64 -7.60 -16.86
CA ASP H 128 42.60 -8.67 -17.09
C ASP H 128 43.08 -9.27 -15.77
N THR H 129 43.02 -8.48 -14.71
CA THR H 129 43.29 -8.96 -13.35
C THR H 129 42.22 -8.52 -12.34
N LEU H 130 42.29 -9.11 -11.15
CA LEU H 130 41.36 -8.80 -10.07
C LEU H 130 41.90 -9.25 -8.69
N GLU H 131 41.46 -8.59 -7.61
CA GLU H 131 41.94 -8.92 -6.27
C GLU H 131 40.93 -9.80 -5.55
N THR H 132 41.41 -10.94 -5.02
CA THR H 132 40.59 -11.82 -4.18
C THR H 132 40.85 -11.63 -2.68
N ASP H 133 39.80 -11.81 -1.89
CA ASP H 133 39.96 -11.85 -0.44
C ASP H 133 40.46 -13.23 -0.01
N TYR H 134 40.80 -13.37 1.27
CA TYR H 134 41.02 -14.67 1.91
C TYR H 134 40.08 -14.78 3.12
N THR H 135 39.55 -15.98 3.33
CA THR H 135 38.57 -16.21 4.38
C THR H 135 39.23 -16.67 5.68
N VAL H 136 38.92 -15.98 6.77
CA VAL H 136 39.23 -16.45 8.12
C VAL H 136 38.03 -17.23 8.67
N SER H 137 38.25 -18.54 8.85
CA SER H 137 37.27 -19.45 9.43
C SER H 137 36.90 -19.06 10.86
N VAL H 138 35.69 -19.44 11.29
CA VAL H 138 35.23 -19.16 12.64
C VAL H 138 36.02 -20.03 13.61
N ASN H 139 36.65 -19.37 14.58
CA ASN H 139 37.31 -20.03 15.71
C ASN H 139 37.39 -19.02 16.86
N SER H 140 38.11 -19.36 17.92
CA SER H 140 38.34 -18.43 19.01
C SER H 140 38.96 -17.13 18.48
N PRO H 141 38.72 -16.00 19.17
CA PRO H 141 39.34 -14.73 18.79
C PRO H 141 40.83 -14.89 18.52
N GLU H 142 41.50 -15.67 19.36
CA GLU H 142 42.94 -15.85 19.25
C GLU H 142 43.33 -16.54 17.94
N GLU H 143 42.72 -17.69 17.62
CA GLU H 143 43.00 -18.41 16.38
C GLU H 143 42.72 -17.59 15.12
N MET H 144 41.62 -16.82 15.15
CA MET H 144 41.20 -16.05 13.99
C MET H 144 42.19 -14.93 13.73
N ALA H 145 42.76 -14.38 14.79
CA ALA H 145 43.67 -13.26 14.69
C ALA H 145 45.03 -13.70 14.15
N ALA H 146 45.46 -14.89 14.53
CA ALA H 146 46.71 -15.48 14.04
C ALA H 146 46.55 -15.98 12.61
N ASP H 147 45.36 -16.48 12.26
CA ASP H 147 45.06 -16.83 10.89
C ASP H 147 45.20 -15.58 10.01
N ALA H 148 44.58 -14.48 10.47
CA ALA H 148 44.54 -13.24 9.72
C ALA H 148 45.93 -12.65 9.53
N GLU H 149 46.78 -12.77 10.55
CA GLU H 149 48.14 -12.22 10.50
C GLU H 149 48.97 -12.94 9.45
N ASN H 150 48.77 -14.25 9.33
CA ASN H 150 49.44 -15.06 8.33
C ASN H 150 48.94 -14.77 6.90
N TYR H 151 47.64 -14.57 6.74
CA TYR H 151 47.09 -14.25 5.42
C TYR H 151 47.55 -12.89 4.92
N LEU H 152 47.67 -11.92 5.82
CA LEU H 152 48.29 -10.64 5.48
C LEU H 152 49.75 -10.85 5.05
N LYS H 153 50.45 -11.75 5.73
CA LYS H 153 51.84 -12.10 5.38
C LYS H 153 51.96 -12.77 3.99
N GLN H 154 50.92 -13.46 3.54
CA GLN H 154 50.96 -14.10 2.22
C GLN H 154 50.63 -13.13 1.06
N GLY H 155 50.24 -11.90 1.38
CA GLY H 155 49.98 -10.86 0.39
C GLY H 155 48.52 -10.41 0.30
N PHE H 156 47.67 -10.93 1.17
CA PHE H 156 46.24 -10.65 1.16
C PHE H 156 45.93 -9.51 2.12
N GLN H 157 45.63 -8.35 1.55
CA GLN H 157 45.20 -7.18 2.34
C GLN H 157 43.69 -7.09 2.54
N THR H 158 42.93 -7.99 1.95
CA THR H 158 41.47 -8.01 2.14
C THR H 158 41.04 -9.36 2.70
N LEU H 159 40.58 -9.34 3.94
CA LEU H 159 40.18 -10.56 4.64
C LEU H 159 38.67 -10.62 4.79
N LYS H 160 38.12 -11.82 4.65
CA LYS H 160 36.70 -12.10 4.82
C LYS H 160 36.51 -12.90 6.10
N ILE H 161 35.94 -12.27 7.13
CA ILE H 161 35.82 -12.89 8.44
C ILE H 161 34.46 -13.58 8.63
N LYS H 162 34.49 -14.88 8.86
CA LYS H 162 33.28 -15.63 9.20
C LYS H 162 32.88 -15.38 10.65
N VAL H 163 31.60 -15.10 10.84
CA VAL H 163 31.01 -14.85 12.17
C VAL H 163 29.64 -15.53 12.21
N GLY H 164 28.89 -15.32 13.29
CA GLY H 164 27.51 -15.75 13.36
C GLY H 164 27.24 -17.18 13.83
N LYS H 165 28.27 -17.88 14.32
CA LYS H 165 28.13 -19.31 14.62
C LYS H 165 27.55 -19.62 16.01
N ASP H 166 27.78 -18.74 16.97
CA ASP H 166 27.28 -18.93 18.33
C ASP H 166 26.64 -17.65 18.86
N ASP H 167 27.29 -16.96 19.79
CA ASP H 167 26.73 -15.75 20.39
C ASP H 167 27.43 -14.50 19.86
N ILE H 168 26.65 -13.43 19.75
CA ILE H 168 27.06 -12.20 19.07
C ILE H 168 28.23 -11.47 19.80
N ALA H 169 28.22 -11.49 21.13
CA ALA H 169 29.27 -10.83 21.87
C ALA H 169 30.65 -11.43 21.54
N THR H 170 30.70 -12.73 21.28
CA THR H 170 31.96 -13.36 20.89
C THR H 170 32.38 -12.93 19.48
N ASP H 171 31.42 -12.73 18.59
CA ASP H 171 31.74 -12.24 17.24
C ASP H 171 32.50 -10.92 17.33
N ILE H 172 32.03 -10.01 18.16
CA ILE H 172 32.68 -8.72 18.34
C ILE H 172 34.08 -8.92 18.92
N ALA H 173 34.22 -9.74 19.96
CA ALA H 173 35.54 -10.10 20.48
C ALA H 173 36.48 -10.59 19.36
N ARG H 174 35.94 -11.41 18.45
CA ARG H 174 36.73 -11.94 17.33
C ARG H 174 37.27 -10.80 16.46
N ILE H 175 36.40 -9.86 16.07
CA ILE H 175 36.82 -8.75 15.20
C ILE H 175 37.85 -7.84 15.85
N GLN H 176 37.68 -7.54 17.14
CA GLN H 176 38.61 -6.65 17.88
C GLN H 176 39.99 -7.30 17.98
N GLU H 177 40.02 -8.60 18.25
CA GLU H 177 41.29 -9.34 18.28
C GLU H 177 41.97 -9.35 16.90
N ILE H 178 41.18 -9.47 15.82
CA ILE H 178 41.73 -9.41 14.46
C ILE H 178 42.27 -8.01 14.16
N ARG H 179 41.51 -6.98 14.50
CA ARG H 179 41.91 -5.58 14.28
C ARG H 179 43.14 -5.16 15.08
N LYS H 180 43.19 -5.58 16.34
CA LYS H 180 44.27 -5.21 17.26
C LYS H 180 45.58 -5.86 16.84
N ARG H 181 45.48 -6.94 16.05
CA ARG H 181 46.64 -7.70 15.62
C ARG H 181 47.13 -7.37 14.20
N VAL H 182 46.20 -6.97 13.34
CA VAL H 182 46.48 -6.78 11.91
C VAL H 182 46.62 -5.31 11.48
N GLY H 183 46.15 -4.39 12.34
CA GLY H 183 46.17 -2.98 12.04
C GLY H 183 44.93 -2.53 11.27
N SER H 184 44.71 -1.22 11.24
CA SER H 184 43.49 -0.64 10.67
C SER H 184 43.57 -0.36 9.17
N ALA H 185 44.64 -0.80 8.51
CA ALA H 185 44.80 -0.57 7.08
C ALA H 185 44.03 -1.59 6.23
N VAL H 186 44.09 -2.87 6.61
CA VAL H 186 43.47 -3.94 5.79
C VAL H 186 41.95 -3.81 5.79
N LYS H 187 41.32 -4.21 4.68
CA LYS H 187 39.86 -4.20 4.58
C LYS H 187 39.32 -5.46 5.25
N LEU H 188 38.30 -5.31 6.09
CA LEU H 188 37.62 -6.45 6.72
C LEU H 188 36.20 -6.61 6.22
N ARG H 189 35.92 -7.78 5.68
CA ARG H 189 34.63 -8.17 5.17
C ARG H 189 34.02 -9.18 6.14
N LEU H 190 32.82 -8.93 6.66
CA LEU H 190 32.17 -9.93 7.48
C LEU H 190 31.17 -10.76 6.67
N ASP H 191 31.03 -12.02 7.09
CA ASP H 191 30.01 -12.93 6.59
C ASP H 191 29.40 -13.70 7.77
N ALA H 192 28.16 -13.38 8.08
CA ALA H 192 27.47 -14.01 9.20
C ALA H 192 26.80 -15.34 8.85
N ASN H 193 26.61 -15.62 7.57
CA ASN H 193 26.00 -16.89 7.12
C ASN H 193 24.67 -17.21 7.83
N GLN H 194 23.77 -16.22 7.84
CA GLN H 194 22.39 -16.34 8.33
C GLN H 194 22.25 -16.52 9.84
N GLY H 195 23.34 -16.27 10.56
CA GLY H 195 23.41 -16.61 11.97
C GLY H 195 22.81 -15.62 12.96
N TRP H 196 22.48 -14.41 12.50
CA TRP H 196 21.90 -13.37 13.36
C TRP H 196 20.44 -13.10 13.05
N ARG H 197 19.74 -12.65 14.09
CA ARG H 197 18.40 -12.07 13.92
C ARG H 197 18.53 -10.60 13.61
N PRO H 198 17.59 -10.04 12.87
CA PRO H 198 17.69 -8.65 12.40
C PRO H 198 18.03 -7.59 13.47
N LYS H 199 17.25 -7.47 14.54
CA LYS H 199 17.54 -6.42 15.54
C LYS H 199 18.88 -6.68 16.23
N GLU H 200 19.15 -7.96 16.47
CA GLU H 200 20.45 -8.39 16.98
C GLU H 200 21.61 -7.92 16.09
N ALA H 201 21.46 -8.07 14.78
CA ALA H 201 22.50 -7.70 13.83
C ALA H 201 22.69 -6.18 13.79
N VAL H 202 21.58 -5.45 13.83
CA VAL H 202 21.63 -3.99 13.86
C VAL H 202 22.46 -3.49 15.05
N THR H 203 22.14 -3.98 16.23
CA THR H 203 22.82 -3.56 17.46
C THR H 203 24.30 -3.90 17.40
N ALA H 204 24.63 -5.10 16.91
CA ALA H 204 26.02 -5.53 16.84
C ALA H 204 26.82 -4.77 15.77
N ILE H 205 26.19 -4.47 14.64
CA ILE H 205 26.85 -3.78 13.55
C ILE H 205 27.14 -2.33 13.92
N ARG H 206 26.22 -1.69 14.63
CA ARG H 206 26.45 -0.34 15.16
C ARG H 206 27.54 -0.33 16.19
N LYS H 207 27.59 -1.38 17.00
CA LYS H 207 28.62 -1.49 18.03
C LYS H 207 30.01 -1.58 17.41
N MET H 208 30.13 -2.29 16.28
CA MET H 208 31.39 -2.44 15.57
C MET H 208 31.81 -1.14 14.86
N GLU H 209 30.83 -0.48 14.22
CA GLU H 209 31.00 0.83 13.59
C GLU H 209 31.54 1.85 14.58
N ASP H 210 30.96 1.83 15.78
CA ASP H 210 31.23 2.84 16.80
C ASP H 210 32.56 2.59 17.50
N ALA H 211 33.03 1.35 17.45
CA ALA H 211 34.37 0.99 17.97
C ALA H 211 35.46 1.15 16.91
N GLY H 212 35.11 1.76 15.78
CA GLY H 212 36.06 2.00 14.70
C GLY H 212 36.66 0.75 14.09
N LEU H 213 35.91 -0.36 14.11
CA LEU H 213 36.44 -1.64 13.62
C LEU H 213 36.53 -1.72 12.10
N GLY H 214 35.94 -0.76 11.40
CA GLY H 214 36.16 -0.59 9.97
C GLY H 214 35.63 -1.70 9.08
N ILE H 215 34.39 -2.12 9.34
CA ILE H 215 33.73 -3.17 8.58
C ILE H 215 33.29 -2.68 7.20
N GLU H 216 33.77 -3.35 6.15
CA GLU H 216 33.51 -2.94 4.77
C GLU H 216 32.06 -3.27 4.35
N LEU H 217 31.65 -4.51 4.63
CA LEU H 217 30.28 -4.98 4.35
C LEU H 217 29.94 -6.16 5.26
N VAL H 218 28.68 -6.57 5.29
CA VAL H 218 28.30 -7.76 6.03
C VAL H 218 27.40 -8.61 5.14
N GLU H 219 27.84 -9.85 4.90
CA GLU H 219 27.12 -10.79 4.06
C GLU H 219 26.00 -11.49 4.83
N GLN H 220 24.85 -11.58 4.19
CA GLN H 220 23.71 -12.30 4.71
C GLN H 220 23.70 -12.43 6.24
N PRO H 221 23.40 -11.34 6.95
CA PRO H 221 23.33 -11.39 8.41
C PRO H 221 22.17 -12.25 8.96
N VAL H 222 21.09 -12.35 8.22
CA VAL H 222 19.88 -13.04 8.71
C VAL H 222 19.56 -14.25 7.85
N HIS H 223 18.60 -15.04 8.32
CA HIS H 223 18.10 -16.18 7.59
C HIS H 223 17.72 -15.81 6.15
N LYS H 224 17.92 -16.74 5.23
CA LYS H 224 17.81 -16.46 3.79
C LYS H 224 16.40 -16.09 3.39
N ASP H 225 15.43 -16.75 4.00
CA ASP H 225 14.03 -16.49 3.74
C ASP H 225 13.50 -15.19 4.34
N ASP H 226 14.21 -14.62 5.31
CA ASP H 226 13.75 -13.39 5.98
C ASP H 226 14.25 -12.14 5.22
N LEU H 227 13.66 -11.92 4.04
CA LEU H 227 14.00 -10.77 3.21
C LEU H 227 13.69 -9.46 3.93
N ALA H 228 12.54 -9.39 4.61
CA ALA H 228 12.17 -8.16 5.31
C ALA H 228 13.13 -7.87 6.47
N GLY H 229 13.67 -8.93 7.08
CA GLY H 229 14.63 -8.78 8.14
C GLY H 229 15.94 -8.21 7.59
N LEU H 230 16.33 -8.68 6.40
CA LEU H 230 17.57 -8.25 5.73
C LEU H 230 17.49 -6.77 5.37
N LYS H 231 16.32 -6.36 4.90
CA LYS H 231 16.07 -4.98 4.60
C LYS H 231 16.25 -4.14 5.86
N LYS H 232 15.70 -4.62 6.98
CA LYS H 232 15.85 -3.94 8.27
C LYS H 232 17.32 -3.68 8.62
N VAL H 233 18.20 -4.68 8.43
CA VAL H 233 19.61 -4.48 8.75
C VAL H 233 20.23 -3.48 7.79
N THR H 234 19.90 -3.62 6.50
CA THR H 234 20.34 -2.71 5.45
C THR H 234 19.93 -1.25 5.72
N ASP H 235 18.68 -1.06 6.13
CA ASP H 235 18.15 0.27 6.37
C ASP H 235 18.61 0.85 7.70
N ALA H 236 19.13 0.03 8.60
CA ALA H 236 19.41 0.45 9.98
C ALA H 236 20.83 0.93 10.17
N THR H 237 21.76 0.48 9.33
CA THR H 237 23.19 0.72 9.53
C THR H 237 23.83 1.54 8.41
N ASP H 238 25.05 1.98 8.66
CA ASP H 238 25.89 2.59 7.65
C ASP H 238 26.74 1.57 6.89
N THR H 239 26.70 0.32 7.32
CA THR H 239 27.51 -0.74 6.76
C THR H 239 26.74 -1.40 5.61
N PRO H 240 27.34 -1.47 4.42
CA PRO H 240 26.76 -2.23 3.31
C PRO H 240 26.41 -3.66 3.66
N ILE H 241 25.19 -4.07 3.31
CA ILE H 241 24.71 -5.41 3.55
C ILE H 241 24.61 -6.13 2.20
N MET H 242 25.23 -7.31 2.13
CA MET H 242 25.26 -8.10 0.91
C MET H 242 24.40 -9.33 1.02
N ALA H 243 23.42 -9.47 0.14
CA ALA H 243 22.61 -10.70 0.06
C ALA H 243 23.50 -11.83 -0.45
N ASP H 244 23.33 -13.03 0.08
CA ASP H 244 24.04 -14.20 -0.46
C ASP H 244 23.06 -15.36 -0.60
N GLU H 245 22.75 -16.03 0.51
CA GLU H 245 21.86 -17.18 0.48
C GLU H 245 20.43 -16.78 0.09
N SER H 246 20.08 -15.53 0.36
CA SER H 246 18.83 -14.94 -0.13
C SER H 246 18.64 -14.94 -1.67
N VAL H 247 19.74 -14.85 -2.42
CA VAL H 247 19.65 -14.74 -3.89
C VAL H 247 20.43 -15.83 -4.63
N PHE H 248 19.73 -16.85 -5.12
CA PHE H 248 20.33 -17.88 -5.98
C PHE H 248 20.15 -17.52 -7.46
N THR H 249 18.89 -17.25 -7.81
CA THR H 249 18.47 -17.15 -9.21
C THR H 249 18.14 -15.72 -9.60
N PRO H 250 17.97 -15.47 -10.90
CA PRO H 250 17.40 -14.21 -11.39
C PRO H 250 16.05 -13.85 -10.74
N ARG H 251 15.16 -14.82 -10.59
CA ARG H 251 13.84 -14.58 -9.99
C ARG H 251 13.99 -14.12 -8.54
N GLN H 252 14.85 -14.77 -7.78
CA GLN H 252 15.09 -14.34 -6.40
C GLN H 252 15.79 -12.99 -6.42
N ALA H 253 16.69 -12.77 -7.37
CA ALA H 253 17.41 -11.50 -7.44
C ALA H 253 16.44 -10.36 -7.64
N PHE H 254 15.54 -10.52 -8.59
CA PHE H 254 14.58 -9.49 -8.88
C PHE H 254 13.83 -9.13 -7.60
N GLU H 255 13.51 -10.12 -6.77
CA GLU H 255 12.76 -9.86 -5.55
C GLU H 255 13.56 -9.01 -4.56
N VAL H 256 14.85 -9.27 -4.45
CA VAL H 256 15.71 -8.51 -3.54
C VAL H 256 15.92 -7.10 -4.03
N LEU H 257 16.11 -6.95 -5.33
CA LEU H 257 16.33 -5.62 -5.91
C LEU H 257 15.08 -4.73 -5.79
N GLN H 258 13.90 -5.30 -6.02
CA GLN H 258 12.64 -4.56 -6.03
C GLN H 258 12.23 -4.07 -4.64
N THR H 259 12.48 -4.91 -3.63
CA THR H 259 12.23 -4.58 -2.23
C THR H 259 13.34 -3.75 -1.66
N ARG H 260 14.48 -3.69 -2.34
CA ARG H 260 15.68 -3.03 -1.84
C ARG H 260 16.10 -3.56 -0.48
N SER H 261 16.30 -4.86 -0.40
CA SER H 261 16.57 -5.51 0.87
C SER H 261 18.06 -5.64 1.12
N ALA H 262 18.88 -5.15 0.19
CA ALA H 262 20.33 -5.24 0.33
C ALA H 262 21.07 -4.30 -0.62
N ASP H 263 22.30 -3.93 -0.25
CA ASP H 263 23.15 -3.02 -1.05
C ASP H 263 23.99 -3.70 -2.13
N LEU H 264 24.37 -4.94 -1.87
CA LEU H 264 25.23 -5.72 -2.74
C LEU H 264 24.63 -7.12 -2.85
N ILE H 265 24.95 -7.84 -3.93
CA ILE H 265 24.61 -9.27 -4.03
C ILE H 265 25.86 -10.14 -4.27
N ASN H 266 25.87 -11.29 -3.60
CA ASN H 266 26.87 -12.32 -3.82
C ASN H 266 26.34 -13.33 -4.84
N ILE H 267 27.04 -13.41 -5.97
CA ILE H 267 26.71 -14.33 -7.06
C ILE H 267 27.64 -15.50 -7.02
N LYS H 268 27.07 -16.71 -7.11
CA LYS H 268 27.84 -17.93 -7.29
C LYS H 268 27.27 -18.79 -8.40
N LEU H 269 28.13 -19.40 -9.20
CA LEU H 269 27.70 -20.27 -10.29
C LEU H 269 26.87 -21.47 -9.78
N MET H 270 27.27 -22.06 -8.66
CA MET H 270 26.51 -23.18 -8.10
C MET H 270 25.07 -22.78 -7.77
N LYS H 271 24.91 -21.62 -7.13
CA LYS H 271 23.60 -21.05 -6.85
C LYS H 271 22.75 -20.73 -8.10
N ALA H 272 23.35 -20.11 -9.11
CA ALA H 272 22.63 -19.61 -10.32
C ALA H 272 22.51 -20.63 -11.44
N GLY H 273 23.06 -21.83 -11.24
CA GLY H 273 22.96 -22.90 -12.21
C GLY H 273 23.88 -22.67 -13.37
N GLY H 274 24.90 -21.83 -13.18
CA GLY H 274 25.92 -21.62 -14.18
C GLY H 274 26.11 -20.15 -14.47
N ILE H 275 26.77 -19.87 -15.60
CA ILE H 275 27.09 -18.50 -15.96
C ILE H 275 25.87 -17.75 -16.49
N SER H 276 25.00 -18.41 -17.25
CA SER H 276 23.88 -17.68 -17.86
C SER H 276 23.02 -16.93 -16.81
N GLY H 277 22.84 -17.55 -15.65
CA GLY H 277 22.04 -16.95 -14.59
C GLY H 277 22.81 -15.91 -13.80
N ALA H 278 24.10 -16.18 -13.59
CA ALA H 278 24.97 -15.24 -12.91
C ALA H 278 24.96 -13.93 -13.67
N GLU H 279 25.13 -14.03 -14.98
CA GLU H 279 25.17 -12.88 -15.88
C GLU H 279 23.85 -12.10 -15.82
N LYS H 280 22.74 -12.84 -15.75
CA LYS H 280 21.41 -12.24 -15.67
C LYS H 280 21.20 -11.50 -14.34
N ILE H 281 21.68 -12.10 -13.26
CA ILE H 281 21.61 -11.47 -11.93
C ILE H 281 22.38 -10.15 -11.93
N ASN H 282 23.63 -10.19 -12.41
CA ASN H 282 24.49 -9.00 -12.42
C ASN H 282 23.94 -7.84 -13.24
N ALA H 283 23.44 -8.14 -14.43
CA ALA H 283 22.84 -7.15 -15.31
C ALA H 283 21.62 -6.45 -14.67
N MET H 284 20.76 -7.23 -14.05
CA MET H 284 19.56 -6.71 -13.38
C MET H 284 19.96 -5.79 -12.19
N ALA H 285 20.91 -6.26 -11.40
CA ALA H 285 21.49 -5.47 -10.31
C ALA H 285 22.22 -4.19 -10.82
N GLU H 286 22.98 -4.31 -11.89
CA GLU H 286 23.66 -3.14 -12.47
C GLU H 286 22.66 -2.04 -12.81
N ALA H 287 21.47 -2.43 -13.28
CA ALA H 287 20.44 -1.47 -13.65
C ALA H 287 19.78 -0.81 -12.42
N CYS H 288 19.94 -1.42 -11.24
CA CYS H 288 19.42 -0.89 -9.99
C CYS H 288 20.49 -0.18 -9.14
N GLY H 289 21.71 -0.06 -9.68
CA GLY H 289 22.81 0.60 -8.97
C GLY H 289 23.42 -0.30 -7.91
N VAL H 290 23.26 -1.60 -8.10
CA VAL H 290 23.68 -2.61 -7.12
C VAL H 290 24.87 -3.38 -7.65
N GLU H 291 25.99 -3.22 -6.95
CA GLU H 291 27.21 -3.91 -7.32
C GLU H 291 27.13 -5.33 -6.80
N CYS H 292 27.90 -6.23 -7.42
CA CYS H 292 27.91 -7.64 -7.08
C CYS H 292 29.31 -8.11 -6.80
N MET H 293 29.43 -9.14 -5.98
CA MET H 293 30.69 -9.82 -5.75
C MET H 293 30.51 -11.25 -6.24
N VAL H 294 31.52 -11.81 -6.89
CA VAL H 294 31.43 -13.21 -7.28
C VAL H 294 32.29 -14.05 -6.35
N GLY H 295 31.68 -15.09 -5.78
CA GLY H 295 32.39 -16.03 -4.95
C GLY H 295 32.32 -17.46 -5.48
N SER H 296 32.37 -18.40 -4.57
CA SER H 296 32.35 -19.83 -4.90
C SER H 296 31.98 -20.65 -3.68
N MET H 297 31.63 -21.89 -3.90
CA MET H 297 31.66 -22.87 -2.80
C MET H 297 33.11 -23.29 -2.57
N ILE H 298 33.31 -24.33 -1.78
CA ILE H 298 34.63 -24.94 -1.67
C ILE H 298 34.84 -25.71 -2.96
N GLU H 299 35.63 -25.12 -3.86
CA GLU H 299 35.83 -25.62 -5.21
C GLU H 299 37.31 -25.54 -5.58
N THR H 300 37.72 -26.37 -6.53
CA THR H 300 39.09 -26.32 -7.04
C THR H 300 39.28 -25.12 -7.98
N LYS H 301 40.50 -24.95 -8.45
CA LYS H 301 40.89 -23.86 -9.35
C LYS H 301 40.11 -23.87 -10.66
N LEU H 302 39.57 -25.03 -11.02
CA LEU H 302 38.69 -25.14 -12.17
C LEU H 302 37.45 -24.22 -12.02
N GLY H 303 36.64 -24.47 -11.00
CA GLY H 303 35.38 -23.74 -10.81
C GLY H 303 35.59 -22.26 -10.50
N ILE H 304 36.74 -21.95 -9.93
CA ILE H 304 37.17 -20.58 -9.69
C ILE H 304 37.61 -19.93 -10.99
N THR H 305 38.20 -20.73 -11.88
CA THR H 305 38.56 -20.25 -13.21
C THR H 305 37.30 -19.84 -14.00
N ALA H 306 36.25 -20.66 -13.95
CA ALA H 306 34.98 -20.30 -14.59
C ALA H 306 34.38 -19.03 -13.97
N ALA H 307 34.38 -18.98 -12.64
CA ALA H 307 33.85 -17.83 -11.90
C ALA H 307 34.63 -16.57 -12.20
N ALA H 308 35.96 -16.67 -12.21
CA ALA H 308 36.83 -15.51 -12.46
C ALA H 308 36.66 -14.98 -13.88
N HIS H 309 36.45 -15.87 -14.86
CA HIS H 309 36.22 -15.44 -16.24
C HIS H 309 34.92 -14.66 -16.35
N PHE H 310 33.90 -15.10 -15.63
CA PHE H 310 32.63 -14.38 -15.59
C PHE H 310 32.77 -13.05 -14.80
N ALA H 311 33.37 -13.13 -13.61
CA ALA H 311 33.57 -11.96 -12.75
C ALA H 311 34.48 -10.94 -13.41
N ALA H 312 35.43 -11.42 -14.21
CA ALA H 312 36.37 -10.55 -14.89
C ALA H 312 35.70 -9.78 -16.03
N SER H 313 34.62 -10.35 -16.58
CA SER H 313 34.01 -9.80 -17.77
C SER H 313 33.18 -8.55 -17.52
N LYS H 314 32.60 -8.43 -16.32
CA LYS H 314 31.57 -7.42 -16.04
C LYS H 314 32.05 -6.21 -15.23
N ARG H 315 31.59 -5.02 -15.61
CA ARG H 315 31.94 -3.78 -14.91
C ARG H 315 31.31 -3.70 -13.52
N ASN H 316 30.12 -4.29 -13.36
CA ASN H 316 29.35 -4.14 -12.15
C ASN H 316 29.83 -5.04 -11.04
N ILE H 317 30.63 -6.04 -11.40
CA ILE H 317 31.20 -6.94 -10.43
C ILE H 317 32.54 -6.36 -9.98
N THR H 318 32.56 -5.83 -8.76
CA THR H 318 33.71 -5.06 -8.25
C THR H 318 34.45 -5.70 -7.07
N ARG H 319 33.95 -6.84 -6.57
CA ARG H 319 34.65 -7.63 -5.56
C ARG H 319 34.68 -9.11 -5.95
N PHE H 320 35.62 -9.83 -5.36
CA PHE H 320 35.96 -11.17 -5.81
C PHE H 320 36.35 -12.02 -4.59
N ASP H 321 35.81 -13.22 -4.51
CA ASP H 321 35.95 -14.08 -3.34
C ASP H 321 36.35 -15.48 -3.82
N PHE H 322 37.60 -15.55 -4.29
CA PHE H 322 38.15 -16.72 -4.99
C PHE H 322 39.36 -17.33 -4.26
N ASP H 323 39.17 -17.60 -2.97
CA ASP H 323 40.23 -18.14 -2.13
C ASP H 323 40.18 -19.65 -1.90
N ALA H 324 39.09 -20.30 -2.31
CA ALA H 324 38.96 -21.73 -2.07
C ALA H 324 40.15 -22.62 -2.55
N PRO H 325 40.64 -22.43 -3.76
CA PRO H 325 41.73 -23.29 -4.27
C PRO H 325 43.01 -23.22 -3.44
N LEU H 326 43.24 -22.08 -2.82
CA LEU H 326 44.40 -21.86 -1.96
C LEU H 326 44.26 -22.60 -0.61
N MET H 327 43.04 -23.04 -0.28
CA MET H 327 42.77 -23.78 0.94
C MET H 327 43.12 -25.25 0.87
N LEU H 328 43.29 -25.77 -0.35
CA LEU H 328 43.55 -27.19 -0.56
C LEU H 328 45.04 -27.52 -0.47
N LYS H 329 45.35 -28.78 -0.18
CA LYS H 329 46.73 -29.24 -0.01
C LYS H 329 47.47 -29.34 -1.35
N THR H 330 46.74 -29.71 -2.39
CA THR H 330 47.29 -29.78 -3.75
C THR H 330 46.42 -29.03 -4.77
N ASP H 331 47.05 -28.51 -5.81
CA ASP H 331 46.33 -27.92 -6.94
C ASP H 331 46.15 -29.01 -7.97
N VAL H 332 44.91 -29.46 -8.15
CA VAL H 332 44.63 -30.61 -9.02
C VAL H 332 44.34 -30.25 -10.49
N PHE H 333 44.65 -29.02 -10.90
CA PHE H 333 44.44 -28.62 -12.28
C PHE H 333 45.61 -27.84 -12.87
N ASN H 334 45.80 -28.02 -14.17
CA ASN H 334 46.87 -27.42 -14.96
C ASN H 334 46.27 -26.27 -15.79
N GLY H 335 46.90 -25.10 -15.72
CA GLY H 335 46.46 -23.93 -16.45
C GLY H 335 45.46 -23.08 -15.68
N GLY H 336 44.49 -22.53 -16.39
CA GLY H 336 43.41 -21.78 -15.79
C GLY H 336 43.96 -20.46 -15.32
N ILE H 337 43.32 -19.86 -14.32
CA ILE H 337 43.82 -18.61 -13.75
C ILE H 337 45.09 -18.86 -12.93
N THR H 338 45.92 -17.82 -12.82
CA THR H 338 47.15 -17.85 -12.03
C THR H 338 47.06 -16.83 -10.90
N TYR H 339 47.53 -17.25 -9.72
CA TYR H 339 47.60 -16.37 -8.57
C TYR H 339 49.01 -15.78 -8.41
N SER H 340 49.05 -14.57 -7.87
CA SER H 340 50.28 -13.93 -7.43
C SER H 340 49.90 -13.16 -6.18
N GLY H 341 49.91 -13.87 -5.05
CA GLY H 341 49.41 -13.32 -3.81
C GLY H 341 47.91 -13.18 -3.93
N SER H 342 47.41 -11.97 -3.68
CA SER H 342 45.99 -11.68 -3.81
C SER H 342 45.55 -11.48 -5.28
N THR H 343 46.48 -11.07 -6.14
CA THR H 343 46.18 -10.80 -7.55
C THR H 343 45.92 -12.05 -8.39
N ILE H 344 44.69 -12.22 -8.89
CA ILE H 344 44.35 -13.26 -9.88
C ILE H 344 44.43 -12.72 -11.32
N SER H 345 45.37 -13.22 -12.12
CA SER H 345 45.53 -12.84 -13.53
C SER H 345 44.81 -13.81 -14.44
N MET H 346 44.22 -13.30 -15.52
CA MET H 346 43.44 -14.13 -16.46
C MET H 346 44.34 -14.73 -17.52
N PRO H 347 44.02 -15.93 -18.00
CA PRO H 347 44.84 -16.59 -19.02
C PRO H 347 44.58 -16.07 -20.46
N GLY H 348 45.43 -16.50 -21.39
CA GLY H 348 45.41 -16.00 -22.76
C GLY H 348 44.81 -16.93 -23.79
N LYS H 349 44.71 -18.23 -23.47
CA LYS H 349 44.14 -19.21 -24.39
C LYS H 349 42.61 -19.09 -24.50
N PRO H 350 42.04 -19.43 -25.66
CA PRO H 350 40.58 -19.50 -25.81
C PRO H 350 39.91 -20.36 -24.76
N GLY H 351 38.77 -19.89 -24.24
CA GLY H 351 38.02 -20.61 -23.22
C GLY H 351 38.53 -20.36 -21.82
N LEU H 352 38.21 -21.30 -20.93
CA LEU H 352 38.66 -21.28 -19.54
C LEU H 352 40.17 -21.32 -19.42
N GLY H 353 40.82 -21.97 -20.38
CA GLY H 353 42.27 -22.08 -20.39
C GLY H 353 42.76 -23.20 -19.50
N ILE H 354 41.85 -24.11 -19.11
CA ILE H 354 42.21 -25.27 -18.31
C ILE H 354 42.76 -26.41 -19.19
N ILE H 355 44.08 -26.60 -19.13
CA ILE H 355 44.74 -27.67 -19.88
C ILE H 355 44.27 -29.07 -19.47
N GLY H 356 44.15 -29.33 -18.17
CA GLY H 356 43.65 -30.60 -17.67
C GLY H 356 44.15 -30.96 -16.28
N ALA H 357 43.90 -32.21 -15.86
CA ALA H 357 44.38 -32.69 -14.56
C ALA H 357 45.88 -32.43 -14.38
N ALA H 358 46.27 -31.93 -13.21
CA ALA H 358 47.67 -31.67 -12.88
C ALA H 358 48.40 -32.99 -12.59
N LEU H 359 49.65 -32.87 -12.15
CA LEU H 359 50.56 -34.02 -12.05
C LEU H 359 50.90 -34.35 -10.59
#